data_5C9I
#
_entry.id   5C9I
#
_cell.length_a   102.722
_cell.length_b   137.769
_cell.length_c   121.518
_cell.angle_alpha   90.00
_cell.angle_beta   111.45
_cell.angle_gamma   90.00
#
_symmetry.space_group_name_H-M   'P 1 21 1'
#
loop_
_entity.id
_entity.type
_entity.pdbx_description
1 polymer 'Protein related to penicillin acylase'
2 non-polymer GLYCEROL
3 water water
#
_entity_poly.entity_id   1
_entity_poly.type   'polypeptide(L)'
_entity_poly.pdbx_seq_one_letter_code
;SGGGDGSTYSAEIRRTTMGVPHIKAGNWGSAGYGFGYVQAQDNLCTMADSFLTYRGERSRHLGGSAQLVYNSTLGRPRNI
DSDFFHRHVISDEAVDRTMAAQPAKLLQMVEGFAAGYNRYVREAKAGGSAHAACRSEAWVQPITARDVWRRIYAANLAGG
YSNFAEAIANAQPPQAKAGAQEPAAFEPGRTRAPSLQGSNMYGFGTAATGEGSGVLFGNPHWYWKGPDRFYQAQLTIDGE
ANVSGVSFLGLPVIQIGFNDSVAWSHTVSTARRFGFFQLSLVQGEPTSYLRDGVPVKMKPATITVPSRNADGSVSDVTRT
LYHSEFGPLVNLAGLNPALAWSQGTAFAIRDINGENFRTLRTWMRWNQAKSLDEFIAIQKEEASIPWVNTVAVGRGSAKA
WYADIGAVPNVSPAQTAACTTPFGMAVGQALPNVPFFDGSRSECDWLTDADSVQKGAVGVSRMPSLQRDDYVGNMNDSYW
LANVHAPLTGYPAIFGPAGTSAQTLRTRMGHTMALERLAGTDGYAGNKATSAVVREMVLGSRVFSAERFKDEVLDLICTP
AQWTVNGAAVDAAQACAVLAAWDNRGRKDSRGSHLWDEFWSRVPTASLFTVPFSAADPLNTPRGINAAAADALRQAMATA
IARVGQSGYALDAPRGEVLYATRGGTRLPLYGGCGAMGYFTITCSENDITQGGYSMDGQPNASNSYMQVVSFPASGVQAH
TFLTFSLSDDPASPHHGDYTKAYSAGQWLRVPFTEAEITGNADYRTATVKELEHHHHHH
;
_entity_poly.pdbx_strand_id   A,B,C,D
#
loop_
_chem_comp.id
_chem_comp.type
_chem_comp.name
_chem_comp.formula
GOL non-polymer GLYCEROL 'C3 H8 O3'
#
# COMPACT_ATOMS: atom_id res chain seq x y z
N GLY A 6 -45.85 -38.56 -44.37
CA GLY A 6 -44.71 -38.98 -43.54
C GLY A 6 -43.35 -38.36 -43.88
N SER A 7 -43.15 -37.08 -43.58
CA SER A 7 -41.79 -36.54 -43.69
C SER A 7 -40.85 -37.21 -42.63
N THR A 8 -39.59 -37.37 -42.99
CA THR A 8 -38.68 -38.06 -42.14
C THR A 8 -37.43 -37.18 -41.96
N TYR A 9 -36.82 -37.21 -40.78
CA TYR A 9 -35.46 -36.68 -40.64
C TYR A 9 -34.55 -37.68 -41.33
N SER A 10 -33.56 -37.19 -42.10
CA SER A 10 -32.57 -38.06 -42.74
C SER A 10 -31.25 -37.28 -42.78
N ALA A 11 -30.25 -37.80 -42.08
CA ALA A 11 -28.92 -37.13 -42.08
C ALA A 11 -27.81 -38.13 -42.42
N GLU A 12 -26.93 -37.77 -43.35
CA GLU A 12 -25.70 -38.54 -43.59
C GLU A 12 -24.62 -38.08 -42.58
N ILE A 13 -24.08 -39.03 -41.82
CA ILE A 13 -22.98 -38.70 -40.89
C ILE A 13 -21.68 -39.23 -41.43
N ARG A 14 -20.77 -38.33 -41.86
CA ARG A 14 -19.45 -38.78 -42.35
C ARG A 14 -18.50 -38.45 -41.24
N ARG A 15 -17.73 -39.43 -40.77
CA ARG A 15 -16.73 -39.11 -39.75
C ARG A 15 -15.33 -39.24 -40.38
N THR A 16 -14.41 -38.36 -39.97
CA THR A 16 -13.03 -38.44 -40.50
C THR A 16 -12.05 -38.56 -39.34
N THR A 17 -10.77 -38.26 -39.59
CA THR A 17 -9.73 -38.45 -38.56
C THR A 17 -10.12 -37.73 -37.26
N MET A 18 -9.86 -38.36 -36.12
CA MET A 18 -10.24 -37.84 -34.78
C MET A 18 -11.74 -37.99 -34.48
N GLY A 19 -12.49 -38.62 -35.43
CA GLY A 19 -13.93 -38.81 -35.31
C GLY A 19 -14.77 -37.56 -35.66
N VAL A 20 -14.17 -36.50 -36.19
CA VAL A 20 -14.91 -35.23 -36.47
C VAL A 20 -16.08 -35.60 -37.42
N PRO A 21 -17.31 -35.30 -37.00
CA PRO A 21 -18.46 -35.67 -37.84
C PRO A 21 -18.76 -34.50 -38.81
N HIS A 22 -19.19 -34.83 -40.03
CA HIS A 22 -19.58 -33.83 -41.04
C HIS A 22 -20.98 -34.33 -41.40
N ILE A 23 -21.97 -33.63 -40.88
CA ILE A 23 -23.37 -34.01 -41.04
C ILE A 23 -23.82 -33.40 -42.36
N LYS A 24 -24.48 -34.17 -43.22
CA LYS A 24 -24.99 -33.64 -44.51
C LYS A 24 -26.49 -33.93 -44.56
N ALA A 25 -27.31 -32.89 -44.77
CA ALA A 25 -28.80 -33.01 -44.69
C ALA A 25 -29.42 -32.05 -45.68
N GLY A 26 -30.67 -32.30 -46.06
CA GLY A 26 -31.33 -31.53 -47.12
C GLY A 26 -32.13 -30.41 -46.50
N ASN A 27 -32.17 -30.30 -45.16
CA ASN A 27 -32.92 -29.18 -44.53
C ASN A 27 -32.42 -28.97 -43.11
N TRP A 28 -32.94 -27.96 -42.42
CA TRP A 28 -32.41 -27.63 -41.10
C TRP A 28 -32.82 -28.60 -40.03
N GLY A 29 -34.06 -29.12 -40.11
CA GLY A 29 -34.56 -30.13 -39.09
C GLY A 29 -33.62 -31.35 -39.13
N SER A 30 -33.33 -31.82 -40.35
CA SER A 30 -32.46 -33.02 -40.51
C SER A 30 -31.04 -32.74 -40.14
N ALA A 31 -30.56 -31.53 -40.39
CA ALA A 31 -29.21 -31.16 -39.88
C ALA A 31 -29.21 -31.28 -38.38
N GLY A 32 -30.26 -30.78 -37.74
CA GLY A 32 -30.30 -30.85 -36.26
C GLY A 32 -30.32 -32.30 -35.76
N TYR A 33 -31.11 -33.15 -36.43
CA TYR A 33 -31.20 -34.58 -36.12
C TYR A 33 -29.83 -35.25 -36.12
N GLY A 34 -29.10 -35.11 -37.22
CA GLY A 34 -27.72 -35.62 -37.29
C GLY A 34 -26.83 -35.06 -36.20
N PHE A 35 -26.91 -33.76 -35.92
CA PHE A 35 -25.92 -33.15 -34.99
C PHE A 35 -26.24 -33.57 -33.55
N GLY A 36 -27.54 -33.65 -33.21
CA GLY A 36 -27.95 -34.11 -31.82
C GLY A 36 -27.48 -35.54 -31.64
N TYR A 37 -27.67 -36.36 -32.68
CA TYR A 37 -27.30 -37.78 -32.61
C TYR A 37 -25.81 -37.90 -32.32
N VAL A 38 -24.99 -37.22 -33.13
CA VAL A 38 -23.53 -37.40 -32.97
C VAL A 38 -23.00 -36.85 -31.66
N GLN A 39 -23.53 -35.71 -31.20
CA GLN A 39 -23.09 -35.17 -29.91
C GLN A 39 -23.44 -36.19 -28.80
N ALA A 40 -24.65 -36.79 -28.82
CA ALA A 40 -25.06 -37.75 -27.79
C ALA A 40 -24.21 -39.02 -27.92
N GLN A 41 -23.97 -39.42 -29.16
CA GLN A 41 -23.16 -40.65 -29.42
C GLN A 41 -21.78 -40.54 -28.76
N ASP A 42 -21.15 -39.38 -28.87
CA ASP A 42 -19.84 -39.14 -28.27
C ASP A 42 -19.85 -38.72 -26.80
N ASN A 43 -20.94 -38.09 -26.35
CA ASN A 43 -20.86 -37.47 -25.02
C ASN A 43 -22.10 -37.70 -24.19
N LEU A 44 -22.80 -38.79 -24.43
CA LEU A 44 -24.02 -39.04 -23.66
C LEU A 44 -23.97 -38.70 -22.16
N CYS A 45 -22.96 -39.19 -21.42
CA CYS A 45 -22.99 -39.04 -19.94
C CYS A 45 -22.97 -37.55 -19.51
N THR A 46 -22.09 -36.78 -20.16
CA THR A 46 -22.05 -35.33 -19.90
C THR A 46 -23.38 -34.64 -20.24
N MET A 47 -23.92 -34.92 -21.44
CA MET A 47 -25.14 -34.29 -21.89
C MET A 47 -26.34 -34.64 -21.03
N ALA A 48 -26.52 -35.93 -20.68
CA ALA A 48 -27.71 -36.35 -19.91
C ALA A 48 -27.64 -35.69 -18.52
N ASP A 49 -26.44 -35.68 -17.94
CA ASP A 49 -26.29 -34.96 -16.66
C ASP A 49 -26.71 -33.47 -16.81
N SER A 50 -26.35 -32.85 -17.95
CA SER A 50 -26.65 -31.41 -18.16
C SER A 50 -28.13 -31.14 -18.30
N PHE A 51 -28.88 -32.06 -18.93
CA PHE A 51 -30.32 -31.82 -19.03
C PHE A 51 -30.99 -31.86 -17.66
N LEU A 52 -30.44 -32.63 -16.71
CA LEU A 52 -30.91 -32.48 -15.34
C LEU A 52 -30.69 -31.04 -14.87
N THR A 53 -29.53 -30.50 -15.16
CA THR A 53 -29.24 -29.09 -14.70
C THR A 53 -30.29 -28.11 -15.21
N TYR A 54 -30.46 -28.09 -16.52
CA TYR A 54 -31.32 -27.05 -17.08
C TYR A 54 -32.80 -27.20 -16.76
N ARG A 55 -33.25 -28.44 -16.55
CA ARG A 55 -34.66 -28.67 -16.20
C ARG A 55 -34.87 -28.51 -14.67
N GLY A 56 -33.77 -28.36 -13.93
CA GLY A 56 -33.86 -28.31 -12.47
C GLY A 56 -34.26 -29.62 -11.79
N GLU A 57 -33.71 -30.73 -12.28
CA GLU A 57 -34.02 -32.06 -11.80
C GLU A 57 -32.80 -32.82 -11.31
N ARG A 58 -31.70 -32.11 -11.01
CA ARG A 58 -30.53 -32.79 -10.42
C ARG A 58 -30.84 -33.43 -9.10
N SER A 59 -31.51 -32.70 -8.20
CA SER A 59 -31.61 -33.16 -6.79
C SER A 59 -32.42 -34.44 -6.69
N ARG A 60 -33.45 -34.55 -7.53
CA ARG A 60 -34.28 -35.75 -7.58
C ARG A 60 -33.46 -37.02 -7.81
N HIS A 61 -32.43 -36.93 -8.66
CA HIS A 61 -31.63 -38.12 -8.96
C HIS A 61 -30.38 -38.22 -8.10
N LEU A 62 -29.78 -37.08 -7.79
CA LEU A 62 -28.41 -37.01 -7.28
C LEU A 62 -28.33 -36.46 -5.87
N GLY A 63 -29.48 -36.06 -5.31
CA GLY A 63 -29.46 -35.53 -3.94
C GLY A 63 -29.30 -34.01 -3.96
N GLY A 64 -30.08 -33.30 -3.16
CA GLY A 64 -29.96 -31.85 -3.23
C GLY A 64 -28.69 -31.24 -2.62
N SER A 65 -28.03 -31.93 -1.69
CA SER A 65 -26.82 -31.36 -1.06
C SER A 65 -25.53 -31.61 -1.86
N ALA A 66 -25.59 -32.49 -2.86
CA ALA A 66 -24.42 -32.76 -3.72
C ALA A 66 -24.17 -31.52 -4.65
N GLN A 67 -22.90 -31.19 -4.94
CA GLN A 67 -22.62 -30.17 -5.96
C GLN A 67 -22.79 -30.69 -7.40
N LEU A 68 -22.96 -29.78 -8.35
CA LEU A 68 -22.88 -30.14 -9.77
C LEU A 68 -21.63 -30.99 -10.00
N VAL A 69 -21.77 -32.02 -10.83
CA VAL A 69 -20.66 -32.93 -11.22
C VAL A 69 -19.60 -32.11 -11.93
N TYR A 70 -20.02 -31.33 -12.92
CA TYR A 70 -19.04 -30.66 -13.79
C TYR A 70 -19.02 -29.17 -13.54
N ASN A 71 -17.81 -28.60 -13.66
CA ASN A 71 -17.72 -27.17 -13.78
C ASN A 71 -18.25 -26.66 -15.13
N SER A 72 -18.59 -25.37 -15.14
CA SER A 72 -19.08 -24.73 -16.36
C SER A 72 -19.36 -23.26 -16.01
N THR A 73 -20.07 -22.57 -16.91
CA THR A 73 -20.43 -21.14 -16.64
C THR A 73 -21.31 -20.95 -15.38
N LEU A 74 -21.96 -22.03 -14.93
CA LEU A 74 -22.72 -22.03 -13.71
C LEU A 74 -21.86 -22.17 -12.44
N GLY A 75 -20.57 -22.59 -12.57
CA GLY A 75 -19.78 -22.88 -11.39
C GLY A 75 -20.35 -24.19 -10.80
N ARG A 76 -20.01 -24.48 -9.54
CA ARG A 76 -20.55 -25.68 -8.95
C ARG A 76 -21.32 -25.48 -7.66
N PRO A 77 -22.48 -24.80 -7.74
CA PRO A 77 -23.36 -24.69 -6.56
C PRO A 77 -23.96 -26.06 -6.13
N ARG A 78 -24.70 -26.06 -5.02
CA ARG A 78 -25.41 -27.28 -4.59
C ARG A 78 -26.46 -27.56 -5.60
N ASN A 79 -26.75 -28.85 -5.84
CA ASN A 79 -27.86 -29.26 -6.72
C ASN A 79 -29.18 -28.54 -6.37
N ILE A 80 -29.49 -28.48 -5.08
CA ILE A 80 -30.81 -27.91 -4.71
C ILE A 80 -30.88 -26.43 -5.17
N ASP A 81 -29.79 -25.68 -4.98
CA ASP A 81 -29.83 -24.27 -5.43
C ASP A 81 -29.84 -24.13 -6.93
N SER A 82 -29.10 -24.99 -7.61
CA SER A 82 -29.15 -24.98 -9.07
C SER A 82 -30.54 -25.28 -9.58
N ASP A 83 -31.20 -26.25 -8.95
CA ASP A 83 -32.51 -26.67 -9.44
C ASP A 83 -33.49 -25.50 -9.28
N PHE A 84 -33.46 -24.84 -8.10
CA PHE A 84 -34.31 -23.63 -7.94
C PHE A 84 -33.97 -22.52 -8.92
N PHE A 85 -32.68 -22.21 -9.12
CA PHE A 85 -32.34 -21.18 -10.11
C PHE A 85 -32.92 -21.49 -11.51
N HIS A 86 -32.67 -22.70 -12.03
CA HIS A 86 -33.11 -23.03 -13.40
C HIS A 86 -34.65 -23.04 -13.50
N ARG A 87 -35.32 -23.52 -12.45
CA ARG A 87 -36.80 -23.56 -12.51
C ARG A 87 -37.37 -22.15 -12.48
N HIS A 88 -36.68 -21.26 -11.76
CA HIS A 88 -37.21 -19.93 -11.53
C HIS A 88 -36.89 -18.95 -12.67
N VAL A 89 -35.62 -18.93 -13.08
CA VAL A 89 -35.14 -18.08 -14.17
C VAL A 89 -35.44 -18.66 -15.56
N ILE A 90 -35.21 -19.95 -15.75
CA ILE A 90 -35.53 -20.56 -17.04
C ILE A 90 -36.94 -21.20 -16.94
N SER A 91 -37.91 -20.31 -16.73
CA SER A 91 -39.30 -20.73 -16.50
C SER A 91 -39.96 -21.18 -17.80
N ASP A 92 -41.16 -21.81 -17.71
CA ASP A 92 -41.92 -22.07 -18.92
C ASP A 92 -42.20 -20.83 -19.76
N GLU A 93 -42.41 -19.68 -19.11
CA GLU A 93 -42.62 -18.42 -19.83
C GLU A 93 -41.38 -17.95 -20.58
N ALA A 94 -40.23 -18.00 -19.90
CA ALA A 94 -38.94 -17.65 -20.53
C ALA A 94 -38.71 -18.54 -21.79
N VAL A 95 -39.01 -19.82 -21.67
CA VAL A 95 -38.90 -20.73 -22.82
C VAL A 95 -39.95 -20.34 -23.90
N ASP A 96 -41.20 -20.10 -23.53
CA ASP A 96 -42.19 -19.70 -24.55
C ASP A 96 -41.69 -18.43 -25.28
N ARG A 97 -41.14 -17.47 -24.51
CA ARG A 97 -40.75 -16.18 -25.08
C ARG A 97 -39.57 -16.38 -26.03
N THR A 98 -38.61 -17.20 -25.61
CA THR A 98 -37.45 -17.52 -26.45
C THR A 98 -37.92 -18.19 -27.74
N MET A 99 -38.77 -19.24 -27.61
CA MET A 99 -39.24 -19.90 -28.82
C MET A 99 -40.08 -19.02 -29.75
N ALA A 100 -40.95 -18.13 -29.20
CA ALA A 100 -41.82 -17.29 -30.05
C ALA A 100 -40.98 -16.40 -30.97
N ALA A 101 -39.75 -16.10 -30.57
CA ALA A 101 -38.90 -15.16 -31.33
C ALA A 101 -38.06 -15.85 -32.42
N GLN A 102 -38.13 -17.18 -32.56
CA GLN A 102 -37.19 -17.87 -33.44
C GLN A 102 -37.75 -18.03 -34.87
N PRO A 103 -36.87 -18.06 -35.92
CA PRO A 103 -37.22 -18.41 -37.28
C PRO A 103 -37.68 -19.88 -37.30
N ALA A 104 -38.60 -20.20 -38.22
CA ALA A 104 -39.08 -21.58 -38.33
C ALA A 104 -37.93 -22.56 -38.51
N LYS A 105 -36.88 -22.17 -39.29
CA LYS A 105 -35.77 -23.11 -39.52
C LYS A 105 -35.08 -23.50 -38.25
N LEU A 106 -34.95 -22.56 -37.31
CA LEU A 106 -34.29 -22.94 -36.06
C LEU A 106 -35.20 -23.73 -35.14
N LEU A 107 -36.50 -23.45 -35.17
CA LEU A 107 -37.41 -24.25 -34.43
C LEU A 107 -37.32 -25.72 -34.95
N GLN A 108 -37.23 -25.91 -36.27
CA GLN A 108 -37.13 -27.21 -36.88
C GLN A 108 -35.80 -27.87 -36.52
N MET A 109 -34.75 -27.09 -36.54
CA MET A 109 -33.44 -27.67 -36.23
C MET A 109 -33.42 -28.23 -34.78
N VAL A 110 -34.04 -27.51 -33.86
CA VAL A 110 -34.01 -27.89 -32.46
C VAL A 110 -34.91 -29.10 -32.20
N GLU A 111 -36.06 -29.13 -32.86
N GLU A 111 -36.05 -29.12 -32.86
CA GLU A 111 -36.90 -30.34 -32.83
CA GLU A 111 -36.93 -30.30 -32.86
C GLU A 111 -36.08 -31.53 -33.32
C GLU A 111 -36.15 -31.53 -33.36
N GLY A 112 -35.42 -31.38 -34.48
CA GLY A 112 -34.52 -32.44 -35.00
C GLY A 112 -33.47 -32.84 -33.98
N PHE A 113 -32.78 -31.83 -33.44
CA PHE A 113 -31.72 -32.09 -32.47
C PHE A 113 -32.23 -32.95 -31.29
N ALA A 114 -33.37 -32.57 -30.70
CA ALA A 114 -33.94 -33.44 -29.60
C ALA A 114 -34.22 -34.88 -30.06
N ALA A 115 -34.84 -35.02 -31.24
CA ALA A 115 -35.13 -36.34 -31.78
C ALA A 115 -33.81 -37.16 -32.03
N GLY A 116 -32.77 -36.49 -32.55
CA GLY A 116 -31.45 -37.13 -32.83
C GLY A 116 -30.81 -37.63 -31.54
N TYR A 117 -30.78 -36.76 -30.55
CA TYR A 117 -30.35 -37.14 -29.17
C TYR A 117 -31.15 -38.33 -28.64
N ASN A 118 -32.48 -38.30 -28.79
CA ASN A 118 -33.36 -39.34 -28.23
C ASN A 118 -33.13 -40.65 -28.97
N ARG A 119 -32.82 -40.55 -30.28
CA ARG A 119 -32.45 -41.78 -31.03
C ARG A 119 -31.21 -42.42 -30.42
N TYR A 120 -30.23 -41.60 -30.08
CA TYR A 120 -29.01 -42.17 -29.45
C TYR A 120 -29.33 -42.78 -28.08
N VAL A 121 -30.17 -42.12 -27.28
CA VAL A 121 -30.55 -42.61 -25.96
C VAL A 121 -31.21 -43.99 -26.15
N ARG A 122 -32.03 -44.14 -27.20
CA ARG A 122 -32.62 -45.48 -27.46
C ARG A 122 -31.57 -46.58 -27.69
N GLU A 123 -30.56 -46.25 -28.48
CA GLU A 123 -29.47 -47.18 -28.79
C GLU A 123 -28.66 -47.51 -27.56
N ALA A 124 -28.33 -46.50 -26.76
CA ALA A 124 -27.53 -46.76 -25.56
C ALA A 124 -28.32 -47.58 -24.58
N LYS A 125 -29.63 -47.30 -24.41
CA LYS A 125 -30.42 -48.16 -23.53
C LYS A 125 -30.47 -49.61 -24.04
N ALA A 126 -30.56 -49.81 -25.37
CA ALA A 126 -30.67 -51.18 -25.88
C ALA A 126 -29.45 -52.05 -25.60
N GLY A 127 -28.25 -51.48 -25.55
CA GLY A 127 -27.07 -52.38 -25.41
C GLY A 127 -25.80 -51.63 -25.71
N GLY A 128 -24.72 -52.35 -26.01
CA GLY A 128 -23.49 -51.67 -26.46
C GLY A 128 -22.47 -51.49 -25.36
N SER A 129 -21.21 -51.31 -25.77
CA SER A 129 -20.12 -51.10 -24.80
C SER A 129 -19.86 -49.59 -24.57
N ALA A 130 -20.60 -48.69 -25.26
CA ALA A 130 -20.34 -47.26 -25.10
C ALA A 130 -21.07 -46.72 -23.88
N HIS A 131 -20.51 -45.68 -23.24
CA HIS A 131 -21.15 -44.99 -22.12
C HIS A 131 -21.49 -45.87 -21.00
N ALA A 132 -20.63 -46.83 -20.74
CA ALA A 132 -20.85 -47.75 -19.61
C ALA A 132 -20.95 -47.02 -18.26
N ALA A 133 -20.42 -45.80 -18.17
CA ALA A 133 -20.49 -45.06 -16.92
C ALA A 133 -21.92 -44.68 -16.56
N CYS A 134 -22.79 -44.50 -17.54
CA CYS A 134 -24.12 -43.97 -17.19
C CYS A 134 -25.28 -44.60 -17.98
N ARG A 135 -24.98 -45.47 -18.94
CA ARG A 135 -26.03 -45.83 -19.93
C ARG A 135 -27.29 -46.42 -19.27
N SER A 136 -27.15 -47.02 -18.08
CA SER A 136 -28.32 -47.67 -17.49
C SER A 136 -28.96 -46.77 -16.39
N GLU A 137 -28.47 -45.52 -16.22
CA GLU A 137 -29.03 -44.61 -15.17
C GLU A 137 -30.40 -44.08 -15.54
N ALA A 138 -31.27 -43.83 -14.54
CA ALA A 138 -32.61 -43.21 -14.81
C ALA A 138 -32.51 -41.87 -15.48
N TRP A 139 -31.44 -41.08 -15.25
CA TRP A 139 -31.35 -39.80 -15.82
C TRP A 139 -30.86 -39.76 -17.28
N VAL A 140 -30.54 -40.91 -17.84
CA VAL A 140 -30.31 -40.97 -19.27
C VAL A 140 -31.71 -41.22 -19.79
N GLN A 141 -32.32 -40.23 -20.45
CA GLN A 141 -33.75 -40.35 -20.75
C GLN A 141 -34.01 -39.36 -21.89
N PRO A 142 -35.09 -39.60 -22.64
CA PRO A 142 -35.33 -38.70 -23.78
C PRO A 142 -35.61 -37.27 -23.31
N ILE A 143 -35.33 -36.28 -24.17
CA ILE A 143 -35.59 -34.88 -23.88
C ILE A 143 -36.52 -34.26 -24.92
N THR A 144 -36.98 -33.02 -24.65
CA THR A 144 -37.89 -32.36 -25.60
C THR A 144 -37.17 -31.25 -26.32
N ALA A 145 -37.73 -30.79 -27.44
CA ALA A 145 -37.26 -29.52 -28.01
C ALA A 145 -37.17 -28.41 -26.95
N ARG A 146 -38.19 -28.28 -26.10
CA ARG A 146 -38.16 -27.26 -25.05
C ARG A 146 -36.93 -27.37 -24.13
N ASP A 147 -36.47 -28.62 -23.89
CA ASP A 147 -35.28 -28.82 -23.01
C ASP A 147 -34.02 -28.30 -23.67
N VAL A 148 -33.99 -28.42 -25.00
CA VAL A 148 -32.87 -27.89 -25.77
C VAL A 148 -32.91 -26.35 -25.77
N TRP A 149 -34.11 -25.77 -25.89
CA TRP A 149 -34.27 -24.32 -25.71
C TRP A 149 -33.80 -23.91 -24.31
N ARG A 150 -34.15 -24.67 -23.28
CA ARG A 150 -33.65 -24.33 -21.94
C ARG A 150 -32.11 -24.22 -21.96
N ARG A 151 -31.45 -25.22 -22.52
CA ARG A 151 -29.97 -25.22 -22.58
C ARG A 151 -29.41 -24.03 -23.35
N ILE A 152 -30.03 -23.73 -24.49
CA ILE A 152 -29.64 -22.65 -25.35
C ILE A 152 -29.78 -21.31 -24.58
N TYR A 153 -30.90 -21.14 -23.84
CA TYR A 153 -31.15 -19.91 -23.06
C TYR A 153 -30.09 -19.82 -21.95
N ALA A 154 -29.82 -20.95 -21.33
CA ALA A 154 -28.84 -20.99 -20.22
C ALA A 154 -27.45 -20.46 -20.64
N ALA A 155 -27.00 -20.84 -21.84
CA ALA A 155 -25.66 -20.40 -22.34
C ALA A 155 -25.55 -18.87 -22.46
N ASN A 156 -26.70 -18.22 -22.63
CA ASN A 156 -26.71 -16.76 -22.75
C ASN A 156 -26.50 -16.03 -21.45
N LEU A 157 -26.73 -16.72 -20.34
CA LEU A 157 -26.75 -16.07 -19.04
C LEU A 157 -25.40 -16.03 -18.36
N ALA A 158 -24.34 -16.41 -19.08
CA ALA A 158 -23.06 -16.61 -18.41
C ALA A 158 -22.48 -15.33 -17.83
N GLY A 159 -22.84 -14.17 -18.40
CA GLY A 159 -22.22 -12.90 -18.01
C GLY A 159 -23.09 -12.29 -16.88
N GLY A 160 -24.16 -12.96 -16.49
CA GLY A 160 -25.05 -12.34 -15.54
C GLY A 160 -25.73 -13.30 -14.58
N TYR A 161 -26.93 -13.75 -14.95
CA TYR A 161 -27.72 -14.55 -14.00
C TYR A 161 -26.97 -15.83 -13.54
N SER A 162 -26.28 -16.50 -14.46
CA SER A 162 -25.53 -17.74 -14.10
C SER A 162 -24.56 -17.51 -12.95
N ASN A 163 -23.97 -16.35 -12.92
CA ASN A 163 -23.03 -16.04 -11.82
C ASN A 163 -23.62 -15.91 -10.46
N PHE A 164 -24.92 -15.70 -10.42
CA PHE A 164 -25.59 -15.36 -9.16
C PHE A 164 -26.66 -16.44 -8.91
N ALA A 165 -26.42 -17.67 -9.37
CA ALA A 165 -27.48 -18.69 -9.36
C ALA A 165 -27.92 -19.00 -7.92
N GLU A 166 -26.96 -19.20 -7.03
CA GLU A 166 -27.29 -19.56 -5.65
C GLU A 166 -27.97 -18.33 -4.96
N ALA A 167 -27.45 -17.14 -5.20
CA ALA A 167 -28.08 -15.92 -4.65
C ALA A 167 -29.53 -15.69 -5.16
N ILE A 168 -29.79 -16.01 -6.40
CA ILE A 168 -31.16 -15.90 -6.95
C ILE A 168 -32.06 -16.96 -6.35
N ALA A 169 -31.51 -18.16 -6.16
CA ALA A 169 -32.29 -19.27 -5.63
C ALA A 169 -32.65 -19.08 -4.16
N ASN A 170 -31.95 -18.16 -3.50
CA ASN A 170 -32.15 -17.97 -2.07
C ASN A 170 -32.64 -16.58 -1.69
N ALA A 171 -33.13 -15.78 -2.63
CA ALA A 171 -33.74 -14.47 -2.28
C ALA A 171 -35.12 -14.69 -1.69
N GLN A 172 -35.29 -14.31 -0.45
CA GLN A 172 -36.61 -14.33 0.14
C GLN A 172 -36.87 -13.16 1.03
N PRO A 173 -38.16 -12.75 1.12
CA PRO A 173 -38.45 -11.68 2.02
C PRO A 173 -38.29 -12.25 3.45
N PRO A 174 -38.29 -11.36 4.47
CA PRO A 174 -38.26 -11.84 5.87
C PRO A 174 -39.38 -12.86 6.13
N GLN A 175 -39.04 -13.98 6.77
CA GLN A 175 -39.93 -15.11 7.01
C GLN A 175 -40.26 -15.16 8.47
N ALA A 176 -41.55 -15.08 8.81
CA ALA A 176 -41.94 -15.07 10.21
C ALA A 176 -41.89 -16.47 10.83
N LYS A 177 -42.19 -17.50 10.04
CA LYS A 177 -42.17 -18.89 10.46
C LYS A 177 -41.04 -19.64 9.79
N ALA A 178 -40.48 -20.62 10.49
CA ALA A 178 -39.49 -21.49 9.89
C ALA A 178 -40.10 -22.35 8.77
N GLY A 179 -39.34 -22.53 7.68
CA GLY A 179 -39.81 -23.18 6.46
C GLY A 179 -39.27 -24.55 6.01
N ALA A 180 -38.67 -25.31 6.94
CA ALA A 180 -38.65 -26.81 6.96
C ALA A 180 -37.31 -27.62 6.88
N GLN A 181 -36.72 -27.82 5.70
CA GLN A 181 -35.53 -28.73 5.59
C GLN A 181 -34.38 -28.46 4.53
N GLU A 182 -34.41 -27.34 3.77
CA GLU A 182 -33.23 -26.82 2.96
C GLU A 182 -33.24 -25.33 2.37
N PRO A 183 -32.25 -24.47 2.86
CA PRO A 183 -31.58 -23.18 2.45
C PRO A 183 -30.00 -23.12 2.49
N ALA A 184 -29.38 -22.22 1.69
CA ALA A 184 -27.88 -22.07 1.64
C ALA A 184 -27.27 -20.94 2.49
N ALA A 185 -26.18 -21.26 3.21
CA ALA A 185 -25.42 -20.29 4.03
C ALA A 185 -24.56 -19.31 3.17
N PHE A 186 -24.71 -18.00 3.43
CA PHE A 186 -24.00 -16.94 2.67
C PHE A 186 -22.89 -16.30 3.49
N GLU A 187 -21.67 -16.79 3.29
CA GLU A 187 -20.51 -16.27 4.00
C GLU A 187 -20.15 -14.92 3.34
N PRO A 188 -19.65 -13.92 4.13
CA PRO A 188 -19.42 -12.60 3.52
C PRO A 188 -18.20 -12.57 2.60
N GLY A 189 -18.44 -12.20 1.33
CA GLY A 189 -17.46 -12.31 0.26
C GLY A 189 -17.80 -13.45 -0.70
N ARG A 190 -18.73 -14.34 -0.31
CA ARG A 190 -19.24 -15.42 -1.20
C ARG A 190 -19.64 -14.89 -2.58
N THR A 191 -20.47 -13.82 -2.58
CA THR A 191 -21.02 -13.21 -3.80
C THR A 191 -20.22 -11.95 -4.22
N ARG A 192 -19.85 -11.90 -5.50
CA ARG A 192 -19.08 -10.80 -6.12
C ARG A 192 -19.17 -10.92 -7.65
N ALA A 193 -18.43 -10.05 -8.34
CA ALA A 193 -18.43 -9.93 -9.82
C ALA A 193 -18.13 -11.28 -10.48
N PRO A 194 -18.67 -11.50 -11.70
CA PRO A 194 -18.25 -12.67 -12.50
C PRO A 194 -16.72 -12.82 -12.61
N SER A 195 -16.23 -14.06 -12.57
CA SER A 195 -14.82 -14.33 -12.84
C SER A 195 -14.63 -15.05 -14.18
N LEU A 196 -15.73 -15.22 -14.93
CA LEU A 196 -15.69 -15.66 -16.33
C LEU A 196 -14.54 -14.95 -17.06
N GLN A 197 -13.63 -15.70 -17.64
CA GLN A 197 -12.49 -15.07 -18.24
C GLN A 197 -11.79 -15.99 -19.22
N GLY A 198 -10.72 -15.46 -19.78
CA GLY A 198 -9.81 -16.23 -20.71
C GLY A 198 -10.07 -16.03 -22.20
N SER A 199 -9.17 -16.63 -23.00
CA SER A 199 -9.25 -16.85 -24.44
C SER A 199 -8.36 -15.85 -25.19
N ASN A 200 -7.72 -16.32 -26.29
CA ASN A 200 -6.93 -15.44 -27.19
C ASN A 200 -7.53 -15.49 -28.56
N MET A 201 -7.33 -14.46 -29.34
CA MET A 201 -7.59 -14.59 -30.78
C MET A 201 -6.81 -13.54 -31.56
N TYR A 202 -6.43 -13.86 -32.80
CA TYR A 202 -5.86 -12.91 -33.69
C TYR A 202 -6.63 -12.93 -35.00
N GLY A 203 -6.73 -11.77 -35.65
CA GLY A 203 -7.08 -11.79 -37.11
C GLY A 203 -5.97 -11.02 -37.76
N PHE A 204 -5.23 -11.68 -38.67
CA PHE A 204 -4.19 -11.00 -39.41
C PHE A 204 -4.73 -10.65 -40.81
N GLY A 205 -4.56 -9.40 -41.20
CA GLY A 205 -5.05 -8.96 -42.55
C GLY A 205 -4.04 -9.30 -43.62
N THR A 206 -4.33 -8.95 -44.88
CA THR A 206 -3.44 -9.34 -46.00
C THR A 206 -2.07 -8.68 -46.01
N ALA A 207 -1.96 -7.48 -45.48
CA ALA A 207 -0.62 -6.80 -45.32
C ALA A 207 0.27 -7.67 -44.41
N ALA A 208 -0.34 -8.29 -43.40
CA ALA A 208 0.37 -9.10 -42.44
C ALA A 208 0.72 -10.48 -42.94
N THR A 209 -0.18 -11.09 -43.72
CA THR A 209 0.08 -12.45 -44.25
C THR A 209 0.92 -12.47 -45.53
N GLY A 210 0.85 -11.44 -46.37
CA GLY A 210 1.63 -11.44 -47.60
C GLY A 210 0.93 -12.31 -48.65
N GLU A 211 -0.27 -12.74 -48.33
CA GLU A 211 -1.00 -13.68 -49.18
C GLU A 211 -2.29 -13.01 -49.61
N GLY A 212 -3.06 -13.67 -50.43
CA GLY A 212 -4.23 -12.96 -50.93
C GLY A 212 -5.36 -13.01 -49.91
N SER A 213 -5.11 -13.62 -48.75
CA SER A 213 -6.16 -13.80 -47.72
C SER A 213 -5.53 -13.52 -46.33
N GLY A 214 -6.32 -12.99 -45.41
CA GLY A 214 -5.95 -12.97 -44.00
C GLY A 214 -5.90 -14.37 -43.36
N VAL A 215 -5.48 -14.37 -42.09
CA VAL A 215 -5.39 -15.62 -41.27
C VAL A 215 -6.09 -15.33 -39.95
N LEU A 216 -7.01 -16.22 -39.61
CA LEU A 216 -7.77 -16.14 -38.34
C LEU A 216 -7.21 -17.21 -37.37
N PHE A 217 -6.87 -16.79 -36.13
CA PHE A 217 -6.48 -17.73 -35.07
C PHE A 217 -7.55 -17.65 -34.00
N GLY A 218 -8.31 -18.74 -33.81
CA GLY A 218 -9.24 -18.87 -32.69
C GLY A 218 -8.66 -19.76 -31.59
N ASN A 219 -8.66 -19.26 -30.35
CA ASN A 219 -8.07 -19.98 -29.22
C ASN A 219 -8.89 -19.75 -27.93
N PRO A 220 -10.13 -20.22 -27.86
CA PRO A 220 -10.93 -20.03 -26.67
C PRO A 220 -10.31 -20.84 -25.50
N HIS A 221 -10.23 -20.23 -24.32
CA HIS A 221 -9.69 -20.98 -23.18
C HIS A 221 -10.88 -21.43 -22.41
N TRP A 222 -11.07 -22.73 -22.30
CA TRP A 222 -12.41 -23.16 -21.85
C TRP A 222 -12.33 -24.48 -21.12
N TYR A 223 -13.50 -25.11 -20.82
CA TYR A 223 -13.57 -26.29 -19.94
C TYR A 223 -13.15 -27.49 -20.72
N TRP A 224 -12.44 -28.38 -20.06
CA TRP A 224 -12.08 -29.65 -20.69
C TRP A 224 -13.12 -30.72 -20.42
N LYS A 225 -14.01 -30.47 -19.44
CA LYS A 225 -15.13 -31.42 -19.10
C LYS A 225 -16.38 -30.59 -18.95
N GLY A 226 -17.53 -31.29 -19.04
CA GLY A 226 -18.84 -30.73 -18.68
C GLY A 226 -19.59 -30.22 -19.93
N PRO A 227 -20.80 -29.74 -19.72
CA PRO A 227 -21.66 -29.48 -20.91
C PRO A 227 -21.37 -28.17 -21.61
N ASP A 228 -20.51 -27.30 -21.03
CA ASP A 228 -20.07 -26.14 -21.78
C ASP A 228 -18.88 -26.46 -22.69
N ARG A 229 -18.35 -27.69 -22.61
CA ARG A 229 -17.15 -27.94 -23.45
C ARG A 229 -17.49 -28.01 -24.94
N PHE A 230 -16.49 -27.75 -25.77
CA PHE A 230 -16.67 -27.71 -27.26
C PHE A 230 -16.74 -29.10 -27.88
N TYR A 231 -17.45 -29.18 -29.02
CA TYR A 231 -17.59 -30.43 -29.78
C TYR A 231 -17.41 -29.94 -31.22
N GLN A 232 -16.49 -30.56 -31.95
CA GLN A 232 -16.15 -30.11 -33.28
C GLN A 232 -16.95 -30.88 -34.35
N ALA A 233 -17.47 -30.16 -35.36
CA ALA A 233 -18.30 -30.78 -36.40
C ALA A 233 -18.47 -29.81 -37.60
N GLN A 234 -18.97 -30.39 -38.68
CA GLN A 234 -19.30 -29.59 -39.85
C GLN A 234 -20.77 -29.91 -40.16
N LEU A 235 -21.50 -28.87 -40.57
CA LEU A 235 -22.89 -28.99 -40.98
C LEU A 235 -22.93 -28.57 -42.47
N THR A 236 -23.49 -29.43 -43.34
CA THR A 236 -23.70 -29.11 -44.74
C THR A 236 -25.19 -29.27 -44.97
N ILE A 237 -25.87 -28.16 -45.26
CA ILE A 237 -27.33 -28.15 -45.23
C ILE A 237 -27.74 -27.74 -46.66
N ASP A 238 -28.29 -28.66 -47.45
CA ASP A 238 -28.31 -28.46 -48.91
C ASP A 238 -28.86 -27.09 -49.33
N GLY A 239 -28.06 -26.30 -50.03
CA GLY A 239 -28.49 -25.00 -50.48
C GLY A 239 -28.33 -23.86 -49.50
N GLU A 240 -27.96 -24.11 -48.25
CA GLU A 240 -28.17 -23.10 -47.20
C GLU A 240 -26.92 -22.79 -46.41
N ALA A 241 -26.11 -23.81 -46.18
CA ALA A 241 -24.98 -23.62 -45.24
C ALA A 241 -23.98 -24.71 -45.39
N ASN A 242 -22.73 -24.32 -45.24
CA ASN A 242 -21.65 -25.29 -45.16
C ASN A 242 -20.62 -24.69 -44.20
N VAL A 243 -20.65 -25.11 -42.91
CA VAL A 243 -19.92 -24.50 -41.85
C VAL A 243 -19.23 -25.55 -41.00
N SER A 244 -18.10 -25.20 -40.42
CA SER A 244 -17.37 -26.18 -39.61
C SER A 244 -16.80 -25.42 -38.43
N GLY A 245 -16.74 -26.09 -37.26
CA GLY A 245 -16.19 -25.35 -36.09
C GLY A 245 -16.67 -26.13 -34.85
N VAL A 246 -16.94 -25.41 -33.77
CA VAL A 246 -17.44 -26.02 -32.51
C VAL A 246 -18.70 -25.39 -31.99
N SER A 247 -19.46 -26.18 -31.21
CA SER A 247 -20.61 -25.74 -30.43
C SER A 247 -20.32 -26.21 -29.02
N PHE A 248 -20.89 -25.52 -28.05
CA PHE A 248 -21.04 -26.19 -26.74
C PHE A 248 -21.85 -27.46 -26.97
N LEU A 249 -21.63 -28.48 -26.15
CA LEU A 249 -22.54 -29.63 -26.11
C LEU A 249 -23.98 -29.19 -25.82
N GLY A 250 -24.91 -29.62 -26.68
CA GLY A 250 -26.30 -29.24 -26.51
C GLY A 250 -26.70 -28.03 -27.41
N LEU A 251 -25.74 -27.35 -28.05
CA LEU A 251 -26.07 -26.26 -29.00
C LEU A 251 -26.07 -26.80 -30.43
N PRO A 252 -27.00 -26.32 -31.30
CA PRO A 252 -27.14 -26.96 -32.61
C PRO A 252 -26.51 -26.22 -33.75
N VAL A 253 -25.96 -25.02 -33.52
CA VAL A 253 -25.29 -24.30 -34.61
C VAL A 253 -23.84 -24.00 -34.19
N ILE A 254 -22.98 -23.75 -35.16
CA ILE A 254 -21.55 -23.49 -34.85
C ILE A 254 -21.30 -22.09 -34.26
N GLN A 255 -20.59 -22.03 -33.13
CA GLN A 255 -20.38 -20.77 -32.39
C GLN A 255 -19.03 -20.18 -32.66
N ILE A 256 -18.05 -21.03 -32.98
CA ILE A 256 -16.69 -20.54 -33.30
C ILE A 256 -16.31 -21.44 -34.47
N GLY A 257 -15.93 -20.88 -35.62
CA GLY A 257 -15.68 -21.79 -36.77
C GLY A 257 -15.41 -21.02 -38.03
N PHE A 258 -15.83 -21.57 -39.19
CA PHE A 258 -15.58 -20.93 -40.48
C PHE A 258 -16.52 -21.56 -41.54
N ASN A 259 -16.58 -20.92 -42.68
CA ASN A 259 -17.22 -21.50 -43.84
C ASN A 259 -16.32 -21.10 -45.03
N ASP A 260 -16.83 -21.24 -46.25
CA ASP A 260 -16.03 -20.96 -47.48
C ASP A 260 -15.60 -19.47 -47.63
N SER A 261 -16.19 -18.60 -46.83
CA SER A 261 -16.01 -17.15 -46.99
C SER A 261 -15.54 -16.39 -45.75
N VAL A 262 -15.83 -16.85 -44.54
CA VAL A 262 -15.47 -16.06 -43.35
CA VAL A 262 -15.47 -16.08 -43.32
C VAL A 262 -15.05 -17.05 -42.26
N ALA A 263 -14.17 -16.59 -41.37
CA ALA A 263 -13.80 -17.41 -40.19
C ALA A 263 -13.84 -16.46 -38.98
N TRP A 264 -14.20 -16.95 -37.80
CA TRP A 264 -14.22 -16.07 -36.66
C TRP A 264 -13.98 -16.82 -35.37
N SER A 265 -13.70 -16.05 -34.33
CA SER A 265 -13.62 -16.65 -32.99
C SER A 265 -14.15 -15.65 -31.93
N HIS A 266 -14.19 -16.07 -30.67
CA HIS A 266 -14.66 -15.22 -29.61
C HIS A 266 -13.71 -15.28 -28.44
N THR A 267 -13.65 -14.20 -27.66
CA THR A 267 -12.99 -14.28 -26.33
C THR A 267 -13.88 -13.69 -25.29
N VAL A 268 -13.71 -14.03 -24.01
CA VAL A 268 -14.57 -13.38 -23.06
C VAL A 268 -14.35 -11.84 -23.06
N SER A 269 -15.47 -11.07 -23.03
CA SER A 269 -15.41 -9.59 -23.01
C SER A 269 -15.47 -9.08 -21.58
N THR A 270 -14.76 -7.96 -21.33
CA THR A 270 -14.70 -7.33 -20.02
C THR A 270 -15.96 -6.56 -19.71
N ALA A 271 -16.86 -6.46 -20.69
CA ALA A 271 -18.05 -5.64 -20.51
C ALA A 271 -19.03 -6.28 -19.52
N ARG A 272 -19.58 -5.47 -18.63
CA ARG A 272 -20.71 -5.99 -17.73
C ARG A 272 -21.98 -6.20 -18.54
N ARG A 273 -22.71 -7.32 -18.26
CA ARG A 273 -23.93 -7.68 -18.97
C ARG A 273 -25.13 -7.57 -18.03
N PHE A 274 -24.85 -7.14 -16.79
CA PHE A 274 -25.94 -7.12 -15.77
C PHE A 274 -25.83 -5.86 -14.90
N GLY A 275 -26.86 -5.65 -14.08
CA GLY A 275 -26.80 -4.62 -13.05
C GLY A 275 -27.81 -4.97 -11.95
N PHE A 276 -27.80 -4.19 -10.89
CA PHE A 276 -28.70 -4.46 -9.75
C PHE A 276 -29.63 -3.26 -9.64
N PHE A 277 -30.84 -3.54 -9.18
CA PHE A 277 -31.79 -2.52 -8.87
C PHE A 277 -32.17 -2.69 -7.41
N GLN A 278 -31.89 -1.65 -6.68
CA GLN A 278 -32.27 -1.58 -5.26
C GLN A 278 -33.70 -1.16 -5.16
N LEU A 279 -34.53 -1.97 -4.51
CA LEU A 279 -35.97 -1.68 -4.39
C LEU A 279 -36.33 -1.07 -3.05
N SER A 280 -37.24 -0.06 -3.06
CA SER A 280 -37.81 0.47 -1.81
C SER A 280 -39.15 -0.21 -1.58
N LEU A 281 -39.26 -0.90 -0.45
CA LEU A 281 -40.43 -1.82 -0.26
C LEU A 281 -41.62 -1.06 0.30
N VAL A 282 -42.84 -1.56 0.01
CA VAL A 282 -44.08 -1.03 0.60
C VAL A 282 -44.13 -1.33 2.08
N GLN A 283 -44.43 -0.35 2.93
CA GLN A 283 -44.40 -0.59 4.40
C GLN A 283 -45.41 -1.70 4.79
N GLY A 284 -44.94 -2.70 5.54
CA GLY A 284 -45.81 -3.88 5.85
C GLY A 284 -46.07 -4.86 4.71
N GLU A 285 -45.38 -4.70 3.57
CA GLU A 285 -45.59 -5.60 2.44
C GLU A 285 -44.28 -5.78 1.72
N PRO A 286 -43.38 -6.55 2.31
CA PRO A 286 -42.04 -6.73 1.75
C PRO A 286 -41.98 -7.44 0.37
N THR A 287 -43.11 -7.93 -0.17
CA THR A 287 -43.10 -8.50 -1.53
C THR A 287 -43.71 -7.49 -2.54
N SER A 288 -43.80 -6.23 -2.13
CA SER A 288 -44.21 -5.14 -3.03
C SER A 288 -43.18 -4.04 -2.97
N TYR A 289 -42.91 -3.41 -4.11
CA TYR A 289 -41.92 -2.30 -4.14
C TYR A 289 -42.53 -1.07 -4.77
N LEU A 290 -41.96 0.10 -4.52
CA LEU A 290 -42.55 1.36 -5.02
C LEU A 290 -41.93 1.73 -6.37
N ARG A 291 -42.76 2.18 -7.29
CA ARG A 291 -42.24 2.77 -8.52
C ARG A 291 -42.79 4.18 -8.63
N ASP A 292 -41.95 5.20 -8.45
CA ASP A 292 -42.38 6.59 -8.46
C ASP A 292 -43.60 6.74 -7.53
N GLY A 293 -43.51 6.15 -6.34
CA GLY A 293 -44.55 6.28 -5.32
C GLY A 293 -45.74 5.37 -5.46
N VAL A 294 -45.79 4.54 -6.49
CA VAL A 294 -46.87 3.58 -6.63
C VAL A 294 -46.47 2.14 -6.28
N PRO A 295 -47.31 1.43 -5.48
CA PRO A 295 -46.97 0.06 -5.10
C PRO A 295 -47.08 -0.87 -6.31
N VAL A 296 -46.09 -1.77 -6.45
CA VAL A 296 -46.03 -2.75 -7.50
C VAL A 296 -45.73 -4.13 -6.82
N LYS A 297 -46.60 -5.12 -7.10
CA LYS A 297 -46.43 -6.45 -6.49
C LYS A 297 -45.28 -7.17 -7.17
N MET A 298 -44.37 -7.78 -6.42
CA MET A 298 -43.40 -8.70 -7.10
C MET A 298 -44.20 -9.92 -7.61
N LYS A 299 -43.72 -10.69 -8.59
CA LYS A 299 -44.48 -11.82 -9.08
C LYS A 299 -43.91 -13.10 -8.42
N PRO A 300 -44.76 -13.83 -7.68
CA PRO A 300 -44.27 -15.01 -6.93
C PRO A 300 -44.29 -16.28 -7.78
N ALA A 301 -43.36 -17.16 -7.51
CA ALA A 301 -43.39 -18.48 -8.10
C ALA A 301 -43.15 -19.47 -6.96
N THR A 302 -44.14 -20.28 -6.62
CA THR A 302 -43.92 -21.22 -5.51
C THR A 302 -43.40 -22.45 -6.21
N ILE A 303 -42.16 -22.83 -5.90
CA ILE A 303 -41.47 -23.90 -6.65
C ILE A 303 -41.13 -25.04 -5.68
N THR A 304 -41.43 -26.29 -6.06
CA THR A 304 -41.08 -27.47 -5.25
C THR A 304 -40.06 -28.31 -6.01
N VAL A 305 -38.90 -28.51 -5.38
CA VAL A 305 -37.87 -29.36 -5.97
C VAL A 305 -37.79 -30.66 -5.15
N PRO A 306 -37.97 -31.81 -5.81
CA PRO A 306 -37.78 -33.11 -5.13
C PRO A 306 -36.30 -33.37 -4.95
N SER A 307 -35.89 -33.81 -3.76
CA SER A 307 -34.49 -33.99 -3.46
C SER A 307 -34.30 -35.40 -2.86
N ARG A 308 -33.51 -36.22 -3.54
CA ARG A 308 -33.27 -37.60 -3.08
C ARG A 308 -32.42 -37.57 -1.83
N ASN A 309 -32.80 -38.43 -0.88
CA ASN A 309 -32.02 -38.62 0.33
C ASN A 309 -31.07 -39.79 0.32
N ALA A 310 -30.01 -39.60 1.11
CA ALA A 310 -29.12 -40.67 1.56
C ALA A 310 -29.78 -42.05 1.70
N ASP A 311 -31.05 -42.15 2.15
CA ASP A 311 -31.69 -43.46 2.35
C ASP A 311 -32.66 -43.90 1.24
N GLY A 312 -32.60 -43.19 0.10
CA GLY A 312 -33.48 -43.41 -1.06
C GLY A 312 -34.92 -42.89 -0.98
N SER A 313 -35.28 -42.27 0.13
CA SER A 313 -36.59 -41.57 0.13
C SER A 313 -36.38 -40.23 -0.62
N VAL A 314 -37.48 -39.56 -0.94
CA VAL A 314 -37.37 -38.25 -1.55
C VAL A 314 -38.07 -37.21 -0.68
N SER A 315 -37.41 -36.09 -0.42
CA SER A 315 -38.04 -35.00 0.34
C SER A 315 -38.41 -33.90 -0.66
N ASP A 316 -39.52 -33.20 -0.43
CA ASP A 316 -39.89 -32.01 -1.23
C ASP A 316 -39.37 -30.77 -0.53
N VAL A 317 -38.60 -29.95 -1.25
CA VAL A 317 -38.13 -28.66 -0.78
C VAL A 317 -38.90 -27.59 -1.55
N THR A 318 -39.49 -26.64 -0.82
CA THR A 318 -40.36 -25.68 -1.50
C THR A 318 -39.90 -24.31 -1.10
N ARG A 319 -39.72 -23.42 -2.09
CA ARG A 319 -39.46 -21.99 -1.85
C ARG A 319 -40.37 -21.16 -2.73
N THR A 320 -40.87 -20.04 -2.21
CA THR A 320 -41.47 -19.04 -3.06
C THR A 320 -40.40 -18.03 -3.36
N LEU A 321 -40.10 -17.92 -4.65
CA LEU A 321 -39.11 -16.97 -5.19
C LEU A 321 -39.90 -15.90 -6.01
N TYR A 322 -39.25 -14.78 -6.31
CA TYR A 322 -39.93 -13.64 -6.87
C TYR A 322 -39.24 -13.10 -8.08
N HIS A 323 -40.06 -12.47 -8.95
CA HIS A 323 -39.48 -11.56 -9.99
C HIS A 323 -39.96 -10.13 -9.74
N SER A 324 -39.09 -9.18 -10.09
CA SER A 324 -39.52 -7.80 -10.23
C SER A 324 -39.55 -7.48 -11.75
N GLU A 325 -40.01 -6.28 -12.12
CA GLU A 325 -40.06 -5.92 -13.53
C GLU A 325 -38.64 -5.86 -14.11
N PHE A 326 -37.59 -5.75 -13.25
CA PHE A 326 -36.20 -5.75 -13.72
C PHE A 326 -35.62 -7.15 -13.98
N GLY A 327 -36.17 -8.18 -13.34
CA GLY A 327 -35.51 -9.49 -13.36
C GLY A 327 -35.70 -10.07 -11.96
N PRO A 328 -35.09 -11.24 -11.71
CA PRO A 328 -35.36 -11.97 -10.50
C PRO A 328 -34.83 -11.24 -9.27
N LEU A 329 -35.46 -11.45 -8.13
CA LEU A 329 -34.87 -11.03 -6.87
C LEU A 329 -33.56 -11.77 -6.60
N VAL A 330 -32.64 -11.11 -5.89
CA VAL A 330 -31.35 -11.74 -5.60
C VAL A 330 -30.91 -11.44 -4.17
N ASN A 331 -30.44 -12.48 -3.47
CA ASN A 331 -29.98 -12.34 -2.09
C ASN A 331 -28.57 -11.78 -2.13
N LEU A 332 -28.38 -10.52 -1.71
CA LEU A 332 -27.04 -9.93 -1.66
C LEU A 332 -26.30 -9.93 -0.33
N ALA A 333 -26.87 -10.60 0.67
CA ALA A 333 -26.21 -10.72 2.00
C ALA A 333 -24.75 -11.25 1.90
N GLY A 334 -24.51 -12.13 0.95
CA GLY A 334 -23.13 -12.65 0.72
C GLY A 334 -22.16 -11.61 0.08
N LEU A 335 -22.69 -10.54 -0.48
CA LEU A 335 -21.85 -9.52 -1.09
C LEU A 335 -21.50 -8.66 0.08
N ASN A 336 -22.53 -8.37 0.89
CA ASN A 336 -22.34 -7.69 2.13
C ASN A 336 -23.54 -7.85 3.07
N PRO A 337 -23.32 -8.06 4.39
CA PRO A 337 -24.57 -8.34 5.13
C PRO A 337 -25.57 -7.19 5.23
N ALA A 338 -25.16 -5.97 4.94
CA ALA A 338 -26.11 -4.87 4.98
C ALA A 338 -27.16 -5.00 3.88
N LEU A 339 -26.86 -5.77 2.85
CA LEU A 339 -27.68 -5.84 1.64
C LEU A 339 -28.74 -6.96 1.76
N ALA A 340 -29.27 -7.13 2.95
CA ALA A 340 -30.38 -8.06 3.26
C ALA A 340 -31.70 -7.62 2.66
N TRP A 341 -32.56 -8.56 2.31
CA TRP A 341 -33.94 -8.21 1.98
C TRP A 341 -34.66 -7.96 3.31
N SER A 342 -34.87 -6.70 3.64
CA SER A 342 -35.45 -6.37 4.94
C SER A 342 -36.91 -5.99 4.79
N GLN A 343 -37.45 -5.31 5.80
CA GLN A 343 -38.72 -4.67 5.72
C GLN A 343 -38.72 -3.49 4.76
N GLY A 344 -37.58 -2.82 4.58
CA GLY A 344 -37.57 -1.59 3.73
C GLY A 344 -36.94 -1.75 2.33
N THR A 345 -36.07 -2.75 2.15
CA THR A 345 -35.20 -2.78 0.96
C THR A 345 -35.03 -4.19 0.45
N ALA A 346 -35.02 -4.36 -0.88
CA ALA A 346 -34.67 -5.63 -1.49
C ALA A 346 -33.84 -5.28 -2.71
N PHE A 347 -33.28 -6.31 -3.36
CA PHE A 347 -32.43 -6.14 -4.55
C PHE A 347 -32.85 -7.13 -5.60
N ALA A 348 -32.97 -6.66 -6.84
CA ALA A 348 -33.11 -7.54 -8.00
C ALA A 348 -31.94 -7.41 -8.93
N ILE A 349 -31.74 -8.42 -9.80
CA ILE A 349 -30.64 -8.37 -10.80
C ILE A 349 -31.26 -8.38 -12.18
N ARG A 350 -30.74 -7.54 -13.06
CA ARG A 350 -31.16 -7.61 -14.49
C ARG A 350 -29.98 -7.99 -15.34
N ASP A 351 -30.14 -9.07 -16.13
CA ASP A 351 -29.10 -9.48 -17.10
C ASP A 351 -29.72 -9.07 -18.44
N ILE A 352 -29.01 -8.24 -19.21
CA ILE A 352 -29.52 -7.81 -20.55
C ILE A 352 -29.86 -9.01 -21.45
N ASN A 353 -29.14 -10.13 -21.29
CA ASN A 353 -29.39 -11.33 -22.08
C ASN A 353 -30.62 -12.10 -21.70
N GLY A 354 -31.20 -11.76 -20.52
CA GLY A 354 -32.55 -12.26 -20.12
C GLY A 354 -33.62 -12.09 -21.18
N GLU A 355 -33.57 -10.97 -21.91
CA GLU A 355 -34.55 -10.60 -22.94
C GLU A 355 -33.94 -10.64 -24.36
N ASN A 356 -32.78 -11.28 -24.50
CA ASN A 356 -32.08 -11.37 -25.78
C ASN A 356 -32.34 -12.75 -26.37
N PHE A 357 -33.29 -12.81 -27.32
CA PHE A 357 -33.68 -14.05 -27.92
C PHE A 357 -33.04 -14.22 -29.32
N ARG A 358 -31.94 -13.51 -29.58
CA ARG A 358 -31.44 -13.36 -30.98
C ARG A 358 -30.07 -14.06 -31.18
N THR A 359 -29.55 -14.66 -30.12
CA THR A 359 -28.17 -15.18 -30.25
C THR A 359 -28.02 -16.38 -31.21
N LEU A 360 -28.94 -17.35 -31.09
CA LEU A 360 -28.84 -18.55 -31.90
C LEU A 360 -28.99 -18.15 -33.36
N ARG A 361 -29.96 -17.25 -33.69
CA ARG A 361 -30.17 -16.74 -35.05
C ARG A 361 -28.92 -16.02 -35.57
N THR A 362 -28.20 -15.36 -34.69
CA THR A 362 -26.98 -14.63 -35.09
C THR A 362 -25.89 -15.58 -35.56
N TRP A 363 -25.60 -16.63 -34.75
CA TRP A 363 -24.59 -17.65 -35.15
C TRP A 363 -25.11 -18.35 -36.36
N MET A 364 -26.43 -18.62 -36.43
CA MET A 364 -26.96 -19.26 -37.62
C MET A 364 -26.64 -18.45 -38.89
N ARG A 365 -26.89 -17.14 -38.82
CA ARG A 365 -26.66 -16.30 -40.03
C ARG A 365 -25.18 -16.20 -40.33
N TRP A 366 -24.34 -16.11 -39.29
CA TRP A 366 -22.89 -16.18 -39.54
C TRP A 366 -22.51 -17.48 -40.17
N ASN A 367 -23.10 -18.57 -39.72
CA ASN A 367 -22.76 -19.90 -40.32
C ASN A 367 -23.02 -19.89 -41.87
N GLN A 368 -23.97 -19.07 -42.30
CA GLN A 368 -24.42 -18.95 -43.70
C GLN A 368 -23.72 -17.82 -44.45
N ALA A 369 -22.94 -16.98 -43.73
CA ALA A 369 -22.55 -15.68 -44.34
C ALA A 369 -21.58 -15.91 -45.50
N LYS A 370 -21.71 -15.07 -46.55
CA LYS A 370 -20.85 -15.21 -47.73
C LYS A 370 -19.69 -14.20 -47.86
N SER A 371 -19.48 -13.36 -46.84
CA SER A 371 -18.35 -12.40 -46.85
C SER A 371 -18.19 -11.85 -45.44
N LEU A 372 -17.03 -11.25 -45.20
CA LEU A 372 -16.82 -10.57 -43.93
C LEU A 372 -17.81 -9.36 -43.88
N ASP A 373 -18.05 -8.72 -45.03
CA ASP A 373 -18.99 -7.57 -45.02
C ASP A 373 -20.39 -8.00 -44.51
N GLU A 374 -20.83 -9.18 -44.93
CA GLU A 374 -22.12 -9.67 -44.46
C GLU A 374 -22.02 -10.07 -42.97
N PHE A 375 -20.92 -10.71 -42.59
CA PHE A 375 -20.71 -11.06 -41.16
C PHE A 375 -20.86 -9.81 -40.28
N ILE A 376 -20.18 -8.74 -40.72
CA ILE A 376 -20.22 -7.47 -39.95
C ILE A 376 -21.67 -6.88 -39.91
N ALA A 377 -22.36 -6.85 -41.06
CA ALA A 377 -23.77 -6.32 -41.11
C ALA A 377 -24.65 -7.14 -40.13
N ILE A 378 -24.45 -8.46 -40.13
CA ILE A 378 -25.24 -9.37 -39.23
C ILE A 378 -24.97 -9.01 -37.79
N GLN A 379 -23.72 -8.80 -37.45
CA GLN A 379 -23.37 -8.59 -36.06
C GLN A 379 -24.04 -7.26 -35.59
N LYS A 380 -24.01 -6.28 -36.46
CA LYS A 380 -24.70 -4.99 -36.16
C LYS A 380 -26.21 -5.05 -36.17
N GLU A 381 -26.77 -5.74 -37.16
CA GLU A 381 -28.24 -5.88 -37.20
C GLU A 381 -28.79 -6.58 -35.96
N GLU A 382 -28.07 -7.61 -35.50
CA GLU A 382 -28.53 -8.41 -34.39
C GLU A 382 -28.14 -7.85 -33.01
N ALA A 383 -26.95 -7.27 -32.88
CA ALA A 383 -26.44 -6.67 -31.63
C ALA A 383 -26.80 -7.62 -30.49
N SER A 384 -26.38 -8.88 -30.64
CA SER A 384 -26.94 -9.91 -29.76
C SER A 384 -25.82 -10.69 -29.01
N ILE A 385 -24.57 -10.55 -29.47
CA ILE A 385 -23.52 -11.40 -28.95
C ILE A 385 -23.47 -11.18 -27.43
N PRO A 386 -23.55 -12.27 -26.65
CA PRO A 386 -24.03 -11.91 -25.29
C PRO A 386 -22.95 -11.58 -24.23
N TRP A 387 -21.74 -12.15 -24.32
CA TRP A 387 -20.72 -11.91 -23.29
C TRP A 387 -19.30 -12.12 -23.84
N VAL A 388 -19.15 -11.99 -25.17
CA VAL A 388 -17.87 -12.18 -25.83
C VAL A 388 -17.52 -11.08 -26.87
N ASN A 389 -16.20 -10.87 -27.03
CA ASN A 389 -15.64 -10.19 -28.17
C ASN A 389 -15.72 -11.08 -29.36
N THR A 390 -15.58 -10.49 -30.55
CA THR A 390 -15.54 -11.25 -31.78
C THR A 390 -14.38 -10.74 -32.67
N VAL A 391 -13.64 -11.68 -33.29
CA VAL A 391 -12.67 -11.34 -34.36
C VAL A 391 -13.02 -12.19 -35.56
N ALA A 392 -12.98 -11.57 -36.74
CA ALA A 392 -13.22 -12.30 -37.96
C ALA A 392 -12.28 -11.90 -39.12
N VAL A 393 -12.10 -12.86 -40.02
CA VAL A 393 -11.33 -12.65 -41.30
C VAL A 393 -12.19 -13.17 -42.42
N GLY A 394 -12.18 -12.55 -43.58
CA GLY A 394 -13.01 -12.99 -44.73
C GLY A 394 -12.16 -13.16 -46.00
N ARG A 395 -12.56 -14.14 -46.83
CA ARG A 395 -12.04 -14.31 -48.13
C ARG A 395 -12.14 -12.98 -48.88
N GLY A 396 -11.05 -12.58 -49.54
CA GLY A 396 -11.07 -11.34 -50.39
C GLY A 396 -11.10 -10.02 -49.60
N SER A 397 -10.93 -10.04 -48.28
CA SER A 397 -10.92 -8.77 -47.53
C SER A 397 -9.55 -8.51 -47.02
N ALA A 398 -9.08 -7.26 -47.15
CA ALA A 398 -7.76 -6.89 -46.64
C ALA A 398 -7.73 -6.83 -45.12
N LYS A 399 -8.81 -6.36 -44.52
CA LYS A 399 -8.81 -5.99 -43.09
C LYS A 399 -9.42 -7.08 -42.26
N ALA A 400 -8.77 -7.41 -41.13
CA ALA A 400 -9.38 -8.22 -40.09
C ALA A 400 -10.33 -7.31 -39.26
N TRP A 401 -11.34 -7.93 -38.63
CA TRP A 401 -12.40 -7.25 -37.87
C TRP A 401 -12.33 -7.61 -36.42
N TYR A 402 -12.41 -6.62 -35.52
CA TYR A 402 -12.52 -6.84 -34.09
C TYR A 402 -13.78 -6.10 -33.63
N ALA A 403 -14.63 -6.70 -32.78
CA ALA A 403 -15.74 -5.89 -32.18
C ALA A 403 -16.13 -6.46 -30.85
N ASP A 404 -16.56 -5.58 -29.94
CA ASP A 404 -17.38 -6.00 -28.82
C ASP A 404 -18.77 -5.39 -29.10
N ILE A 405 -19.39 -5.85 -30.16
CA ILE A 405 -20.74 -5.39 -30.52
C ILE A 405 -21.67 -6.55 -30.18
N GLY A 406 -22.58 -6.31 -29.25
CA GLY A 406 -23.49 -7.36 -28.78
C GLY A 406 -24.48 -6.71 -27.81
N ALA A 407 -25.06 -7.50 -26.90
CA ALA A 407 -26.11 -6.98 -26.00
C ALA A 407 -25.38 -6.52 -24.69
N VAL A 408 -25.55 -5.23 -24.37
CA VAL A 408 -24.86 -4.58 -23.24
C VAL A 408 -25.84 -3.57 -22.61
N PRO A 409 -25.97 -3.54 -21.24
CA PRO A 409 -26.85 -2.60 -20.55
C PRO A 409 -26.43 -1.18 -20.91
N ASN A 410 -27.44 -0.36 -21.19
CA ASN A 410 -27.24 1.04 -21.55
C ASN A 410 -27.59 1.96 -20.37
N VAL A 411 -26.58 2.55 -19.75
CA VAL A 411 -26.84 3.63 -18.76
C VAL A 411 -25.98 4.83 -19.12
N SER A 412 -26.43 6.05 -18.81
CA SER A 412 -25.64 7.26 -19.16
C SER A 412 -24.77 7.67 -17.97
N PRO A 413 -23.65 8.43 -18.20
CA PRO A 413 -22.87 8.94 -17.08
C PRO A 413 -23.76 9.76 -16.16
N ALA A 414 -24.64 10.58 -16.71
CA ALA A 414 -25.56 11.36 -15.85
C ALA A 414 -26.43 10.48 -14.98
N GLN A 415 -26.95 9.44 -15.59
CA GLN A 415 -27.83 8.53 -14.88
C GLN A 415 -27.07 7.82 -13.76
N THR A 416 -25.84 7.39 -14.05
CA THR A 416 -25.02 6.75 -13.02
C THR A 416 -24.81 7.66 -11.80
N ALA A 417 -24.43 8.90 -12.04
CA ALA A 417 -24.41 9.88 -10.94
C ALA A 417 -25.78 10.06 -10.24
N ALA A 418 -26.90 10.05 -10.95
CA ALA A 418 -28.19 10.41 -10.31
C ALA A 418 -28.77 9.18 -9.63
N CYS A 419 -28.39 7.97 -10.12
CA CYS A 419 -29.15 6.78 -9.77
C CYS A 419 -28.46 5.77 -8.85
N THR A 420 -27.14 5.91 -8.66
CA THR A 420 -26.40 4.93 -7.84
C THR A 420 -26.80 5.22 -6.41
N THR A 421 -27.25 4.22 -5.66
CA THR A 421 -27.71 4.48 -4.30
C THR A 421 -26.48 4.48 -3.37
N PRO A 422 -26.67 4.94 -2.11
CA PRO A 422 -25.60 4.81 -1.10
C PRO A 422 -25.05 3.39 -0.99
N PHE A 423 -25.92 2.38 -0.94
CA PHE A 423 -25.39 1.01 -0.98
C PHE A 423 -24.61 0.75 -2.28
N GLY A 424 -25.09 1.23 -3.42
CA GLY A 424 -24.37 1.04 -4.69
C GLY A 424 -22.99 1.68 -4.67
N MET A 425 -22.87 2.84 -4.06
CA MET A 425 -21.55 3.52 -3.96
C MET A 425 -20.59 2.66 -3.11
N ALA A 426 -21.11 2.14 -2.00
CA ALA A 426 -20.32 1.34 -1.04
C ALA A 426 -19.78 0.06 -1.61
N VAL A 427 -20.50 -0.56 -2.52
CA VAL A 427 -20.06 -1.78 -3.16
C VAL A 427 -19.54 -1.57 -4.58
N GLY A 428 -19.44 -0.31 -5.05
CA GLY A 428 -18.89 -0.08 -6.41
C GLY A 428 -17.48 -0.57 -6.66
N GLN A 429 -16.62 -0.56 -5.67
CA GLN A 429 -15.28 -1.13 -5.97
C GLN A 429 -15.25 -2.64 -6.02
N ALA A 430 -16.19 -3.29 -5.33
CA ALA A 430 -16.38 -4.75 -5.50
C ALA A 430 -16.95 -5.11 -6.85
N LEU A 431 -17.68 -4.16 -7.44
CA LEU A 431 -18.41 -4.46 -8.67
C LEU A 431 -18.19 -3.37 -9.72
N PRO A 432 -16.94 -3.21 -10.19
CA PRO A 432 -16.67 -1.99 -10.97
C PRO A 432 -17.47 -2.01 -12.27
N ASN A 433 -18.08 -0.86 -12.57
CA ASN A 433 -18.84 -0.60 -13.78
C ASN A 433 -20.16 -1.32 -13.89
N VAL A 434 -20.55 -1.99 -12.80
CA VAL A 434 -21.90 -2.57 -12.70
C VAL A 434 -22.91 -1.48 -12.23
N PRO A 435 -23.98 -1.16 -13.01
CA PRO A 435 -24.92 -0.14 -12.53
C PRO A 435 -25.71 -0.66 -11.35
N PHE A 436 -25.59 0.03 -10.20
CA PHE A 436 -26.25 -0.40 -9.02
C PHE A 436 -27.24 0.71 -8.70
N PHE A 437 -28.47 0.59 -9.20
CA PHE A 437 -29.34 1.79 -9.31
C PHE A 437 -30.58 1.76 -8.42
N ASP A 438 -31.15 2.93 -8.22
CA ASP A 438 -32.40 3.11 -7.49
C ASP A 438 -33.63 2.69 -8.33
N GLY A 439 -34.17 1.54 -8.03
CA GLY A 439 -35.27 0.93 -8.79
C GLY A 439 -36.63 1.43 -8.38
N SER A 440 -36.68 2.47 -7.53
CA SER A 440 -37.95 3.13 -7.19
C SER A 440 -38.22 4.33 -8.14
N ARG A 441 -37.27 4.63 -9.06
CA ARG A 441 -37.34 5.81 -9.90
C ARG A 441 -37.26 5.36 -11.35
N SER A 442 -38.32 5.61 -12.13
CA SER A 442 -38.34 5.13 -13.52
C SER A 442 -37.26 5.80 -14.32
N GLU A 443 -36.83 7.01 -13.92
CA GLU A 443 -35.75 7.59 -14.70
C GLU A 443 -34.43 6.82 -14.53
N CYS A 444 -34.37 5.84 -13.63
CA CYS A 444 -33.15 4.99 -13.53
C CYS A 444 -33.22 3.71 -14.34
N ASP A 445 -34.30 3.51 -15.09
CA ASP A 445 -34.41 2.33 -15.91
C ASP A 445 -33.39 2.48 -17.00
N TRP A 446 -32.77 1.37 -17.41
CA TRP A 446 -31.84 1.42 -18.52
C TRP A 446 -32.41 2.07 -19.75
N LEU A 447 -31.53 2.74 -20.48
CA LEU A 447 -31.92 3.63 -21.58
C LEU A 447 -32.02 2.91 -22.90
N THR A 448 -32.57 3.57 -23.92
CA THR A 448 -32.61 2.96 -25.23
C THR A 448 -32.25 4.05 -26.23
N ASP A 449 -31.24 3.80 -27.08
CA ASP A 449 -30.75 4.80 -28.07
C ASP A 449 -31.47 4.59 -29.40
N ALA A 450 -31.42 5.59 -30.28
CA ALA A 450 -32.09 5.54 -31.58
C ALA A 450 -31.69 4.30 -32.38
N ASP A 451 -30.47 3.81 -32.15
CA ASP A 451 -29.96 2.68 -32.90
C ASP A 451 -29.76 1.44 -31.99
N SER A 452 -30.52 1.37 -30.89
CA SER A 452 -30.55 0.15 -30.05
C SER A 452 -31.42 -0.86 -30.77
N VAL A 453 -30.93 -2.10 -30.83
CA VAL A 453 -31.73 -3.20 -31.34
C VAL A 453 -32.74 -3.73 -30.27
N GLN A 454 -32.31 -3.63 -29.02
CA GLN A 454 -33.03 -4.16 -27.87
C GLN A 454 -33.22 -3.03 -26.86
N LYS A 455 -34.42 -2.97 -26.30
CA LYS A 455 -34.70 -2.00 -25.21
C LYS A 455 -33.74 -2.21 -24.03
N GLY A 456 -33.26 -1.08 -23.52
CA GLY A 456 -32.31 -1.02 -22.37
C GLY A 456 -30.85 -1.32 -22.76
N ALA A 457 -30.59 -1.49 -24.05
CA ALA A 457 -29.25 -1.89 -24.48
C ALA A 457 -28.51 -0.81 -25.23
N VAL A 458 -27.17 -0.88 -25.23
CA VAL A 458 -26.38 0.13 -25.95
C VAL A 458 -26.59 0.12 -27.48
N GLY A 459 -26.79 1.30 -28.03
CA GLY A 459 -26.92 1.55 -29.46
C GLY A 459 -25.70 1.05 -30.26
N VAL A 460 -25.94 0.57 -31.48
CA VAL A 460 -24.88 -0.11 -32.25
C VAL A 460 -23.68 0.81 -32.50
N SER A 461 -23.89 2.13 -32.73
CA SER A 461 -22.76 3.02 -33.08
C SER A 461 -21.87 3.35 -31.87
N ARG A 462 -22.26 2.94 -30.67
CA ARG A 462 -21.58 3.33 -29.43
C ARG A 462 -20.86 2.11 -28.84
N MET A 463 -20.76 1.05 -29.63
CA MET A 463 -20.03 -0.11 -29.18
C MET A 463 -18.76 -0.27 -30.00
N PRO A 464 -17.66 -0.74 -29.38
CA PRO A 464 -16.35 -0.60 -30.08
C PRO A 464 -16.11 -1.62 -31.18
N SER A 465 -15.44 -1.21 -32.25
CA SER A 465 -14.95 -2.12 -33.28
C SER A 465 -13.76 -1.49 -33.95
N LEU A 466 -13.04 -2.32 -34.72
CA LEU A 466 -11.87 -1.85 -35.38
C LEU A 466 -11.60 -2.76 -36.54
N GLN A 467 -11.14 -2.20 -37.66
CA GLN A 467 -10.68 -3.04 -38.77
C GLN A 467 -9.22 -2.65 -39.09
N ARG A 468 -8.37 -3.65 -39.34
CA ARG A 468 -6.95 -3.37 -39.57
C ARG A 468 -6.40 -4.37 -40.59
N ASP A 469 -5.54 -3.81 -41.49
CA ASP A 469 -4.68 -4.45 -42.50
C ASP A 469 -3.69 -5.39 -41.89
N ASP A 470 -3.21 -5.03 -40.68
CA ASP A 470 -2.07 -5.75 -40.06
C ASP A 470 -2.62 -6.81 -39.11
N TYR A 471 -3.12 -6.42 -37.94
CA TYR A 471 -3.75 -7.46 -37.11
C TYR A 471 -4.71 -6.76 -36.13
N VAL A 472 -5.64 -7.56 -35.63
CA VAL A 472 -6.38 -7.22 -34.43
C VAL A 472 -6.18 -8.43 -33.47
N GLY A 473 -6.19 -8.16 -32.17
CA GLY A 473 -5.95 -9.26 -31.16
C GLY A 473 -6.74 -8.99 -29.89
N ASN A 474 -7.25 -10.03 -29.25
CA ASN A 474 -7.78 -9.79 -27.91
C ASN A 474 -7.46 -11.02 -27.05
N MET A 475 -7.07 -10.78 -25.80
CA MET A 475 -6.66 -11.82 -24.86
C MET A 475 -7.43 -11.53 -23.54
N ASN A 476 -8.69 -11.06 -23.67
CA ASN A 476 -9.54 -10.78 -22.46
CA ASN A 476 -9.59 -10.81 -22.52
C ASN A 476 -9.17 -9.60 -21.65
N ASP A 477 -8.31 -8.67 -22.17
CA ASP A 477 -8.42 -7.31 -21.61
C ASP A 477 -9.54 -6.58 -22.45
N SER A 478 -9.72 -5.31 -22.15
CA SER A 478 -10.79 -4.49 -22.79
C SER A 478 -10.51 -4.29 -24.29
N TYR A 479 -11.50 -3.74 -25.00
CA TYR A 479 -11.36 -3.29 -26.38
C TYR A 479 -10.19 -2.38 -26.70
N TRP A 480 -9.65 -1.67 -25.68
CA TRP A 480 -8.66 -0.66 -25.87
C TRP A 480 -7.58 -1.00 -26.84
N LEU A 481 -6.94 -2.14 -26.61
CA LEU A 481 -5.76 -2.46 -27.41
C LEU A 481 -6.06 -3.59 -28.37
N ALA A 482 -7.19 -3.53 -29.05
CA ALA A 482 -7.36 -4.42 -30.20
C ALA A 482 -6.18 -4.36 -31.20
N ASN A 483 -5.60 -3.17 -31.41
CA ASN A 483 -4.30 -3.12 -32.12
C ASN A 483 -3.48 -2.10 -31.39
N VAL A 484 -2.23 -2.44 -31.04
CA VAL A 484 -1.39 -1.49 -30.26
C VAL A 484 -1.14 -0.18 -30.90
N HIS A 485 -1.20 -0.12 -32.24
CA HIS A 485 -0.95 1.14 -32.98
C HIS A 485 -2.17 2.03 -33.10
N ALA A 486 -3.33 1.55 -32.65
CA ALA A 486 -4.60 2.23 -32.91
C ALA A 486 -5.52 2.08 -31.71
N PRO A 487 -5.11 2.58 -30.55
CA PRO A 487 -5.95 2.35 -29.35
C PRO A 487 -7.34 2.99 -29.47
N LEU A 488 -8.33 2.29 -28.88
CA LEU A 488 -9.76 2.64 -28.93
C LEU A 488 -10.12 3.21 -27.57
N THR A 489 -10.69 4.43 -27.53
CA THR A 489 -11.05 5.02 -26.24
C THR A 489 -12.42 5.72 -26.30
N GLY A 490 -13.03 5.92 -25.14
CA GLY A 490 -14.22 6.77 -24.99
C GLY A 490 -15.55 6.08 -25.11
N TYR A 491 -15.52 4.76 -25.23
CA TYR A 491 -16.70 3.91 -25.27
C TYR A 491 -17.37 3.88 -23.88
N PRO A 492 -18.60 3.37 -23.79
CA PRO A 492 -19.32 3.46 -22.48
C PRO A 492 -18.52 2.73 -21.34
N ALA A 493 -18.58 3.28 -20.13
CA ALA A 493 -17.80 2.75 -18.96
C ALA A 493 -18.10 1.25 -18.73
N ILE A 494 -19.31 0.85 -19.04
CA ILE A 494 -19.72 -0.56 -18.80
C ILE A 494 -18.79 -1.53 -19.58
N PHE A 495 -18.16 -1.09 -20.66
CA PHE A 495 -17.26 -1.99 -21.43
C PHE A 495 -15.96 -2.40 -20.71
N GLY A 496 -15.67 -1.71 -19.63
CA GLY A 496 -14.52 -2.07 -18.75
C GLY A 496 -13.46 -1.01 -18.75
N PRO A 497 -12.42 -1.19 -17.88
CA PRO A 497 -11.28 -0.30 -17.77
C PRO A 497 -10.45 -0.38 -19.06
N ALA A 498 -10.17 0.76 -19.66
CA ALA A 498 -9.63 0.76 -21.02
C ALA A 498 -8.28 1.44 -20.91
N GLY A 499 -7.19 0.67 -20.70
CA GLY A 499 -5.91 1.35 -20.63
C GLY A 499 -5.66 2.24 -19.45
N THR A 500 -6.30 1.90 -18.34
CA THR A 500 -6.15 2.71 -17.15
C THR A 500 -5.40 1.95 -16.07
N SER A 501 -4.98 0.75 -16.33
CA SER A 501 -3.93 0.21 -15.44
C SER A 501 -3.30 -0.94 -16.19
N ALA A 502 -2.24 -1.50 -15.63
CA ALA A 502 -1.46 -2.59 -16.30
C ALA A 502 -2.37 -3.58 -17.03
N GLN A 503 -1.99 -3.86 -18.29
CA GLN A 503 -2.64 -4.92 -19.00
C GLN A 503 -2.08 -6.22 -18.36
N THR A 504 -2.79 -7.30 -18.57
CA THR A 504 -2.33 -8.58 -18.02
C THR A 504 -1.07 -9.03 -18.75
N LEU A 505 -0.32 -9.90 -18.07
CA LEU A 505 0.86 -10.43 -18.74
C LEU A 505 0.53 -11.24 -19.97
N ARG A 506 -0.63 -11.89 -20.00
CA ARG A 506 -1.02 -12.61 -21.25
C ARG A 506 -1.33 -11.66 -22.39
N THR A 507 -2.00 -10.55 -22.09
CA THR A 507 -2.20 -9.55 -23.13
C THR A 507 -0.84 -8.98 -23.63
N ARG A 508 0.10 -8.71 -22.73
CA ARG A 508 1.39 -8.17 -23.17
C ARG A 508 2.10 -9.23 -24.06
N MET A 509 1.99 -10.47 -23.66
CA MET A 509 2.64 -11.55 -24.40
C MET A 509 1.99 -11.63 -25.79
N GLY A 510 0.65 -11.60 -25.85
CA GLY A 510 -0.09 -11.81 -27.10
C GLY A 510 0.26 -10.74 -28.12
N HIS A 511 0.23 -9.50 -27.69
CA HIS A 511 0.62 -8.41 -28.64
C HIS A 511 2.12 -8.42 -28.97
N THR A 512 2.95 -8.73 -28.00
CA THR A 512 4.41 -8.84 -28.25
C THR A 512 4.66 -9.90 -29.37
N MET A 513 3.88 -10.97 -29.34
CA MET A 513 4.08 -12.03 -30.33
C MET A 513 3.70 -11.53 -31.72
N ALA A 514 2.53 -10.85 -31.81
CA ALA A 514 2.07 -10.27 -33.12
C ALA A 514 3.09 -9.31 -33.61
N LEU A 515 3.59 -8.46 -32.73
CA LEU A 515 4.51 -7.40 -33.26
C LEU A 515 5.85 -7.99 -33.73
N GLU A 516 6.34 -8.93 -32.97
CA GLU A 516 7.64 -9.55 -33.31
C GLU A 516 7.54 -10.43 -34.57
N ARG A 517 6.36 -11.04 -34.80
CA ARG A 517 6.17 -11.77 -36.07
C ARG A 517 6.28 -10.81 -37.24
N LEU A 518 5.57 -9.69 -37.17
CA LEU A 518 5.54 -8.82 -38.34
C LEU A 518 6.88 -8.05 -38.49
N ALA A 519 7.64 -7.93 -37.41
CA ALA A 519 8.96 -7.28 -37.44
C ALA A 519 10.01 -8.31 -37.86
N GLY A 520 9.64 -9.59 -37.93
CA GLY A 520 10.61 -10.66 -38.23
C GLY A 520 11.66 -10.86 -37.13
N THR A 521 11.27 -10.67 -35.86
CA THR A 521 12.27 -10.67 -34.76
C THR A 521 12.01 -11.79 -33.75
N ASP A 522 11.16 -12.74 -34.10
CA ASP A 522 10.72 -13.78 -33.14
C ASP A 522 11.37 -15.13 -33.39
N GLY A 523 12.38 -15.21 -34.28
CA GLY A 523 13.04 -16.49 -34.53
C GLY A 523 12.39 -17.36 -35.61
N TYR A 524 11.14 -17.13 -36.01
CA TYR A 524 10.61 -17.83 -37.20
C TYR A 524 11.05 -17.11 -38.50
N ALA A 525 10.88 -17.75 -39.65
CA ALA A 525 11.43 -17.24 -40.91
C ALA A 525 10.56 -16.10 -41.44
N GLY A 526 11.17 -15.13 -42.10
CA GLY A 526 10.49 -14.00 -42.75
C GLY A 526 9.73 -13.15 -41.73
N ASN A 527 8.76 -12.38 -42.20
CA ASN A 527 8.14 -11.38 -41.30
C ASN A 527 6.63 -11.37 -41.61
N LYS A 528 6.13 -12.50 -42.09
CA LYS A 528 4.66 -12.65 -42.35
C LYS A 528 3.91 -13.61 -41.46
N ALA A 529 2.66 -13.25 -41.14
CA ALA A 529 1.84 -14.13 -40.32
C ALA A 529 1.11 -15.16 -41.21
N THR A 530 1.86 -16.08 -41.85
CA THR A 530 1.26 -17.14 -42.69
C THR A 530 0.62 -18.19 -41.80
N SER A 531 -0.29 -18.99 -42.36
CA SER A 531 -0.93 -20.00 -41.60
C SER A 531 0.08 -20.96 -40.92
N ALA A 532 1.12 -21.33 -41.72
CA ALA A 532 2.12 -22.26 -41.24
C ALA A 532 2.88 -21.67 -40.07
N VAL A 533 3.30 -20.42 -40.15
CA VAL A 533 4.07 -19.85 -39.04
C VAL A 533 3.17 -19.66 -37.81
N VAL A 534 1.94 -19.18 -38.02
CA VAL A 534 0.98 -18.99 -36.90
C VAL A 534 0.76 -20.26 -36.09
N ARG A 535 0.53 -21.36 -36.82
CA ARG A 535 0.42 -22.71 -36.21
C ARG A 535 1.57 -23.00 -35.23
N GLU A 536 2.78 -22.59 -35.58
CA GLU A 536 3.87 -22.84 -34.66
C GLU A 536 3.93 -21.84 -33.53
N MET A 537 3.81 -20.58 -33.92
CA MET A 537 3.97 -19.45 -33.00
C MET A 537 2.98 -19.54 -31.80
N VAL A 538 1.75 -19.98 -32.07
CA VAL A 538 0.75 -19.97 -31.01
C VAL A 538 0.94 -21.04 -29.95
N LEU A 539 1.74 -22.05 -30.30
CA LEU A 539 2.13 -23.16 -29.41
C LEU A 539 3.52 -22.98 -28.75
N GLY A 540 4.21 -21.88 -29.12
CA GLY A 540 5.62 -21.65 -28.66
C GLY A 540 5.85 -21.58 -27.15
N SER A 541 4.79 -21.31 -26.37
CA SER A 541 4.87 -21.45 -24.87
C SER A 541 5.95 -20.52 -24.31
N ARG A 542 6.10 -19.34 -24.91
CA ARG A 542 6.96 -18.27 -24.29
C ARG A 542 6.31 -17.81 -22.94
N VAL A 543 7.14 -17.48 -21.93
CA VAL A 543 6.61 -17.07 -20.64
C VAL A 543 7.00 -15.58 -20.46
N PHE A 544 6.01 -14.69 -20.51
CA PHE A 544 6.35 -13.26 -20.51
C PHE A 544 7.08 -12.84 -19.24
N SER A 545 6.61 -13.33 -18.08
CA SER A 545 7.26 -12.94 -16.79
C SER A 545 8.76 -13.27 -16.72
N ALA A 546 9.08 -14.47 -17.22
CA ALA A 546 10.44 -14.93 -17.29
C ALA A 546 11.22 -14.12 -18.32
N GLU A 547 10.68 -13.91 -19.53
CA GLU A 547 11.43 -13.13 -20.55
C GLU A 547 11.74 -11.73 -20.06
N ARG A 548 10.81 -11.10 -19.35
CA ARG A 548 11.04 -9.71 -18.97
C ARG A 548 11.66 -9.52 -17.58
N PHE A 549 11.43 -10.48 -16.69
CA PHE A 549 11.90 -10.29 -15.30
C PHE A 549 12.84 -11.31 -14.73
N LYS A 550 13.06 -12.47 -15.37
CA LYS A 550 13.86 -13.48 -14.66
C LYS A 550 15.27 -12.99 -14.38
N ASP A 551 15.96 -12.46 -15.39
CA ASP A 551 17.35 -12.07 -15.21
C ASP A 551 17.51 -11.05 -14.09
N GLU A 552 16.59 -10.07 -14.04
CA GLU A 552 16.70 -9.07 -12.99
C GLU A 552 16.43 -9.67 -11.63
N VAL A 553 15.42 -10.54 -11.56
CA VAL A 553 15.23 -11.25 -10.27
C VAL A 553 16.49 -12.02 -9.82
N LEU A 554 17.08 -12.81 -10.72
CA LEU A 554 18.21 -13.65 -10.33
C LEU A 554 19.42 -12.78 -9.96
N ASP A 555 19.66 -11.74 -10.77
CA ASP A 555 20.80 -10.85 -10.46
C ASP A 555 20.62 -10.24 -9.05
N LEU A 556 19.37 -9.95 -8.69
CA LEU A 556 19.10 -9.24 -7.37
C LEU A 556 19.28 -10.21 -6.18
N ILE A 557 18.82 -11.42 -6.35
CA ILE A 557 18.73 -12.35 -5.18
C ILE A 557 19.70 -13.54 -5.12
N CYS A 558 20.39 -13.87 -6.23
CA CYS A 558 21.14 -15.10 -6.31
C CYS A 558 22.61 -14.98 -5.87
N THR A 559 23.04 -13.77 -5.51
CA THR A 559 24.40 -13.56 -4.98
C THR A 559 24.37 -12.90 -3.60
N PRO A 560 24.68 -13.65 -2.49
CA PRO A 560 25.04 -15.09 -2.45
C PRO A 560 23.81 -15.95 -2.63
N ALA A 561 23.99 -17.25 -2.86
CA ALA A 561 22.89 -18.14 -3.15
C ALA A 561 22.45 -18.90 -1.88
N GLN A 562 23.22 -18.69 -0.80
CA GLN A 562 22.81 -19.18 0.53
C GLN A 562 22.19 -18.02 1.29
N TRP A 563 20.94 -18.21 1.69
CA TRP A 563 20.11 -17.14 2.26
C TRP A 563 19.71 -17.32 3.70
N THR A 564 19.25 -16.24 4.32
CA THR A 564 18.45 -16.36 5.56
C THR A 564 17.08 -15.81 5.20
N VAL A 565 16.06 -16.67 5.30
CA VAL A 565 14.68 -16.32 4.91
C VAL A 565 13.79 -16.62 6.14
N ASN A 566 13.07 -15.64 6.66
CA ASN A 566 12.26 -15.88 7.86
C ASN A 566 13.13 -16.48 8.98
N GLY A 567 14.37 -16.00 9.13
CA GLY A 567 15.26 -16.52 10.18
C GLY A 567 15.73 -17.96 9.95
N ALA A 568 15.49 -18.50 8.75
CA ALA A 568 15.88 -19.87 8.42
C ALA A 568 16.94 -19.90 7.32
N ALA A 569 17.91 -20.81 7.44
CA ALA A 569 18.91 -21.03 6.33
C ALA A 569 18.21 -21.65 5.10
N VAL A 570 18.44 -21.08 3.91
CA VAL A 570 17.80 -21.54 2.67
C VAL A 570 18.95 -21.59 1.65
N ASP A 571 19.07 -22.76 1.02
CA ASP A 571 20.07 -22.97 -0.02
C ASP A 571 19.37 -22.83 -1.32
N ALA A 572 19.56 -21.68 -1.96
CA ALA A 572 18.92 -21.37 -3.27
C ALA A 572 19.89 -21.60 -4.43
N ALA A 573 21.03 -22.24 -4.21
CA ALA A 573 22.02 -22.37 -5.31
C ALA A 573 21.45 -23.13 -6.51
N GLN A 574 20.82 -24.28 -6.26
CA GLN A 574 20.21 -25.08 -7.32
C GLN A 574 19.06 -24.41 -8.04
N ALA A 575 18.14 -23.82 -7.24
CA ALA A 575 17.11 -22.98 -7.81
C ALA A 575 17.63 -21.85 -8.71
N CYS A 576 18.62 -21.07 -8.25
CA CYS A 576 19.13 -19.95 -9.05
C CYS A 576 19.76 -20.48 -10.35
N ALA A 577 20.51 -21.57 -10.24
CA ALA A 577 21.24 -22.10 -11.45
C ALA A 577 20.31 -22.73 -12.46
N VAL A 578 19.34 -23.45 -11.97
CA VAL A 578 18.36 -24.07 -12.87
C VAL A 578 17.56 -22.95 -13.59
N LEU A 579 17.13 -21.93 -12.85
CA LEU A 579 16.39 -20.85 -13.48
C LEU A 579 17.25 -20.08 -14.51
N ALA A 580 18.50 -19.79 -14.12
CA ALA A 580 19.40 -19.12 -15.07
C ALA A 580 19.56 -19.90 -16.38
N ALA A 581 19.56 -21.24 -16.33
CA ALA A 581 19.81 -22.06 -17.51
C ALA A 581 18.53 -22.30 -18.33
N TRP A 582 17.36 -22.03 -17.75
CA TRP A 582 16.09 -22.40 -18.38
C TRP A 582 15.83 -21.41 -19.51
N ASP A 583 15.13 -21.89 -20.52
CA ASP A 583 14.97 -21.17 -21.78
C ASP A 583 13.77 -20.15 -21.74
N ASN A 584 13.16 -19.94 -20.55
CA ASN A 584 12.03 -19.04 -20.41
C ASN A 584 10.82 -19.49 -21.24
N ARG A 585 10.70 -20.80 -21.48
CA ARG A 585 9.51 -21.38 -22.17
C ARG A 585 8.91 -22.52 -21.36
N GLY A 586 7.66 -22.86 -21.69
CA GLY A 586 7.04 -24.04 -21.15
C GLY A 586 6.88 -25.11 -22.24
N ARG A 587 7.96 -25.40 -22.96
CA ARG A 587 7.96 -26.53 -23.89
C ARG A 587 8.05 -27.85 -23.12
N LYS A 588 7.66 -28.97 -23.75
CA LYS A 588 7.74 -30.25 -23.05
C LYS A 588 9.15 -30.52 -22.51
N ASP A 589 10.17 -30.09 -23.23
CA ASP A 589 11.54 -30.36 -22.73
C ASP A 589 12.13 -29.22 -21.90
N SER A 590 11.37 -28.16 -21.63
CA SER A 590 11.94 -27.03 -20.84
C SER A 590 12.19 -27.47 -19.40
N ARG A 591 13.30 -27.06 -18.81
CA ARG A 591 13.72 -27.61 -17.49
C ARG A 591 13.64 -26.50 -16.48
N GLY A 592 12.81 -26.65 -15.42
CA GLY A 592 12.76 -25.66 -14.37
C GLY A 592 11.55 -24.76 -14.47
N SER A 593 10.74 -24.96 -15.51
CA SER A 593 9.69 -24.02 -15.82
C SER A 593 8.63 -24.09 -14.72
N HIS A 594 8.40 -25.26 -14.12
CA HIS A 594 7.41 -25.40 -13.01
C HIS A 594 7.92 -24.71 -11.71
N LEU A 595 9.24 -24.69 -11.53
CA LEU A 595 9.85 -23.88 -10.39
C LEU A 595 9.46 -22.37 -10.57
N TRP A 596 9.55 -21.89 -11.78
CA TRP A 596 9.15 -20.49 -12.10
C TRP A 596 7.68 -20.26 -11.79
N ASP A 597 6.80 -21.21 -12.19
CA ASP A 597 5.36 -21.09 -11.88
C ASP A 597 5.13 -20.98 -10.36
N GLU A 598 5.79 -21.83 -9.57
CA GLU A 598 5.53 -21.88 -8.10
C GLU A 598 6.09 -20.60 -7.52
N PHE A 599 7.13 -20.06 -8.16
CA PHE A 599 7.73 -18.80 -7.68
C PHE A 599 6.94 -17.55 -8.07
N TRP A 600 6.81 -17.30 -9.39
CA TRP A 600 6.16 -16.08 -9.89
C TRP A 600 4.75 -15.90 -9.40
N SER A 601 3.99 -16.99 -9.31
CA SER A 601 2.66 -16.93 -8.80
C SER A 601 2.54 -16.45 -7.36
N ARG A 602 3.64 -16.42 -6.61
CA ARG A 602 3.69 -16.00 -5.22
C ARG A 602 4.40 -14.66 -5.01
N VAL A 603 4.79 -14.00 -6.12
CA VAL A 603 5.53 -12.73 -5.94
C VAL A 603 4.54 -11.58 -5.62
N PRO A 604 4.83 -10.76 -4.62
CA PRO A 604 3.89 -9.65 -4.31
C PRO A 604 4.02 -8.53 -5.37
N THR A 605 3.02 -8.33 -6.19
CA THR A 605 3.17 -7.43 -7.33
C THR A 605 3.06 -5.94 -6.91
N ALA A 606 2.42 -5.63 -5.75
CA ALA A 606 2.44 -4.25 -5.22
C ALA A 606 3.86 -3.70 -4.94
N SER A 607 4.23 -2.56 -5.48
CA SER A 607 5.62 -2.14 -5.16
C SER A 607 6.73 -3.13 -5.62
N LEU A 608 6.40 -4.11 -6.46
CA LEU A 608 7.45 -4.89 -7.15
C LEU A 608 8.17 -4.12 -8.24
N PHE A 609 7.41 -3.33 -9.01
CA PHE A 609 7.94 -2.70 -10.25
C PHE A 609 8.43 -1.30 -10.09
N THR A 610 9.59 -1.00 -10.67
CA THR A 610 10.18 0.34 -10.52
C THR A 610 9.49 1.30 -11.50
N VAL A 611 9.13 0.82 -12.70
CA VAL A 611 8.48 1.66 -13.72
C VAL A 611 6.98 1.29 -13.80
N PRO A 612 6.08 2.21 -13.44
CA PRO A 612 4.71 1.84 -13.40
C PRO A 612 4.12 1.73 -14.80
N PHE A 613 2.94 1.15 -14.88
CA PHE A 613 2.22 1.11 -16.12
C PHE A 613 2.16 2.47 -16.73
N SER A 614 2.45 2.52 -18.06
CA SER A 614 2.17 3.72 -18.83
C SER A 614 1.36 3.37 -20.06
N ALA A 615 0.24 4.06 -20.30
CA ALA A 615 -0.63 3.73 -21.44
C ALA A 615 0.11 4.04 -22.73
N ALA A 616 1.16 4.85 -22.66
CA ALA A 616 1.96 5.13 -23.84
C ALA A 616 2.83 3.92 -24.22
N ASP A 617 3.09 3.02 -23.27
CA ASP A 617 3.98 1.89 -23.54
C ASP A 617 3.42 0.66 -22.82
N PRO A 618 2.21 0.20 -23.25
CA PRO A 618 1.44 -0.82 -22.55
C PRO A 618 2.02 -2.23 -22.62
N LEU A 619 2.95 -2.48 -23.55
CA LEU A 619 3.65 -3.77 -23.61
C LEU A 619 4.86 -3.85 -22.71
N ASN A 620 5.55 -2.74 -22.46
CA ASN A 620 6.84 -2.81 -21.79
C ASN A 620 6.77 -2.18 -20.39
N THR A 621 5.54 -1.87 -19.93
CA THR A 621 5.29 -1.39 -18.57
C THR A 621 4.12 -2.13 -17.96
N PRO A 622 4.13 -2.32 -16.64
CA PRO A 622 5.18 -1.94 -15.68
C PRO A 622 6.46 -2.76 -15.93
N ARG A 623 7.61 -2.26 -15.52
CA ARG A 623 8.79 -3.12 -15.56
C ARG A 623 9.78 -2.69 -14.49
N GLY A 624 10.90 -3.38 -14.43
CA GLY A 624 12.00 -3.02 -13.51
C GLY A 624 11.75 -3.60 -12.13
N ILE A 625 12.60 -4.52 -11.68
CA ILE A 625 12.41 -5.11 -10.36
C ILE A 625 13.02 -4.23 -9.27
N ASN A 626 12.19 -3.79 -8.32
CA ASN A 626 12.68 -2.91 -7.27
C ASN A 626 13.63 -3.67 -6.32
N ALA A 627 14.83 -3.14 -6.15
CA ALA A 627 15.78 -3.71 -5.24
C ALA A 627 15.15 -3.94 -3.85
N ALA A 628 14.21 -3.08 -3.39
CA ALA A 628 13.63 -3.23 -2.05
C ALA A 628 12.79 -4.51 -1.93
N ALA A 629 12.44 -5.10 -3.06
CA ALA A 629 11.61 -6.31 -3.04
C ALA A 629 12.44 -7.60 -2.76
N ALA A 630 13.78 -7.47 -2.56
CA ALA A 630 14.67 -8.63 -2.51
C ALA A 630 14.19 -9.66 -1.48
N ASP A 631 13.93 -9.19 -0.27
CA ASP A 631 13.51 -10.14 0.76
C ASP A 631 12.24 -10.85 0.43
N ALA A 632 11.23 -10.13 -0.13
CA ALA A 632 9.93 -10.74 -0.46
C ALA A 632 10.14 -11.77 -1.60
N LEU A 633 11.01 -11.43 -2.52
CA LEU A 633 11.32 -12.41 -3.63
C LEU A 633 12.03 -13.64 -3.08
N ARG A 634 13.01 -13.46 -2.16
CA ARG A 634 13.60 -14.68 -1.50
C ARG A 634 12.51 -15.49 -0.80
N GLN A 635 11.56 -14.81 -0.11
CA GLN A 635 10.49 -15.59 0.54
C GLN A 635 9.72 -16.38 -0.49
N ALA A 636 9.39 -15.74 -1.61
CA ALA A 636 8.62 -16.44 -2.64
C ALA A 636 9.39 -17.62 -3.19
N MET A 637 10.68 -17.40 -3.51
CA MET A 637 11.49 -18.51 -4.02
C MET A 637 11.68 -19.64 -2.99
N ALA A 638 11.87 -19.30 -1.72
CA ALA A 638 11.97 -20.36 -0.70
C ALA A 638 10.69 -21.18 -0.69
N THR A 639 9.51 -20.54 -0.77
CA THR A 639 8.28 -21.33 -0.80
C THR A 639 8.21 -22.19 -2.05
N ALA A 640 8.59 -21.63 -3.21
CA ALA A 640 8.51 -22.37 -4.49
C ALA A 640 9.40 -23.60 -4.42
N ILE A 641 10.58 -23.42 -3.84
CA ILE A 641 11.53 -24.58 -3.73
C ILE A 641 10.87 -25.68 -2.89
N ALA A 642 10.25 -25.26 -1.79
CA ALA A 642 9.67 -26.21 -0.86
C ALA A 642 8.50 -26.95 -1.55
N ARG A 643 7.71 -26.21 -2.32
CA ARG A 643 6.56 -26.83 -2.99
C ARG A 643 7.00 -27.86 -4.05
N VAL A 644 8.01 -27.46 -4.85
CA VAL A 644 8.53 -28.38 -5.85
C VAL A 644 9.10 -29.64 -5.09
N GLY A 645 9.84 -29.40 -4.02
CA GLY A 645 10.39 -30.45 -3.14
C GLY A 645 9.36 -31.47 -2.71
N GLN A 646 8.14 -31.03 -2.39
CA GLN A 646 7.08 -31.95 -1.97
C GLN A 646 6.33 -32.59 -3.07
N SER A 647 6.52 -32.13 -4.30
CA SER A 647 5.87 -32.71 -5.45
C SER A 647 6.49 -34.03 -5.94
N GLY A 648 7.70 -34.32 -5.48
CA GLY A 648 8.49 -35.45 -6.04
C GLY A 648 9.24 -35.07 -7.34
N TYR A 649 9.02 -33.89 -7.94
CA TYR A 649 9.74 -33.55 -9.16
C TYR A 649 11.05 -32.84 -8.79
N ALA A 650 12.08 -33.02 -9.59
CA ALA A 650 13.38 -32.30 -9.40
C ALA A 650 13.11 -30.85 -9.78
N LEU A 651 13.92 -29.93 -9.28
CA LEU A 651 13.72 -28.50 -9.68
C LEU A 651 13.92 -28.37 -11.19
N ASP A 652 14.83 -29.18 -11.78
CA ASP A 652 15.08 -29.10 -13.22
C ASP A 652 14.34 -30.14 -14.07
N ALA A 653 13.26 -30.69 -13.51
CA ALA A 653 12.44 -31.62 -14.30
C ALA A 653 11.95 -30.97 -15.64
N PRO A 654 11.97 -31.77 -16.72
CA PRO A 654 11.32 -31.31 -17.96
C PRO A 654 9.77 -31.17 -17.80
N ARG A 655 9.23 -30.08 -18.38
CA ARG A 655 7.87 -29.68 -18.08
C ARG A 655 6.87 -30.79 -18.50
N GLY A 656 7.16 -31.49 -19.59
CA GLY A 656 6.31 -32.59 -20.05
C GLY A 656 6.06 -33.72 -19.06
N GLU A 657 6.93 -33.86 -18.08
CA GLU A 657 6.73 -34.84 -16.98
C GLU A 657 5.84 -34.29 -15.87
N VAL A 658 5.84 -32.95 -15.76
CA VAL A 658 5.09 -32.22 -14.69
C VAL A 658 3.65 -31.95 -15.19
N LEU A 659 3.52 -31.68 -16.48
CA LEU A 659 2.28 -31.21 -17.05
C LEU A 659 1.92 -32.19 -18.17
N TYR A 660 0.77 -32.86 -18.05
CA TYR A 660 0.45 -34.03 -18.87
C TYR A 660 -1.06 -34.28 -18.85
N ALA A 661 -1.54 -35.02 -19.87
CA ALA A 661 -2.96 -35.52 -19.98
C ALA A 661 -2.78 -37.03 -20.06
N THR A 662 -3.44 -37.76 -19.18
CA THR A 662 -3.34 -39.21 -19.20
C THR A 662 -4.42 -39.74 -20.13
N ARG A 663 -4.00 -40.58 -21.09
CA ARG A 663 -4.95 -41.27 -22.00
C ARG A 663 -4.47 -42.72 -22.24
N GLY A 664 -5.38 -43.67 -22.07
CA GLY A 664 -5.07 -45.12 -22.20
C GLY A 664 -4.02 -45.50 -21.18
N GLY A 665 -4.03 -44.85 -20.02
CA GLY A 665 -3.04 -45.15 -18.97
C GLY A 665 -1.63 -44.62 -19.24
N THR A 666 -1.43 -43.81 -20.29
CA THR A 666 -0.16 -43.12 -20.58
C THR A 666 -0.24 -41.64 -20.31
N ARG A 667 0.71 -41.05 -19.57
CA ARG A 667 0.77 -39.58 -19.42
C ARG A 667 1.36 -38.92 -20.65
N LEU A 668 0.53 -38.35 -21.49
CA LEU A 668 1.04 -37.62 -22.69
C LEU A 668 1.65 -36.27 -22.24
N PRO A 669 2.87 -35.96 -22.62
CA PRO A 669 3.49 -34.73 -22.14
C PRO A 669 2.86 -33.50 -22.77
N LEU A 670 2.65 -32.44 -21.97
CA LEU A 670 2.07 -31.21 -22.50
C LEU A 670 3.04 -30.03 -22.38
N TYR A 671 2.65 -28.89 -23.00
CA TYR A 671 3.42 -27.67 -23.01
C TYR A 671 2.41 -26.55 -22.80
N GLY A 672 2.91 -25.38 -22.45
CA GLY A 672 2.12 -24.20 -22.14
C GLY A 672 1.89 -24.04 -20.65
N GLY A 673 1.01 -23.10 -20.27
CA GLY A 673 0.92 -22.86 -18.83
C GLY A 673 -0.22 -21.93 -18.52
N CYS A 674 -0.05 -21.20 -17.42
CA CYS A 674 -1.15 -20.38 -16.93
C CYS A 674 -0.98 -18.91 -17.36
N GLY A 675 -2.09 -18.24 -17.64
CA GLY A 675 -2.02 -16.84 -18.08
C GLY A 675 -1.36 -15.93 -17.05
N ALA A 676 -1.52 -16.23 -15.74
CA ALA A 676 -0.84 -15.48 -14.64
C ALA A 676 0.67 -15.33 -14.78
N MET A 677 1.34 -16.31 -15.39
CA MET A 677 2.77 -16.18 -15.60
C MET A 677 3.09 -15.47 -16.93
N GLY A 678 2.05 -15.04 -17.67
CA GLY A 678 2.29 -14.49 -19.00
C GLY A 678 2.51 -15.54 -20.11
N TYR A 679 1.98 -16.77 -19.92
CA TYR A 679 1.82 -17.65 -21.08
C TYR A 679 0.75 -17.12 -22.02
N PHE A 680 0.94 -17.36 -23.31
CA PHE A 680 -0.08 -17.22 -24.29
C PHE A 680 -0.66 -18.60 -24.60
N THR A 681 0.22 -19.61 -24.68
CA THR A 681 -0.23 -21.00 -24.91
C THR A 681 -0.74 -21.52 -23.57
N ILE A 682 -2.05 -21.76 -23.47
CA ILE A 682 -2.61 -21.99 -22.14
C ILE A 682 -2.91 -23.44 -21.87
N THR A 683 -2.19 -23.98 -20.89
CA THR A 683 -2.47 -25.35 -20.43
C THR A 683 -2.35 -25.22 -18.92
N CYS A 684 -3.48 -24.92 -18.27
CA CYS A 684 -3.50 -24.38 -16.91
C CYS A 684 -4.25 -25.31 -15.97
N SER A 685 -3.49 -26.17 -15.29
CA SER A 685 -4.05 -27.17 -14.37
C SER A 685 -4.59 -26.56 -13.09
N GLU A 686 -5.71 -27.10 -12.59
CA GLU A 686 -6.21 -26.70 -11.27
C GLU A 686 -5.56 -27.50 -10.15
N ASN A 687 -4.75 -28.53 -10.52
CA ASN A 687 -4.14 -29.49 -9.54
C ASN A 687 -2.90 -28.87 -8.89
N ASP A 688 -2.77 -28.94 -7.56
CA ASP A 688 -1.56 -28.37 -6.93
C ASP A 688 -0.41 -29.30 -7.25
N ILE A 689 0.79 -28.72 -7.48
CA ILE A 689 1.93 -29.51 -7.98
C ILE A 689 2.25 -30.62 -6.95
N THR A 690 1.95 -30.37 -5.67
CA THR A 690 2.36 -31.32 -4.64
C THR A 690 1.42 -32.52 -4.69
N GLN A 691 0.42 -32.50 -5.56
CA GLN A 691 -0.50 -33.62 -5.66
C GLN A 691 -0.55 -34.36 -6.97
N GLY A 692 0.65 -34.71 -7.45
CA GLY A 692 0.81 -35.46 -8.71
C GLY A 692 1.18 -34.52 -9.83
N GLY A 693 1.63 -33.28 -9.51
CA GLY A 693 2.01 -32.33 -10.60
C GLY A 693 0.85 -31.63 -11.27
N TYR A 694 1.08 -31.11 -12.48
CA TYR A 694 0.07 -30.30 -13.17
C TYR A 694 -0.76 -31.19 -14.09
N SER A 695 -1.34 -32.22 -13.49
CA SER A 695 -2.31 -33.06 -14.24
C SER A 695 -3.40 -32.26 -14.89
N MET A 696 -3.68 -32.59 -16.16
CA MET A 696 -4.84 -32.07 -16.84
C MET A 696 -6.07 -33.02 -16.80
N ASP A 697 -6.06 -34.01 -15.94
CA ASP A 697 -7.04 -35.12 -16.00
C ASP A 697 -8.35 -34.81 -15.25
N GLY A 698 -8.33 -33.76 -14.41
CA GLY A 698 -9.55 -33.43 -13.60
C GLY A 698 -10.46 -32.43 -14.33
N GLN A 699 -10.59 -31.23 -13.78
CA GLN A 699 -11.32 -30.16 -14.39
C GLN A 699 -10.40 -28.94 -14.40
N PRO A 700 -9.47 -28.88 -15.37
CA PRO A 700 -8.49 -27.79 -15.38
C PRO A 700 -9.14 -26.40 -15.54
N ASN A 701 -8.38 -25.39 -15.19
CA ASN A 701 -8.76 -24.00 -15.38
C ASN A 701 -8.87 -23.80 -16.90
N ALA A 702 -9.59 -22.77 -17.32
CA ALA A 702 -9.84 -22.48 -18.74
C ALA A 702 -8.52 -22.60 -19.50
N SER A 703 -8.53 -23.49 -20.47
CA SER A 703 -7.29 -23.84 -21.21
C SER A 703 -7.59 -24.01 -22.73
N ASN A 704 -6.51 -24.02 -23.52
CA ASN A 704 -6.55 -24.34 -24.95
C ASN A 704 -7.53 -25.56 -25.10
N SER A 705 -8.50 -25.43 -26.01
CA SER A 705 -9.64 -26.36 -26.13
C SER A 705 -9.84 -26.63 -27.60
N TYR A 706 -10.76 -25.89 -28.23
CA TYR A 706 -10.80 -25.86 -29.70
C TYR A 706 -9.82 -24.82 -30.18
N MET A 707 -8.91 -25.20 -31.03
CA MET A 707 -8.02 -24.23 -31.66
C MET A 707 -8.20 -24.29 -33.16
N GLN A 708 -8.21 -23.15 -33.82
CA GLN A 708 -8.27 -23.15 -35.29
C GLN A 708 -7.34 -22.05 -35.87
N VAL A 709 -6.64 -22.42 -36.97
CA VAL A 709 -5.89 -21.49 -37.79
C VAL A 709 -6.50 -21.61 -39.21
N VAL A 710 -7.15 -20.55 -39.65
CA VAL A 710 -8.02 -20.63 -40.89
C VAL A 710 -7.53 -19.63 -41.87
N SER A 711 -7.39 -20.04 -43.15
CA SER A 711 -7.04 -19.05 -44.23
C SER A 711 -7.81 -19.36 -45.49
N PHE A 712 -7.73 -18.45 -46.48
CA PHE A 712 -8.53 -18.61 -47.72
C PHE A 712 -7.63 -18.64 -48.95
N PRO A 713 -6.82 -19.71 -49.11
CA PRO A 713 -6.11 -19.72 -50.39
C PRO A 713 -7.05 -19.86 -51.61
N ALA A 714 -6.49 -19.71 -52.80
CA ALA A 714 -7.31 -19.68 -53.98
C ALA A 714 -8.17 -20.96 -54.16
N SER A 715 -7.62 -22.12 -53.77
CA SER A 715 -8.37 -23.40 -53.94
C SER A 715 -9.54 -23.59 -53.00
N GLY A 716 -9.68 -22.74 -51.98
CA GLY A 716 -10.73 -22.96 -50.96
C GLY A 716 -10.20 -22.78 -49.54
N VAL A 717 -11.12 -22.42 -48.61
CA VAL A 717 -10.75 -22.27 -47.17
C VAL A 717 -9.97 -23.50 -46.68
N GLN A 718 -8.94 -23.24 -45.85
CA GLN A 718 -8.14 -24.34 -45.23
C GLN A 718 -8.12 -24.08 -43.76
N ALA A 719 -8.31 -25.12 -42.95
CA ALA A 719 -8.32 -24.96 -41.51
C ALA A 719 -7.55 -26.07 -40.89
N HIS A 720 -6.73 -25.69 -39.90
CA HIS A 720 -5.98 -26.60 -39.03
C HIS A 720 -6.46 -26.46 -37.64
N THR A 721 -6.75 -27.61 -36.99
CA THR A 721 -7.52 -27.54 -35.75
C THR A 721 -6.93 -28.48 -34.72
N PHE A 722 -7.25 -28.15 -33.47
CA PHE A 722 -7.15 -29.10 -32.35
C PHE A 722 -8.46 -29.10 -31.58
N LEU A 723 -8.79 -30.25 -30.96
CA LEU A 723 -9.79 -30.23 -29.87
C LEU A 723 -9.05 -30.97 -28.75
N THR A 724 -8.44 -30.21 -27.84
CA THR A 724 -7.34 -30.72 -27.02
C THR A 724 -7.63 -31.94 -26.20
N PHE A 725 -8.83 -31.98 -25.59
CA PHE A 725 -9.22 -33.06 -24.71
C PHE A 725 -9.92 -34.21 -25.48
N SER A 726 -10.07 -34.06 -26.82
CA SER A 726 -10.63 -35.05 -27.75
C SER A 726 -12.18 -35.05 -27.77
N LEU A 727 -12.75 -35.65 -28.83
CA LEU A 727 -14.17 -35.47 -29.05
C LEU A 727 -15.11 -36.02 -28.00
N SER A 728 -14.77 -37.19 -27.41
CA SER A 728 -15.70 -37.93 -26.56
C SER A 728 -15.29 -38.06 -25.09
N ASP A 729 -16.26 -37.88 -24.20
CA ASP A 729 -16.00 -38.03 -22.77
C ASP A 729 -15.97 -39.46 -22.32
N ASP A 730 -16.26 -40.42 -23.19
CA ASP A 730 -16.33 -41.85 -22.82
C ASP A 730 -14.92 -42.41 -22.84
N PRO A 731 -14.44 -42.86 -21.67
CA PRO A 731 -13.08 -43.43 -21.69
C PRO A 731 -12.92 -44.62 -22.68
N ALA A 732 -14.01 -45.28 -23.08
CA ALA A 732 -13.89 -46.41 -24.01
C ALA A 732 -13.87 -45.96 -25.47
N SER A 733 -14.20 -44.70 -25.70
CA SER A 733 -14.37 -44.27 -27.08
C SER A 733 -13.03 -44.29 -27.78
N PRO A 734 -13.06 -44.65 -29.08
CA PRO A 734 -11.93 -44.45 -29.98
C PRO A 734 -11.52 -42.94 -30.04
N HIS A 735 -12.44 -42.02 -29.68
CA HIS A 735 -12.22 -40.62 -29.73
C HIS A 735 -12.09 -39.96 -28.35
N HIS A 736 -11.62 -40.70 -27.33
CA HIS A 736 -11.41 -40.10 -26.02
C HIS A 736 -10.02 -39.53 -25.86
N GLY A 737 -9.03 -40.10 -26.60
CA GLY A 737 -7.68 -39.61 -26.41
C GLY A 737 -6.87 -39.42 -27.71
N ASP A 738 -7.46 -39.66 -28.87
CA ASP A 738 -6.71 -39.55 -30.15
C ASP A 738 -6.30 -38.12 -30.49
N TYR A 739 -7.21 -37.18 -30.32
CA TYR A 739 -6.90 -35.79 -30.58
C TYR A 739 -5.90 -35.28 -29.55
N THR A 740 -6.02 -35.77 -28.31
CA THR A 740 -5.09 -35.30 -27.26
C THR A 740 -3.64 -35.77 -27.56
N LYS A 741 -3.49 -37.00 -28.06
CA LYS A 741 -2.17 -37.50 -28.51
C LYS A 741 -1.62 -36.54 -29.58
N ALA A 742 -2.46 -36.19 -30.55
CA ALA A 742 -2.01 -35.18 -31.60
C ALA A 742 -1.58 -33.85 -30.97
N TYR A 743 -2.42 -33.32 -30.07
CA TYR A 743 -2.10 -32.05 -29.41
C TYR A 743 -0.76 -32.11 -28.61
N SER A 744 -0.53 -33.21 -27.91
CA SER A 744 0.71 -33.44 -27.16
C SER A 744 1.90 -33.44 -28.12
N ALA A 745 1.75 -34.03 -29.31
CA ALA A 745 2.79 -33.98 -30.38
C ALA A 745 2.89 -32.67 -31.16
N GLY A 746 2.01 -31.71 -30.91
CA GLY A 746 2.00 -30.46 -31.72
C GLY A 746 1.57 -30.69 -33.16
N GLN A 747 0.90 -31.80 -33.46
CA GLN A 747 0.53 -32.09 -34.86
C GLN A 747 -0.92 -31.57 -35.16
N TRP A 748 -1.03 -30.36 -35.74
CA TRP A 748 -2.33 -29.78 -36.09
C TRP A 748 -3.07 -30.68 -37.05
N LEU A 749 -4.36 -30.82 -36.83
CA LEU A 749 -5.20 -31.61 -37.75
C LEU A 749 -5.62 -30.73 -38.92
N ARG A 750 -5.34 -31.16 -40.16
CA ARG A 750 -5.96 -30.44 -41.29
C ARG A 750 -7.36 -31.03 -41.42
N VAL A 751 -8.37 -30.26 -41.08
CA VAL A 751 -9.71 -30.82 -41.07
C VAL A 751 -10.31 -30.81 -42.49
N PRO A 752 -10.74 -32.01 -43.00
CA PRO A 752 -11.36 -31.93 -44.37
C PRO A 752 -12.56 -31.02 -44.38
N PHE A 753 -12.82 -30.33 -45.51
CA PHE A 753 -14.02 -29.48 -45.54
C PHE A 753 -14.82 -29.69 -46.81
N THR A 754 -14.17 -29.75 -47.96
CA THR A 754 -14.93 -30.03 -49.21
C THR A 754 -15.39 -31.46 -49.23
N GLU A 755 -16.37 -31.74 -50.08
CA GLU A 755 -16.82 -33.15 -50.18
C GLU A 755 -15.67 -34.09 -50.54
N ALA A 756 -14.80 -33.63 -51.45
CA ALA A 756 -13.76 -34.56 -51.92
C ALA A 756 -12.75 -34.78 -50.77
N GLU A 757 -12.49 -33.72 -50.00
CA GLU A 757 -11.63 -33.85 -48.87
C GLU A 757 -12.20 -34.81 -47.79
N ILE A 758 -13.52 -34.77 -47.56
CA ILE A 758 -14.13 -35.59 -46.53
C ILE A 758 -14.07 -37.07 -46.98
N THR A 759 -14.48 -37.33 -48.20
CA THR A 759 -14.60 -38.72 -48.65
C THR A 759 -13.16 -39.23 -48.97
N GLY A 760 -12.20 -38.33 -49.17
CA GLY A 760 -10.77 -38.71 -49.48
C GLY A 760 -9.98 -38.98 -48.22
N ASN A 761 -10.56 -38.67 -47.05
CA ASN A 761 -9.85 -38.77 -45.78
C ASN A 761 -9.53 -40.20 -45.39
N ALA A 762 -8.30 -40.40 -44.89
CA ALA A 762 -7.83 -41.78 -44.53
C ALA A 762 -8.81 -42.57 -43.61
N ASP A 763 -9.59 -41.87 -42.79
CA ASP A 763 -10.48 -42.53 -41.80
C ASP A 763 -11.97 -42.40 -42.10
N TYR A 764 -12.26 -42.03 -43.34
CA TYR A 764 -13.59 -41.75 -43.79
C TYR A 764 -14.53 -42.96 -43.59
N ARG A 765 -15.64 -42.71 -42.86
CA ARG A 765 -16.73 -43.68 -42.70
C ARG A 765 -18.03 -42.86 -42.82
N THR A 766 -19.05 -43.46 -43.42
CA THR A 766 -20.33 -42.77 -43.56
C THR A 766 -21.48 -43.71 -43.11
N ALA A 767 -22.55 -43.12 -42.56
CA ALA A 767 -23.77 -43.86 -42.27
C ALA A 767 -24.92 -42.83 -42.33
N THR A 768 -26.13 -43.28 -42.61
CA THR A 768 -27.30 -42.38 -42.63
C THR A 768 -28.20 -42.74 -41.48
N VAL A 769 -28.74 -41.74 -40.80
CA VAL A 769 -29.73 -41.96 -39.72
C VAL A 769 -31.05 -41.30 -40.15
N LYS A 770 -32.14 -42.04 -40.07
CA LYS A 770 -33.45 -41.58 -40.53
C LYS A 770 -34.47 -42.00 -39.52
N GLU A 771 -35.48 -41.17 -39.33
CA GLU A 771 -36.71 -41.62 -38.67
C GLU A 771 -37.85 -40.70 -39.05
N LEU A 772 -39.09 -41.16 -38.87
CA LEU A 772 -40.29 -40.27 -39.02
C LEU A 772 -40.30 -39.01 -38.11
N GLU A 773 -40.61 -37.84 -38.67
CA GLU A 773 -40.68 -36.61 -37.85
C GLU A 773 -41.76 -36.62 -36.75
N SER B 7 17.70 -22.82 36.99
CA SER B 7 17.10 -24.18 36.78
C SER B 7 16.72 -24.41 35.32
N THR B 8 16.71 -25.69 34.92
CA THR B 8 16.94 -26.12 33.55
C THR B 8 15.82 -27.15 33.25
N TYR B 9 15.22 -27.08 32.08
CA TYR B 9 14.47 -28.25 31.57
C TYR B 9 15.47 -29.29 31.12
N SER B 10 15.18 -30.55 31.41
CA SER B 10 16.11 -31.62 30.97
C SER B 10 15.26 -32.88 30.78
N ALA B 11 15.22 -33.40 29.56
CA ALA B 11 14.44 -34.64 29.30
C ALA B 11 15.34 -35.60 28.52
N GLU B 12 15.26 -36.89 28.87
CA GLU B 12 15.90 -37.92 28.06
C GLU B 12 14.86 -38.49 27.09
N ILE B 13 15.22 -38.55 25.81
CA ILE B 13 14.26 -39.02 24.81
C ILE B 13 14.81 -40.36 24.36
N ARG B 14 14.08 -41.43 24.64
CA ARG B 14 14.47 -42.76 24.15
C ARG B 14 13.51 -43.15 23.03
N ARG B 15 14.01 -43.43 21.82
CA ARG B 15 13.11 -43.89 20.77
C ARG B 15 13.33 -45.36 20.52
N THR B 16 12.23 -46.06 20.23
CA THR B 16 12.26 -47.48 19.97
C THR B 16 11.64 -47.72 18.58
N THR B 17 11.31 -48.97 18.28
CA THR B 17 10.82 -49.35 16.96
C THR B 17 9.62 -48.50 16.56
N MET B 18 9.58 -48.10 15.28
CA MET B 18 8.58 -47.15 14.72
C MET B 18 8.81 -45.69 15.18
N GLY B 19 9.94 -45.44 15.86
CA GLY B 19 10.25 -44.06 16.33
C GLY B 19 9.51 -43.71 17.63
N VAL B 20 8.76 -44.67 18.22
CA VAL B 20 7.95 -44.31 19.43
C VAL B 20 8.85 -43.67 20.50
N PRO B 21 8.56 -42.40 20.93
CA PRO B 21 9.47 -41.82 21.91
C PRO B 21 9.01 -42.10 23.33
N HIS B 22 9.96 -42.23 24.23
CA HIS B 22 9.69 -42.54 25.64
C HIS B 22 10.45 -41.47 26.38
N ILE B 23 9.70 -40.43 26.80
CA ILE B 23 10.33 -39.27 27.49
C ILE B 23 10.53 -39.59 28.95
N LYS B 24 11.73 -39.31 29.46
CA LYS B 24 11.98 -39.52 30.90
C LYS B 24 12.50 -38.23 31.48
N ALA B 25 11.84 -37.79 32.54
CA ALA B 25 12.16 -36.47 33.11
C ALA B 25 11.92 -36.46 34.60
N GLY B 26 12.61 -35.60 35.34
CA GLY B 26 12.47 -35.60 36.79
C GLY B 26 11.32 -34.77 37.32
N ASN B 27 10.62 -34.05 36.42
CA ASN B 27 9.51 -33.13 36.81
C ASN B 27 8.59 -32.91 35.63
N TRP B 28 7.38 -32.38 35.90
CA TRP B 28 6.41 -32.20 34.84
C TRP B 28 6.81 -31.19 33.75
N GLY B 29 7.48 -30.10 34.11
CA GLY B 29 7.93 -29.09 33.16
C GLY B 29 8.93 -29.74 32.20
N SER B 30 9.88 -30.51 32.74
CA SER B 30 10.82 -31.22 31.83
C SER B 30 10.16 -32.31 30.99
N ALA B 31 9.18 -33.01 31.56
CA ALA B 31 8.41 -33.94 30.71
C ALA B 31 7.70 -33.22 29.54
N GLY B 32 7.05 -32.09 29.83
CA GLY B 32 6.48 -31.24 28.78
C GLY B 32 7.53 -30.87 27.70
N TYR B 33 8.68 -30.37 28.11
CA TYR B 33 9.78 -30.00 27.24
C TYR B 33 10.15 -31.11 26.26
N GLY B 34 10.34 -32.32 26.78
CA GLY B 34 10.67 -33.44 25.95
C GLY B 34 9.54 -33.79 25.00
N PHE B 35 8.32 -33.80 25.48
CA PHE B 35 7.19 -34.22 24.64
C PHE B 35 6.94 -33.16 23.52
N GLY B 36 7.03 -31.87 23.83
CA GLY B 36 6.80 -30.85 22.78
C GLY B 36 7.91 -30.95 21.73
N TYR B 37 9.13 -31.23 22.18
CA TYR B 37 10.23 -31.38 21.27
C TYR B 37 9.98 -32.54 20.26
N VAL B 38 9.68 -33.73 20.76
CA VAL B 38 9.47 -34.88 19.89
C VAL B 38 8.24 -34.74 18.97
N GLN B 39 7.16 -34.18 19.49
CA GLN B 39 6.06 -33.92 18.60
C GLN B 39 6.44 -33.00 17.44
N ALA B 40 7.09 -31.87 17.73
CA ALA B 40 7.51 -30.96 16.67
C ALA B 40 8.56 -31.69 15.75
N GLN B 41 9.48 -32.40 16.38
CA GLN B 41 10.49 -33.14 15.58
C GLN B 41 9.87 -34.01 14.48
N ASP B 42 8.76 -34.71 14.81
CA ASP B 42 8.08 -35.55 13.88
C ASP B 42 7.01 -34.86 13.05
N ASN B 43 6.43 -33.78 13.52
CA ASN B 43 5.24 -33.25 12.82
C ASN B 43 5.24 -31.77 12.67
N LEU B 44 6.43 -31.15 12.54
CA LEU B 44 6.49 -29.69 12.60
C LEU B 44 5.47 -29.00 11.68
N CYS B 45 5.38 -29.45 10.44
CA CYS B 45 4.57 -28.70 9.45
C CYS B 45 3.09 -28.71 9.81
N THR B 46 2.57 -29.89 10.22
CA THR B 46 1.18 -29.93 10.73
C THR B 46 1.01 -29.01 11.93
N MET B 47 1.86 -29.15 12.92
CA MET B 47 1.72 -28.36 14.13
C MET B 47 1.85 -26.84 13.89
N ALA B 48 2.81 -26.44 13.05
CA ALA B 48 3.02 -24.98 12.92
C ALA B 48 1.81 -24.37 12.20
N ASP B 49 1.30 -25.08 11.19
CA ASP B 49 0.03 -24.69 10.58
C ASP B 49 -1.11 -24.59 11.60
N SER B 50 -1.18 -25.51 12.57
CA SER B 50 -2.28 -25.53 13.51
C SER B 50 -2.16 -24.36 14.44
N PHE B 51 -0.94 -23.95 14.80
CA PHE B 51 -0.84 -22.80 15.67
C PHE B 51 -1.38 -21.50 15.06
N LEU B 52 -1.26 -21.36 13.73
CA LEU B 52 -1.95 -20.29 13.03
C LEU B 52 -3.49 -20.41 13.32
N THR B 53 -4.03 -21.61 13.15
CA THR B 53 -5.48 -21.79 13.40
C THR B 53 -5.92 -21.30 14.81
N TYR B 54 -5.27 -21.76 15.90
CA TYR B 54 -5.83 -21.43 17.19
C TYR B 54 -5.61 -20.00 17.58
N ARG B 55 -4.53 -19.39 17.06
CA ARG B 55 -4.24 -17.98 17.24
C ARG B 55 -5.07 -17.08 16.35
N GLY B 56 -5.76 -17.64 15.37
CA GLY B 56 -6.48 -16.78 14.47
C GLY B 56 -5.59 -16.01 13.50
N GLU B 57 -4.47 -16.62 13.07
CA GLU B 57 -3.51 -15.90 12.23
C GLU B 57 -3.32 -16.59 10.88
N ARG B 58 -4.26 -17.47 10.50
CA ARG B 58 -4.12 -18.17 9.21
C ARG B 58 -4.15 -17.17 8.07
N SER B 59 -5.05 -16.17 8.13
CA SER B 59 -5.27 -15.35 6.94
C SER B 59 -4.09 -14.45 6.63
N ARG B 60 -3.43 -13.99 7.68
CA ARG B 60 -2.21 -13.18 7.60
C ARG B 60 -1.18 -13.82 6.64
N HIS B 61 -1.02 -15.12 6.75
CA HIS B 61 0.02 -15.86 6.05
C HIS B 61 -0.48 -16.47 4.80
N LEU B 62 -1.72 -16.95 4.82
CA LEU B 62 -2.23 -17.86 3.78
C LEU B 62 -3.43 -17.36 2.99
N GLY B 63 -3.95 -16.16 3.30
CA GLY B 63 -5.03 -15.56 2.52
C GLY B 63 -6.37 -15.84 3.26
N GLY B 64 -7.25 -14.87 3.32
CA GLY B 64 -8.50 -15.06 4.12
C GLY B 64 -9.44 -15.99 3.36
N SER B 65 -9.31 -16.05 2.00
CA SER B 65 -10.26 -16.91 1.23
C SER B 65 -9.87 -18.41 1.11
N ALA B 66 -8.61 -18.73 1.32
CA ALA B 66 -8.20 -20.15 1.31
C ALA B 66 -8.88 -20.92 2.48
N GLN B 67 -9.20 -22.21 2.28
CA GLN B 67 -9.70 -23.04 3.38
C GLN B 67 -8.56 -23.52 4.25
N LEU B 68 -8.88 -23.94 5.48
CA LEU B 68 -7.96 -24.76 6.26
C LEU B 68 -7.34 -25.86 5.35
N VAL B 69 -6.05 -26.06 5.56
CA VAL B 69 -5.32 -27.09 4.85
C VAL B 69 -5.76 -28.47 5.30
N TYR B 70 -5.88 -28.69 6.60
CA TYR B 70 -6.21 -30.05 7.11
C TYR B 70 -7.62 -30.12 7.71
N ASN B 71 -8.29 -31.29 7.50
CA ASN B 71 -9.54 -31.57 8.17
C ASN B 71 -9.23 -31.77 9.64
N SER B 72 -10.26 -31.61 10.50
CA SER B 72 -10.07 -31.81 11.94
C SER B 72 -11.49 -31.63 12.52
N THR B 73 -11.59 -31.57 13.83
CA THR B 73 -12.91 -31.27 14.44
C THR B 73 -13.50 -29.92 14.04
N LEU B 74 -12.69 -29.04 13.48
CA LEU B 74 -13.20 -27.73 12.96
C LEU B 74 -13.82 -27.87 11.56
N GLY B 75 -13.57 -28.98 10.86
CA GLY B 75 -13.96 -29.11 9.45
C GLY B 75 -13.02 -28.20 8.68
N ARG B 76 -13.45 -27.76 7.51
CA ARG B 76 -12.57 -26.93 6.69
C ARG B 76 -13.22 -25.61 6.26
N PRO B 77 -13.49 -24.72 7.22
CA PRO B 77 -13.98 -23.41 6.90
C PRO B 77 -12.91 -22.53 6.22
N ARG B 78 -13.33 -21.36 5.75
CA ARG B 78 -12.41 -20.38 5.19
C ARG B 78 -11.53 -19.86 6.29
N ASN B 79 -10.28 -19.54 5.97
CA ASN B 79 -9.36 -18.96 6.95
C ASN B 79 -9.94 -17.77 7.66
N ILE B 80 -10.57 -16.87 6.90
CA ILE B 80 -11.02 -15.63 7.55
C ILE B 80 -12.03 -15.90 8.64
N ASP B 81 -12.97 -16.82 8.37
CA ASP B 81 -13.96 -17.16 9.36
C ASP B 81 -13.35 -17.91 10.48
N SER B 82 -12.42 -18.82 10.18
CA SER B 82 -11.75 -19.56 11.24
C SER B 82 -11.05 -18.58 12.19
N ASP B 83 -10.42 -17.56 11.60
CA ASP B 83 -9.59 -16.60 12.40
C ASP B 83 -10.51 -15.84 13.33
N PHE B 84 -11.65 -15.38 12.80
CA PHE B 84 -12.66 -14.70 13.69
C PHE B 84 -13.20 -15.61 14.80
N PHE B 85 -13.57 -16.85 14.44
CA PHE B 85 -13.98 -17.78 15.46
C PHE B 85 -12.99 -17.98 16.58
N HIS B 86 -11.72 -18.24 16.25
CA HIS B 86 -10.71 -18.51 17.33
C HIS B 86 -10.42 -17.30 18.11
N ARG B 87 -10.38 -16.12 17.47
CA ARG B 87 -10.09 -14.91 18.27
C ARG B 87 -11.26 -14.55 19.18
N HIS B 88 -12.46 -14.91 18.78
CA HIS B 88 -13.65 -14.51 19.51
C HIS B 88 -13.95 -15.50 20.60
N VAL B 89 -13.89 -16.77 20.26
CA VAL B 89 -14.33 -17.78 21.23
C VAL B 89 -13.13 -18.17 22.13
N ILE B 90 -11.95 -18.30 21.51
CA ILE B 90 -10.75 -18.55 22.29
C ILE B 90 -10.07 -17.21 22.60
N SER B 91 -10.78 -16.37 23.36
CA SER B 91 -10.31 -15.00 23.59
C SER B 91 -9.23 -15.05 24.66
N ASP B 92 -8.59 -13.90 24.90
CA ASP B 92 -7.65 -13.80 26.01
C ASP B 92 -8.31 -14.07 27.34
N GLU B 93 -9.57 -13.65 27.54
CA GLU B 93 -10.26 -14.03 28.75
C GLU B 93 -10.50 -15.56 28.90
N ALA B 94 -10.89 -16.21 27.81
CA ALA B 94 -11.13 -17.66 27.85
C ALA B 94 -9.82 -18.33 28.26
N VAL B 95 -8.70 -17.90 27.66
CA VAL B 95 -7.39 -18.52 28.04
C VAL B 95 -7.01 -18.24 29.52
N ASP B 96 -7.21 -17.00 29.94
CA ASP B 96 -7.00 -16.59 31.35
C ASP B 96 -7.79 -17.50 32.31
N ARG B 97 -9.08 -17.68 32.02
CA ARG B 97 -9.90 -18.51 32.92
C ARG B 97 -9.44 -19.96 32.92
N THR B 98 -9.06 -20.45 31.73
CA THR B 98 -8.59 -21.83 31.58
C THR B 98 -7.36 -22.04 32.46
N MET B 99 -6.37 -21.17 32.32
CA MET B 99 -5.14 -21.30 33.04
C MET B 99 -5.37 -21.13 34.54
N ALA B 100 -6.28 -20.22 34.91
CA ALA B 100 -6.49 -19.94 36.34
C ALA B 100 -6.98 -21.23 37.02
N ALA B 101 -7.59 -22.14 36.26
CA ALA B 101 -8.15 -23.37 36.85
C ALA B 101 -7.16 -24.53 36.94
N GLN B 102 -5.91 -24.33 36.49
CA GLN B 102 -5.00 -25.47 36.35
C GLN B 102 -4.08 -25.69 37.56
N PRO B 103 -3.78 -26.97 37.87
CA PRO B 103 -2.75 -27.30 38.90
C PRO B 103 -1.37 -26.80 38.45
N ALA B 104 -0.56 -26.32 39.39
CA ALA B 104 0.77 -25.76 39.09
C ALA B 104 1.57 -26.70 38.15
N LYS B 105 1.48 -28.02 38.37
CA LYS B 105 2.31 -28.91 37.57
C LYS B 105 1.90 -28.92 36.07
N LEU B 106 0.60 -28.77 35.78
CA LEU B 106 0.15 -28.64 34.38
C LEU B 106 0.52 -27.33 33.74
N LEU B 107 0.41 -26.19 34.45
CA LEU B 107 0.93 -24.93 33.91
C LEU B 107 2.45 -25.11 33.60
N GLN B 108 3.19 -25.73 34.52
CA GLN B 108 4.62 -25.96 34.23
C GLN B 108 4.83 -26.90 33.02
N MET B 109 4.04 -27.99 32.92
CA MET B 109 4.17 -28.89 31.77
C MET B 109 3.96 -28.16 30.43
N VAL B 110 2.97 -27.32 30.36
CA VAL B 110 2.65 -26.60 29.11
C VAL B 110 3.73 -25.54 28.85
N GLU B 111 4.20 -24.83 29.86
CA GLU B 111 5.40 -23.96 29.65
CA GLU B 111 5.43 -23.97 29.72
C GLU B 111 6.57 -24.73 29.04
N GLY B 112 6.84 -25.93 29.59
CA GLY B 112 7.94 -26.85 29.11
C GLY B 112 7.63 -27.26 27.65
N PHE B 113 6.36 -27.64 27.38
CA PHE B 113 5.99 -28.11 26.03
C PHE B 113 6.25 -26.98 24.98
N ALA B 114 5.77 -25.75 25.27
CA ALA B 114 6.10 -24.64 24.36
C ALA B 114 7.63 -24.46 24.21
N ALA B 115 8.37 -24.50 25.32
CA ALA B 115 9.83 -24.34 25.19
C ALA B 115 10.47 -25.50 24.35
N GLY B 116 9.96 -26.72 24.48
CA GLY B 116 10.49 -27.85 23.71
C GLY B 116 10.16 -27.78 22.22
N TYR B 117 8.91 -27.44 21.94
CA TYR B 117 8.50 -27.11 20.53
C TYR B 117 9.42 -26.02 19.94
N ASN B 118 9.63 -24.90 20.67
CA ASN B 118 10.42 -23.78 20.21
C ASN B 118 11.86 -24.22 19.96
N ARG B 119 12.34 -25.11 20.81
CA ARG B 119 13.73 -25.60 20.61
C ARG B 119 13.83 -26.30 19.26
N TYR B 120 12.82 -27.12 18.94
CA TYR B 120 12.82 -27.83 17.64
C TYR B 120 12.69 -26.84 16.47
N VAL B 121 11.84 -25.81 16.64
CA VAL B 121 11.77 -24.71 15.66
C VAL B 121 13.15 -24.07 15.38
N ARG B 122 13.93 -23.84 16.44
CA ARG B 122 15.28 -23.27 16.22
C ARG B 122 16.09 -24.25 15.39
N GLU B 123 15.97 -25.56 15.68
CA GLU B 123 16.76 -26.51 14.96
C GLU B 123 16.37 -26.58 13.46
N ALA B 124 15.08 -26.63 13.21
CA ALA B 124 14.57 -26.65 11.81
C ALA B 124 14.96 -25.38 11.07
N LYS B 125 14.92 -24.22 11.73
CA LYS B 125 15.33 -23.01 11.03
C LYS B 125 16.82 -23.07 10.65
N ALA B 126 17.64 -23.69 11.51
CA ALA B 126 19.05 -23.64 11.33
C ALA B 126 19.50 -24.52 10.15
N GLY B 127 18.71 -25.58 9.80
CA GLY B 127 19.20 -26.46 8.72
C GLY B 127 18.51 -27.83 8.75
N GLY B 128 19.13 -28.88 8.15
CA GLY B 128 18.59 -30.25 8.28
C GLY B 128 17.76 -30.63 7.07
N SER B 129 17.60 -31.93 6.85
CA SER B 129 16.76 -32.44 5.76
C SER B 129 15.31 -32.72 6.18
N ALA B 130 14.98 -32.46 7.44
CA ALA B 130 13.63 -32.65 7.95
C ALA B 130 12.72 -31.47 7.64
N HIS B 131 11.42 -31.79 7.37
CA HIS B 131 10.37 -30.76 7.20
C HIS B 131 10.67 -29.81 6.08
N ALA B 132 11.27 -30.32 5.04
CA ALA B 132 11.53 -29.50 3.86
C ALA B 132 10.29 -28.76 3.32
N ALA B 133 9.11 -29.35 3.53
CA ALA B 133 7.88 -28.74 3.11
C ALA B 133 7.65 -27.37 3.71
N CYS B 134 8.19 -27.06 4.92
CA CYS B 134 7.78 -25.81 5.55
C CYS B 134 8.86 -25.15 6.41
N ARG B 135 10.05 -25.75 6.48
CA ARG B 135 11.02 -25.32 7.53
C ARG B 135 11.39 -23.86 7.37
N SER B 136 11.31 -23.33 6.15
CA SER B 136 11.75 -21.96 5.93
C SER B 136 10.57 -20.98 5.82
N GLU B 137 9.34 -21.45 6.12
CA GLU B 137 8.17 -20.57 5.97
C GLU B 137 8.04 -19.65 7.17
N ALA B 138 7.36 -18.50 6.99
CA ALA B 138 7.26 -17.51 8.05
C ALA B 138 6.41 -17.99 9.23
N TRP B 139 5.43 -18.86 8.95
CA TRP B 139 4.56 -19.37 9.99
C TRP B 139 5.15 -20.52 10.82
N VAL B 140 6.35 -20.97 10.46
CA VAL B 140 7.14 -21.83 11.37
C VAL B 140 7.85 -20.87 12.36
N GLN B 141 7.34 -20.77 13.61
CA GLN B 141 7.85 -19.72 14.51
C GLN B 141 7.58 -20.17 15.91
N PRO B 142 8.29 -19.57 16.89
CA PRO B 142 8.07 -20.03 18.26
C PRO B 142 6.66 -19.67 18.73
N ILE B 143 6.16 -20.36 19.77
CA ILE B 143 4.82 -20.18 20.31
C ILE B 143 4.99 -20.01 21.79
N THR B 144 3.89 -19.69 22.46
CA THR B 144 3.96 -19.39 23.90
C THR B 144 3.17 -20.45 24.66
N ALA B 145 3.28 -20.46 25.99
CA ALA B 145 2.46 -21.42 26.76
C ALA B 145 0.98 -21.10 26.48
N ARG B 146 0.65 -19.82 26.36
CA ARG B 146 -0.76 -19.44 26.14
C ARG B 146 -1.32 -20.04 24.83
N ASP B 147 -0.47 -20.09 23.81
CA ASP B 147 -0.81 -20.67 22.52
C ASP B 147 -1.15 -22.16 22.67
N VAL B 148 -0.38 -22.84 23.50
CA VAL B 148 -0.66 -24.22 23.77
C VAL B 148 -2.00 -24.37 24.51
N TRP B 149 -2.28 -23.48 25.47
CA TRP B 149 -3.62 -23.48 26.12
C TRP B 149 -4.73 -23.19 25.15
N ARG B 150 -4.47 -22.33 24.18
CA ARG B 150 -5.48 -22.09 23.12
C ARG B 150 -5.82 -23.44 22.46
N ARG B 151 -4.79 -24.22 22.13
CA ARG B 151 -4.97 -25.50 21.39
C ARG B 151 -5.70 -26.48 22.29
N ILE B 152 -5.34 -26.49 23.55
CA ILE B 152 -6.00 -27.38 24.54
C ILE B 152 -7.47 -27.05 24.71
N TYR B 153 -7.78 -25.75 24.82
CA TYR B 153 -9.18 -25.31 24.91
C TYR B 153 -9.93 -25.69 23.63
N ALA B 154 -9.31 -25.45 22.48
CA ALA B 154 -9.94 -25.82 21.19
C ALA B 154 -10.40 -27.26 21.16
N ALA B 155 -9.60 -28.19 21.70
CA ALA B 155 -9.93 -29.64 21.57
C ALA B 155 -11.21 -29.91 22.35
N ASN B 156 -11.49 -29.06 23.34
CA ASN B 156 -12.68 -29.30 24.15
C ASN B 156 -13.97 -28.97 23.43
N LEU B 157 -13.89 -28.20 22.33
CA LEU B 157 -15.08 -27.60 21.71
C LEU B 157 -15.71 -28.43 20.60
N ALA B 158 -15.15 -29.63 20.38
CA ALA B 158 -15.51 -30.48 19.17
C ALA B 158 -16.96 -30.84 19.18
N GLY B 159 -17.58 -30.88 20.36
CA GLY B 159 -18.98 -31.36 20.48
C GLY B 159 -19.92 -30.18 20.30
N GLY B 160 -19.40 -28.96 20.24
CA GLY B 160 -20.32 -27.80 20.22
C GLY B 160 -19.77 -26.65 19.40
N TYR B 161 -19.03 -25.75 20.04
CA TYR B 161 -18.66 -24.51 19.30
C TYR B 161 -17.93 -24.80 17.98
N SER B 162 -17.05 -25.80 17.96
CA SER B 162 -16.23 -26.03 16.76
C SER B 162 -17.09 -26.35 15.55
N ASN B 163 -18.24 -27.03 15.74
CA ASN B 163 -19.13 -27.34 14.62
C ASN B 163 -19.81 -26.11 14.03
N PHE B 164 -19.77 -25.00 14.75
CA PHE B 164 -20.49 -23.81 14.35
C PHE B 164 -19.54 -22.62 14.20
N ALA B 165 -18.31 -22.90 13.79
CA ALA B 165 -17.25 -21.88 13.74
C ALA B 165 -17.62 -20.75 12.79
N GLU B 166 -18.07 -21.11 11.61
CA GLU B 166 -18.45 -20.11 10.61
C GLU B 166 -19.67 -19.31 11.01
N ALA B 167 -20.64 -19.98 11.64
CA ALA B 167 -21.88 -19.33 12.01
C ALA B 167 -21.65 -18.39 13.18
N ILE B 168 -20.78 -18.79 14.12
CA ILE B 168 -20.33 -17.91 15.26
C ILE B 168 -19.56 -16.71 14.71
N ALA B 169 -18.68 -16.95 13.72
CA ALA B 169 -17.82 -15.88 13.19
C ALA B 169 -18.62 -14.83 12.40
N ASN B 170 -19.87 -15.15 12.02
CA ASN B 170 -20.68 -14.26 11.19
C ASN B 170 -22.00 -13.89 11.86
N ALA B 171 -22.05 -14.00 13.18
CA ALA B 171 -23.26 -13.51 13.91
C ALA B 171 -23.14 -12.00 14.09
N GLN B 172 -24.00 -11.25 13.41
CA GLN B 172 -24.03 -9.78 13.57
C GLN B 172 -25.45 -9.23 13.65
N PRO B 173 -25.63 -8.16 14.44
CA PRO B 173 -26.95 -7.55 14.41
C PRO B 173 -27.15 -6.90 12.99
N PRO B 174 -28.39 -6.52 12.63
CA PRO B 174 -28.65 -5.84 11.32
C PRO B 174 -27.66 -4.66 11.08
N GLN B 175 -27.01 -4.67 9.91
CA GLN B 175 -25.98 -3.69 9.57
C GLN B 175 -26.62 -2.61 8.71
N ALA B 176 -26.64 -1.35 9.18
CA ALA B 176 -27.22 -0.27 8.41
C ALA B 176 -26.28 0.15 7.25
N LYS B 177 -24.97 -0.04 7.40
CA LYS B 177 -23.95 0.43 6.45
C LYS B 177 -23.21 -0.74 5.82
N ALA B 178 -22.84 -0.61 4.54
CA ALA B 178 -22.07 -1.65 3.85
C ALA B 178 -20.55 -1.35 3.89
N GLY B 179 -19.82 -1.95 4.84
CA GLY B 179 -18.33 -1.82 4.98
C GLY B 179 -17.42 -2.30 3.85
N ALA B 180 -16.10 -2.31 4.07
CA ALA B 180 -15.16 -2.78 3.02
C ALA B 180 -15.45 -4.24 2.63
N GLN B 181 -15.36 -4.56 1.34
CA GLN B 181 -15.66 -5.93 0.86
C GLN B 181 -14.68 -7.03 1.44
N GLU B 182 -15.25 -8.09 2.01
CA GLU B 182 -14.46 -9.22 2.55
C GLU B 182 -13.78 -10.19 1.50
N PRO B 183 -12.84 -11.05 1.97
CA PRO B 183 -12.24 -12.09 1.09
C PRO B 183 -13.30 -12.98 0.34
N ALA B 184 -12.88 -13.56 -0.80
CA ALA B 184 -13.70 -14.54 -1.59
C ALA B 184 -14.11 -15.80 -0.75
N ALA B 185 -15.08 -16.59 -1.23
CA ALA B 185 -15.58 -17.77 -0.49
C ALA B 185 -15.88 -18.93 -1.42
N PHE B 186 -14.85 -19.73 -1.74
CA PHE B 186 -14.90 -20.70 -2.87
C PHE B 186 -15.83 -21.93 -2.71
N GLU B 187 -16.29 -22.22 -1.48
CA GLU B 187 -17.13 -23.42 -1.19
C GLU B 187 -18.62 -23.12 -0.85
N PRO B 188 -19.55 -23.99 -1.34
CA PRO B 188 -20.92 -23.98 -0.74
C PRO B 188 -20.92 -24.18 0.80
N PRO B 194 -17.88 -30.85 10.22
CA PRO B 194 -17.09 -31.86 10.94
C PRO B 194 -17.90 -32.81 11.84
N SER B 195 -19.18 -33.04 11.50
CA SER B 195 -20.09 -33.86 12.32
C SER B 195 -19.45 -35.14 12.86
N LEU B 196 -19.55 -35.31 14.17
CA LEU B 196 -18.55 -36.02 15.00
C LEU B 196 -19.07 -37.44 15.22
N GLN B 197 -18.27 -38.44 14.91
CA GLN B 197 -18.80 -39.79 14.97
C GLN B 197 -17.63 -40.74 14.97
N GLY B 198 -17.91 -42.01 15.21
CA GLY B 198 -16.87 -43.05 15.00
C GLY B 198 -16.30 -43.60 16.30
N SER B 199 -15.53 -44.69 16.16
CA SER B 199 -14.66 -45.27 17.16
C SER B 199 -15.31 -46.51 17.72
N ASN B 200 -14.49 -47.52 17.99
CA ASN B 200 -14.93 -48.77 18.73
C ASN B 200 -14.11 -48.91 20.01
N MET B 201 -14.65 -49.59 21.01
CA MET B 201 -13.77 -50.05 22.15
C MET B 201 -14.42 -51.26 22.80
N TYR B 202 -13.62 -52.14 23.39
CA TYR B 202 -14.15 -53.20 24.21
C TYR B 202 -13.37 -53.15 25.51
N GLY B 203 -14.06 -53.45 26.62
CA GLY B 203 -13.40 -53.81 27.89
C GLY B 203 -13.87 -55.23 28.21
N PHE B 204 -12.95 -56.22 28.18
CA PHE B 204 -13.28 -57.57 28.61
C PHE B 204 -12.86 -57.79 30.03
N GLY B 205 -13.78 -58.29 30.82
CA GLY B 205 -13.48 -58.57 32.22
C GLY B 205 -12.96 -59.98 32.38
N THR B 206 -12.77 -60.41 33.63
CA THR B 206 -12.08 -61.66 33.84
C THR B 206 -12.93 -62.90 33.49
N ALA B 207 -14.25 -62.74 33.46
CA ALA B 207 -15.13 -63.87 32.98
C ALA B 207 -14.80 -64.09 31.49
N ALA B 208 -14.52 -63.01 30.78
CA ALA B 208 -14.23 -63.14 29.33
C ALA B 208 -12.81 -63.63 29.10
N THR B 209 -11.85 -63.25 29.94
CA THR B 209 -10.46 -63.52 29.57
C THR B 209 -10.04 -64.87 30.13
N GLY B 210 -10.66 -65.30 31.24
CA GLY B 210 -10.24 -66.53 31.97
C GLY B 210 -8.96 -66.28 32.78
N GLU B 211 -8.53 -65.02 32.90
CA GLU B 211 -7.25 -64.68 33.56
C GLU B 211 -7.46 -63.80 34.81
N GLY B 212 -6.36 -63.35 35.43
CA GLY B 212 -6.52 -62.56 36.63
C GLY B 212 -6.74 -61.11 36.30
N SER B 213 -6.66 -60.81 35.02
CA SER B 213 -6.97 -59.45 34.54
C SER B 213 -7.81 -59.47 33.23
N GLY B 214 -8.46 -58.36 33.02
CA GLY B 214 -9.22 -58.12 31.80
C GLY B 214 -8.33 -57.65 30.65
N VAL B 215 -8.97 -57.35 29.52
CA VAL B 215 -8.23 -56.91 28.32
C VAL B 215 -9.03 -55.70 27.79
N LEU B 216 -8.29 -54.64 27.44
CA LEU B 216 -8.83 -53.39 26.92
C LEU B 216 -8.48 -53.31 25.45
N PHE B 217 -9.48 -53.05 24.59
CA PHE B 217 -9.19 -52.81 23.16
C PHE B 217 -9.63 -51.38 22.83
N GLY B 218 -8.67 -50.51 22.46
CA GLY B 218 -8.91 -49.08 22.12
C GLY B 218 -8.77 -48.94 20.59
N ASN B 219 -9.78 -48.36 19.97
CA ASN B 219 -9.83 -48.25 18.49
C ASN B 219 -10.57 -46.97 18.10
N PRO B 220 -10.01 -45.81 18.45
CA PRO B 220 -10.57 -44.52 17.98
C PRO B 220 -10.52 -44.44 16.44
N HIS B 221 -11.62 -44.00 15.83
CA HIS B 221 -11.63 -43.80 14.38
C HIS B 221 -11.40 -42.36 14.20
N TRP B 222 -10.34 -41.98 13.49
CA TRP B 222 -9.96 -40.59 13.65
C TRP B 222 -9.13 -40.17 12.45
N TYR B 223 -8.61 -38.93 12.50
CA TYR B 223 -7.94 -38.33 11.32
C TYR B 223 -6.63 -38.93 11.07
N TRP B 224 -6.33 -39.14 9.79
CA TRP B 224 -4.96 -39.57 9.40
C TRP B 224 -4.02 -38.42 9.18
N LYS B 225 -4.55 -37.18 9.06
CA LYS B 225 -3.69 -35.96 8.85
C LYS B 225 -4.27 -34.82 9.66
N GLY B 226 -3.49 -33.76 9.99
CA GLY B 226 -4.03 -32.60 10.62
C GLY B 226 -3.71 -32.67 12.10
N PRO B 227 -3.94 -31.57 12.79
CA PRO B 227 -3.41 -31.41 14.15
C PRO B 227 -4.26 -32.15 15.16
N ASP B 228 -5.43 -32.62 14.74
CA ASP B 228 -6.17 -33.54 15.65
C ASP B 228 -5.65 -35.01 15.60
N ARG B 229 -4.72 -35.33 14.68
CA ARG B 229 -4.32 -36.73 14.57
C ARG B 229 -3.51 -37.15 15.81
N PHE B 230 -3.45 -38.46 16.09
CA PHE B 230 -2.75 -38.96 17.26
C PHE B 230 -1.26 -39.07 17.06
N TYR B 231 -0.56 -38.97 18.19
CA TYR B 231 0.87 -39.13 18.29
C TYR B 231 1.15 -40.05 19.51
N GLN B 232 1.91 -41.12 19.27
CA GLN B 232 2.10 -42.19 20.28
C GLN B 232 3.36 -41.94 21.04
N ALA B 233 3.29 -42.02 22.38
CA ALA B 233 4.46 -41.75 23.22
C ALA B 233 4.27 -42.27 24.64
N GLN B 234 5.38 -42.33 25.36
CA GLN B 234 5.37 -42.66 26.78
C GLN B 234 5.98 -41.51 27.53
N LEU B 235 5.37 -41.21 28.70
CA LEU B 235 5.91 -40.22 29.57
C LEU B 235 6.24 -40.89 30.92
N THR B 236 7.48 -40.70 31.38
CA THR B 236 7.98 -41.23 32.68
C THR B 236 8.43 -40.01 33.46
N ILE B 237 7.64 -39.62 34.46
CA ILE B 237 7.96 -38.46 35.31
C ILE B 237 8.35 -38.97 36.73
N ASP B 238 9.62 -38.82 37.09
CA ASP B 238 10.28 -39.40 38.29
C ASP B 238 9.30 -39.52 39.43
N GLY B 239 8.82 -40.71 39.69
CA GLY B 239 8.05 -40.95 40.89
C GLY B 239 6.59 -40.57 40.83
N GLU B 240 6.08 -40.06 39.71
CA GLU B 240 4.70 -39.58 39.72
C GLU B 240 3.84 -40.14 38.60
N ALA B 241 4.47 -40.54 37.50
CA ALA B 241 3.68 -41.07 36.40
C ALA B 241 4.53 -41.87 35.47
N ASN B 242 3.94 -42.90 34.91
CA ASN B 242 4.61 -43.66 33.87
C ASN B 242 3.42 -44.15 33.00
N VAL B 243 3.25 -43.49 31.86
CA VAL B 243 2.00 -43.65 31.07
C VAL B 243 2.40 -43.69 29.60
N SER B 244 1.63 -44.42 28.80
CA SER B 244 1.93 -44.62 27.38
C SER B 244 0.60 -44.62 26.64
N GLY B 245 0.61 -44.05 25.41
CA GLY B 245 -0.66 -44.02 24.65
C GLY B 245 -0.52 -42.93 23.60
N VAL B 246 -1.59 -42.20 23.36
CA VAL B 246 -1.59 -41.13 22.36
C VAL B 246 -2.16 -39.82 22.86
N SER B 247 -1.74 -38.73 22.20
CA SER B 247 -2.38 -37.43 22.47
C SER B 247 -2.61 -36.91 21.09
N PHE B 248 -3.56 -35.98 20.94
CA PHE B 248 -3.65 -35.21 19.65
C PHE B 248 -2.31 -34.44 19.58
N LEU B 249 -1.82 -34.09 18.38
CA LEU B 249 -0.65 -33.17 18.26
C LEU B 249 -0.96 -31.84 18.97
N GLY B 250 -0.02 -31.40 19.82
CA GLY B 250 -0.18 -30.18 20.59
C GLY B 250 -0.77 -30.37 21.95
N LEU B 251 -1.14 -31.61 22.30
CA LEU B 251 -1.61 -31.81 23.69
C LEU B 251 -0.52 -32.49 24.47
N PRO B 252 -0.37 -32.17 25.77
CA PRO B 252 0.78 -32.65 26.53
C PRO B 252 0.60 -33.85 27.41
N VAL B 253 -0.63 -34.34 27.61
CA VAL B 253 -0.82 -35.49 28.46
C VAL B 253 -1.52 -36.56 27.61
N ILE B 254 -1.43 -37.81 28.06
CA ILE B 254 -1.99 -38.93 27.24
C ILE B 254 -3.50 -39.04 27.36
N GLN B 255 -4.22 -39.06 26.21
CA GLN B 255 -5.69 -39.07 26.21
C GLN B 255 -6.29 -40.43 26.05
N ILE B 256 -5.59 -41.34 25.39
CA ILE B 256 -6.06 -42.74 25.32
C ILE B 256 -4.79 -43.56 25.55
N GLY B 257 -4.79 -44.49 26.51
CA GLY B 257 -3.56 -45.20 26.73
C GLY B 257 -3.67 -46.12 27.94
N PHE B 258 -2.56 -46.23 28.64
CA PHE B 258 -2.46 -47.16 29.76
C PHE B 258 -1.27 -46.82 30.66
N ASN B 259 -1.32 -47.34 31.87
CA ASN B 259 -0.14 -47.30 32.73
C ASN B 259 0.04 -48.67 33.35
N ASP B 260 0.83 -48.79 34.43
CA ASP B 260 1.07 -50.12 35.02
C ASP B 260 -0.18 -50.71 35.68
N SER B 261 -1.25 -49.92 35.82
CA SER B 261 -2.45 -50.29 36.60
C SER B 261 -3.79 -50.22 35.90
N VAL B 262 -3.97 -49.30 34.94
CA VAL B 262 -5.25 -49.18 34.23
C VAL B 262 -5.02 -48.93 32.73
N ALA B 263 -5.96 -49.38 31.89
CA ALA B 263 -5.91 -49.04 30.46
C ALA B 263 -7.28 -48.49 30.07
N TRP B 264 -7.33 -47.57 29.10
CA TRP B 264 -8.66 -46.98 28.80
C TRP B 264 -8.69 -46.51 27.38
N SER B 265 -9.90 -46.35 26.86
CA SER B 265 -10.10 -45.74 25.56
C SER B 265 -11.40 -44.90 25.54
N HIS B 266 -11.64 -44.21 24.39
CA HIS B 266 -12.79 -43.33 24.24
C HIS B 266 -13.44 -43.61 22.89
N THR B 267 -14.73 -43.45 22.84
CA THR B 267 -15.42 -43.35 21.53
C THR B 267 -16.30 -42.11 21.54
N VAL B 268 -16.67 -41.60 20.35
CA VAL B 268 -17.60 -40.41 20.37
C VAL B 268 -18.92 -40.79 21.03
N SER B 269 -19.41 -39.92 21.92
CA SER B 269 -20.69 -40.15 22.56
C SER B 269 -21.83 -39.54 21.77
N THR B 270 -23.01 -40.19 21.80
CA THR B 270 -24.21 -39.63 21.19
C THR B 270 -24.80 -38.48 22.02
N ALA B 271 -24.32 -38.31 23.24
CA ALA B 271 -24.94 -37.21 24.08
C ALA B 271 -24.62 -35.87 23.47
N ARG B 272 -25.66 -35.03 23.31
CA ARG B 272 -25.39 -33.66 22.88
C ARG B 272 -24.69 -32.82 23.94
N ARG B 273 -23.85 -31.90 23.48
CA ARG B 273 -23.01 -31.17 24.42
C ARG B 273 -23.31 -29.64 24.40
N PHE B 274 -24.30 -29.27 23.62
CA PHE B 274 -24.55 -27.81 23.36
C PHE B 274 -26.07 -27.64 23.18
N GLY B 275 -26.49 -26.38 23.19
CA GLY B 275 -27.87 -26.04 22.98
C GLY B 275 -27.91 -24.63 22.48
N PHE B 276 -29.09 -24.17 22.12
CA PHE B 276 -29.27 -22.79 21.71
C PHE B 276 -30.24 -22.05 22.65
N PHE B 277 -30.05 -20.72 22.73
CA PHE B 277 -30.88 -19.82 23.56
C PHE B 277 -31.36 -18.75 22.60
N GLN B 278 -32.67 -18.78 22.34
CA GLN B 278 -33.33 -17.73 21.57
C GLN B 278 -33.48 -16.50 22.46
N LEU B 279 -33.03 -15.35 21.96
CA LEU B 279 -32.97 -14.15 22.76
C LEU B 279 -34.05 -13.20 22.30
N SER B 280 -34.75 -12.58 23.25
CA SER B 280 -35.69 -11.52 22.89
C SER B 280 -35.00 -10.18 23.02
N LEU B 281 -34.97 -9.41 21.94
CA LEU B 281 -34.12 -8.22 21.95
C LEU B 281 -34.81 -6.99 22.51
N VAL B 282 -34.02 -6.10 23.09
CA VAL B 282 -34.52 -4.87 23.71
C VAL B 282 -34.93 -3.93 22.57
N GLN B 283 -36.07 -3.27 22.71
CA GLN B 283 -36.53 -2.27 21.72
C GLN B 283 -35.46 -1.25 21.43
N GLY B 284 -35.17 -1.04 20.14
CA GLY B 284 -34.20 -0.05 19.65
C GLY B 284 -32.77 -0.38 19.97
N GLU B 285 -32.52 -1.57 20.48
CA GLU B 285 -31.18 -1.95 20.90
C GLU B 285 -30.93 -3.42 20.58
N PRO B 286 -30.59 -3.73 19.30
CA PRO B 286 -30.54 -5.15 18.99
C PRO B 286 -29.29 -5.88 19.52
N THR B 287 -28.38 -5.20 20.23
CA THR B 287 -27.26 -5.92 20.89
C THR B 287 -27.50 -6.03 22.43
N SER B 288 -28.76 -5.80 22.87
CA SER B 288 -29.21 -6.07 24.24
C SER B 288 -30.37 -7.07 24.18
N TYR B 289 -30.48 -7.93 25.19
CA TYR B 289 -31.58 -8.93 25.27
C TYR B 289 -32.28 -8.91 26.68
N LEU B 290 -33.50 -9.43 26.76
CA LEU B 290 -34.35 -9.34 27.97
C LEU B 290 -34.19 -10.58 28.79
N ARG B 291 -33.96 -10.41 30.09
CA ARG B 291 -33.95 -11.58 30.97
C ARG B 291 -35.01 -11.32 32.01
N ASP B 292 -36.13 -12.04 31.94
CA ASP B 292 -37.27 -11.86 32.84
C ASP B 292 -37.57 -10.37 32.90
N GLY B 293 -37.64 -9.81 31.70
CA GLY B 293 -38.03 -8.41 31.50
C GLY B 293 -36.95 -7.36 31.79
N VAL B 294 -35.76 -7.80 32.17
CA VAL B 294 -34.67 -6.87 32.46
C VAL B 294 -33.67 -6.82 31.28
N PRO B 295 -33.36 -5.63 30.72
CA PRO B 295 -32.31 -5.54 29.65
C PRO B 295 -30.90 -5.92 30.09
N VAL B 296 -30.24 -6.74 29.26
CA VAL B 296 -28.86 -7.11 29.46
C VAL B 296 -28.11 -6.82 28.18
N LYS B 297 -26.99 -6.09 28.26
CA LYS B 297 -26.13 -5.86 27.07
C LYS B 297 -25.35 -7.11 26.75
N MET B 298 -25.29 -7.44 25.45
CA MET B 298 -24.28 -8.40 24.94
C MET B 298 -22.90 -7.75 25.12
N LYS B 299 -21.85 -8.56 25.23
CA LYS B 299 -20.50 -8.03 25.37
C LYS B 299 -19.92 -7.99 23.93
N PRO B 300 -19.56 -6.79 23.44
CA PRO B 300 -19.02 -6.71 22.07
C PRO B 300 -17.53 -6.97 22.06
N ALA B 301 -17.00 -7.53 20.97
CA ALA B 301 -15.54 -7.59 20.76
C ALA B 301 -15.32 -7.13 19.31
N THR B 302 -14.65 -6.00 19.10
CA THR B 302 -14.36 -5.52 17.72
C THR B 302 -13.02 -6.17 17.36
N ILE B 303 -13.06 -7.08 16.40
CA ILE B 303 -11.89 -7.93 16.11
C ILE B 303 -11.39 -7.59 14.71
N THR B 304 -10.09 -7.33 14.58
CA THR B 304 -9.52 -6.97 13.28
C THR B 304 -8.53 -8.10 12.94
N VAL B 305 -8.74 -8.74 11.79
CA VAL B 305 -7.91 -9.84 11.36
C VAL B 305 -7.14 -9.40 10.11
N PRO B 306 -5.79 -9.40 10.15
CA PRO B 306 -5.09 -9.03 8.88
C PRO B 306 -5.19 -10.23 7.90
N SER B 307 -5.43 -9.93 6.61
CA SER B 307 -5.64 -11.01 5.64
C SER B 307 -4.80 -10.74 4.37
N ARG B 308 -3.93 -11.69 4.02
CA ARG B 308 -3.02 -11.48 2.88
C ARG B 308 -3.78 -11.57 1.58
N ASN B 309 -3.44 -10.68 0.65
CA ASN B 309 -4.16 -10.56 -0.60
C ASN B 309 -3.49 -11.14 -1.82
N ALA B 310 -4.30 -11.22 -2.89
CA ALA B 310 -3.89 -10.89 -4.28
C ALA B 310 -2.39 -10.99 -4.53
N ASP B 311 -1.71 -9.94 -4.08
CA ASP B 311 -0.55 -9.31 -4.66
C ASP B 311 0.42 -8.95 -3.54
N GLY B 312 0.25 -9.67 -2.42
CA GLY B 312 1.08 -9.60 -1.21
C GLY B 312 0.86 -8.43 -0.27
N SER B 313 -0.08 -7.55 -0.62
CA SER B 313 -0.52 -6.55 0.32
C SER B 313 -1.33 -7.31 1.43
N VAL B 314 -1.54 -6.66 2.56
CA VAL B 314 -2.27 -7.29 3.66
C VAL B 314 -3.32 -6.26 3.94
N SER B 315 -4.57 -6.69 4.03
CA SER B 315 -5.59 -5.72 4.35
C SER B 315 -6.37 -6.15 5.61
N ASP B 316 -6.84 -5.18 6.41
CA ASP B 316 -7.51 -5.56 7.69
C ASP B 316 -8.96 -5.84 7.44
N VAL B 317 -9.46 -6.96 7.98
CA VAL B 317 -10.89 -7.26 8.02
C VAL B 317 -11.38 -7.09 9.49
N THR B 318 -12.39 -6.26 9.65
CA THR B 318 -12.90 -6.01 10.99
C THR B 318 -14.34 -6.44 11.09
N ARG B 319 -14.65 -7.15 12.16
CA ARG B 319 -16.05 -7.42 12.53
C ARG B 319 -16.23 -7.18 14.04
N THR B 320 -17.41 -6.66 14.46
CA THR B 320 -17.73 -6.69 15.88
C THR B 320 -18.63 -7.91 16.10
N LEU B 321 -18.18 -8.76 17.01
CA LEU B 321 -18.90 -10.01 17.37
C LEU B 321 -19.23 -9.89 18.88
N TYR B 322 -20.14 -10.76 19.31
CA TYR B 322 -20.80 -10.62 20.66
C TYR B 322 -20.93 -11.90 21.40
N HIS B 323 -20.90 -11.78 22.72
CA HIS B 323 -21.24 -12.87 23.63
C HIS B 323 -22.46 -12.49 24.43
N SER B 324 -23.29 -13.51 24.71
CA SER B 324 -24.36 -13.39 25.65
C SER B 324 -23.92 -14.11 26.95
N GLU B 325 -24.76 -14.07 27.99
CA GLU B 325 -24.41 -14.86 29.17
C GLU B 325 -24.37 -16.33 28.96
N PHE B 326 -25.00 -16.81 27.86
CA PHE B 326 -25.06 -18.22 27.53
C PHE B 326 -23.82 -18.69 26.78
N GLY B 327 -23.19 -17.78 26.02
CA GLY B 327 -22.14 -18.14 25.07
C GLY B 327 -22.22 -17.19 23.90
N PRO B 328 -21.39 -17.45 22.89
CA PRO B 328 -21.36 -16.55 21.73
C PRO B 328 -22.71 -16.51 20.93
N LEU B 329 -22.97 -15.38 20.32
CA LEU B 329 -24.05 -15.21 19.39
C LEU B 329 -23.69 -16.10 18.19
N VAL B 330 -24.72 -16.59 17.54
CA VAL B 330 -24.49 -17.53 16.42
C VAL B 330 -25.49 -17.20 15.31
N ASN B 331 -24.99 -17.17 14.08
CA ASN B 331 -25.82 -16.85 12.89
C ASN B 331 -26.51 -18.14 12.41
N LEU B 332 -27.85 -18.19 12.59
CA LEU B 332 -28.62 -19.43 12.24
C LEU B 332 -29.42 -19.31 10.93
N ALA B 333 -29.16 -18.26 10.16
CA ALA B 333 -29.90 -18.10 8.87
C ALA B 333 -29.69 -19.24 7.86
N GLY B 334 -28.54 -19.89 7.97
CA GLY B 334 -28.13 -20.92 7.04
C GLY B 334 -28.77 -22.20 7.49
N LEU B 335 -29.23 -22.23 8.74
CA LEU B 335 -30.06 -23.34 9.17
C LEU B 335 -31.48 -23.16 8.68
N ASN B 336 -32.02 -21.96 8.79
CA ASN B 336 -33.33 -21.68 8.33
C ASN B 336 -33.48 -20.17 8.25
N PRO B 337 -33.97 -19.64 7.13
CA PRO B 337 -33.77 -18.20 6.97
C PRO B 337 -34.61 -17.37 7.94
N ALA B 338 -35.60 -17.99 8.59
CA ALA B 338 -36.46 -17.25 9.55
C ALA B 338 -35.64 -16.94 10.82
N LEU B 339 -34.56 -17.70 10.99
CA LEU B 339 -33.68 -17.67 12.16
C LEU B 339 -32.60 -16.53 12.08
N ALA B 340 -32.95 -15.41 11.46
CA ALA B 340 -32.04 -14.28 11.29
C ALA B 340 -31.94 -13.50 12.60
N TRP B 341 -30.80 -12.88 12.84
CA TRP B 341 -30.71 -11.87 13.91
C TRP B 341 -31.43 -10.60 13.43
N SER B 342 -32.63 -10.33 13.95
CA SER B 342 -33.40 -9.15 13.51
C SER B 342 -33.45 -8.05 14.60
N GLN B 343 -34.38 -7.10 14.44
CA GLN B 343 -34.66 -6.13 15.50
C GLN B 343 -35.27 -6.81 16.74
N GLY B 344 -35.87 -8.00 16.60
CA GLY B 344 -36.62 -8.54 17.74
C GLY B 344 -36.03 -9.80 18.30
N THR B 345 -35.26 -10.53 17.49
CA THR B 345 -34.69 -11.81 17.94
C THR B 345 -33.27 -12.06 17.48
N ALA B 346 -32.51 -12.75 18.35
CA ALA B 346 -31.20 -13.26 18.01
C ALA B 346 -31.04 -14.61 18.67
N PHE B 347 -29.97 -15.31 18.31
CA PHE B 347 -29.67 -16.68 18.85
C PHE B 347 -28.26 -16.76 19.38
N ALA B 348 -28.14 -17.37 20.55
CA ALA B 348 -26.82 -17.70 21.10
C ALA B 348 -26.62 -19.20 21.18
N ILE B 349 -25.37 -19.66 21.14
CA ILE B 349 -25.15 -21.09 21.35
C ILE B 349 -24.40 -21.26 22.66
N ARG B 350 -24.75 -22.31 23.41
CA ARG B 350 -24.00 -22.64 24.65
C ARG B 350 -23.40 -24.00 24.51
N ASP B 351 -22.10 -24.09 24.70
CA ASP B 351 -21.43 -25.41 24.73
C ASP B 351 -21.02 -25.61 26.19
N ILE B 352 -21.54 -26.69 26.78
CA ILE B 352 -21.16 -27.05 28.19
C ILE B 352 -19.65 -27.01 28.41
N ASN B 353 -18.91 -27.38 27.37
CA ASN B 353 -17.43 -27.41 27.50
C ASN B 353 -16.79 -26.07 27.45
N GLY B 354 -17.58 -25.05 27.09
CA GLY B 354 -17.04 -23.66 27.09
C GLY B 354 -16.55 -23.23 28.47
N GLU B 355 -17.23 -23.73 29.51
CA GLU B 355 -16.88 -23.43 30.89
C GLU B 355 -16.26 -24.58 31.69
N ASN B 356 -15.74 -25.57 30.96
CA ASN B 356 -15.22 -26.82 31.51
C ASN B 356 -13.71 -26.74 31.36
N PHE B 357 -13.04 -26.38 32.43
CA PHE B 357 -11.60 -26.20 32.40
C PHE B 357 -10.88 -27.41 33.03
N ARG B 358 -11.61 -28.54 33.16
CA ARG B 358 -11.13 -29.66 33.98
C ARG B 358 -10.64 -30.87 33.16
N THR B 359 -10.73 -30.82 31.83
CA THR B 359 -10.47 -32.09 31.05
C THR B 359 -8.98 -32.45 31.06
N LEU B 360 -8.13 -31.44 30.91
CA LEU B 360 -6.72 -31.80 30.79
C LEU B 360 -6.24 -32.37 32.11
N ARG B 361 -6.66 -31.79 33.24
CA ARG B 361 -6.22 -32.33 34.53
C ARG B 361 -6.86 -33.70 34.78
N THR B 362 -8.02 -33.98 34.16
CA THR B 362 -8.59 -35.29 34.31
C THR B 362 -7.74 -36.38 33.62
N TRP B 363 -7.32 -36.15 32.38
CA TRP B 363 -6.39 -37.07 31.74
C TRP B 363 -5.11 -37.14 32.49
N MET B 364 -4.57 -36.00 32.97
CA MET B 364 -3.34 -36.06 33.78
C MET B 364 -3.50 -37.02 34.99
N ARG B 365 -4.60 -36.87 35.73
CA ARG B 365 -4.86 -37.72 36.88
C ARG B 365 -5.02 -39.20 36.50
N TRP B 366 -5.75 -39.48 35.41
CA TRP B 366 -5.80 -40.87 34.90
C TRP B 366 -4.44 -41.38 34.51
N ASN B 367 -3.60 -40.52 33.90
CA ASN B 367 -2.24 -41.02 33.54
C ASN B 367 -1.49 -41.53 34.76
N GLN B 368 -1.78 -40.95 35.94
CA GLN B 368 -1.12 -41.29 37.21
C GLN B 368 -1.93 -42.30 38.07
N ALA B 369 -3.12 -42.71 37.60
CA ALA B 369 -4.02 -43.59 38.43
C ALA B 369 -3.41 -44.94 38.71
N LYS B 370 -3.64 -45.46 39.94
CA LYS B 370 -2.96 -46.70 40.36
C LYS B 370 -3.97 -47.85 40.44
N SER B 371 -5.21 -47.59 40.06
CA SER B 371 -6.23 -48.71 40.03
C SER B 371 -7.39 -48.28 39.19
N LEU B 372 -8.22 -49.24 38.79
CA LEU B 372 -9.46 -48.85 38.16
C LEU B 372 -10.38 -48.10 39.15
N ASP B 373 -10.38 -48.50 40.42
CA ASP B 373 -11.20 -47.74 41.32
C ASP B 373 -10.83 -46.25 41.35
N GLU B 374 -9.52 -45.95 41.37
CA GLU B 374 -9.12 -44.58 41.35
C GLU B 374 -9.52 -43.87 40.02
N PHE B 375 -9.35 -44.58 38.94
CA PHE B 375 -9.74 -44.09 37.62
C PHE B 375 -11.24 -43.70 37.63
N ILE B 376 -12.10 -44.57 38.21
CA ILE B 376 -13.56 -44.24 38.28
C ILE B 376 -13.81 -43.03 39.20
N ALA B 377 -13.15 -43.02 40.39
CA ALA B 377 -13.30 -41.89 41.32
C ALA B 377 -12.96 -40.55 40.64
N ILE B 378 -11.83 -40.52 39.91
CA ILE B 378 -11.41 -39.33 39.20
C ILE B 378 -12.49 -38.94 38.17
N GLN B 379 -12.97 -39.92 37.39
CA GLN B 379 -13.95 -39.60 36.34
C GLN B 379 -15.20 -38.93 36.98
N LYS B 380 -15.66 -39.46 38.09
CA LYS B 380 -16.84 -38.88 38.81
C LYS B 380 -16.54 -37.55 39.49
N GLU B 381 -15.38 -37.45 40.12
N GLU B 381 -15.38 -37.43 40.13
CA GLU B 381 -14.99 -36.19 40.78
CA GLU B 381 -15.00 -36.16 40.75
C GLU B 381 -14.86 -35.04 39.77
C GLU B 381 -14.92 -35.03 39.74
N GLU B 382 -14.30 -35.32 38.59
CA GLU B 382 -14.12 -34.29 37.55
C GLU B 382 -15.39 -34.04 36.70
N ALA B 383 -16.11 -35.12 36.36
CA ALA B 383 -17.30 -35.07 35.48
C ALA B 383 -16.97 -34.12 34.33
N SER B 384 -15.84 -34.37 33.67
CA SER B 384 -15.29 -33.36 32.75
C SER B 384 -15.15 -33.89 31.32
N ILE B 385 -15.23 -35.20 31.15
CA ILE B 385 -14.99 -35.76 29.83
C ILE B 385 -15.96 -35.08 28.81
N PRO B 386 -15.41 -34.50 27.71
CA PRO B 386 -16.24 -33.47 27.03
C PRO B 386 -17.20 -33.92 25.92
N TRP B 387 -16.87 -35.02 25.21
CA TRP B 387 -17.73 -35.43 24.11
C TRP B 387 -17.55 -36.92 23.79
N VAL B 388 -17.07 -37.71 24.75
CA VAL B 388 -16.79 -39.14 24.48
C VAL B 388 -17.26 -40.02 25.64
N ASN B 389 -17.60 -41.25 25.26
CA ASN B 389 -17.65 -42.43 26.14
C ASN B 389 -16.25 -42.82 26.63
N THR B 390 -16.22 -43.55 27.75
CA THR B 390 -14.98 -44.09 28.30
C THR B 390 -15.19 -45.52 28.61
N VAL B 391 -14.20 -46.35 28.19
CA VAL B 391 -14.05 -47.72 28.73
C VAL B 391 -12.69 -47.93 29.37
N ALA B 392 -12.64 -48.64 30.55
CA ALA B 392 -11.38 -48.87 31.19
C ALA B 392 -11.32 -50.30 31.76
N VAL B 393 -10.08 -50.82 31.86
CA VAL B 393 -9.82 -52.15 32.51
C VAL B 393 -8.71 -51.89 33.52
N GLY B 394 -8.79 -52.49 34.70
CA GLY B 394 -7.73 -52.28 35.70
C GLY B 394 -7.01 -53.55 36.08
N ARG B 395 -5.74 -53.44 36.43
CA ARG B 395 -4.99 -54.59 36.94
C ARG B 395 -5.72 -55.05 38.21
N GLY B 396 -5.97 -56.34 38.32
CA GLY B 396 -6.57 -56.94 39.54
C GLY B 396 -8.07 -56.66 39.78
N SER B 397 -8.80 -56.16 38.77
CA SER B 397 -10.24 -55.96 38.83
C SER B 397 -10.91 -57.01 37.97
N ALA B 398 -12.01 -57.56 38.50
CA ALA B 398 -12.84 -58.54 37.76
C ALA B 398 -13.64 -57.87 36.63
N LYS B 399 -14.21 -56.70 36.90
CA LYS B 399 -15.10 -56.06 35.96
C LYS B 399 -14.44 -54.97 35.14
N ALA B 400 -14.83 -54.92 33.85
CA ALA B 400 -14.50 -53.76 32.96
C ALA B 400 -15.54 -52.66 33.23
N TRP B 401 -15.15 -51.41 33.00
CA TRP B 401 -15.97 -50.23 33.22
C TRP B 401 -16.38 -49.57 31.94
N TYR B 402 -17.65 -49.13 31.85
CA TYR B 402 -18.12 -48.31 30.73
C TYR B 402 -18.76 -47.07 31.39
N ALA B 403 -18.57 -45.90 30.78
CA ALA B 403 -19.35 -44.74 31.27
C ALA B 403 -19.47 -43.67 30.21
N ASP B 404 -20.61 -42.96 30.21
CA ASP B 404 -20.68 -41.70 29.50
C ASP B 404 -20.78 -40.63 30.61
N ILE B 405 -19.77 -40.56 31.46
CA ILE B 405 -19.82 -39.69 32.65
C ILE B 405 -18.86 -38.58 32.22
N GLY B 406 -19.38 -37.37 32.12
CA GLY B 406 -18.56 -36.25 31.61
C GLY B 406 -19.42 -35.01 31.70
N ALA B 407 -19.07 -33.99 30.92
CA ALA B 407 -19.83 -32.72 30.99
C ALA B 407 -20.98 -32.74 29.97
N VAL B 408 -22.24 -32.60 30.47
CA VAL B 408 -23.42 -32.72 29.59
C VAL B 408 -24.48 -31.70 30.05
N PRO B 409 -25.11 -30.97 29.11
CA PRO B 409 -26.17 -30.00 29.47
C PRO B 409 -27.29 -30.68 30.22
N ASN B 410 -27.81 -30.01 31.23
CA ASN B 410 -28.83 -30.57 32.13
C ASN B 410 -30.14 -29.83 31.88
N VAL B 411 -31.07 -30.49 31.20
CA VAL B 411 -32.45 -29.95 31.04
C VAL B 411 -33.50 -30.97 31.48
N SER B 412 -34.63 -30.52 32.01
CA SER B 412 -35.67 -31.48 32.37
C SER B 412 -36.69 -31.73 31.25
N PRO B 413 -37.43 -32.87 31.30
CA PRO B 413 -38.51 -32.96 30.29
C PRO B 413 -39.54 -31.83 30.33
N ALA B 414 -39.91 -31.40 31.54
CA ALA B 414 -40.79 -30.22 31.72
C ALA B 414 -40.23 -28.98 31.01
N GLN B 415 -38.94 -28.67 31.17
CA GLN B 415 -38.35 -27.57 30.42
C GLN B 415 -38.39 -27.82 28.91
N THR B 416 -38.07 -29.03 28.46
CA THR B 416 -38.10 -29.27 27.02
C THR B 416 -39.52 -29.01 26.51
N ALA B 417 -40.54 -29.42 27.28
CA ALA B 417 -41.91 -29.11 26.88
C ALA B 417 -42.26 -27.60 26.96
N ALA B 418 -41.78 -26.84 27.94
CA ALA B 418 -42.31 -25.47 28.11
C ALA B 418 -41.36 -24.39 27.58
N CYS B 419 -40.08 -24.74 27.41
CA CYS B 419 -39.04 -23.76 27.06
C CYS B 419 -38.67 -23.77 25.56
N THR B 420 -39.03 -24.83 24.83
CA THR B 420 -38.73 -24.87 23.41
C THR B 420 -39.58 -23.88 22.62
N THR B 421 -38.95 -22.99 21.86
CA THR B 421 -39.75 -21.93 21.20
C THR B 421 -40.30 -22.52 19.89
N PRO B 422 -41.20 -21.78 19.19
CA PRO B 422 -41.69 -22.27 17.89
C PRO B 422 -40.58 -22.47 16.88
N PHE B 423 -39.60 -21.59 16.89
CA PHE B 423 -38.35 -21.84 16.12
C PHE B 423 -37.62 -23.11 16.50
N GLY B 424 -37.39 -23.30 17.80
CA GLY B 424 -36.80 -24.55 18.31
C GLY B 424 -37.54 -25.80 17.85
N MET B 425 -38.88 -25.75 17.88
CA MET B 425 -39.66 -26.89 17.42
CA MET B 425 -39.70 -26.85 17.39
C MET B 425 -39.42 -27.11 15.91
N ALA B 426 -39.36 -26.03 15.15
CA ALA B 426 -39.35 -26.13 13.69
C ALA B 426 -38.07 -26.69 13.17
N VAL B 427 -37.01 -26.50 13.92
CA VAL B 427 -35.65 -26.88 13.57
C VAL B 427 -35.20 -28.07 14.39
N GLY B 428 -36.06 -28.54 15.30
CA GLY B 428 -35.66 -29.68 16.11
C GLY B 428 -35.37 -30.95 15.33
N GLN B 429 -36.07 -31.18 14.21
CA GLN B 429 -35.67 -32.36 13.41
C GLN B 429 -34.22 -32.35 12.91
N ALA B 430 -33.67 -31.19 12.58
CA ALA B 430 -32.26 -31.17 12.16
C ALA B 430 -31.32 -31.34 13.37
N LEU B 431 -31.81 -31.16 14.58
CA LEU B 431 -30.91 -31.13 15.74
C LEU B 431 -31.53 -31.97 16.90
N PRO B 432 -31.68 -33.28 16.68
CA PRO B 432 -32.38 -34.09 17.70
C PRO B 432 -31.68 -34.07 19.05
N ASN B 433 -32.52 -33.88 20.07
CA ASN B 433 -32.10 -33.86 21.49
C ASN B 433 -31.28 -32.61 21.87
N VAL B 434 -31.15 -31.61 20.98
CA VAL B 434 -30.44 -30.34 21.32
C VAL B 434 -31.45 -29.38 21.99
N PRO B 435 -31.21 -28.93 23.24
CA PRO B 435 -32.25 -28.03 23.82
C PRO B 435 -32.19 -26.60 23.11
N PHE B 436 -33.35 -26.09 22.67
CA PHE B 436 -33.41 -24.85 21.88
C PHE B 436 -34.46 -24.05 22.63
N PHE B 437 -33.96 -23.30 23.61
CA PHE B 437 -34.82 -22.77 24.66
C PHE B 437 -34.96 -21.27 24.60
N ASP B 438 -36.02 -20.80 25.24
CA ASP B 438 -36.30 -19.39 25.44
C ASP B 438 -35.32 -18.76 26.44
N GLY B 439 -34.34 -18.05 25.89
CA GLY B 439 -33.30 -17.39 26.71
C GLY B 439 -33.76 -16.15 27.42
N SER B 440 -35.02 -15.75 27.22
CA SER B 440 -35.54 -14.62 27.99
C SER B 440 -36.11 -15.00 29.38
N ARG B 441 -36.19 -16.29 29.71
CA ARG B 441 -36.77 -16.78 30.97
C ARG B 441 -35.72 -17.55 31.76
N SER B 442 -35.42 -17.11 33.01
CA SER B 442 -34.37 -17.79 33.82
C SER B 442 -34.82 -19.21 34.14
N GLU B 443 -36.15 -19.44 34.14
CA GLU B 443 -36.70 -20.80 34.33
C GLU B 443 -36.22 -21.78 33.23
N CYS B 444 -35.77 -21.26 32.08
CA CYS B 444 -35.24 -22.14 31.02
C CYS B 444 -33.73 -22.28 31.04
N ASP B 445 -33.05 -21.69 32.02
CA ASP B 445 -31.59 -21.91 32.14
C ASP B 445 -31.34 -23.39 32.45
N TRP B 446 -30.24 -23.93 31.91
CA TRP B 446 -29.88 -25.31 32.27
C TRP B 446 -29.76 -25.46 33.76
N LEU B 447 -30.16 -26.64 34.23
CA LEU B 447 -30.35 -26.93 35.68
C LEU B 447 -29.04 -27.44 36.32
N THR B 448 -28.99 -27.36 37.64
CA THR B 448 -27.88 -27.83 38.42
C THR B 448 -28.39 -28.78 39.49
N ASP B 449 -27.93 -30.03 39.49
CA ASP B 449 -28.35 -31.02 40.47
C ASP B 449 -27.47 -30.90 41.70
N ALA B 450 -27.90 -31.53 42.80
CA ALA B 450 -27.13 -31.52 44.00
C ALA B 450 -25.76 -32.11 43.79
N ASP B 451 -25.61 -33.10 42.88
CA ASP B 451 -24.29 -33.69 42.62
C ASP B 451 -23.72 -33.28 41.24
N SER B 452 -24.14 -32.12 40.74
CA SER B 452 -23.46 -31.52 39.54
C SER B 452 -22.12 -30.94 39.96
N VAL B 453 -21.08 -31.24 39.23
CA VAL B 453 -19.78 -30.68 39.46
C VAL B 453 -19.70 -29.28 38.84
N GLN B 454 -20.46 -29.05 37.77
CA GLN B 454 -20.47 -27.77 37.07
C GLN B 454 -21.90 -27.25 36.89
N LYS B 455 -22.11 -25.94 37.08
CA LYS B 455 -23.47 -25.31 36.94
C LYS B 455 -24.03 -25.69 35.56
N GLY B 456 -25.29 -26.08 35.47
CA GLY B 456 -25.87 -26.31 34.14
C GLY B 456 -25.62 -27.70 33.56
N ALA B 457 -24.84 -28.53 34.27
CA ALA B 457 -24.48 -29.87 33.77
C ALA B 457 -25.18 -30.97 34.59
N VAL B 458 -25.33 -32.15 33.98
CA VAL B 458 -26.06 -33.27 34.58
C VAL B 458 -25.25 -33.77 35.77
N GLY B 459 -25.92 -33.94 36.90
CA GLY B 459 -25.28 -34.52 38.09
C GLY B 459 -24.73 -35.95 37.87
N VAL B 460 -23.70 -36.31 38.67
CA VAL B 460 -22.93 -37.57 38.43
C VAL B 460 -23.79 -38.84 38.50
N SER B 461 -24.70 -38.90 39.48
CA SER B 461 -25.62 -40.06 39.61
C SER B 461 -26.59 -40.25 38.45
N ARG B 462 -26.75 -39.24 37.60
CA ARG B 462 -27.73 -39.28 36.50
C ARG B 462 -27.07 -39.46 35.12
N MET B 463 -25.86 -39.94 35.11
CA MET B 463 -25.09 -40.20 33.87
C MET B 463 -24.77 -41.68 33.86
N PRO B 464 -24.82 -42.32 32.65
CA PRO B 464 -24.85 -43.79 32.59
C PRO B 464 -23.49 -44.40 32.78
N SER B 465 -23.49 -45.54 33.46
CA SER B 465 -22.21 -46.35 33.54
C SER B 465 -22.58 -47.79 33.79
N LEU B 466 -21.61 -48.70 33.61
CA LEU B 466 -21.89 -50.11 33.79
C LEU B 466 -20.59 -50.80 34.03
N GLN B 467 -20.59 -51.73 34.99
CA GLN B 467 -19.46 -52.67 35.14
C GLN B 467 -19.85 -54.10 34.79
N ARG B 468 -19.00 -54.83 34.06
CA ARG B 468 -19.34 -56.23 33.70
C ARG B 468 -18.11 -57.10 33.81
N ASP B 469 -18.30 -58.32 34.31
CA ASP B 469 -17.19 -59.30 34.25
C ASP B 469 -16.99 -59.95 32.89
N ASP B 470 -17.98 -59.83 31.98
CA ASP B 470 -17.82 -60.38 30.63
C ASP B 470 -17.23 -59.33 29.66
N TYR B 471 -18.09 -58.40 29.23
CA TYR B 471 -17.62 -57.28 28.40
C TYR B 471 -18.46 -56.01 28.52
N VAL B 472 -17.85 -54.87 28.18
CA VAL B 472 -18.62 -53.71 27.81
C VAL B 472 -18.09 -53.25 26.46
N GLY B 473 -18.95 -52.62 25.65
CA GLY B 473 -18.51 -52.29 24.28
C GLY B 473 -19.25 -51.02 23.89
N ASN B 474 -18.58 -50.16 23.12
CA ASN B 474 -19.32 -49.08 22.45
C ASN B 474 -18.75 -48.85 21.03
N MET B 475 -19.66 -48.61 20.10
CA MET B 475 -19.31 -48.32 18.68
C MET B 475 -20.03 -47.06 18.26
N ASN B 476 -20.27 -46.11 19.17
CA ASN B 476 -20.90 -44.83 18.74
CA ASN B 476 -20.87 -44.77 18.88
C ASN B 476 -22.39 -44.82 18.63
N ASP B 477 -23.06 -45.86 19.12
CA ASP B 477 -24.48 -45.71 19.45
C ASP B 477 -24.51 -45.21 20.91
N SER B 478 -25.73 -45.02 21.46
CA SER B 478 -25.91 -44.42 22.79
C SER B 478 -25.38 -45.44 23.81
N TYR B 479 -25.33 -45.03 25.09
CA TYR B 479 -25.01 -45.91 26.20
C TYR B 479 -25.87 -47.21 26.34
N TRP B 480 -27.04 -47.23 25.71
CA TRP B 480 -28.05 -48.25 25.92
C TRP B 480 -27.46 -49.66 25.95
N LEU B 481 -26.71 -50.02 24.92
CA LEU B 481 -26.13 -51.41 24.83
C LEU B 481 -24.67 -51.50 25.17
N ALA B 482 -24.24 -50.85 26.24
CA ALA B 482 -22.88 -51.11 26.75
C ALA B 482 -22.60 -52.65 26.86
N ASN B 483 -23.61 -53.41 27.28
CA ASN B 483 -23.54 -54.86 27.19
C ASN B 483 -24.92 -55.38 26.78
N VAL B 484 -25.01 -56.21 25.76
CA VAL B 484 -26.32 -56.49 25.23
C VAL B 484 -27.21 -57.29 26.24
N HIS B 485 -26.57 -57.95 27.24
CA HIS B 485 -27.31 -58.77 28.22
C HIS B 485 -27.90 -57.95 29.34
N ALA B 486 -27.48 -56.70 29.45
CA ALA B 486 -27.83 -55.83 30.56
C ALA B 486 -28.01 -54.40 29.97
N PRO B 487 -29.02 -54.21 29.13
CA PRO B 487 -29.19 -52.85 28.63
C PRO B 487 -29.47 -51.83 29.73
N LEU B 488 -28.98 -50.61 29.50
CA LEU B 488 -29.13 -49.49 30.43
C LEU B 488 -30.24 -48.63 29.93
N THR B 489 -31.14 -48.21 30.83
CA THR B 489 -32.21 -47.31 30.45
C THR B 489 -32.44 -46.32 31.56
N GLY B 490 -33.28 -45.32 31.25
CA GLY B 490 -33.80 -44.37 32.21
C GLY B 490 -32.87 -43.18 32.48
N TYR B 491 -31.84 -42.99 31.66
CA TYR B 491 -30.97 -41.82 31.84
C TYR B 491 -31.48 -40.65 31.01
N PRO B 492 -30.90 -39.46 31.19
CA PRO B 492 -31.64 -38.34 30.53
C PRO B 492 -31.64 -38.45 29.00
N ALA B 493 -32.70 -37.91 28.40
CA ALA B 493 -32.91 -38.02 26.96
C ALA B 493 -31.74 -37.50 26.16
N ILE B 494 -31.02 -36.50 26.68
CA ILE B 494 -29.90 -35.90 25.95
C ILE B 494 -28.82 -36.90 25.60
N PHE B 495 -28.70 -37.98 26.39
CA PHE B 495 -27.71 -39.01 26.10
C PHE B 495 -28.00 -39.81 24.83
N GLY B 496 -29.24 -39.82 24.35
CA GLY B 496 -29.52 -40.55 23.12
C GLY B 496 -30.61 -41.59 23.44
N PRO B 497 -31.19 -42.21 22.41
CA PRO B 497 -32.28 -43.20 22.61
C PRO B 497 -31.80 -44.49 23.34
N ALA B 498 -32.67 -45.09 24.13
CA ALA B 498 -32.32 -46.33 24.76
C ALA B 498 -33.41 -47.40 24.55
N GLY B 499 -33.51 -47.92 23.33
CA GLY B 499 -34.34 -49.02 23.01
C GLY B 499 -35.38 -48.63 21.99
N THR B 500 -35.37 -47.40 21.54
CA THR B 500 -36.39 -47.01 20.55
C THR B 500 -35.82 -46.88 19.14
N SER B 501 -34.48 -46.75 19.00
CA SER B 501 -33.87 -46.66 17.64
C SER B 501 -33.04 -47.90 17.34
N ALA B 502 -33.10 -48.33 16.08
CA ALA B 502 -32.21 -49.34 15.54
C ALA B 502 -30.75 -48.93 15.82
N GLN B 503 -29.88 -49.93 16.05
CA GLN B 503 -28.47 -49.66 16.16
C GLN B 503 -27.82 -49.63 14.75
N THR B 504 -26.62 -49.02 14.64
CA THR B 504 -25.98 -48.94 13.34
C THR B 504 -25.49 -50.36 13.01
N LEU B 505 -25.27 -50.63 11.73
CA LEU B 505 -24.62 -51.91 11.37
C LEU B 505 -23.30 -52.14 12.08
N ARG B 506 -22.52 -51.07 12.32
CA ARG B 506 -21.21 -51.24 12.96
C ARG B 506 -21.40 -51.68 14.44
N THR B 507 -22.36 -51.03 15.11
CA THR B 507 -22.69 -51.48 16.49
C THR B 507 -23.14 -52.98 16.46
N ARG B 508 -23.99 -53.33 15.50
CA ARG B 508 -24.53 -54.68 15.39
C ARG B 508 -23.36 -55.64 15.18
N MET B 509 -22.45 -55.26 14.29
CA MET B 509 -21.25 -56.09 14.05
C MET B 509 -20.38 -56.22 15.34
N GLY B 510 -20.12 -55.09 16.02
CA GLY B 510 -19.22 -55.07 17.18
C GLY B 510 -19.71 -55.98 18.30
N HIS B 511 -21.00 -55.84 18.63
CA HIS B 511 -21.54 -56.68 19.70
C HIS B 511 -21.65 -58.14 19.24
N THR B 512 -21.96 -58.35 17.98
CA THR B 512 -21.99 -59.73 17.41
C THR B 512 -20.62 -60.40 17.63
N MET B 513 -19.55 -59.67 17.31
CA MET B 513 -18.17 -60.16 17.47
C MET B 513 -17.92 -60.49 18.91
N ALA B 514 -18.35 -59.67 19.87
CA ALA B 514 -18.06 -59.98 21.28
C ALA B 514 -18.79 -61.22 21.70
N LEU B 515 -20.08 -61.31 21.37
CA LEU B 515 -20.86 -62.47 21.79
C LEU B 515 -20.29 -63.80 21.17
N GLU B 516 -19.96 -63.77 19.89
CA GLU B 516 -19.48 -64.97 19.21
C GLU B 516 -18.05 -65.36 19.70
N ARG B 517 -17.24 -64.40 20.10
CA ARG B 517 -16.00 -64.74 20.75
C ARG B 517 -16.28 -65.54 22.04
N LEU B 518 -17.13 -65.03 22.93
CA LEU B 518 -17.34 -65.65 24.22
C LEU B 518 -18.17 -66.94 24.06
N ALA B 519 -18.89 -67.06 22.96
CA ALA B 519 -19.58 -68.33 22.66
C ALA B 519 -18.64 -69.35 21.99
N GLY B 520 -17.49 -68.92 21.56
CA GLY B 520 -16.56 -69.79 20.79
C GLY B 520 -17.05 -70.16 19.40
N THR B 521 -17.83 -69.28 18.76
CA THR B 521 -18.43 -69.59 17.46
C THR B 521 -17.91 -68.66 16.35
N ASP B 522 -16.83 -67.92 16.59
CA ASP B 522 -16.36 -67.04 15.57
C ASP B 522 -15.14 -67.60 14.80
N GLY B 523 -14.81 -68.87 15.00
CA GLY B 523 -13.74 -69.50 14.21
C GLY B 523 -12.37 -69.20 14.80
N TYR B 524 -12.28 -68.37 15.87
CA TYR B 524 -11.00 -68.27 16.61
C TYR B 524 -10.87 -69.35 17.70
N ALA B 525 -9.68 -69.43 18.31
CA ALA B 525 -9.42 -70.52 19.26
C ALA B 525 -10.21 -70.30 20.54
N GLY B 526 -10.82 -71.40 21.06
CA GLY B 526 -11.49 -71.48 22.36
C GLY B 526 -12.60 -70.43 22.45
N ASN B 527 -12.78 -69.89 23.67
CA ASN B 527 -13.95 -68.97 23.91
C ASN B 527 -13.59 -67.78 24.83
N LYS B 528 -12.28 -67.54 24.96
CA LYS B 528 -11.77 -66.45 25.79
C LYS B 528 -11.31 -65.19 24.99
N ALA B 529 -11.63 -63.99 25.51
CA ALA B 529 -11.16 -62.77 24.85
C ALA B 529 -9.73 -62.45 25.33
N THR B 530 -8.75 -63.33 25.02
CA THR B 530 -7.37 -63.03 25.47
C THR B 530 -6.72 -61.99 24.56
N SER B 531 -5.59 -61.42 24.99
CA SER B 531 -4.95 -60.41 24.18
C SER B 531 -4.63 -60.97 22.77
N ALA B 532 -4.12 -62.18 22.70
CA ALA B 532 -3.69 -62.71 21.41
C ALA B 532 -4.88 -62.91 20.45
N VAL B 533 -6.00 -63.42 20.97
CA VAL B 533 -7.21 -63.61 20.10
C VAL B 533 -7.79 -62.25 19.72
N VAL B 534 -7.87 -61.33 20.68
CA VAL B 534 -8.48 -60.00 20.41
C VAL B 534 -7.71 -59.27 19.30
N ARG B 535 -6.35 -59.41 19.32
CA ARG B 535 -5.50 -58.84 18.24
C ARG B 535 -5.93 -59.24 16.83
N GLU B 536 -6.27 -60.54 16.64
CA GLU B 536 -6.76 -61.03 15.34
C GLU B 536 -8.19 -60.61 15.10
N MET B 537 -9.04 -60.91 16.07
CA MET B 537 -10.48 -60.63 15.95
C MET B 537 -10.80 -59.21 15.39
N VAL B 538 -10.11 -58.21 15.93
CA VAL B 538 -10.51 -56.81 15.70
C VAL B 538 -10.04 -56.37 14.31
N LEU B 539 -9.16 -57.20 13.70
CA LEU B 539 -8.71 -56.85 12.33
C LEU B 539 -9.43 -57.68 11.24
N GLY B 540 -10.39 -58.56 11.64
CA GLY B 540 -10.92 -59.61 10.73
C GLY B 540 -11.77 -59.12 9.56
N SER B 541 -12.24 -57.85 9.63
CA SER B 541 -12.82 -57.17 8.49
C SER B 541 -14.07 -57.94 8.00
N ARG B 542 -14.83 -58.49 8.95
CA ARG B 542 -16.20 -59.02 8.62
C ARG B 542 -17.09 -57.85 8.12
N VAL B 543 -18.03 -58.13 7.20
CA VAL B 543 -18.91 -57.10 6.65
C VAL B 543 -20.35 -57.46 7.06
N PHE B 544 -20.91 -56.79 8.07
CA PHE B 544 -22.22 -57.18 8.56
C PHE B 544 -23.33 -57.23 7.49
N SER B 545 -23.35 -56.19 6.65
CA SER B 545 -24.41 -56.10 5.57
C SER B 545 -24.35 -57.32 4.63
N ALA B 546 -23.14 -57.78 4.28
CA ALA B 546 -22.94 -58.99 3.44
C ALA B 546 -23.28 -60.26 4.16
N GLU B 547 -22.77 -60.40 5.38
CA GLU B 547 -23.07 -61.64 6.15
C GLU B 547 -24.57 -61.82 6.31
N ARG B 548 -25.28 -60.72 6.59
CA ARG B 548 -26.68 -60.87 6.91
C ARG B 548 -27.61 -60.82 5.68
N PHE B 549 -27.22 -60.06 4.66
CA PHE B 549 -28.15 -59.74 3.57
C PHE B 549 -27.71 -60.09 2.13
N LYS B 550 -26.49 -60.48 1.94
CA LYS B 550 -26.03 -60.69 0.59
C LYS B 550 -26.81 -61.84 -0.03
N ASP B 551 -26.89 -62.98 0.68
CA ASP B 551 -27.52 -64.17 -0.04
C ASP B 551 -28.95 -63.78 -0.36
N GLU B 552 -29.65 -63.12 0.57
CA GLU B 552 -31.04 -62.71 0.29
C GLU B 552 -31.20 -61.79 -0.93
N VAL B 553 -30.32 -60.78 -1.00
CA VAL B 553 -30.24 -59.96 -2.17
C VAL B 553 -30.01 -60.79 -3.44
N LEU B 554 -28.95 -61.62 -3.46
CA LEU B 554 -28.62 -62.31 -4.70
C LEU B 554 -29.78 -63.24 -5.11
N ASP B 555 -30.38 -63.87 -4.11
CA ASP B 555 -31.53 -64.74 -4.42
C ASP B 555 -32.66 -63.99 -5.06
N LEU B 556 -32.88 -62.75 -4.66
CA LEU B 556 -34.01 -62.00 -5.13
C LEU B 556 -33.71 -61.48 -6.55
N ILE B 557 -32.50 -61.02 -6.80
CA ILE B 557 -32.33 -60.22 -8.05
C ILE B 557 -31.49 -60.92 -9.09
N CYS B 558 -30.82 -62.02 -8.75
CA CYS B 558 -29.90 -62.62 -9.74
C CYS B 558 -30.41 -63.70 -10.66
N THR B 559 -31.68 -64.06 -10.60
CA THR B 559 -32.17 -65.02 -11.58
C THR B 559 -33.44 -64.46 -12.20
N PRO B 560 -33.39 -64.09 -13.50
CA PRO B 560 -32.28 -64.13 -14.42
C PRO B 560 -31.28 -62.99 -14.05
N ALA B 561 -30.06 -63.12 -14.56
CA ALA B 561 -28.99 -62.15 -14.34
C ALA B 561 -28.96 -61.10 -15.47
N GLN B 562 -29.82 -61.28 -16.48
CA GLN B 562 -30.03 -60.27 -17.58
C GLN B 562 -31.25 -59.47 -17.19
N TRP B 563 -31.08 -58.15 -17.02
CA TRP B 563 -32.11 -57.27 -16.44
C TRP B 563 -32.51 -56.17 -17.40
N THR B 564 -33.64 -55.49 -17.08
CA THR B 564 -34.00 -54.19 -17.71
C THR B 564 -34.06 -53.23 -16.53
N VAL B 565 -33.13 -52.28 -16.53
CA VAL B 565 -32.96 -51.37 -15.41
C VAL B 565 -33.15 -49.99 -16.04
N ASN B 566 -34.14 -49.21 -15.58
CA ASN B 566 -34.45 -47.90 -16.19
C ASN B 566 -34.63 -47.96 -17.69
N GLY B 567 -35.30 -49.01 -18.19
CA GLY B 567 -35.49 -49.22 -19.60
C GLY B 567 -34.24 -49.63 -20.39
N ALA B 568 -33.13 -49.94 -19.69
CA ALA B 568 -31.83 -50.33 -20.30
C ALA B 568 -31.46 -51.80 -20.04
N ALA B 569 -30.94 -52.48 -21.07
CA ALA B 569 -30.41 -53.84 -20.85
C ALA B 569 -29.18 -53.80 -19.93
N VAL B 570 -29.13 -54.63 -18.89
CA VAL B 570 -27.96 -54.67 -17.99
C VAL B 570 -27.61 -56.15 -17.79
N ASP B 571 -26.35 -56.47 -18.01
CA ASP B 571 -25.91 -57.87 -17.84
C ASP B 571 -25.22 -57.96 -16.48
N ALA B 572 -25.90 -58.59 -15.53
CA ALA B 572 -25.46 -58.59 -14.14
C ALA B 572 -24.86 -59.98 -13.79
N ALA B 573 -24.65 -60.82 -14.81
CA ALA B 573 -24.21 -62.21 -14.58
C ALA B 573 -22.89 -62.23 -13.79
N GLN B 574 -21.94 -61.40 -14.19
CA GLN B 574 -20.62 -61.40 -13.51
C GLN B 574 -20.68 -60.79 -12.10
N ALA B 575 -21.44 -59.69 -11.93
CA ALA B 575 -21.62 -59.12 -10.58
C ALA B 575 -22.22 -60.18 -9.66
N CYS B 576 -23.22 -60.90 -10.18
CA CYS B 576 -23.88 -61.92 -9.37
C CYS B 576 -22.91 -63.06 -9.01
N ALA B 577 -22.16 -63.54 -9.99
CA ALA B 577 -21.24 -64.67 -9.79
C ALA B 577 -20.11 -64.27 -8.82
N VAL B 578 -19.52 -63.09 -9.04
CA VAL B 578 -18.48 -62.56 -8.14
C VAL B 578 -18.99 -62.39 -6.72
N LEU B 579 -20.16 -61.76 -6.53
CA LEU B 579 -20.69 -61.58 -5.15
C LEU B 579 -20.99 -62.91 -4.47
N ALA B 580 -21.53 -63.85 -5.24
CA ALA B 580 -21.86 -65.15 -4.62
C ALA B 580 -20.61 -65.86 -4.17
N ALA B 581 -19.49 -65.73 -4.91
CA ALA B 581 -18.22 -66.39 -4.55
C ALA B 581 -17.45 -65.64 -3.42
N TRP B 582 -17.79 -64.38 -3.16
CA TRP B 582 -16.99 -63.54 -2.23
C TRP B 582 -17.24 -63.97 -0.80
N ASP B 583 -16.17 -63.93 0.02
CA ASP B 583 -16.18 -64.44 1.40
C ASP B 583 -16.85 -63.48 2.43
N ASN B 584 -17.43 -62.38 1.98
CA ASN B 584 -18.16 -61.43 2.88
C ASN B 584 -17.22 -60.70 3.86
N ARG B 585 -15.96 -60.63 3.44
CA ARG B 585 -14.97 -59.91 4.22
C ARG B 585 -14.27 -58.85 3.40
N GLY B 586 -13.61 -57.93 4.09
CA GLY B 586 -12.77 -56.98 3.44
C GLY B 586 -11.31 -57.25 3.77
N ARG B 587 -10.89 -58.51 3.70
CA ARG B 587 -9.45 -58.78 3.82
C ARG B 587 -8.71 -58.34 2.58
N LYS B 588 -7.38 -58.26 2.71
CA LYS B 588 -6.54 -57.93 1.52
C LYS B 588 -6.80 -58.79 0.29
N ASP B 589 -6.96 -60.10 0.51
CA ASP B 589 -7.19 -61.11 -0.52
C ASP B 589 -8.70 -61.16 -0.97
N SER B 590 -9.62 -60.43 -0.28
CA SER B 590 -11.08 -60.72 -0.57
C SER B 590 -11.37 -60.16 -1.96
N ARG B 591 -12.23 -60.85 -2.71
CA ARG B 591 -12.50 -60.50 -4.14
C ARG B 591 -13.94 -60.13 -4.30
N GLY B 592 -14.19 -58.88 -4.80
CA GLY B 592 -15.54 -58.39 -5.06
C GLY B 592 -16.08 -57.50 -3.94
N SER B 593 -15.29 -57.32 -2.87
CA SER B 593 -15.74 -56.62 -1.70
C SER B 593 -16.02 -55.14 -2.05
N HIS B 594 -15.27 -54.57 -2.97
CA HIS B 594 -15.49 -53.16 -3.40
C HIS B 594 -16.74 -53.04 -4.24
N LEU B 595 -17.07 -54.09 -4.99
CA LEU B 595 -18.37 -54.10 -5.69
C LEU B 595 -19.52 -54.03 -4.65
N TRP B 596 -19.38 -54.83 -3.59
CA TRP B 596 -20.38 -54.74 -2.48
C TRP B 596 -20.46 -53.34 -1.86
N ASP B 597 -19.32 -52.68 -1.67
CA ASP B 597 -19.36 -51.33 -1.15
C ASP B 597 -20.16 -50.32 -2.04
N GLU B 598 -19.91 -50.35 -3.34
CA GLU B 598 -20.52 -49.38 -4.27
C GLU B 598 -22.00 -49.71 -4.37
N PHE B 599 -22.33 -50.99 -4.16
CA PHE B 599 -23.74 -51.43 -4.18
C PHE B 599 -24.50 -51.10 -2.90
N TRP B 600 -24.03 -51.64 -1.74
CA TRP B 600 -24.79 -51.49 -0.51
C TRP B 600 -24.88 -50.02 -0.07
N SER B 601 -23.83 -49.21 -0.31
CA SER B 601 -23.95 -47.79 0.01
C SER B 601 -25.07 -47.03 -0.76
N ARG B 602 -25.60 -47.58 -1.86
CA ARG B 602 -26.68 -46.97 -2.66
C ARG B 602 -28.07 -47.59 -2.48
N VAL B 603 -28.22 -48.55 -1.57
CA VAL B 603 -29.47 -49.25 -1.44
C VAL B 603 -30.40 -48.35 -0.58
N PRO B 604 -31.63 -48.11 -1.01
CA PRO B 604 -32.54 -47.30 -0.20
C PRO B 604 -32.96 -48.08 1.02
N THR B 605 -32.47 -47.67 2.16
CA THR B 605 -32.80 -48.36 3.40
C THR B 605 -34.21 -48.18 3.89
N ALA B 606 -34.92 -47.15 3.39
CA ALA B 606 -36.19 -46.76 3.94
C ALA B 606 -37.28 -47.84 3.79
N SER B 607 -37.27 -48.54 2.68
CA SER B 607 -38.33 -49.44 2.37
C SER B 607 -37.77 -50.86 2.35
N LEU B 608 -36.52 -51.00 2.79
CA LEU B 608 -35.76 -52.23 2.53
C LEU B 608 -36.09 -53.46 3.42
N PHE B 609 -36.45 -53.26 4.68
CA PHE B 609 -36.60 -54.45 5.56
C PHE B 609 -38.01 -54.77 5.98
N THR B 610 -38.29 -56.05 6.08
CA THR B 610 -39.65 -56.48 6.41
C THR B 610 -39.81 -56.82 7.89
N VAL B 611 -38.70 -56.98 8.61
CA VAL B 611 -38.78 -57.25 10.03
C VAL B 611 -38.21 -56.01 10.72
N PRO B 612 -39.08 -55.23 11.43
CA PRO B 612 -38.56 -53.92 11.91
C PRO B 612 -37.67 -54.10 13.15
N PHE B 613 -36.99 -53.04 13.52
CA PHE B 613 -36.21 -53.07 14.73
C PHE B 613 -37.02 -53.59 15.91
N SER B 614 -36.42 -54.48 16.72
CA SER B 614 -36.99 -54.78 18.04
C SER B 614 -35.92 -54.62 19.11
N ALA B 615 -36.29 -53.92 20.20
CA ALA B 615 -35.39 -53.69 21.31
C ALA B 615 -35.05 -55.04 22.01
N ALA B 616 -35.91 -56.07 21.82
CA ALA B 616 -35.65 -57.40 22.38
C ALA B 616 -34.69 -58.23 21.49
N ASP B 617 -34.35 -57.74 20.32
CA ASP B 617 -33.39 -58.45 19.37
C ASP B 617 -32.59 -57.39 18.61
N PRO B 618 -31.84 -56.55 19.32
CA PRO B 618 -31.31 -55.35 18.67
C PRO B 618 -30.05 -55.59 17.83
N LEU B 619 -29.50 -56.80 17.91
CA LEU B 619 -28.40 -57.16 16.98
C LEU B 619 -28.84 -57.72 15.65
N ASN B 620 -30.02 -58.33 15.61
CA ASN B 620 -30.49 -59.02 14.43
C ASN B 620 -31.67 -58.36 13.68
N THR B 621 -32.06 -57.15 14.10
CA THR B 621 -33.15 -56.43 13.47
C THR B 621 -32.68 -54.97 13.27
N PRO B 622 -33.23 -54.26 12.27
CA PRO B 622 -34.16 -54.73 11.25
C PRO B 622 -33.51 -55.79 10.31
N ARG B 623 -34.31 -56.62 9.61
CA ARG B 623 -33.72 -57.63 8.73
C ARG B 623 -34.82 -58.06 7.73
N GLY B 624 -34.48 -58.95 6.81
CA GLY B 624 -35.51 -59.44 5.86
C GLY B 624 -35.68 -58.52 4.68
N ILE B 625 -34.93 -58.83 3.61
CA ILE B 625 -34.91 -57.98 2.41
C ILE B 625 -36.32 -58.06 1.81
N ASN B 626 -36.93 -56.90 1.60
CA ASN B 626 -38.28 -56.84 1.05
C ASN B 626 -38.28 -57.16 -0.44
N ALA B 627 -39.11 -58.13 -0.87
CA ALA B 627 -39.15 -58.58 -2.29
C ALA B 627 -39.53 -57.41 -3.19
N ALA B 628 -40.37 -56.55 -2.61
CA ALA B 628 -40.80 -55.29 -3.28
C ALA B 628 -39.66 -54.35 -3.67
N ALA B 629 -38.53 -54.48 -2.96
CA ALA B 629 -37.34 -53.67 -3.22
C ALA B 629 -36.50 -54.17 -4.45
N ALA B 630 -36.92 -55.25 -5.11
CA ALA B 630 -36.14 -55.88 -6.20
C ALA B 630 -35.68 -54.86 -7.26
N ASP B 631 -36.61 -54.03 -7.74
CA ASP B 631 -36.22 -53.09 -8.80
C ASP B 631 -35.18 -52.04 -8.29
N ALA B 632 -35.38 -51.51 -7.07
CA ALA B 632 -34.40 -50.56 -6.46
C ALA B 632 -33.04 -51.18 -6.27
N LEU B 633 -33.03 -52.47 -5.91
CA LEU B 633 -31.78 -53.21 -5.71
C LEU B 633 -31.02 -53.41 -7.06
N ARG B 634 -31.74 -53.78 -8.11
CA ARG B 634 -31.17 -53.87 -9.43
C ARG B 634 -30.65 -52.52 -9.91
N GLN B 635 -31.37 -51.42 -9.59
CA GLN B 635 -30.85 -50.07 -9.90
C GLN B 635 -29.54 -49.80 -9.18
N ALA B 636 -29.52 -50.02 -7.86
CA ALA B 636 -28.28 -49.77 -7.09
C ALA B 636 -27.16 -50.67 -7.65
N MET B 637 -27.49 -51.94 -7.97
CA MET B 637 -26.42 -52.82 -8.48
C MET B 637 -25.93 -52.39 -9.86
N ALA B 638 -26.82 -51.95 -10.74
CA ALA B 638 -26.39 -51.47 -12.04
C ALA B 638 -25.43 -50.26 -11.91
N THR B 639 -25.78 -49.33 -11.01
CA THR B 639 -24.85 -48.22 -10.68
C THR B 639 -23.51 -48.72 -10.16
N ALA B 640 -23.52 -49.66 -9.19
CA ALA B 640 -22.28 -50.19 -8.63
C ALA B 640 -21.42 -50.80 -9.71
N ILE B 641 -22.03 -51.58 -10.59
CA ILE B 641 -21.29 -52.16 -11.69
C ILE B 641 -20.66 -51.05 -12.56
N ALA B 642 -21.44 -49.98 -12.87
CA ALA B 642 -20.91 -48.91 -13.70
C ALA B 642 -19.71 -48.20 -13.01
N ARG B 643 -19.83 -48.00 -11.72
CA ARG B 643 -18.82 -47.25 -10.97
C ARG B 643 -17.51 -48.05 -10.93
N VAL B 644 -17.64 -49.35 -10.65
CA VAL B 644 -16.42 -50.22 -10.65
C VAL B 644 -15.79 -50.28 -12.07
N GLY B 645 -16.66 -50.36 -13.07
CA GLY B 645 -16.21 -50.34 -14.49
C GLY B 645 -15.39 -49.09 -14.79
N GLN B 646 -15.75 -47.95 -14.22
CA GLN B 646 -15.01 -46.68 -14.52
C GLN B 646 -13.71 -46.57 -13.72
N SER B 647 -13.57 -47.39 -12.68
CA SER B 647 -12.42 -47.29 -11.76
C SER B 647 -11.16 -47.93 -12.38
N GLY B 648 -11.33 -48.82 -13.35
CA GLY B 648 -10.12 -49.51 -13.80
C GLY B 648 -9.92 -50.87 -13.11
N TYR B 649 -10.61 -51.12 -11.99
CA TYR B 649 -10.50 -52.41 -11.33
C TYR B 649 -11.53 -53.40 -11.87
N ALA B 650 -11.15 -54.68 -11.88
CA ALA B 650 -12.12 -55.77 -12.17
C ALA B 650 -13.15 -55.87 -11.05
N LEU B 651 -14.35 -56.42 -11.40
CA LEU B 651 -15.36 -56.65 -10.34
C LEU B 651 -14.81 -57.56 -9.24
N ASP B 652 -13.91 -58.51 -9.60
CA ASP B 652 -13.37 -59.44 -8.61
C ASP B 652 -11.95 -59.11 -8.14
N ALA B 653 -11.53 -57.85 -8.27
CA ALA B 653 -10.20 -57.45 -7.81
C ALA B 653 -10.08 -57.73 -6.31
N PRO B 654 -8.87 -58.13 -5.88
CA PRO B 654 -8.58 -58.30 -4.44
C PRO B 654 -8.61 -56.90 -3.78
N ARG B 655 -9.16 -56.85 -2.56
CA ARG B 655 -9.37 -55.58 -1.93
C ARG B 655 -8.08 -54.78 -1.74
N GLY B 656 -6.98 -55.49 -1.44
CA GLY B 656 -5.71 -54.85 -1.19
C GLY B 656 -5.18 -54.04 -2.38
N GLU B 657 -5.71 -54.29 -3.56
CA GLU B 657 -5.32 -53.52 -4.75
C GLU B 657 -6.16 -52.24 -4.87
N VAL B 658 -7.36 -52.29 -4.27
CA VAL B 658 -8.33 -51.18 -4.40
C VAL B 658 -8.13 -50.22 -3.23
N LEU B 659 -7.88 -50.78 -2.05
CA LEU B 659 -7.73 -50.06 -0.83
C LEU B 659 -6.26 -50.16 -0.40
N TYR B 660 -5.58 -49.01 -0.26
CA TYR B 660 -4.11 -49.01 -0.10
C TYR B 660 -3.62 -47.75 0.55
N ALA B 661 -2.40 -47.79 1.11
CA ALA B 661 -1.74 -46.58 1.59
C ALA B 661 -0.41 -46.55 0.88
N THR B 662 -0.10 -45.45 0.18
CA THR B 662 1.17 -45.36 -0.54
C THR B 662 2.24 -44.81 0.40
N ARG B 663 3.35 -45.55 0.55
CA ARG B 663 4.51 -45.10 1.31
C ARG B 663 5.75 -45.43 0.50
N GLY B 664 6.61 -44.44 0.31
CA GLY B 664 7.86 -44.60 -0.45
C GLY B 664 7.58 -45.03 -1.87
N GLY B 665 6.43 -44.62 -2.40
CA GLY B 665 6.11 -44.94 -3.76
C GLY B 665 5.46 -46.32 -3.89
N THR B 666 5.37 -47.11 -2.81
CA THR B 666 4.69 -48.40 -2.87
C THR B 666 3.29 -48.33 -2.31
N ARG B 667 2.31 -48.93 -3.01
CA ARG B 667 0.97 -48.99 -2.48
C ARG B 667 0.80 -50.16 -1.49
N LEU B 668 0.84 -49.91 -0.20
CA LEU B 668 0.68 -50.99 0.76
C LEU B 668 -0.76 -51.47 0.82
N PRO B 669 -0.98 -52.79 0.64
CA PRO B 669 -2.37 -53.24 0.57
C PRO B 669 -3.08 -53.15 1.97
N LEU B 670 -4.34 -52.70 2.01
CA LEU B 670 -5.05 -52.60 3.29
C LEU B 670 -6.34 -53.45 3.25
N TYR B 671 -6.99 -53.56 4.42
CA TYR B 671 -8.15 -54.38 4.67
C TYR B 671 -9.06 -53.46 5.53
N GLY B 672 -10.30 -53.88 5.69
CA GLY B 672 -11.30 -53.11 6.43
C GLY B 672 -12.11 -52.19 5.50
N GLY B 673 -12.93 -51.34 6.08
CA GLY B 673 -13.84 -50.62 5.20
C GLY B 673 -14.63 -49.62 6.01
N CYS B 674 -15.80 -49.30 5.51
CA CYS B 674 -16.55 -48.19 6.08
C CYS B 674 -17.66 -48.70 6.97
N GLY B 675 -17.91 -47.97 8.04
CA GLY B 675 -18.96 -48.37 9.00
C GLY B 675 -20.31 -48.51 8.35
N ALA B 676 -20.61 -47.69 7.33
CA ALA B 676 -21.92 -47.82 6.62
C ALA B 676 -22.22 -49.20 6.12
N MET B 677 -21.20 -49.94 5.68
CA MET B 677 -21.37 -51.36 5.26
C MET B 677 -21.39 -52.39 6.43
N GLY B 678 -21.21 -51.90 7.64
CA GLY B 678 -21.20 -52.82 8.81
C GLY B 678 -19.82 -53.45 9.02
N TYR B 679 -18.75 -52.80 8.54
CA TYR B 679 -17.41 -53.16 9.00
C TYR B 679 -17.28 -52.74 10.43
N PHE B 680 -16.48 -53.50 11.19
CA PHE B 680 -15.96 -53.09 12.48
C PHE B 680 -14.50 -52.58 12.30
N THR B 681 -13.75 -53.24 11.44
CA THR B 681 -12.35 -52.85 11.15
C THR B 681 -12.45 -51.72 10.11
N ILE B 682 -12.11 -50.48 10.51
CA ILE B 682 -12.47 -49.32 9.67
C ILE B 682 -11.25 -48.79 8.96
N THR B 683 -11.35 -48.86 7.63
CA THR B 683 -10.36 -48.23 6.70
C THR B 683 -11.20 -47.58 5.62
N CYS B 684 -11.58 -46.32 5.84
CA CYS B 684 -12.72 -45.75 5.13
C CYS B 684 -12.20 -44.53 4.31
N SER B 685 -11.88 -44.74 3.01
CA SER B 685 -11.43 -43.71 2.16
C SER B 685 -12.52 -42.68 1.84
N GLU B 686 -12.13 -41.42 1.74
CA GLU B 686 -13.01 -40.33 1.22
C GLU B 686 -12.90 -40.30 -0.34
N ASN B 687 -12.04 -41.13 -0.96
CA ASN B 687 -11.73 -41.00 -2.38
C ASN B 687 -12.77 -41.78 -3.16
N ASP B 688 -13.34 -41.16 -4.17
CA ASP B 688 -14.26 -41.95 -5.00
C ASP B 688 -13.51 -43.05 -5.76
N ILE B 689 -14.15 -44.20 -5.90
CA ILE B 689 -13.49 -45.36 -6.49
C ILE B 689 -13.05 -45.07 -7.94
N THR B 690 -13.81 -44.22 -8.67
CA THR B 690 -13.49 -43.93 -10.06
C THR B 690 -12.30 -43.02 -10.17
N GLN B 691 -11.72 -42.55 -9.06
CA GLN B 691 -10.51 -41.69 -9.11
C GLN B 691 -9.32 -42.34 -8.48
N GLY B 692 -8.97 -43.54 -8.89
CA GLY B 692 -7.83 -44.26 -8.27
C GLY B 692 -8.17 -45.20 -7.13
N GLY B 693 -9.44 -45.60 -6.97
CA GLY B 693 -9.73 -46.62 -5.92
C GLY B 693 -9.86 -45.96 -4.56
N TYR B 694 -9.75 -46.77 -3.50
CA TYR B 694 -9.96 -46.32 -2.17
C TYR B 694 -8.61 -45.99 -1.55
N SER B 695 -7.95 -45.06 -2.17
CA SER B 695 -6.67 -44.55 -1.66
C SER B 695 -6.89 -43.98 -0.28
N MET B 696 -5.97 -44.31 0.64
CA MET B 696 -5.92 -43.70 1.96
C MET B 696 -4.92 -42.53 2.07
N ASP B 697 -4.47 -41.99 0.93
CA ASP B 697 -3.34 -41.02 0.97
C ASP B 697 -3.78 -39.57 1.13
N GLY B 698 -5.08 -39.31 1.09
CA GLY B 698 -5.53 -37.86 1.07
C GLY B 698 -5.90 -37.59 2.53
N GLN B 699 -7.20 -37.38 2.77
CA GLN B 699 -7.71 -37.09 4.11
C GLN B 699 -8.90 -37.99 4.35
N PRO B 700 -8.62 -39.27 4.70
CA PRO B 700 -9.70 -40.28 4.74
C PRO B 700 -10.75 -39.95 5.81
N ASN B 701 -11.92 -40.53 5.64
CA ASN B 701 -12.87 -40.45 6.73
C ASN B 701 -12.30 -41.15 7.97
N ALA B 702 -12.90 -40.84 9.12
CA ALA B 702 -12.47 -41.39 10.40
C ALA B 702 -12.24 -42.87 10.29
N SER B 703 -10.98 -43.28 10.57
CA SER B 703 -10.57 -44.64 10.35
C SER B 703 -9.66 -45.14 11.48
N ASN B 704 -9.44 -46.45 11.56
CA ASN B 704 -8.44 -47.02 12.49
C ASN B 704 -7.16 -46.14 12.52
N SER B 705 -6.62 -45.80 13.71
CA SER B 705 -5.57 -44.75 13.79
C SER B 705 -4.62 -45.24 14.88
N TYR B 706 -4.82 -44.84 16.14
CA TYR B 706 -4.11 -45.53 17.23
C TYR B 706 -4.98 -46.71 17.64
N MET B 707 -4.37 -47.88 17.68
CA MET B 707 -5.04 -49.09 18.14
C MET B 707 -4.25 -49.67 19.33
N GLN B 708 -4.94 -50.11 20.38
CA GLN B 708 -4.21 -50.78 21.47
C GLN B 708 -5.02 -51.97 21.99
N VAL B 709 -4.32 -53.08 22.23
CA VAL B 709 -4.78 -54.24 22.99
C VAL B 709 -3.86 -54.31 24.24
N VAL B 710 -4.46 -54.10 25.42
CA VAL B 710 -3.68 -53.96 26.67
C VAL B 710 -4.15 -55.02 27.66
N SER B 711 -3.22 -55.73 28.30
CA SER B 711 -3.60 -56.72 29.32
C SER B 711 -2.61 -56.52 30.48
N PHE B 712 -2.89 -57.20 31.61
CA PHE B 712 -2.08 -57.05 32.85
C PHE B 712 -1.62 -58.40 33.39
N PRO B 713 -0.77 -59.09 32.62
CA PRO B 713 -0.22 -60.32 33.25
C PRO B 713 0.63 -59.99 34.49
N ALA B 714 0.84 -61.00 35.32
CA ALA B 714 1.64 -60.83 36.57
C ALA B 714 2.95 -60.08 36.38
N SER B 715 3.65 -60.32 35.28
CA SER B 715 4.96 -59.68 35.07
C SER B 715 4.91 -58.16 34.72
N GLY B 716 3.71 -57.65 34.40
CA GLY B 716 3.50 -56.18 34.23
C GLY B 716 2.62 -55.93 32.99
N VAL B 717 1.99 -54.76 32.92
CA VAL B 717 1.20 -54.39 31.72
C VAL B 717 1.92 -54.76 30.42
N GLN B 718 1.10 -55.25 29.47
CA GLN B 718 1.56 -55.50 28.09
C GLN B 718 0.59 -54.84 27.13
N ALA B 719 1.11 -54.10 26.16
CA ALA B 719 0.30 -53.49 25.13
C ALA B 719 0.86 -53.72 23.73
N HIS B 720 -0.05 -54.03 22.78
CA HIS B 720 0.21 -54.16 21.37
C HIS B 720 -0.51 -53.07 20.71
N THR B 721 0.17 -52.35 19.82
CA THR B 721 -0.38 -51.11 19.26
C THR B 721 -0.13 -50.99 17.77
N PHE B 722 -0.90 -50.09 17.18
CA PHE B 722 -0.62 -49.58 15.81
C PHE B 722 -0.80 -48.07 15.88
N LEU B 723 -0.10 -47.32 15.04
CA LEU B 723 -0.49 -45.95 14.65
C LEU B 723 -0.48 -46.02 13.13
N THR B 724 -1.63 -46.35 12.57
CA THR B 724 -1.76 -46.81 11.19
C THR B 724 -1.09 -45.90 10.18
N PHE B 725 -1.16 -44.57 10.34
CA PHE B 725 -0.62 -43.64 9.33
C PHE B 725 0.89 -43.32 9.58
N SER B 726 1.43 -43.82 10.69
CA SER B 726 2.83 -43.66 11.16
C SER B 726 3.05 -42.37 11.95
N LEU B 727 4.12 -42.32 12.70
CA LEU B 727 4.28 -41.21 13.67
C LEU B 727 4.50 -39.79 13.05
N SER B 728 5.21 -39.71 11.91
CA SER B 728 5.66 -38.46 11.31
C SER B 728 4.96 -38.07 10.00
N ASP B 729 4.59 -36.78 9.93
CA ASP B 729 3.98 -36.31 8.70
C ASP B 729 4.98 -35.93 7.61
N ASP B 730 6.28 -36.09 7.87
CA ASP B 730 7.28 -35.66 6.89
C ASP B 730 7.64 -36.84 5.98
N PRO B 731 7.41 -36.74 4.67
CA PRO B 731 7.76 -37.89 3.77
C PRO B 731 9.21 -38.34 3.84
N ALA B 732 10.10 -37.47 4.21
CA ALA B 732 11.54 -37.84 4.33
C ALA B 732 11.80 -38.69 5.59
N SER B 733 10.88 -38.68 6.57
CA SER B 733 11.15 -39.33 7.86
C SER B 733 11.16 -40.86 7.69
N PRO B 734 12.12 -41.55 8.34
CA PRO B 734 11.97 -43.01 8.45
C PRO B 734 10.70 -43.43 9.18
N HIS B 735 10.09 -42.50 9.93
CA HIS B 735 8.81 -42.81 10.61
C HIS B 735 7.58 -42.24 9.93
N HIS B 736 7.67 -41.97 8.60
CA HIS B 736 6.46 -41.60 7.81
C HIS B 736 5.67 -42.82 7.34
N GLY B 737 6.37 -43.96 7.17
CA GLY B 737 5.72 -45.09 6.57
C GLY B 737 5.99 -46.49 7.18
N ASP B 738 6.82 -46.52 8.21
CA ASP B 738 7.19 -47.84 8.82
C ASP B 738 6.00 -48.47 9.56
N TYR B 739 5.26 -47.63 10.30
CA TYR B 739 4.15 -48.20 11.09
C TYR B 739 3.05 -48.65 10.11
N THR B 740 2.93 -47.93 9.02
CA THR B 740 1.87 -48.21 8.05
C THR B 740 2.18 -49.58 7.37
N LYS B 741 3.45 -49.87 7.13
CA LYS B 741 3.84 -51.17 6.51
C LYS B 741 3.46 -52.30 7.51
N ALA B 742 3.74 -52.05 8.78
CA ALA B 742 3.33 -53.00 9.81
C ALA B 742 1.78 -53.22 9.85
N TYR B 743 0.99 -52.14 9.76
CA TYR B 743 -0.44 -52.31 9.82
C TYR B 743 -0.93 -53.09 8.60
N SER B 744 -0.29 -52.83 7.48
CA SER B 744 -0.69 -53.48 6.18
C SER B 744 -0.49 -54.97 6.35
N ALA B 745 0.62 -55.33 7.04
CA ALA B 745 0.92 -56.74 7.32
C ALA B 745 0.14 -57.32 8.50
N GLY B 746 -0.57 -56.52 9.27
CA GLY B 746 -1.27 -56.98 10.44
C GLY B 746 -0.34 -57.33 11.59
N GLN B 747 0.83 -56.71 11.66
CA GLN B 747 1.87 -57.12 12.62
C GLN B 747 1.86 -56.10 13.76
N TRP B 748 1.10 -56.40 14.83
CA TRP B 748 1.01 -55.49 15.95
C TRP B 748 2.35 -55.25 16.56
N LEU B 749 2.60 -54.01 16.98
CA LEU B 749 3.85 -53.66 17.61
C LEU B 749 3.74 -53.95 19.12
N ARG B 750 4.66 -54.75 19.67
CA ARG B 750 4.68 -54.85 21.12
C ARG B 750 5.43 -53.60 21.57
N VAL B 751 4.75 -52.63 22.19
CA VAL B 751 5.45 -51.38 22.53
C VAL B 751 6.21 -51.58 23.87
N PRO B 752 7.53 -51.31 23.87
CA PRO B 752 8.25 -51.46 25.17
C PRO B 752 7.68 -50.51 26.24
N PHE B 753 7.71 -50.92 27.51
CA PHE B 753 7.12 -50.06 28.55
C PHE B 753 8.03 -49.94 29.75
N THR B 754 8.57 -51.07 30.23
CA THR B 754 9.46 -50.94 31.36
C THR B 754 10.80 -50.41 30.88
N GLU B 755 11.60 -49.96 31.83
CA GLU B 755 12.96 -49.49 31.46
C GLU B 755 13.77 -50.54 30.73
N ALA B 756 13.73 -51.77 31.22
CA ALA B 756 14.45 -52.87 30.59
C ALA B 756 13.98 -53.11 29.15
N GLU B 757 12.64 -53.09 28.94
CA GLU B 757 12.08 -53.23 27.61
C GLU B 757 12.50 -52.13 26.67
N ILE B 758 12.50 -50.89 27.16
CA ILE B 758 12.86 -49.73 26.30
C ILE B 758 14.34 -49.84 25.87
N THR B 759 15.24 -50.07 26.81
CA THR B 759 16.67 -50.05 26.49
C THR B 759 17.05 -51.37 25.81
N GLY B 760 16.19 -52.39 25.92
CA GLY B 760 16.41 -53.67 25.28
C GLY B 760 15.87 -53.72 23.84
N ASN B 761 15.16 -52.70 23.37
CA ASN B 761 14.50 -52.77 22.08
C ASN B 761 15.56 -52.71 20.96
N ALA B 762 15.33 -53.41 19.83
CA ALA B 762 16.35 -53.53 18.79
C ALA B 762 16.71 -52.19 18.19
N ASP B 763 15.81 -51.21 18.27
CA ASP B 763 16.02 -49.93 17.60
C ASP B 763 16.29 -48.78 18.57
N TYR B 764 16.60 -49.12 19.82
CA TYR B 764 16.81 -48.14 20.87
C TYR B 764 17.86 -47.09 20.52
N ARG B 765 17.46 -45.84 20.72
CA ARG B 765 18.38 -44.68 20.63
C ARG B 765 18.02 -43.73 21.76
N THR B 766 19.02 -43.11 22.38
CA THR B 766 18.69 -42.16 23.43
C THR B 766 19.37 -40.84 23.12
N ALA B 767 18.73 -39.73 23.51
CA ALA B 767 19.42 -38.47 23.48
C ALA B 767 18.86 -37.63 24.62
N THR B 768 19.61 -36.61 25.02
CA THR B 768 19.12 -35.73 26.05
C THR B 768 18.95 -34.31 25.53
N VAL B 769 17.81 -33.68 25.83
CA VAL B 769 17.67 -32.25 25.45
C VAL B 769 17.48 -31.46 26.73
N LYS B 770 18.26 -30.38 26.86
CA LYS B 770 18.17 -29.49 28.03
C LYS B 770 18.36 -28.03 27.65
N GLU B 771 17.76 -27.13 28.46
CA GLU B 771 17.99 -25.70 28.29
C GLU B 771 17.49 -25.01 29.53
N LEU B 772 18.00 -23.80 29.73
CA LEU B 772 17.65 -22.96 30.89
C LEU B 772 16.12 -22.61 30.96
N GLU B 773 15.49 -22.86 32.12
CA GLU B 773 14.17 -22.31 32.52
C GLU B 773 13.07 -23.29 32.78
N GLY C 4 29.56 58.25 -41.81
CA GLY C 4 28.37 57.92 -40.97
C GLY C 4 27.11 58.19 -41.76
N ASP C 5 26.18 57.23 -41.78
CA ASP C 5 25.00 57.33 -42.66
C ASP C 5 23.88 58.19 -42.06
N GLY C 6 24.11 58.67 -40.82
CA GLY C 6 23.16 59.49 -40.09
C GLY C 6 21.94 58.76 -39.53
N SER C 7 21.92 57.43 -39.62
CA SER C 7 20.77 56.66 -39.14
C SER C 7 20.48 56.97 -37.67
N THR C 8 19.22 57.21 -37.30
CA THR C 8 18.98 57.44 -35.90
C THR C 8 17.77 56.64 -35.47
N TYR C 9 17.79 56.10 -34.26
CA TYR C 9 16.59 55.52 -33.65
C TYR C 9 15.67 56.64 -33.19
N SER C 10 14.37 56.49 -33.45
CA SER C 10 13.42 57.50 -33.02
C SER C 10 12.13 56.78 -32.71
N ALA C 11 11.69 56.89 -31.45
CA ALA C 11 10.44 56.24 -31.08
C ALA C 11 9.58 57.19 -30.32
N GLU C 12 8.30 57.16 -30.61
CA GLU C 12 7.34 57.95 -29.84
C GLU C 12 6.75 57.06 -28.77
N ILE C 13 6.90 57.43 -27.49
CA ILE C 13 6.33 56.64 -26.42
C ILE C 13 5.04 57.27 -25.91
N ARG C 14 3.91 56.65 -26.19
CA ARG C 14 2.61 57.18 -25.65
C ARG C 14 2.17 56.28 -24.44
N ARG C 15 2.02 56.81 -23.26
CA ARG C 15 1.60 55.98 -22.15
C ARG C 15 0.17 56.28 -21.80
N THR C 16 -0.60 55.25 -21.50
CA THR C 16 -2.00 55.47 -21.12
C THR C 16 -2.22 54.96 -19.66
N THR C 17 -3.48 54.73 -19.29
CA THR C 17 -3.88 54.33 -17.91
C THR C 17 -3.10 53.07 -17.54
N MET C 18 -2.67 53.00 -16.25
CA MET C 18 -1.79 51.91 -15.75
C MET C 18 -0.38 52.03 -16.26
N GLY C 19 -0.13 53.11 -17.01
CA GLY C 19 1.17 53.40 -17.64
C GLY C 19 1.51 52.56 -18.88
N VAL C 20 0.51 51.88 -19.47
CA VAL C 20 0.75 50.93 -20.61
C VAL C 20 1.42 51.75 -21.72
N PRO C 21 2.63 51.34 -22.20
CA PRO C 21 3.32 52.05 -23.29
C PRO C 21 2.86 51.54 -24.66
N HIS C 22 2.72 52.49 -25.59
CA HIS C 22 2.31 52.20 -26.97
C HIS C 22 3.40 52.88 -27.78
N ILE C 23 4.39 52.11 -28.20
CA ILE C 23 5.56 52.57 -28.91
C ILE C 23 5.21 52.74 -30.38
N LYS C 24 5.57 53.88 -30.98
CA LYS C 24 5.26 54.14 -32.39
C LYS C 24 6.57 54.48 -33.08
N ALA C 25 6.88 53.73 -34.15
CA ALA C 25 8.16 53.88 -34.83
C ALA C 25 8.08 53.55 -36.29
N GLY C 26 8.99 54.15 -37.07
CA GLY C 26 8.91 54.01 -38.52
C GLY C 26 9.58 52.73 -39.00
N ASN C 27 10.32 52.05 -38.12
CA ASN C 27 11.00 50.80 -38.50
C ASN C 27 11.25 49.91 -37.28
N TRP C 28 11.67 48.68 -37.54
CA TRP C 28 11.86 47.70 -36.48
C TRP C 28 12.93 48.04 -35.50
N GLY C 29 14.04 48.59 -35.97
CA GLY C 29 15.09 49.08 -35.05
C GLY C 29 14.55 50.11 -34.04
N SER C 30 13.84 51.10 -34.56
CA SER C 30 13.29 52.17 -33.67
C SER C 30 12.24 51.61 -32.75
N ALA C 31 11.48 50.62 -33.21
CA ALA C 31 10.52 49.98 -32.33
C ALA C 31 11.24 49.25 -31.22
N GLY C 32 12.35 48.56 -31.53
CA GLY C 32 13.14 47.87 -30.48
C GLY C 32 13.70 48.90 -29.52
N TYR C 33 14.13 50.04 -30.06
CA TYR C 33 14.72 51.15 -29.26
C TYR C 33 13.70 51.68 -28.23
N GLY C 34 12.46 51.94 -28.67
CA GLY C 34 11.44 52.36 -27.72
C GLY C 34 11.02 51.32 -26.65
N PHE C 35 10.92 50.06 -27.07
CA PHE C 35 10.46 48.95 -26.21
C PHE C 35 11.52 48.69 -25.15
N GLY C 36 12.77 48.61 -25.57
CA GLY C 36 13.86 48.41 -24.57
C GLY C 36 13.93 49.55 -23.55
N TYR C 37 13.74 50.80 -24.03
CA TYR C 37 13.72 51.97 -23.16
C TYR C 37 12.61 51.85 -22.13
N VAL C 38 11.38 51.51 -22.56
CA VAL C 38 10.27 51.51 -21.60
C VAL C 38 10.35 50.33 -20.67
N GLN C 39 10.81 49.17 -21.16
CA GLN C 39 11.00 48.03 -20.21
C GLN C 39 11.99 48.46 -19.10
N ALA C 40 13.14 49.00 -19.50
CA ALA C 40 14.15 49.39 -18.48
C ALA C 40 13.57 50.50 -17.58
N GLN C 41 12.93 51.48 -18.19
CA GLN C 41 12.38 52.61 -17.40
C GLN C 41 11.48 52.08 -16.27
N ASP C 42 10.70 51.05 -16.54
CA ASP C 42 9.82 50.51 -15.50
C ASP C 42 10.40 49.37 -14.66
N ASN C 43 11.40 48.63 -15.17
CA ASN C 43 11.89 47.41 -14.46
C ASN C 43 13.42 47.25 -14.40
N LEU C 44 14.15 48.38 -14.35
CA LEU C 44 15.62 48.32 -14.47
C LEU C 44 16.23 47.29 -13.54
N CYS C 45 15.84 47.29 -12.27
CA CYS C 45 16.55 46.44 -11.29
C CYS C 45 16.38 44.95 -11.63
N THR C 46 15.17 44.54 -12.01
CA THR C 46 14.92 43.12 -12.34
C THR C 46 15.73 42.81 -13.61
N MET C 47 15.74 43.74 -14.59
CA MET C 47 16.40 43.44 -15.86
C MET C 47 17.93 43.39 -15.72
N ALA C 48 18.45 44.37 -15.01
CA ALA C 48 19.92 44.46 -14.85
C ALA C 48 20.44 43.21 -14.17
N ASP C 49 19.76 42.81 -13.12
CA ASP C 49 20.16 41.52 -12.45
C ASP C 49 20.09 40.33 -13.46
N SER C 50 19.10 40.34 -14.32
CA SER C 50 18.86 39.23 -15.25
C SER C 50 19.98 39.14 -16.27
N PHE C 51 20.53 40.27 -16.69
CA PHE C 51 21.61 40.19 -17.68
C PHE C 51 22.90 39.65 -17.08
N LEU C 52 23.08 39.76 -15.74
CA LEU C 52 24.14 39.04 -15.07
C LEU C 52 23.90 37.53 -15.22
N THR C 53 22.64 37.11 -15.06
CA THR C 53 22.33 35.67 -15.20
C THR C 53 22.72 35.19 -16.60
N TYR C 54 22.21 35.81 -17.68
CA TYR C 54 22.45 35.26 -19.03
C TYR C 54 23.90 35.32 -19.49
N ARG C 55 24.63 36.32 -19.00
CA ARG C 55 26.04 36.43 -19.33
C ARG C 55 26.89 35.51 -18.46
N GLY C 56 26.29 34.95 -17.39
CA GLY C 56 27.06 34.17 -16.45
C GLY C 56 28.05 35.04 -15.65
N GLU C 57 27.60 36.24 -15.27
CA GLU C 57 28.38 37.15 -14.46
C GLU C 57 27.80 37.40 -13.08
N ARG C 58 26.89 36.55 -12.57
CA ARG C 58 26.27 36.78 -11.26
C ARG C 58 27.35 36.73 -10.14
N SER C 59 28.20 35.69 -10.21
CA SER C 59 29.08 35.36 -9.09
C SER C 59 30.10 36.49 -8.85
N ARG C 60 30.54 37.14 -9.93
CA ARG C 60 31.53 38.26 -9.85
C ARG C 60 31.01 39.38 -8.94
N HIS C 61 29.71 39.66 -9.06
CA HIS C 61 29.08 40.76 -8.33
C HIS C 61 28.47 40.40 -7.04
N LEU C 62 27.88 39.19 -6.97
CA LEU C 62 26.96 38.87 -5.88
C LEU C 62 27.38 37.67 -5.05
N GLY C 63 28.51 37.06 -5.40
CA GLY C 63 29.11 35.94 -4.66
C GLY C 63 28.70 34.64 -5.34
N GLY C 64 29.63 33.71 -5.52
CA GLY C 64 29.30 32.40 -6.09
C GLY C 64 28.30 31.56 -5.31
N SER C 65 28.28 31.66 -3.99
CA SER C 65 27.43 30.74 -3.22
C SER C 65 25.98 31.26 -2.95
N ALA C 66 25.71 32.57 -3.18
CA ALA C 66 24.34 33.09 -3.11
C ALA C 66 23.48 32.45 -4.18
N GLN C 67 22.18 32.34 -3.91
CA GLN C 67 21.22 31.89 -4.97
C GLN C 67 20.75 33.03 -5.86
N LEU C 68 20.27 32.70 -7.04
CA LEU C 68 19.63 33.73 -7.85
C LEU C 68 18.65 34.50 -6.97
N VAL C 69 18.47 35.78 -7.27
CA VAL C 69 17.59 36.65 -6.52
C VAL C 69 16.11 36.29 -6.84
N TYR C 70 15.81 36.17 -8.11
CA TYR C 70 14.43 35.90 -8.58
C TYR C 70 14.23 34.47 -9.04
N ASN C 71 13.07 33.92 -8.71
CA ASN C 71 12.59 32.73 -9.39
C ASN C 71 12.30 33.01 -10.87
N SER C 72 12.30 31.94 -11.66
CA SER C 72 12.03 31.99 -13.09
C SER C 72 12.10 30.56 -13.64
N THR C 73 12.07 30.43 -14.96
CA THR C 73 12.20 29.10 -15.59
C THR C 73 13.51 28.38 -15.24
N LEU C 74 14.49 29.13 -14.73
CA LEU C 74 15.77 28.53 -14.31
C LEU C 74 15.69 27.97 -12.87
N GLY C 75 14.63 28.32 -12.13
CA GLY C 75 14.56 28.14 -10.66
C GLY C 75 15.63 29.02 -9.98
N ARG C 76 16.07 28.63 -8.78
CA ARG C 76 17.05 29.37 -7.96
C ARG C 76 18.36 28.57 -7.57
N PRO C 77 19.14 28.15 -8.58
CA PRO C 77 20.41 27.52 -8.27
C PRO C 77 21.37 28.55 -7.66
N ARG C 78 22.51 28.05 -7.17
CA ARG C 78 23.63 28.88 -6.78
C ARG C 78 24.17 29.68 -7.97
N ASN C 79 24.51 30.95 -7.74
CA ASN C 79 25.16 31.78 -8.76
C ASN C 79 26.29 31.12 -9.50
N ILE C 80 27.11 30.37 -8.78
CA ILE C 80 28.27 29.80 -9.44
C ILE C 80 27.84 28.77 -10.52
N ASP C 81 26.89 27.90 -10.17
CA ASP C 81 26.34 26.90 -11.12
C ASP C 81 25.57 27.54 -12.24
N SER C 82 24.72 28.51 -11.92
CA SER C 82 24.05 29.32 -12.98
C SER C 82 25.07 29.94 -13.97
N ASP C 83 26.20 30.45 -13.47
CA ASP C 83 27.19 31.09 -14.36
C ASP C 83 27.82 30.06 -15.34
N PHE C 84 28.26 28.92 -14.80
CA PHE C 84 28.75 27.84 -15.65
C PHE C 84 27.72 27.38 -16.67
N PHE C 85 26.48 27.19 -16.21
CA PHE C 85 25.42 26.77 -17.11
C PHE C 85 25.31 27.73 -18.31
N HIS C 86 25.15 29.02 -18.02
CA HIS C 86 24.96 30.01 -19.10
C HIS C 86 26.15 30.14 -20.00
N ARG C 87 27.34 30.22 -19.42
CA ARG C 87 28.53 30.26 -20.25
C ARG C 87 28.67 29.02 -21.14
N HIS C 88 28.33 27.86 -20.60
CA HIS C 88 28.58 26.61 -21.32
C HIS C 88 27.52 26.29 -22.36
N VAL C 89 26.25 26.44 -22.01
CA VAL C 89 25.16 26.20 -22.97
C VAL C 89 24.88 27.41 -23.88
N ILE C 90 24.85 28.63 -23.34
CA ILE C 90 24.61 29.83 -24.18
C ILE C 90 26.00 30.39 -24.49
N SER C 91 26.79 29.57 -25.18
CA SER C 91 28.16 29.93 -25.52
C SER C 91 28.13 30.98 -26.63
N ASP C 92 29.30 31.51 -26.95
CA ASP C 92 29.36 32.43 -28.05
C ASP C 92 28.97 31.73 -29.34
N GLU C 93 29.29 30.45 -29.47
CA GLU C 93 28.82 29.73 -30.66
C GLU C 93 27.30 29.63 -30.79
N ALA C 94 26.61 29.47 -29.67
CA ALA C 94 25.14 29.25 -29.69
C ALA C 94 24.49 30.59 -30.07
N VAL C 95 25.09 31.67 -29.60
CA VAL C 95 24.65 33.01 -29.94
C VAL C 95 24.89 33.27 -31.43
N ASP C 96 26.10 32.93 -31.93
CA ASP C 96 26.36 33.09 -33.36
C ASP C 96 25.33 32.34 -34.17
N ARG C 97 25.04 31.12 -33.71
CA ARG C 97 24.20 30.26 -34.48
C ARG C 97 22.79 30.87 -34.51
N THR C 98 22.37 31.35 -33.35
CA THR C 98 21.03 31.93 -33.20
C THR C 98 20.94 33.15 -34.12
N MET C 99 21.97 34.00 -34.10
CA MET C 99 21.84 35.28 -34.81
C MET C 99 21.84 35.08 -36.32
N ALA C 100 22.60 34.10 -36.78
CA ALA C 100 22.72 33.79 -38.21
C ALA C 100 21.40 33.31 -38.85
N ALA C 101 20.48 32.77 -38.05
CA ALA C 101 19.16 32.32 -38.56
C ALA C 101 18.08 33.40 -38.56
N GLN C 102 18.43 34.65 -38.19
CA GLN C 102 17.41 35.71 -37.97
C GLN C 102 17.16 36.63 -39.20
N PRO C 103 15.89 36.99 -39.46
CA PRO C 103 15.69 38.02 -40.48
C PRO C 103 16.36 39.35 -40.03
N ALA C 104 16.82 40.12 -41.02
CA ALA C 104 17.47 41.43 -40.83
C ALA C 104 16.68 42.32 -39.87
N LYS C 105 15.36 42.41 -40.09
CA LYS C 105 14.51 43.30 -39.27
C LYS C 105 14.57 42.95 -37.80
N LEU C 106 14.70 41.66 -37.46
CA LEU C 106 14.78 41.28 -36.01
C LEU C 106 16.19 41.50 -35.45
N LEU C 107 17.25 41.30 -36.26
CA LEU C 107 18.60 41.69 -35.80
C LEU C 107 18.61 43.21 -35.49
N GLN C 108 17.99 44.00 -36.36
CA GLN C 108 17.84 45.46 -36.13
C GLN C 108 17.05 45.79 -34.91
N MET C 109 15.89 45.12 -34.73
CA MET C 109 15.04 45.38 -33.56
C MET C 109 15.84 45.09 -32.28
N VAL C 110 16.61 43.99 -32.27
CA VAL C 110 17.40 43.65 -31.07
C VAL C 110 18.55 44.64 -30.85
N GLU C 111 19.20 45.10 -31.92
CA GLU C 111 20.23 46.18 -31.70
C GLU C 111 19.57 47.41 -31.07
N GLY C 112 18.39 47.71 -31.57
CA GLY C 112 17.63 48.85 -31.10
C GLY C 112 17.25 48.71 -29.63
N PHE C 113 16.77 47.51 -29.24
CA PHE C 113 16.35 47.18 -27.89
C PHE C 113 17.51 47.40 -26.91
N ALA C 114 18.66 46.89 -27.29
CA ALA C 114 19.87 47.10 -26.49
C ALA C 114 20.18 48.61 -26.36
N ALA C 115 20.13 49.36 -27.47
CA ALA C 115 20.45 50.78 -27.37
C ALA C 115 19.44 51.45 -26.48
N GLY C 116 18.18 51.05 -26.57
CA GLY C 116 17.13 51.75 -25.78
C GLY C 116 17.32 51.44 -24.30
N TYR C 117 17.57 50.16 -23.99
CA TYR C 117 17.89 49.76 -22.59
C TYR C 117 19.07 50.65 -22.09
N ASN C 118 20.11 50.77 -22.88
CA ASN C 118 21.31 51.54 -22.50
C ASN C 118 21.03 53.02 -22.35
N ARG C 119 20.15 53.55 -23.18
CA ARG C 119 19.76 54.97 -23.03
C ARG C 119 19.16 55.15 -21.62
N TYR C 120 18.28 54.22 -21.22
CA TYR C 120 17.67 54.37 -19.89
C TYR C 120 18.72 54.23 -18.79
N VAL C 121 19.58 53.25 -18.89
CA VAL C 121 20.71 53.10 -17.98
C VAL C 121 21.46 54.41 -17.82
N ARG C 122 21.75 55.11 -18.92
CA ARG C 122 22.42 56.43 -18.80
C ARG C 122 21.55 57.40 -18.00
N GLU C 123 20.23 57.33 -18.18
CA GLU C 123 19.37 58.28 -17.48
C GLU C 123 19.31 57.95 -15.98
N ALA C 124 19.23 56.68 -15.67
CA ALA C 124 19.22 56.22 -14.27
C ALA C 124 20.57 56.54 -13.61
N LYS C 125 21.70 56.38 -14.31
CA LYS C 125 22.97 56.74 -13.69
C LYS C 125 23.07 58.23 -13.40
N ALA C 126 22.56 59.06 -14.31
CA ALA C 126 22.64 60.51 -14.21
C ALA C 126 21.98 61.09 -12.95
N GLY C 127 20.88 60.51 -12.49
CA GLY C 127 20.25 61.09 -11.31
C GLY C 127 18.85 60.55 -11.10
N GLY C 128 18.09 61.18 -10.19
CA GLY C 128 16.66 60.85 -10.07
C GLY C 128 16.37 59.84 -8.98
N SER C 129 15.08 59.60 -8.77
CA SER C 129 14.71 58.81 -7.60
C SER C 129 14.24 57.46 -8.07
N ALA C 130 14.18 57.24 -9.38
CA ALA C 130 13.60 55.96 -9.88
C ALA C 130 14.65 54.86 -9.65
N HIS C 131 14.20 53.65 -9.33
CA HIS C 131 15.12 52.49 -9.19
C HIS C 131 16.18 52.75 -8.15
N ALA C 132 15.81 53.44 -7.09
CA ALA C 132 16.74 53.70 -5.96
C ALA C 132 17.36 52.41 -5.44
N ALA C 133 16.64 51.32 -5.60
CA ALA C 133 17.11 50.04 -5.03
C ALA C 133 18.40 49.57 -5.70
N CYS C 134 18.67 49.96 -6.94
CA CYS C 134 19.85 49.42 -7.63
C CYS C 134 20.67 50.36 -8.52
N ARG C 135 20.21 51.59 -8.74
CA ARG C 135 20.76 52.47 -9.79
C ARG C 135 22.29 52.77 -9.66
N SER C 136 22.83 52.73 -8.42
CA SER C 136 24.25 53.00 -8.15
C SER C 136 25.09 51.72 -8.12
N GLU C 137 24.47 50.56 -8.39
CA GLU C 137 25.23 49.29 -8.41
C GLU C 137 26.06 49.11 -9.68
N ALA C 138 27.16 48.38 -9.58
CA ALA C 138 28.02 48.23 -10.75
C ALA C 138 27.42 47.36 -11.84
N TRP C 139 26.54 46.44 -11.41
CA TRP C 139 25.84 45.59 -12.38
C TRP C 139 24.67 46.22 -13.07
N VAL C 140 24.41 47.48 -12.79
CA VAL C 140 23.49 48.25 -13.62
C VAL C 140 24.45 48.91 -14.63
N GLN C 141 24.42 48.38 -15.87
CA GLN C 141 25.45 48.77 -16.87
C GLN C 141 24.93 48.50 -18.28
N PRO C 142 25.56 49.13 -19.30
CA PRO C 142 25.05 48.90 -20.65
C PRO C 142 25.23 47.45 -21.04
N ILE C 143 24.35 46.99 -21.96
CA ILE C 143 24.38 45.64 -22.49
C ILE C 143 24.59 45.65 -24.02
N THR C 144 24.76 44.47 -24.62
CA THR C 144 24.93 44.43 -26.08
C THR C 144 23.73 43.73 -26.74
N ALA C 145 23.61 43.86 -28.04
CA ALA C 145 22.65 43.03 -28.73
C ALA C 145 22.86 41.57 -28.45
N ARG C 146 24.12 41.12 -28.45
CA ARG C 146 24.42 39.72 -28.18
C ARG C 146 23.81 39.29 -26.82
N ASP C 147 23.81 40.20 -25.83
CA ASP C 147 23.27 39.89 -24.46
C ASP C 147 21.76 39.65 -24.58
N VAL C 148 21.12 40.43 -25.44
CA VAL C 148 19.70 40.28 -25.59
C VAL C 148 19.42 38.95 -26.29
N TRP C 149 20.25 38.56 -27.27
CA TRP C 149 20.09 37.23 -27.91
C TRP C 149 20.34 36.10 -26.92
N ARG C 150 21.32 36.27 -25.99
CA ARG C 150 21.48 35.30 -24.88
C ARG C 150 20.17 35.10 -24.14
N ARG C 151 19.53 36.22 -23.80
CA ARG C 151 18.25 36.23 -23.04
C ARG C 151 17.15 35.54 -23.86
N ILE C 152 17.09 35.84 -25.18
CA ILE C 152 16.10 35.22 -26.02
C ILE C 152 16.30 33.72 -26.10
N TYR C 153 17.54 33.30 -26.33
CA TYR C 153 17.88 31.87 -26.37
C TYR C 153 17.51 31.19 -25.03
N ALA C 154 17.83 31.84 -23.93
CA ALA C 154 17.54 31.31 -22.62
C ALA C 154 16.05 30.95 -22.50
N ALA C 155 15.15 31.79 -23.02
CA ALA C 155 13.70 31.63 -22.86
C ALA C 155 13.21 30.35 -23.54
N ASN C 156 13.95 29.94 -24.58
CA ASN C 156 13.60 28.78 -25.35
C ASN C 156 13.88 27.47 -24.62
N LEU C 157 14.73 27.55 -23.58
CA LEU C 157 15.22 26.36 -22.90
C LEU C 157 14.41 25.91 -21.66
N ALA C 158 13.27 26.55 -21.41
CA ALA C 158 12.49 26.28 -20.20
C ALA C 158 12.01 24.86 -20.10
N GLY C 159 11.82 24.19 -21.26
CA GLY C 159 11.23 22.84 -21.29
C GLY C 159 12.29 21.74 -21.21
N GLY C 160 13.55 22.16 -21.07
CA GLY C 160 14.65 21.20 -21.25
C GLY C 160 15.87 21.61 -20.45
N TYR C 161 16.83 22.28 -21.10
CA TYR C 161 18.10 22.55 -20.41
C TYR C 161 17.98 23.37 -19.14
N SER C 162 17.05 24.30 -19.12
CA SER C 162 16.89 25.17 -17.94
C SER C 162 16.63 24.41 -16.66
N ASN C 163 15.93 23.26 -16.75
CA ASN C 163 15.54 22.51 -15.59
C ASN C 163 16.67 21.70 -15.01
N PHE C 164 17.81 21.73 -15.68
CA PHE C 164 18.97 20.94 -15.29
C PHE C 164 20.20 21.77 -15.25
N ALA C 165 20.07 23.07 -14.95
CA ALA C 165 21.20 24.02 -14.95
C ALA C 165 22.36 23.55 -14.07
N GLU C 166 22.02 23.23 -12.82
CA GLU C 166 23.03 22.77 -11.86
C GLU C 166 23.63 21.44 -12.31
N ALA C 167 22.78 20.51 -12.73
CA ALA C 167 23.24 19.22 -13.20
C ALA C 167 24.23 19.32 -14.41
N ILE C 168 23.98 20.29 -15.31
CA ILE C 168 24.80 20.48 -16.52
C ILE C 168 26.08 21.17 -16.04
N ALA C 169 25.98 22.09 -15.09
CA ALA C 169 27.19 22.84 -14.66
C ALA C 169 28.17 21.95 -13.89
N ASN C 170 27.68 20.80 -13.42
CA ASN C 170 28.47 19.89 -12.58
C ASN C 170 28.72 18.50 -13.15
N ALA C 171 28.56 18.36 -14.46
CA ALA C 171 28.90 17.13 -15.16
C ALA C 171 30.42 17.08 -15.45
N GLN C 172 31.09 16.13 -14.78
CA GLN C 172 32.57 16.02 -14.69
C GLN C 172 32.98 14.56 -14.86
N PRO C 173 34.02 14.27 -15.68
CA PRO C 173 34.46 12.86 -15.76
C PRO C 173 35.11 12.36 -14.44
N PRO C 174 35.18 11.02 -14.25
CA PRO C 174 35.77 10.49 -13.00
C PRO C 174 37.17 11.05 -12.74
N GLN C 175 37.93 11.29 -13.81
CA GLN C 175 39.07 12.23 -13.77
C GLN C 175 38.69 13.65 -13.30
N SER C 195 7.96 19.96 -13.76
CA SER C 195 8.47 21.21 -13.21
C SER C 195 7.74 22.47 -13.81
N LEU C 196 7.84 22.67 -15.13
CA LEU C 196 7.08 23.73 -15.84
C LEU C 196 5.55 23.45 -15.81
N GLN C 197 4.72 24.43 -15.45
CA GLN C 197 3.32 24.06 -15.16
C GLN C 197 2.43 25.30 -15.34
N GLY C 198 1.13 25.11 -15.51
CA GLY C 198 0.12 26.21 -15.36
C GLY C 198 -0.43 26.80 -16.66
N SER C 199 -1.46 27.65 -16.48
CA SER C 199 -2.03 28.60 -17.49
C SER C 199 -3.34 28.00 -18.00
N ASN C 200 -4.33 28.88 -18.21
CA ASN C 200 -5.61 28.49 -18.85
C ASN C 200 -5.78 29.30 -20.16
N MET C 201 -6.53 28.81 -21.15
CA MET C 201 -6.95 29.67 -22.23
C MET C 201 -8.21 29.07 -22.82
N TYR C 202 -9.08 29.94 -23.35
CA TYR C 202 -10.22 29.49 -24.16
C TYR C 202 -10.16 30.23 -25.49
N GLY C 203 -10.61 29.58 -26.55
CA GLY C 203 -10.99 30.34 -27.74
C GLY C 203 -12.40 29.92 -28.03
N PHE C 204 -13.32 30.91 -28.06
CA PHE C 204 -14.73 30.66 -28.34
C PHE C 204 -15.01 31.07 -29.79
N GLY C 205 -15.62 30.19 -30.54
CA GLY C 205 -15.91 30.53 -31.94
C GLY C 205 -17.20 31.29 -32.06
N THR C 206 -17.64 31.58 -33.28
CA THR C 206 -18.82 32.44 -33.39
C THR C 206 -20.16 31.73 -33.06
N ALA C 207 -20.24 30.39 -33.04
CA ALA C 207 -21.43 29.67 -32.54
C ALA C 207 -21.52 29.82 -31.01
N ALA C 208 -20.37 30.09 -30.38
CA ALA C 208 -20.37 30.25 -28.95
C ALA C 208 -20.64 31.71 -28.50
N THR C 209 -20.22 32.69 -29.30
CA THR C 209 -20.32 34.09 -28.85
C THR C 209 -21.63 34.68 -29.33
N GLY C 210 -22.12 34.11 -30.44
CA GLY C 210 -23.39 34.45 -31.02
C GLY C 210 -23.27 35.65 -31.92
N GLU C 211 -22.04 35.93 -32.31
CA GLU C 211 -21.65 37.22 -32.83
C GLU C 211 -20.76 37.04 -34.04
N GLY C 212 -20.33 38.19 -34.57
CA GLY C 212 -19.55 38.20 -35.79
C GLY C 212 -18.13 37.70 -35.59
N SER C 213 -17.66 37.64 -34.34
CA SER C 213 -16.33 37.12 -34.17
C SER C 213 -16.32 36.23 -32.93
N GLY C 214 -15.24 35.48 -32.83
CA GLY C 214 -14.98 34.69 -31.63
C GLY C 214 -14.44 35.56 -30.50
N VAL C 215 -14.19 34.91 -29.37
CA VAL C 215 -13.66 35.55 -28.19
C VAL C 215 -12.47 34.76 -27.70
N LEU C 216 -11.35 35.48 -27.43
CA LEU C 216 -10.08 34.84 -26.99
C LEU C 216 -9.87 35.18 -25.54
N PHE C 217 -9.71 34.16 -24.68
CA PHE C 217 -9.32 34.40 -23.28
C PHE C 217 -7.90 33.87 -23.03
N GLY C 218 -6.97 34.75 -22.69
CA GLY C 218 -5.57 34.39 -22.44
C GLY C 218 -5.31 34.54 -20.93
N ASN C 219 -4.78 33.49 -20.30
CA ASN C 219 -4.61 33.48 -18.83
C ASN C 219 -3.33 32.70 -18.39
N PRO C 220 -2.18 33.17 -18.86
CA PRO C 220 -0.94 32.51 -18.43
C PRO C 220 -0.76 32.57 -16.90
N HIS C 221 -0.43 31.45 -16.28
CA HIS C 221 -0.13 31.50 -14.84
C HIS C 221 1.33 31.61 -14.77
N TRP C 222 1.86 32.66 -14.14
CA TRP C 222 3.27 32.90 -14.34
C TRP C 222 3.84 33.71 -13.19
N TYR C 223 5.14 34.05 -13.29
CA TYR C 223 5.82 34.74 -12.19
C TYR C 223 5.32 36.13 -11.90
N TRP C 224 5.28 36.53 -10.65
CA TRP C 224 4.96 37.89 -10.38
C TRP C 224 6.20 38.73 -10.21
N LYS C 225 7.38 38.12 -10.05
CA LYS C 225 8.61 38.92 -9.99
C LYS C 225 9.67 38.24 -10.85
N GLY C 226 10.77 38.92 -11.14
CA GLY C 226 11.87 38.32 -11.89
C GLY C 226 11.77 38.50 -13.43
N PRO C 227 12.82 38.13 -14.15
CA PRO C 227 12.94 38.54 -15.53
C PRO C 227 12.02 37.76 -16.49
N ASP C 228 11.45 36.65 -16.02
CA ASP C 228 10.38 35.98 -16.85
C ASP C 228 9.02 36.61 -16.71
N ARG C 229 8.84 37.55 -15.78
CA ARG C 229 7.54 38.13 -15.69
C ARG C 229 7.19 38.97 -16.93
N PHE C 230 5.88 39.12 -17.16
CA PHE C 230 5.37 39.82 -18.34
C PHE C 230 5.36 41.32 -18.19
N TYR C 231 5.42 41.97 -19.36
CA TYR C 231 5.42 43.41 -19.44
C TYR C 231 4.46 43.70 -20.60
N GLN C 232 3.46 44.55 -20.33
CA GLN C 232 2.42 44.85 -21.30
C GLN C 232 2.70 46.09 -22.16
N ALA C 233 2.51 45.97 -23.49
CA ALA C 233 2.78 47.12 -24.36
C ALA C 233 2.16 46.91 -25.73
N GLN C 234 2.16 48.00 -26.49
CA GLN C 234 1.75 48.04 -27.89
C GLN C 234 2.93 48.47 -28.76
N LEU C 235 3.11 47.80 -29.89
CA LEU C 235 4.12 48.19 -30.87
C LEU C 235 3.42 48.52 -32.18
N THR C 236 3.66 49.73 -32.67
CA THR C 236 3.10 50.23 -33.93
C THR C 236 4.30 50.57 -34.81
N ILE C 237 4.47 49.77 -35.86
CA ILE C 237 5.66 49.87 -36.68
C ILE C 237 5.17 50.17 -38.07
N ASP C 238 5.32 51.43 -38.46
CA ASP C 238 4.51 52.03 -39.51
C ASP C 238 4.46 51.17 -40.79
N GLY C 239 3.26 50.76 -41.16
CA GLY C 239 3.06 49.90 -42.30
C GLY C 239 3.25 48.38 -42.09
N GLU C 240 3.86 47.97 -40.99
CA GLU C 240 4.32 46.57 -40.80
C GLU C 240 3.63 45.76 -39.69
N ALA C 241 3.27 46.43 -38.61
CA ALA C 241 2.70 45.73 -37.46
C ALA C 241 2.01 46.72 -36.56
N ASN C 242 0.92 46.25 -35.97
CA ASN C 242 0.35 47.02 -34.90
C ASN C 242 -0.18 46.00 -33.95
N VAL C 243 0.57 45.74 -32.85
CA VAL C 243 0.29 44.54 -32.03
C VAL C 243 0.41 45.00 -30.57
N SER C 244 -0.32 44.33 -29.69
CA SER C 244 -0.43 44.71 -28.27
C SER C 244 -0.50 43.42 -27.46
N GLY C 245 0.15 43.41 -26.29
CA GLY C 245 0.03 42.24 -25.49
C GLY C 245 1.18 42.24 -24.52
N VAL C 246 1.73 41.06 -24.21
CA VAL C 246 2.90 41.03 -23.31
C VAL C 246 4.12 40.30 -23.91
N SER C 247 5.29 40.67 -23.38
CA SER C 247 6.58 39.96 -23.53
C SER C 247 7.16 39.67 -22.16
N PHE C 248 8.02 38.66 -22.07
CA PHE C 248 8.87 38.54 -20.85
C PHE C 248 9.76 39.77 -20.86
N LEU C 249 10.15 40.25 -19.68
CA LEU C 249 11.13 41.30 -19.66
C LEU C 249 12.39 40.89 -20.45
N GLY C 250 12.83 41.73 -21.37
CA GLY C 250 14.05 41.46 -22.14
C GLY C 250 13.78 40.86 -23.50
N LEU C 251 12.52 40.51 -23.77
CA LEU C 251 12.11 40.02 -25.10
C LEU C 251 11.52 41.20 -25.91
N PRO C 252 11.81 41.28 -27.24
CA PRO C 252 11.37 42.46 -28.01
C PRO C 252 10.11 42.31 -28.82
N VAL C 253 9.57 41.09 -28.94
CA VAL C 253 8.28 40.95 -29.64
C VAL C 253 7.21 40.44 -28.73
N ILE C 254 5.95 40.68 -29.10
CA ILE C 254 4.79 40.27 -28.27
C ILE C 254 4.60 38.73 -28.35
N GLN C 255 4.63 38.08 -27.20
CA GLN C 255 4.44 36.60 -27.12
C GLN C 255 3.01 36.15 -26.88
N ILE C 256 2.23 36.94 -26.17
CA ILE C 256 0.79 36.62 -26.00
C ILE C 256 0.11 37.97 -26.23
N GLY C 257 -0.89 38.03 -27.11
CA GLY C 257 -1.49 39.35 -27.40
C GLY C 257 -2.45 39.27 -28.56
N PHE C 258 -2.53 40.36 -29.29
CA PHE C 258 -3.48 40.47 -30.37
C PHE C 258 -3.09 41.59 -31.29
N ASN C 259 -3.68 41.60 -32.48
CA ASN C 259 -3.56 42.72 -33.40
C ASN C 259 -4.97 42.99 -33.98
N ASP C 260 -5.05 43.73 -35.09
CA ASP C 260 -6.36 44.13 -35.63
C ASP C 260 -7.14 42.91 -36.17
N SER C 261 -6.50 41.74 -36.22
CA SER C 261 -7.03 40.63 -37.02
C SER C 261 -7.01 39.32 -36.29
N VAL C 262 -6.03 39.13 -35.43
CA VAL C 262 -5.93 37.84 -34.64
C VAL C 262 -5.58 38.05 -33.17
N ALA C 263 -6.07 37.15 -32.30
CA ALA C 263 -5.68 37.16 -30.90
C ALA C 263 -5.25 35.76 -30.48
N TRP C 264 -4.23 35.62 -29.61
CA TRP C 264 -3.79 34.23 -29.25
C TRP C 264 -3.26 34.20 -27.85
N SER C 265 -3.14 32.99 -27.28
CA SER C 265 -2.45 32.88 -25.99
C SER C 265 -1.75 31.51 -25.98
N HIS C 266 -1.08 31.23 -24.88
CA HIS C 266 -0.34 29.99 -24.70
C HIS C 266 -0.52 29.45 -23.32
N THR C 267 -0.48 28.13 -23.22
CA THR C 267 -0.41 27.46 -21.91
C THR C 267 0.69 26.43 -21.99
N VAL C 268 1.24 26.03 -20.83
CA VAL C 268 2.29 24.97 -20.85
C VAL C 268 1.73 23.68 -21.43
N SER C 269 2.52 23.09 -22.34
CA SER C 269 2.17 21.80 -22.94
C SER C 269 2.78 20.59 -22.16
N THR C 270 2.02 19.50 -22.09
CA THR C 270 2.48 18.25 -21.47
C THR C 270 3.60 17.53 -22.32
N ALA C 271 3.80 17.96 -23.57
CA ALA C 271 4.73 17.29 -24.45
C ALA C 271 6.13 17.52 -23.93
N ARG C 272 6.84 16.46 -23.64
CA ARG C 272 8.25 16.57 -23.28
C ARG C 272 9.10 17.16 -24.40
N ARG C 273 10.08 18.00 -24.04
CA ARG C 273 10.91 18.71 -25.04
C ARG C 273 12.38 18.29 -25.02
N PHE C 274 12.66 17.24 -24.20
CA PHE C 274 14.03 16.83 -24.02
C PHE C 274 14.10 15.33 -23.85
N GLY C 275 15.28 14.77 -24.10
CA GLY C 275 15.53 13.36 -23.70
C GLY C 275 16.95 13.20 -23.22
N PHE C 276 17.29 12.00 -22.73
CA PHE C 276 18.68 11.72 -22.36
C PHE C 276 19.35 10.72 -23.31
N PHE C 277 20.64 10.92 -23.51
CA PHE C 277 21.43 9.88 -24.16
C PHE C 277 22.47 9.32 -23.23
N GLN C 278 22.42 8.01 -23.06
CA GLN C 278 23.45 7.29 -22.32
C GLN C 278 24.64 7.00 -23.22
N LEU C 279 25.83 7.39 -22.74
CA LEU C 279 27.06 7.25 -23.52
C LEU C 279 27.93 6.09 -23.02
N SER C 280 28.33 5.20 -23.94
CA SER C 280 29.25 4.12 -23.62
C SER C 280 30.67 4.61 -23.85
N LEU C 281 31.45 4.76 -22.78
CA LEU C 281 32.76 5.45 -22.86
C LEU C 281 33.90 4.57 -23.43
N VAL C 282 34.92 5.22 -23.99
CA VAL C 282 36.10 4.51 -24.48
C VAL C 282 36.92 4.11 -23.24
N GLN C 283 37.28 2.83 -23.14
CA GLN C 283 38.03 2.32 -21.98
C GLN C 283 39.40 3.00 -21.93
N GLY C 284 39.76 3.51 -20.75
CA GLY C 284 40.96 4.33 -20.59
C GLY C 284 40.72 5.82 -20.80
N GLU C 285 39.54 6.18 -21.34
CA GLU C 285 39.32 7.54 -21.87
C GLU C 285 37.91 8.13 -21.63
N PRO C 286 37.62 8.50 -20.38
CA PRO C 286 36.22 8.78 -20.02
C PRO C 286 35.63 10.06 -20.62
N THR C 287 36.35 10.72 -21.53
CA THR C 287 35.76 11.89 -22.22
C THR C 287 35.62 11.51 -23.70
N SER C 288 35.53 10.21 -23.99
CA SER C 288 35.17 9.75 -25.32
C SER C 288 34.10 8.69 -25.22
N TYR C 289 33.25 8.62 -26.24
CA TYR C 289 32.18 7.64 -26.30
C TYR C 289 32.09 6.97 -27.67
N LEU C 290 31.42 5.83 -27.67
CA LEU C 290 31.36 4.94 -28.80
C LEU C 290 30.11 5.24 -29.61
N ARG C 291 30.26 5.31 -30.93
CA ARG C 291 29.17 5.52 -31.85
C ARG C 291 29.25 4.40 -32.91
N ASP C 292 28.41 3.37 -32.75
CA ASP C 292 28.48 2.16 -33.57
C ASP C 292 29.93 1.70 -33.65
N GLY C 293 30.54 1.50 -32.48
CA GLY C 293 31.89 0.98 -32.40
C GLY C 293 33.01 1.95 -32.77
N VAL C 294 32.74 3.23 -33.04
CA VAL C 294 33.88 4.14 -33.27
C VAL C 294 34.00 5.15 -32.14
N PRO C 295 35.25 5.48 -31.71
CA PRO C 295 35.44 6.52 -30.70
C PRO C 295 35.13 7.87 -31.31
N VAL C 296 34.43 8.70 -30.54
CA VAL C 296 34.10 10.11 -30.83
C VAL C 296 34.51 10.89 -29.59
N LYS C 297 35.30 11.95 -29.74
CA LYS C 297 35.66 12.73 -28.59
C LYS C 297 34.51 13.67 -28.18
N MET C 298 34.28 13.81 -26.86
CA MET C 298 33.41 14.86 -26.34
C MET C 298 34.15 16.17 -26.57
N LYS C 299 33.42 17.25 -26.77
CA LYS C 299 34.05 18.55 -26.99
C LYS C 299 34.15 19.31 -25.66
N PRO C 300 35.41 19.60 -25.23
CA PRO C 300 35.64 20.23 -23.94
C PRO C 300 35.50 21.77 -24.00
N ALA C 301 35.17 22.39 -22.87
CA ALA C 301 35.21 23.85 -22.73
C ALA C 301 35.76 24.11 -21.35
N THR C 302 36.93 24.75 -21.28
CA THR C 302 37.49 25.22 -19.99
C THR C 302 36.97 26.61 -19.69
N ILE C 303 36.14 26.72 -18.65
CA ILE C 303 35.44 27.96 -18.33
C ILE C 303 35.94 28.49 -16.99
N THR C 304 36.31 29.77 -16.95
CA THR C 304 36.69 30.44 -15.69
C THR C 304 35.62 31.48 -15.35
N VAL C 305 35.00 31.36 -14.20
CA VAL C 305 33.98 32.31 -13.72
C VAL C 305 34.59 33.07 -12.54
N PRO C 306 34.65 34.40 -12.66
CA PRO C 306 35.13 35.14 -11.48
C PRO C 306 34.02 35.19 -10.40
N SER C 307 34.45 35.06 -9.13
CA SER C 307 33.51 34.95 -8.00
C SER C 307 33.87 35.79 -6.78
N ARG C 308 32.93 36.63 -6.34
CA ARG C 308 33.22 37.53 -5.23
C ARG C 308 33.22 36.79 -3.90
N ASN C 309 34.29 36.97 -3.13
CA ASN C 309 34.42 36.33 -1.81
C ASN C 309 33.73 37.13 -0.73
N ALA C 310 33.09 36.41 0.20
CA ALA C 310 32.36 36.96 1.35
C ALA C 310 33.11 38.09 2.10
N ASP C 311 34.43 38.19 1.89
CA ASP C 311 35.26 39.23 2.47
C ASP C 311 35.59 40.35 1.48
N GLY C 312 35.18 40.18 0.22
CA GLY C 312 35.22 41.27 -0.75
C GLY C 312 36.07 41.10 -1.97
N SER C 313 37.12 40.29 -1.88
CA SER C 313 37.97 40.01 -3.03
C SER C 313 37.20 39.14 -4.07
N VAL C 314 37.81 38.93 -5.23
CA VAL C 314 37.28 38.11 -6.30
C VAL C 314 38.30 36.97 -6.58
N SER C 315 37.82 35.74 -6.69
CA SER C 315 38.68 34.60 -7.04
C SER C 315 38.18 33.90 -8.29
N ASP C 316 39.08 33.32 -9.07
CA ASP C 316 38.64 32.57 -10.24
C ASP C 316 38.20 31.16 -9.88
N VAL C 317 37.17 30.68 -10.56
CA VAL C 317 36.66 29.32 -10.41
C VAL C 317 36.66 28.75 -11.84
N THR C 318 37.33 27.62 -12.02
CA THR C 318 37.51 27.04 -13.34
C THR C 318 36.97 25.62 -13.38
N ARG C 319 36.19 25.30 -14.40
CA ARG C 319 35.75 23.93 -14.63
C ARG C 319 35.95 23.66 -16.08
N THR C 320 36.32 22.43 -16.43
CA THR C 320 36.17 21.99 -17.82
C THR C 320 34.89 21.19 -17.97
N LEU C 321 33.95 21.74 -18.72
CA LEU C 321 32.72 21.03 -18.99
C LEU C 321 32.71 20.56 -20.44
N TYR C 322 31.69 19.75 -20.80
CA TYR C 322 31.70 19.03 -22.06
C TYR C 322 30.38 19.03 -22.80
N HIS C 323 30.46 18.89 -24.12
CA HIS C 323 29.31 18.54 -24.99
C HIS C 323 29.54 17.22 -25.70
N SER C 324 28.45 16.50 -25.94
CA SER C 324 28.42 15.40 -26.90
C SER C 324 27.68 15.91 -28.14
N GLU C 325 27.64 15.09 -29.18
CA GLU C 325 26.86 15.44 -30.38
C GLU C 325 25.36 15.63 -30.10
N PHE C 326 24.86 15.08 -28.98
CA PHE C 326 23.42 15.20 -28.59
C PHE C 326 23.09 16.52 -27.89
N GLY C 327 24.10 17.17 -27.31
CA GLY C 327 23.87 18.20 -26.32
C GLY C 327 24.89 18.07 -25.18
N PRO C 328 24.81 18.94 -24.15
CA PRO C 328 25.75 18.92 -23.03
C PRO C 328 25.67 17.67 -22.16
N LEU C 329 26.81 17.31 -21.58
CA LEU C 329 26.90 16.29 -20.55
C LEU C 329 26.09 16.72 -19.34
N VAL C 330 25.53 15.77 -18.62
CA VAL C 330 24.65 16.12 -17.50
C VAL C 330 24.85 15.13 -16.38
N ASN C 331 24.99 15.68 -15.17
CA ASN C 331 25.29 14.89 -13.97
C ASN C 331 23.94 14.39 -13.43
N LEU C 332 23.70 13.09 -13.54
CA LEU C 332 22.41 12.53 -13.16
C LEU C 332 22.46 11.90 -11.77
N ALA C 333 23.62 11.99 -11.09
CA ALA C 333 23.80 11.29 -9.79
C ALA C 333 22.82 11.79 -8.72
N GLY C 334 22.32 13.02 -8.88
CA GLY C 334 21.29 13.51 -7.98
C GLY C 334 19.97 12.77 -8.17
N LEU C 335 19.64 12.40 -9.41
CA LEU C 335 18.45 11.58 -9.67
C LEU C 335 18.59 10.20 -9.13
N ASN C 336 19.81 9.66 -9.19
CA ASN C 336 20.08 8.32 -8.74
C ASN C 336 21.57 8.10 -8.81
N PRO C 337 22.21 7.83 -7.64
CA PRO C 337 23.68 7.67 -7.55
C PRO C 337 24.28 6.64 -8.54
N ALA C 338 23.47 5.67 -8.99
CA ALA C 338 23.88 4.66 -10.00
C ALA C 338 24.25 5.30 -11.35
N LEU C 339 23.76 6.51 -11.54
CA LEU C 339 23.86 7.23 -12.79
C LEU C 339 25.05 8.23 -12.81
N ALA C 340 26.05 8.00 -11.97
CA ALA C 340 27.25 8.84 -11.96
C ALA C 340 28.05 8.66 -13.25
N TRP C 341 28.83 9.65 -13.63
CA TRP C 341 29.69 9.54 -14.78
C TRP C 341 30.88 8.72 -14.33
N SER C 342 31.01 7.52 -14.87
CA SER C 342 32.00 6.54 -14.37
C SER C 342 33.00 6.23 -15.48
N GLN C 343 33.82 5.21 -15.26
CA GLN C 343 34.75 4.78 -16.28
C GLN C 343 34.01 4.22 -17.48
N GLY C 344 32.75 3.80 -17.28
CA GLY C 344 32.02 3.05 -18.31
C GLY C 344 30.89 3.82 -18.99
N THR C 345 30.25 4.73 -18.24
CA THR C 345 29.05 5.40 -18.71
C THR C 345 29.05 6.90 -18.36
N ALA C 346 28.49 7.72 -19.25
CA ALA C 346 28.15 9.11 -18.96
C ALA C 346 26.82 9.36 -19.65
N PHE C 347 26.22 10.50 -19.33
CA PHE C 347 24.88 10.83 -19.83
C PHE C 347 24.89 12.25 -20.39
N ALA C 348 24.19 12.44 -21.54
CA ALA C 348 23.95 13.78 -22.08
C ALA C 348 22.47 14.05 -22.08
N ILE C 349 22.15 15.33 -22.14
CA ILE C 349 20.75 15.79 -22.29
C ILE C 349 20.68 16.49 -23.66
N ARG C 350 19.64 16.16 -24.42
CA ARG C 350 19.29 16.87 -25.66
C ARG C 350 17.97 17.62 -25.45
N ASP C 351 17.96 18.95 -25.60
CA ASP C 351 16.69 19.74 -25.55
C ASP C 351 16.45 20.09 -27.04
N ILE C 352 15.29 19.71 -27.57
CA ILE C 352 15.00 19.97 -29.01
C ILE C 352 15.14 21.46 -29.35
N ASN C 353 14.93 22.26 -28.35
CA ASN C 353 14.98 23.72 -28.54
C ASN C 353 16.40 24.27 -28.58
N GLY C 354 17.38 23.43 -28.29
CA GLY C 354 18.77 23.90 -28.27
C GLY C 354 19.17 24.25 -29.70
N GLU C 355 18.47 23.67 -30.68
CA GLU C 355 18.79 23.92 -32.09
C GLU C 355 17.66 24.59 -32.86
N ASN C 356 16.76 25.19 -32.09
CA ASN C 356 15.54 25.82 -32.60
C ASN C 356 15.77 27.32 -32.51
N PHE C 357 16.15 27.89 -33.66
CA PHE C 357 16.45 29.34 -33.79
C PHE C 357 15.27 30.15 -34.33
N ARG C 358 14.06 29.53 -34.33
CA ARG C 358 12.91 30.03 -35.09
C ARG C 358 11.77 30.66 -34.27
N THR C 359 11.86 30.59 -32.94
CA THR C 359 10.71 31.00 -32.12
C THR C 359 10.48 32.52 -32.21
N LEU C 360 11.52 33.32 -32.04
CA LEU C 360 11.35 34.77 -32.06
C LEU C 360 10.71 35.27 -33.38
N ARG C 361 11.19 34.74 -34.51
CA ARG C 361 10.64 35.09 -35.84
C ARG C 361 9.18 34.65 -35.92
N THR C 362 8.83 33.58 -35.20
CA THR C 362 7.46 33.09 -35.27
C THR C 362 6.51 34.06 -34.57
N TRP C 363 6.88 34.49 -33.37
CA TRP C 363 6.04 35.51 -32.73
C TRP C 363 6.01 36.79 -33.57
N MET C 364 7.17 37.18 -34.13
CA MET C 364 7.24 38.33 -35.01
C MET C 364 6.21 38.23 -36.15
N ARG C 365 6.17 37.08 -36.81
CA ARG C 365 5.24 36.90 -37.97
C ARG C 365 3.78 36.93 -37.46
N TRP C 366 3.52 36.31 -36.32
CA TRP C 366 2.16 36.41 -35.73
C TRP C 366 1.82 37.82 -35.39
N ASN C 367 2.81 38.63 -34.89
CA ASN C 367 2.52 40.02 -34.53
C ASN C 367 2.02 40.79 -35.76
N GLN C 368 2.49 40.42 -36.94
CA GLN C 368 2.09 41.06 -38.20
C GLN C 368 0.89 40.39 -38.94
N ALA C 369 0.44 39.21 -38.48
CA ALA C 369 -0.60 38.37 -39.16
C ALA C 369 -1.94 39.08 -39.35
N LYS C 370 -2.54 38.87 -40.53
CA LYS C 370 -3.75 39.60 -40.97
C LYS C 370 -4.98 38.72 -40.97
N SER C 371 -4.80 37.46 -40.53
CA SER C 371 -5.95 36.52 -40.44
C SER C 371 -5.57 35.30 -39.63
N LEU C 372 -6.58 34.63 -39.12
CA LEU C 372 -6.34 33.32 -38.44
C LEU C 372 -5.71 32.30 -39.42
N ASP C 373 -6.12 32.31 -40.71
CA ASP C 373 -5.57 31.38 -41.61
C ASP C 373 -4.07 31.60 -41.76
N GLU C 374 -3.65 32.86 -41.78
CA GLU C 374 -2.25 33.19 -41.88
C GLU C 374 -1.53 32.77 -40.59
N PHE C 375 -2.14 33.05 -39.42
CA PHE C 375 -1.60 32.64 -38.11
C PHE C 375 -1.29 31.14 -38.11
N ILE C 376 -2.27 30.38 -38.58
CA ILE C 376 -2.17 28.94 -38.65
C ILE C 376 -1.05 28.51 -39.61
N ALA C 377 -0.93 29.16 -40.78
CA ALA C 377 0.12 28.74 -41.74
C ALA C 377 1.49 29.03 -41.12
N ILE C 378 1.62 30.20 -40.47
CA ILE C 378 2.91 30.51 -39.86
C ILE C 378 3.28 29.45 -38.80
N GLN C 379 2.30 29.11 -37.94
CA GLN C 379 2.52 28.11 -36.91
C GLN C 379 3.06 26.75 -37.50
N LYS C 380 2.46 26.31 -38.61
CA LYS C 380 2.83 25.08 -39.33
C LYS C 380 4.16 25.21 -40.08
N GLU C 381 4.36 26.35 -40.73
CA GLU C 381 5.62 26.52 -41.45
C GLU C 381 6.89 26.60 -40.53
N GLU C 382 6.70 27.19 -39.35
CA GLU C 382 7.82 27.43 -38.45
C GLU C 382 8.04 26.19 -37.52
N ALA C 383 6.93 25.58 -37.08
CA ALA C 383 6.95 24.39 -36.19
C ALA C 383 7.98 24.62 -35.07
N SER C 384 7.86 25.78 -34.42
CA SER C 384 8.93 26.27 -33.60
C SER C 384 8.53 26.49 -32.13
N ILE C 385 7.23 26.52 -31.85
CA ILE C 385 6.75 26.90 -30.55
C ILE C 385 7.34 25.90 -29.52
N PRO C 386 8.08 26.45 -28.50
CA PRO C 386 9.02 25.56 -27.82
C PRO C 386 8.51 24.71 -26.70
N TRP C 387 7.55 25.20 -25.91
CA TRP C 387 7.10 24.42 -24.77
C TRP C 387 5.65 24.69 -24.38
N VAL C 388 4.88 25.20 -25.33
CA VAL C 388 3.49 25.61 -25.06
C VAL C 388 2.52 25.25 -26.15
N ASN C 389 1.28 25.05 -25.68
CA ASN C 389 0.11 24.96 -26.55
C ASN C 389 -0.22 26.35 -27.03
N THR C 390 -1.05 26.44 -28.08
CA THR C 390 -1.47 27.76 -28.61
C THR C 390 -2.98 27.69 -28.85
N VAL C 391 -3.71 28.80 -28.55
CA VAL C 391 -5.11 28.90 -28.98
C VAL C 391 -5.26 30.30 -29.64
N ALA C 392 -6.02 30.40 -30.72
CA ALA C 392 -6.22 31.72 -31.37
C ALA C 392 -7.61 31.86 -31.92
N VAL C 393 -8.01 33.13 -32.12
CA VAL C 393 -9.30 33.47 -32.70
C VAL C 393 -8.93 34.56 -33.70
N GLY C 394 -9.60 34.55 -34.83
CA GLY C 394 -9.24 35.56 -35.89
C GLY C 394 -10.48 36.25 -36.34
N ARG C 395 -10.37 37.57 -36.58
CA ARG C 395 -11.48 38.39 -37.04
C ARG C 395 -12.07 37.71 -38.30
N GLY C 396 -13.41 37.59 -38.34
CA GLY C 396 -14.09 37.03 -39.51
C GLY C 396 -14.08 35.51 -39.59
N SER C 397 -13.41 34.79 -38.66
CA SER C 397 -13.30 33.29 -38.75
C SER C 397 -14.26 32.70 -37.81
N ALA C 398 -15.07 31.78 -38.32
CA ALA C 398 -16.05 31.22 -37.39
C ALA C 398 -15.40 30.34 -36.31
N LYS C 399 -14.29 29.67 -36.62
CA LYS C 399 -13.82 28.62 -35.71
C LYS C 399 -12.64 29.18 -34.90
N ALA C 400 -12.50 28.73 -33.65
CA ALA C 400 -11.32 28.97 -32.86
C ALA C 400 -10.31 27.84 -33.10
N TRP C 401 -9.03 28.14 -32.90
CA TRP C 401 -7.92 27.20 -33.20
C TRP C 401 -7.24 26.76 -31.92
N TYR C 402 -6.93 25.47 -31.82
CA TYR C 402 -6.10 24.91 -30.73
C TYR C 402 -4.98 24.11 -31.44
N ALA C 403 -3.72 24.25 -30.97
CA ALA C 403 -2.66 23.37 -31.45
C ALA C 403 -1.54 23.16 -30.44
N ASP C 404 -0.91 21.99 -30.47
CA ASP C 404 0.36 21.80 -29.78
C ASP C 404 1.30 21.55 -30.94
N ILE C 405 1.42 22.54 -31.82
CA ILE C 405 2.31 22.43 -32.98
C ILE C 405 3.52 23.30 -32.65
N GLY C 406 4.66 22.61 -32.50
CA GLY C 406 5.91 23.31 -32.10
C GLY C 406 7.05 22.35 -32.30
N ALA C 407 8.15 22.65 -31.60
CA ALA C 407 9.35 21.78 -31.74
C ALA C 407 9.29 20.69 -30.63
N VAL C 408 9.30 19.44 -31.05
CA VAL C 408 9.09 18.29 -30.12
C VAL C 408 10.02 17.12 -30.56
N PRO C 409 10.77 16.51 -29.63
CA PRO C 409 11.49 15.27 -29.97
C PRO C 409 10.66 14.18 -30.71
N ASN C 410 11.27 13.62 -31.76
CA ASN C 410 10.62 12.58 -32.55
C ASN C 410 11.27 11.20 -32.24
N VAL C 411 10.54 10.33 -31.54
CA VAL C 411 10.95 8.91 -31.38
C VAL C 411 9.75 8.01 -31.72
N SER C 412 10.01 6.82 -32.22
CA SER C 412 8.94 5.91 -32.61
C SER C 412 8.70 4.94 -31.45
N PRO C 413 7.54 4.22 -31.43
CA PRO C 413 7.36 3.21 -30.38
C PRO C 413 8.38 2.08 -30.49
N ALA C 414 8.72 1.70 -31.74
CA ALA C 414 9.79 0.71 -31.99
C ALA C 414 11.08 1.14 -31.26
N GLN C 415 11.47 2.43 -31.37
CA GLN C 415 12.67 2.97 -30.66
C GLN C 415 12.56 2.93 -29.15
N THR C 416 11.41 3.35 -28.64
CA THR C 416 11.16 3.36 -27.20
C THR C 416 11.37 1.93 -26.66
N ALA C 417 10.95 0.94 -27.44
CA ALA C 417 11.20 -0.48 -27.04
C ALA C 417 12.69 -0.86 -27.17
N ALA C 418 13.31 -0.62 -28.32
CA ALA C 418 14.64 -1.17 -28.60
C ALA C 418 15.73 -0.30 -27.98
N CYS C 419 15.48 0.98 -27.73
CA CYS C 419 16.54 1.96 -27.39
C CYS C 419 16.70 2.28 -25.89
N THR C 420 15.70 1.92 -25.11
CA THR C 420 15.65 2.36 -23.72
C THR C 420 16.60 1.46 -22.92
N THR C 421 17.43 2.04 -22.04
CA THR C 421 18.46 1.26 -21.38
C THR C 421 18.05 0.87 -19.98
N PRO C 422 18.71 -0.17 -19.41
CA PRO C 422 18.50 -0.51 -17.99
C PRO C 422 18.60 0.67 -17.03
N PHE C 423 19.62 1.53 -17.21
CA PHE C 423 19.82 2.70 -16.33
C PHE C 423 18.65 3.66 -16.37
N GLY C 424 17.96 3.69 -17.52
CA GLY C 424 16.84 4.57 -17.75
C GLY C 424 15.67 4.29 -16.83
N MET C 425 15.55 3.05 -16.35
CA MET C 425 14.49 2.72 -15.41
C MET C 425 14.52 3.61 -14.16
N ALA C 426 15.74 3.88 -13.68
CA ALA C 426 16.02 4.63 -12.44
C ALA C 426 15.34 5.99 -12.42
N VAL C 427 14.79 6.39 -13.56
CA VAL C 427 14.08 7.64 -13.71
C VAL C 427 12.67 7.45 -14.26
N GLY C 428 12.41 6.28 -14.83
CA GLY C 428 11.17 5.97 -15.55
C GLY C 428 9.88 6.30 -14.82
N GLN C 429 9.93 6.33 -13.49
CA GLN C 429 8.83 6.89 -12.69
C GLN C 429 8.92 8.41 -12.57
N ALA C 430 10.10 8.95 -12.22
CA ALA C 430 10.30 10.42 -12.09
C ALA C 430 10.08 11.22 -13.40
N LEU C 431 10.34 10.63 -14.57
CA LEU C 431 10.20 11.33 -15.86
C LEU C 431 9.56 10.49 -16.96
N PRO C 432 8.27 10.10 -16.81
CA PRO C 432 7.61 9.26 -17.85
C PRO C 432 7.62 9.95 -19.19
N ASN C 433 7.61 9.17 -20.28
CA ASN C 433 7.61 9.73 -21.64
C ASN C 433 8.88 10.44 -22.08
N VAL C 434 9.85 10.63 -21.19
CA VAL C 434 11.14 11.20 -21.60
C VAL C 434 11.99 10.08 -22.21
N PRO C 435 12.40 10.24 -23.48
CA PRO C 435 13.22 9.17 -24.10
C PRO C 435 14.59 9.13 -23.47
N PHE C 436 15.00 7.96 -23.02
CA PHE C 436 16.28 7.76 -22.31
C PHE C 436 16.99 6.65 -23.12
N PHE C 437 17.72 7.06 -24.14
CA PHE C 437 18.13 6.16 -25.24
C PHE C 437 19.63 5.81 -25.21
N ASP C 438 19.94 4.65 -25.80
CA ASP C 438 21.31 4.22 -25.98
C ASP C 438 22.03 5.05 -27.07
N GLY C 439 22.87 6.01 -26.63
CA GLY C 439 23.56 6.94 -27.54
C GLY C 439 24.66 6.28 -28.40
N SER C 440 24.96 5.00 -28.10
CA SER C 440 25.93 4.14 -28.86
C SER C 440 25.54 3.78 -30.25
N ARG C 441 24.23 3.82 -30.46
CA ARG C 441 23.63 3.32 -31.65
C ARG C 441 22.99 4.45 -32.43
N SER C 442 23.45 4.64 -33.65
CA SER C 442 22.88 5.69 -34.48
C SER C 442 21.39 5.39 -34.74
N GLU C 443 20.98 4.11 -34.73
CA GLU C 443 19.55 3.76 -34.86
C GLU C 443 18.68 4.40 -33.77
N CYS C 444 19.30 4.85 -32.66
CA CYS C 444 18.54 5.41 -31.53
C CYS C 444 18.47 6.94 -31.55
N ASP C 445 19.19 7.58 -32.46
CA ASP C 445 19.03 9.05 -32.63
C ASP C 445 17.58 9.40 -32.95
N TRP C 446 17.15 10.60 -32.52
CA TRP C 446 15.80 11.03 -32.87
C TRP C 446 15.58 11.14 -34.35
N LEU C 447 14.34 10.85 -34.73
CA LEU C 447 13.99 10.61 -36.13
C LEU C 447 13.58 11.92 -36.84
N THR C 448 13.61 11.90 -38.17
CA THR C 448 13.19 13.10 -38.92
C THR C 448 12.14 12.65 -39.92
N ASP C 449 10.97 13.32 -39.94
CA ASP C 449 9.86 12.94 -40.85
C ASP C 449 10.02 13.74 -42.16
N ALA C 450 9.37 13.29 -43.22
CA ALA C 450 9.34 14.08 -44.49
C ALA C 450 8.81 15.47 -44.30
N ASP C 451 7.86 15.65 -43.37
CA ASP C 451 7.43 17.03 -43.03
C ASP C 451 7.93 17.60 -41.70
N SER C 452 9.07 17.09 -41.24
CA SER C 452 9.77 17.72 -40.12
C SER C 452 10.42 19.00 -40.59
N VAL C 453 10.15 20.11 -39.90
CA VAL C 453 10.90 21.38 -40.10
C VAL C 453 12.33 21.35 -39.54
N GLN C 454 12.58 20.57 -38.49
CA GLN C 454 13.90 20.54 -37.91
C GLN C 454 14.31 19.08 -37.72
N LYS C 455 15.61 18.76 -37.84
CA LYS C 455 16.09 17.38 -37.69
C LYS C 455 15.78 16.88 -36.30
N GLY C 456 15.24 15.67 -36.23
CA GLY C 456 14.96 14.97 -34.95
C GLY C 456 13.65 15.43 -34.28
N ALA C 457 12.86 16.25 -35.00
CA ALA C 457 11.60 16.81 -34.47
C ALA C 457 10.40 16.17 -35.18
N VAL C 458 9.25 16.11 -34.50
CA VAL C 458 8.04 15.49 -35.05
C VAL C 458 7.59 16.31 -36.23
N GLY C 459 7.14 15.63 -37.29
CA GLY C 459 6.65 16.28 -38.51
C GLY C 459 5.34 17.00 -38.23
N VAL C 460 5.07 18.03 -39.01
CA VAL C 460 3.92 18.88 -38.74
C VAL C 460 2.58 18.08 -38.72
N SER C 461 2.40 17.16 -39.66
CA SER C 461 1.09 16.46 -39.77
C SER C 461 0.83 15.55 -38.59
N ARG C 462 1.85 15.36 -37.75
CA ARG C 462 1.78 14.43 -36.67
C ARG C 462 1.74 15.18 -35.33
N MET C 463 1.34 16.46 -35.33
CA MET C 463 1.27 17.20 -34.08
C MET C 463 -0.20 17.66 -33.94
N PRO C 464 -0.75 17.58 -32.73
CA PRO C 464 -2.23 17.78 -32.65
C PRO C 464 -2.76 19.20 -32.80
N SER C 465 -3.90 19.30 -33.47
CA SER C 465 -4.58 20.62 -33.56
C SER C 465 -6.06 20.37 -33.81
N LEU C 466 -6.89 21.39 -33.60
CA LEU C 466 -8.31 21.24 -33.74
C LEU C 466 -8.89 22.64 -34.02
N GLN C 467 -9.87 22.71 -34.92
CA GLN C 467 -10.70 23.93 -35.01
C GLN C 467 -12.15 23.62 -34.61
N ARG C 468 -12.84 24.54 -33.90
CA ARG C 468 -14.19 24.30 -33.48
C ARG C 468 -15.02 25.61 -33.56
N ASP C 469 -16.29 25.53 -33.84
CA ASP C 469 -17.00 26.83 -33.86
C ASP C 469 -17.70 27.09 -32.53
N ASP C 470 -17.65 26.13 -31.61
CA ASP C 470 -18.07 26.34 -30.23
C ASP C 470 -16.87 26.83 -29.35
N TYR C 471 -16.01 25.93 -28.90
CA TYR C 471 -14.81 26.41 -28.12
C TYR C 471 -13.68 25.41 -28.22
N VAL C 472 -12.47 25.88 -27.86
CA VAL C 472 -11.36 24.96 -27.57
C VAL C 472 -10.80 25.54 -26.27
N GLY C 473 -10.31 24.71 -25.35
CA GLY C 473 -9.60 25.20 -24.20
C GLY C 473 -8.50 24.31 -23.76
N ASN C 474 -7.57 24.90 -22.99
CA ASN C 474 -6.56 24.07 -22.40
C ASN C 474 -6.14 24.66 -21.06
N MET C 475 -5.88 23.78 -20.12
CA MET C 475 -5.50 24.17 -18.73
C MET C 475 -4.28 23.28 -18.32
N ASN C 476 -3.40 22.90 -19.27
CA ASN C 476 -2.18 22.10 -18.97
CA ASN C 476 -2.15 22.18 -19.01
C ASN C 476 -2.34 20.66 -18.81
N ASP C 477 -3.48 20.12 -19.23
CA ASP C 477 -3.47 18.67 -19.52
C ASP C 477 -3.09 18.51 -20.99
N SER C 478 -3.01 17.29 -21.47
CA SER C 478 -2.62 17.04 -22.86
C SER C 478 -3.67 17.63 -23.83
N TYR C 479 -3.29 17.61 -25.09
CA TYR C 479 -4.15 17.98 -26.20
C TYR C 479 -5.48 17.22 -26.21
N TRP C 480 -5.60 16.06 -25.52
CA TRP C 480 -6.79 15.17 -25.68
C TRP C 480 -8.15 15.92 -25.67
N LEU C 481 -8.38 16.67 -24.59
CA LEU C 481 -9.63 17.40 -24.44
C LEU C 481 -9.62 18.88 -24.79
N ALA C 482 -8.93 19.25 -25.87
CA ALA C 482 -9.13 20.64 -26.40
C ALA C 482 -10.62 20.99 -26.48
N ASN C 483 -11.46 20.01 -26.84
CA ASN C 483 -12.91 20.23 -26.80
C ASN C 483 -13.56 18.93 -26.31
N VAL C 484 -14.37 18.99 -25.28
CA VAL C 484 -14.81 17.73 -24.64
C VAL C 484 -15.74 16.95 -25.54
N HIS C 485 -16.40 17.65 -26.47
CA HIS C 485 -17.37 16.97 -27.37
C HIS C 485 -16.65 16.25 -28.49
N ALA C 486 -15.41 16.61 -28.75
CA ALA C 486 -14.62 16.06 -29.89
C ALA C 486 -13.20 15.73 -29.42
N PRO C 487 -13.06 14.69 -28.56
CA PRO C 487 -11.68 14.42 -28.08
C PRO C 487 -10.70 14.11 -29.18
N LEU C 488 -9.45 14.56 -29.04
CA LEU C 488 -8.39 14.24 -30.02
C LEU C 488 -7.53 13.04 -29.64
N THR C 489 -7.23 12.16 -30.60
CA THR C 489 -6.42 10.97 -30.30
C THR C 489 -5.50 10.66 -31.46
N GLY C 490 -4.53 9.79 -31.20
CA GLY C 490 -3.73 9.21 -32.26
C GLY C 490 -2.44 9.97 -32.63
N TYR C 491 -2.01 10.87 -31.76
CA TYR C 491 -0.75 11.64 -31.91
C TYR C 491 0.33 10.99 -31.08
N PRO C 492 1.61 11.30 -31.36
CA PRO C 492 2.70 10.59 -30.70
C PRO C 492 2.57 10.60 -29.18
N ALA C 493 3.06 9.54 -28.57
CA ALA C 493 2.92 9.40 -27.12
C ALA C 493 3.59 10.54 -26.36
N ILE C 494 4.67 11.10 -26.90
CA ILE C 494 5.36 12.22 -26.23
C ILE C 494 4.44 13.44 -25.94
N PHE C 495 3.35 13.65 -26.71
CA PHE C 495 2.38 14.77 -26.43
C PHE C 495 1.54 14.63 -25.15
N GLY C 496 1.48 13.40 -24.63
CA GLY C 496 0.80 13.09 -23.40
C GLY C 496 -0.31 12.11 -23.66
N PRO C 497 -0.98 11.65 -22.56
CA PRO C 497 -2.08 10.67 -22.69
C PRO C 497 -3.31 11.15 -23.48
N ALA C 498 -4.04 10.21 -24.09
CA ALA C 498 -5.20 10.64 -24.84
C ALA C 498 -6.34 9.67 -24.58
N GLY C 499 -6.94 9.84 -23.42
CA GLY C 499 -8.13 9.12 -23.05
C GLY C 499 -7.89 8.10 -21.97
N THR C 500 -6.71 8.10 -21.35
CA THR C 500 -6.38 6.99 -20.43
C THR C 500 -5.97 7.55 -19.07
N SER C 501 -5.75 8.87 -18.98
CA SER C 501 -5.48 9.51 -17.68
C SER C 501 -6.59 10.45 -17.26
N ALA C 502 -6.83 10.47 -15.97
CA ALA C 502 -7.73 11.47 -15.36
C ALA C 502 -7.15 12.86 -15.64
N GLN C 503 -8.05 13.85 -15.79
CA GLN C 503 -7.67 15.27 -15.99
C GLN C 503 -7.44 15.90 -14.60
N THR C 504 -6.67 16.97 -14.49
CA THR C 504 -6.45 17.59 -13.18
C THR C 504 -7.75 18.26 -12.75
N LEU C 505 -7.85 18.63 -11.48
CA LEU C 505 -9.09 19.32 -11.01
C LEU C 505 -9.27 20.67 -11.73
N ARG C 506 -8.15 21.32 -12.08
CA ARG C 506 -8.26 22.57 -12.81
C ARG C 506 -8.83 22.42 -14.22
N THR C 507 -8.37 21.37 -14.89
CA THR C 507 -8.88 21.03 -16.22
C THR C 507 -10.39 20.68 -16.13
N ARG C 508 -10.76 19.91 -15.12
CA ARG C 508 -12.17 19.50 -14.95
C ARG C 508 -12.98 20.75 -14.66
N MET C 509 -12.41 21.65 -13.87
CA MET C 509 -13.11 23.00 -13.58
C MET C 509 -13.26 23.86 -14.89
N GLY C 510 -12.18 23.91 -15.69
CA GLY C 510 -12.08 24.79 -16.84
C GLY C 510 -13.10 24.37 -17.93
N HIS C 511 -13.18 23.09 -18.24
CA HIS C 511 -14.17 22.59 -19.21
C HIS C 511 -15.55 22.61 -18.62
N THR C 512 -15.69 22.34 -17.31
CA THR C 512 -17.01 22.48 -16.71
C THR C 512 -17.54 23.93 -16.92
N MET C 513 -16.71 24.94 -16.61
CA MET C 513 -17.14 26.32 -16.79
C MET C 513 -17.52 26.60 -18.23
N ALA C 514 -16.81 26.03 -19.21
CA ALA C 514 -17.10 26.30 -20.64
C ALA C 514 -18.42 25.69 -21.00
N LEU C 515 -18.66 24.46 -20.57
CA LEU C 515 -19.94 23.77 -20.92
C LEU C 515 -21.11 24.48 -20.23
N GLU C 516 -20.93 24.81 -18.95
CA GLU C 516 -22.02 25.49 -18.23
C GLU C 516 -22.36 26.89 -18.79
N ARG C 517 -21.36 27.57 -19.34
CA ARG C 517 -21.62 28.85 -19.99
C ARG C 517 -22.51 28.66 -21.20
N LEU C 518 -22.20 27.67 -22.03
CA LEU C 518 -22.94 27.51 -23.30
C LEU C 518 -24.28 26.87 -23.04
N ALA C 519 -24.40 26.21 -21.88
CA ALA C 519 -25.68 25.65 -21.50
C ALA C 519 -26.52 26.72 -20.77
N GLY C 520 -25.90 27.82 -20.37
CA GLY C 520 -26.66 28.91 -19.69
C GLY C 520 -27.04 28.49 -18.26
N THR C 521 -26.20 27.63 -17.66
CA THR C 521 -26.42 27.10 -16.31
C THR C 521 -25.33 27.48 -15.32
N ASP C 522 -24.56 28.50 -15.57
CA ASP C 522 -23.54 28.89 -14.60
C ASP C 522 -23.90 30.10 -13.81
N GLY C 523 -25.14 30.53 -13.92
CA GLY C 523 -25.54 31.75 -13.19
C GLY C 523 -25.25 33.10 -13.86
N TYR C 524 -24.46 33.14 -14.95
CA TYR C 524 -24.28 34.40 -15.69
C TYR C 524 -25.31 34.61 -16.78
N ALA C 525 -25.34 35.86 -17.28
CA ALA C 525 -26.31 36.25 -18.32
C ALA C 525 -26.25 35.39 -19.59
N GLY C 526 -27.43 34.97 -20.06
CA GLY C 526 -27.60 34.28 -21.34
C GLY C 526 -26.82 32.94 -21.46
N ASN C 527 -26.46 32.57 -22.69
CA ASN C 527 -25.78 31.27 -22.92
C ASN C 527 -24.67 31.42 -23.93
N LYS C 528 -24.22 32.66 -24.11
CA LYS C 528 -23.16 32.95 -25.05
C LYS C 528 -21.89 33.37 -24.29
N ALA C 529 -20.75 32.97 -24.82
CA ALA C 529 -19.43 33.44 -24.31
C ALA C 529 -19.10 34.85 -24.86
N THR C 530 -19.92 35.84 -24.48
CA THR C 530 -19.63 37.25 -24.90
C THR C 530 -18.40 37.78 -24.17
N SER C 531 -17.77 38.83 -24.71
CA SER C 531 -16.63 39.42 -24.03
C SER C 531 -17.01 39.77 -22.57
N ALA C 532 -18.14 40.44 -22.40
CA ALA C 532 -18.57 40.86 -21.04
C ALA C 532 -18.75 39.68 -20.07
N VAL C 533 -19.38 38.57 -20.53
CA VAL C 533 -19.64 37.44 -19.60
C VAL C 533 -18.38 36.64 -19.33
N VAL C 534 -17.52 36.53 -20.34
CA VAL C 534 -16.20 35.89 -20.16
C VAL C 534 -15.36 36.62 -19.14
N ARG C 535 -15.34 37.95 -19.19
CA ARG C 535 -14.62 38.78 -18.17
C ARG C 535 -15.10 38.44 -16.74
N GLU C 536 -16.40 38.17 -16.59
CA GLU C 536 -16.91 37.81 -15.25
C GLU C 536 -16.54 36.38 -14.90
N MET C 537 -16.87 35.47 -15.82
CA MET C 537 -16.73 34.01 -15.52
C MET C 537 -15.30 33.65 -15.09
N VAL C 538 -14.29 34.19 -15.80
CA VAL C 538 -12.93 33.76 -15.56
C VAL C 538 -12.38 34.15 -14.17
N LEU C 539 -13.06 35.09 -13.50
CA LEU C 539 -12.69 35.57 -12.12
C LEU C 539 -13.58 34.97 -11.04
N GLY C 540 -14.53 34.10 -11.41
CA GLY C 540 -15.54 33.70 -10.43
C GLY C 540 -15.02 32.82 -9.30
N SER C 541 -13.83 32.24 -9.44
CA SER C 541 -13.15 31.59 -8.28
C SER C 541 -13.91 30.39 -7.68
N ARG C 542 -14.62 29.63 -8.52
CA ARG C 542 -15.17 28.38 -8.08
C ARG C 542 -14.03 27.42 -7.68
N VAL C 543 -14.28 26.59 -6.70
CA VAL C 543 -13.30 25.60 -6.19
C VAL C 543 -13.76 24.19 -6.48
N PHE C 544 -13.18 23.52 -7.48
CA PHE C 544 -13.82 22.27 -7.91
C PHE C 544 -13.85 21.20 -6.78
N SER C 545 -12.74 21.11 -6.00
CA SER C 545 -12.67 20.05 -5.01
C SER C 545 -13.82 20.25 -3.98
N ALA C 546 -14.11 21.50 -3.63
CA ALA C 546 -15.23 21.75 -2.69
C ALA C 546 -16.61 21.56 -3.36
N GLU C 547 -16.82 22.12 -4.58
CA GLU C 547 -18.10 21.89 -5.24
C GLU C 547 -18.45 20.41 -5.37
N ARG C 548 -17.47 19.56 -5.73
CA ARG C 548 -17.73 18.14 -5.94
C ARG C 548 -17.64 17.29 -4.68
N PHE C 549 -16.81 17.68 -3.71
CA PHE C 549 -16.52 16.74 -2.58
C PHE C 549 -16.81 17.23 -1.18
N LYS C 550 -16.97 18.53 -1.00
CA LYS C 550 -17.12 19.04 0.38
C LYS C 550 -18.35 18.46 1.04
N ASP C 551 -19.48 18.45 0.32
CA ASP C 551 -20.68 17.88 0.96
C ASP C 551 -20.57 16.45 1.42
N GLU C 552 -19.97 15.58 0.60
CA GLU C 552 -19.73 14.20 1.02
C GLU C 552 -18.80 14.11 2.20
N VAL C 553 -17.73 14.92 2.18
CA VAL C 553 -16.82 14.89 3.33
C VAL C 553 -17.55 15.27 4.61
N LEU C 554 -18.28 16.39 4.58
CA LEU C 554 -19.00 16.79 5.83
C LEU C 554 -20.04 15.76 6.29
N ASP C 555 -20.77 15.19 5.32
CA ASP C 555 -21.72 14.13 5.69
C ASP C 555 -21.02 12.98 6.39
N LEU C 556 -19.80 12.70 5.93
CA LEU C 556 -19.02 11.63 6.44
C LEU C 556 -18.40 11.88 7.83
N ILE C 557 -18.01 13.12 8.13
CA ILE C 557 -17.26 13.32 9.39
C ILE C 557 -17.87 14.27 10.38
N CYS C 558 -18.87 15.06 9.99
CA CYS C 558 -19.42 16.13 10.87
C CYS C 558 -20.56 15.73 11.78
N THR C 559 -20.95 14.49 11.74
CA THR C 559 -22.00 14.09 12.70
C THR C 559 -21.56 12.80 13.40
N PRO C 560 -21.16 12.90 14.68
CA PRO C 560 -21.04 14.07 15.53
C PRO C 560 -19.84 14.94 15.11
N ALA C 561 -19.86 16.21 15.54
CA ALA C 561 -18.80 17.12 15.31
C ALA C 561 -17.84 17.13 16.48
N GLN C 562 -18.13 16.37 17.54
CA GLN C 562 -17.08 16.15 18.58
C GLN C 562 -16.37 14.87 18.28
N TRP C 563 -15.04 14.93 18.16
CA TRP C 563 -14.27 13.79 17.68
C TRP C 563 -13.22 13.36 18.67
N THR C 564 -12.70 12.14 18.49
CA THR C 564 -11.37 11.75 19.01
C THR C 564 -10.40 11.55 17.82
N VAL C 565 -9.29 12.28 17.80
CA VAL C 565 -8.32 12.19 16.70
C VAL C 565 -6.96 11.98 17.32
N ASN C 566 -6.24 10.90 16.99
CA ASN C 566 -4.94 10.65 17.65
C ASN C 566 -5.05 10.71 19.16
N GLY C 567 -6.15 10.16 19.67
CA GLY C 567 -6.39 10.07 21.10
C GLY C 567 -6.72 11.40 21.78
N ALA C 568 -7.02 12.43 21.00
CA ALA C 568 -7.37 13.78 21.52
C ALA C 568 -8.76 14.15 21.19
N ALA C 569 -9.44 14.76 22.17
CA ALA C 569 -10.76 15.34 21.93
C ALA C 569 -10.66 16.56 21.01
N VAL C 570 -11.35 16.49 19.89
CA VAL C 570 -11.34 17.58 18.91
C VAL C 570 -12.82 18.08 18.72
N ASP C 571 -13.02 19.35 18.97
CA ASP C 571 -14.30 20.00 18.75
C ASP C 571 -14.33 20.64 17.37
N ALA C 572 -14.91 19.91 16.42
CA ALA C 572 -14.97 20.37 15.03
C ALA C 572 -16.30 21.08 14.71
N ALA C 573 -17.12 21.40 15.72
CA ALA C 573 -18.47 21.98 15.41
C ALA C 573 -18.35 23.29 14.63
N GLN C 574 -17.47 24.20 15.07
CA GLN C 574 -17.32 25.44 14.30
C GLN C 574 -16.78 25.19 12.88
N ALA C 575 -15.76 24.33 12.72
CA ALA C 575 -15.22 24.03 11.37
C ALA C 575 -16.30 23.41 10.50
N CYS C 576 -17.06 22.48 11.05
CA CYS C 576 -18.15 21.85 10.27
C CYS C 576 -19.21 22.94 9.87
N ALA C 577 -19.61 23.79 10.81
CA ALA C 577 -20.58 24.86 10.51
C ALA C 577 -20.07 25.84 9.46
N VAL C 578 -18.80 26.24 9.58
CA VAL C 578 -18.24 27.26 8.65
C VAL C 578 -18.19 26.66 7.25
N LEU C 579 -17.74 25.39 7.17
CA LEU C 579 -17.64 24.81 5.85
C LEU C 579 -19.02 24.52 5.23
N ALA C 580 -20.01 24.17 6.08
CA ALA C 580 -21.37 23.95 5.54
C ALA C 580 -21.94 25.28 5.02
N ALA C 581 -21.65 26.40 5.69
CA ALA C 581 -22.21 27.73 5.26
C ALA C 581 -21.45 28.33 4.04
N TRP C 582 -20.22 27.88 3.80
CA TRP C 582 -19.37 28.31 2.65
C TRP C 582 -19.89 27.76 1.35
N ASP C 583 -19.91 28.57 0.29
CA ASP C 583 -20.56 28.07 -0.95
C ASP C 583 -19.56 27.67 -2.02
N ASN C 584 -18.36 27.29 -1.58
CA ASN C 584 -17.37 26.63 -2.45
C ASN C 584 -16.73 27.58 -3.49
N ARG C 585 -16.62 28.88 -3.14
CA ARG C 585 -15.94 29.86 -3.95
C ARG C 585 -14.91 30.60 -3.14
N GLY C 586 -13.82 30.99 -3.81
CA GLY C 586 -12.78 31.77 -3.13
C GLY C 586 -12.87 33.23 -3.58
N ARG C 587 -14.00 33.89 -3.34
CA ARG C 587 -14.11 35.29 -3.61
C ARG C 587 -13.62 36.09 -2.41
N LYS C 588 -13.50 37.40 -2.58
CA LYS C 588 -12.91 38.24 -1.52
C LYS C 588 -13.69 38.16 -0.20
N ASP C 589 -15.01 37.99 -0.31
CA ASP C 589 -15.86 37.95 0.93
C ASP C 589 -16.17 36.53 1.42
N SER C 590 -15.71 35.53 0.70
CA SER C 590 -16.05 34.13 1.04
C SER C 590 -15.43 33.72 2.38
N ARG C 591 -16.25 33.18 3.28
CA ARG C 591 -15.82 32.87 4.67
C ARG C 591 -15.48 31.39 4.83
N GLY C 592 -14.24 31.09 5.25
CA GLY C 592 -13.82 29.70 5.51
C GLY C 592 -13.11 29.02 4.37
N SER C 593 -13.02 29.70 3.22
CA SER C 593 -12.38 29.09 2.05
C SER C 593 -10.91 28.67 2.31
N HIS C 594 -10.19 29.40 3.21
CA HIS C 594 -8.81 29.05 3.53
C HIS C 594 -8.76 27.79 4.42
N LEU C 595 -9.82 27.54 5.19
CA LEU C 595 -9.84 26.25 5.96
C LEU C 595 -9.91 25.09 4.96
N TRP C 596 -10.70 25.27 3.91
CA TRP C 596 -10.75 24.23 2.90
C TRP C 596 -9.40 23.97 2.23
N ASP C 597 -8.70 25.05 1.85
CA ASP C 597 -7.32 24.94 1.28
C ASP C 597 -6.40 24.14 2.24
N GLU C 598 -6.41 24.49 3.52
CA GLU C 598 -5.52 23.81 4.51
C GLU C 598 -5.90 22.32 4.74
N PHE C 599 -7.17 22.02 4.51
CA PHE C 599 -7.70 20.69 4.63
C PHE C 599 -7.48 19.83 3.40
N TRP C 600 -8.00 20.28 2.24
CA TRP C 600 -7.96 19.47 1.05
C TRP C 600 -6.54 19.14 0.67
N SER C 601 -5.61 20.12 0.89
CA SER C 601 -4.24 19.95 0.53
C SER C 601 -3.53 18.88 1.40
N ARG C 602 -4.16 18.43 2.47
CA ARG C 602 -3.60 17.41 3.34
C ARG C 602 -4.31 16.01 3.31
N VAL C 603 -5.30 15.90 2.44
CA VAL C 603 -6.11 14.68 2.37
C VAL C 603 -5.26 13.65 1.61
N PRO C 604 -4.97 12.51 2.24
CA PRO C 604 -4.11 11.51 1.53
C PRO C 604 -4.91 10.97 0.35
N THR C 605 -4.23 10.77 -0.77
CA THR C 605 -4.92 10.51 -2.03
C THR C 605 -5.18 9.01 -2.30
N ALA C 606 -4.34 8.13 -1.77
CA ALA C 606 -4.47 6.69 -1.97
C ALA C 606 -5.88 6.27 -1.55
N SER C 607 -6.55 5.59 -2.45
CA SER C 607 -7.83 4.98 -2.17
C SER C 607 -8.90 5.99 -1.76
N LEU C 608 -8.73 7.27 -2.11
CA LEU C 608 -9.69 8.28 -1.67
C LEU C 608 -11.00 8.17 -2.47
N PHE C 609 -10.91 7.82 -3.75
CA PHE C 609 -12.12 7.88 -4.59
C PHE C 609 -12.62 6.48 -4.96
N THR C 610 -13.92 6.25 -4.95
CA THR C 610 -14.48 4.91 -5.20
C THR C 610 -14.92 4.76 -6.67
N VAL C 611 -15.08 5.88 -7.37
CA VAL C 611 -15.54 5.87 -8.81
C VAL C 611 -14.33 6.30 -9.57
N PRO C 612 -13.70 5.40 -10.30
CA PRO C 612 -12.44 5.79 -10.93
C PRO C 612 -12.67 6.55 -12.22
N PHE C 613 -11.58 7.10 -12.79
CA PHE C 613 -11.61 7.77 -14.09
C PHE C 613 -12.39 6.97 -15.17
N SER C 614 -13.25 7.67 -15.92
CA SER C 614 -13.88 7.10 -17.10
C SER C 614 -13.65 8.12 -18.21
N ALA C 615 -13.05 7.67 -19.32
CA ALA C 615 -12.84 8.52 -20.50
C ALA C 615 -14.15 9.05 -21.07
N ALA C 616 -15.26 8.32 -20.89
CA ALA C 616 -16.56 8.78 -21.34
C ALA C 616 -17.22 9.75 -20.34
N ASP C 617 -16.58 10.00 -19.20
CA ASP C 617 -17.09 11.00 -18.22
C ASP C 617 -15.91 11.77 -17.60
N PRO C 618 -15.06 12.37 -18.44
CA PRO C 618 -13.76 12.85 -17.93
C PRO C 618 -13.82 14.06 -17.05
N LEU C 619 -14.94 14.77 -17.05
CA LEU C 619 -14.98 15.95 -16.17
C LEU C 619 -15.47 15.60 -14.77
N ASN C 620 -16.23 14.51 -14.67
CA ASN C 620 -16.88 14.14 -13.40
C ASN C 620 -16.29 12.91 -12.72
N THR C 621 -15.18 12.39 -13.25
CA THR C 621 -14.49 11.23 -12.59
C THR C 621 -12.97 11.52 -12.52
N PRO C 622 -12.28 10.94 -11.55
CA PRO C 622 -12.79 10.13 -10.43
C PRO C 622 -13.65 10.94 -9.46
N ARG C 623 -14.46 10.23 -8.70
CA ARG C 623 -15.32 10.85 -7.68
C ARG C 623 -15.69 9.77 -6.62
N GLY C 624 -16.52 10.18 -5.67
CA GLY C 624 -16.99 9.29 -4.68
C GLY C 624 -16.06 9.13 -3.49
N ILE C 625 -16.26 9.95 -2.46
CA ILE C 625 -15.39 9.84 -1.28
C ILE C 625 -15.54 8.46 -0.59
N ASN C 626 -14.42 7.79 -0.38
CA ASN C 626 -14.39 6.49 0.26
C ASN C 626 -14.79 6.57 1.74
N ALA C 627 -15.87 5.90 2.14
CA ALA C 627 -16.28 5.91 3.55
C ALA C 627 -15.15 5.43 4.48
N ALA C 628 -14.22 4.62 3.97
CA ALA C 628 -13.12 4.07 4.81
C ALA C 628 -12.15 5.20 5.13
N ALA C 629 -12.25 6.33 4.41
CA ALA C 629 -11.25 7.42 4.57
C ALA C 629 -11.65 8.32 5.75
N ALA C 630 -12.76 8.01 6.43
CA ALA C 630 -13.34 8.86 7.49
C ALA C 630 -12.27 9.29 8.55
N ASP C 631 -11.53 8.31 9.10
CA ASP C 631 -10.51 8.66 10.11
C ASP C 631 -9.42 9.57 9.58
N ALA C 632 -8.94 9.33 8.35
CA ALA C 632 -7.90 10.17 7.81
C ALA C 632 -8.43 11.57 7.44
N LEU C 633 -9.71 11.67 7.07
CA LEU C 633 -10.33 12.96 6.77
C LEU C 633 -10.43 13.79 8.06
N ARG C 634 -10.79 13.15 9.17
CA ARG C 634 -10.84 13.85 10.46
C ARG C 634 -9.40 14.29 10.87
N GLN C 635 -8.40 13.45 10.58
CA GLN C 635 -6.99 13.85 10.88
C GLN C 635 -6.59 15.07 10.11
N ALA C 636 -6.94 15.06 8.82
CA ALA C 636 -6.59 16.18 7.98
C ALA C 636 -7.32 17.46 8.39
N MET C 637 -8.60 17.31 8.74
CA MET C 637 -9.37 18.46 9.19
C MET C 637 -8.84 19.00 10.51
N ALA C 638 -8.48 18.10 11.42
CA ALA C 638 -7.99 18.54 12.69
C ALA C 638 -6.66 19.32 12.47
N THR C 639 -5.80 18.79 11.61
CA THR C 639 -4.58 19.56 11.24
C THR C 639 -4.92 20.96 10.63
N ALA C 640 -5.86 20.99 9.69
CA ALA C 640 -6.27 22.24 9.03
C ALA C 640 -6.80 23.27 10.07
N ILE C 641 -7.64 22.83 11.01
CA ILE C 641 -8.17 23.75 12.04
C ILE C 641 -6.97 24.30 12.85
N ALA C 642 -6.02 23.44 13.19
CA ALA C 642 -4.83 23.84 13.97
C ALA C 642 -3.96 24.88 13.20
N ARG C 643 -3.72 24.63 11.94
CA ARG C 643 -2.90 25.53 11.13
C ARG C 643 -3.61 26.91 11.00
N VAL C 644 -4.92 26.92 10.69
CA VAL C 644 -5.65 28.20 10.67
C VAL C 644 -5.56 28.91 12.06
N GLY C 645 -5.74 28.17 13.16
CA GLY C 645 -5.64 28.79 14.52
C GLY C 645 -4.26 29.37 14.77
N GLN C 646 -3.25 28.63 14.32
CA GLN C 646 -1.84 29.08 14.50
C GLN C 646 -1.65 30.35 13.71
N SER C 647 -2.21 30.46 12.51
CA SER C 647 -2.10 31.69 11.66
C SER C 647 -2.67 32.94 12.30
N GLY C 648 -3.51 32.78 13.31
CA GLY C 648 -4.20 33.89 13.91
C GLY C 648 -5.47 34.34 13.19
N TYR C 649 -5.75 33.85 11.97
CA TYR C 649 -7.05 34.01 11.32
C TYR C 649 -8.18 33.18 11.95
N ALA C 650 -9.40 33.74 11.94
CA ALA C 650 -10.60 33.00 12.34
C ALA C 650 -10.87 31.93 11.30
N LEU C 651 -11.54 30.85 11.70
CA LEU C 651 -11.96 29.83 10.71
C LEU C 651 -12.88 30.43 9.63
N ASP C 652 -13.69 31.42 10.02
CA ASP C 652 -14.62 32.01 9.03
C ASP C 652 -14.15 33.38 8.45
N ALA C 653 -12.84 33.67 8.52
CA ALA C 653 -12.28 34.91 8.00
C ALA C 653 -12.64 34.98 6.50
N PRO C 654 -12.98 36.20 6.01
CA PRO C 654 -13.21 36.43 4.58
C PRO C 654 -11.90 36.28 3.79
N ARG C 655 -11.99 35.74 2.58
CA ARG C 655 -10.77 35.29 1.87
C ARG C 655 -9.86 36.47 1.61
N GLY C 656 -10.45 37.64 1.35
CA GLY C 656 -9.65 38.87 1.03
C GLY C 656 -8.74 39.35 2.14
N GLU C 657 -9.03 38.91 3.37
CA GLU C 657 -8.17 39.23 4.52
C GLU C 657 -6.97 38.27 4.62
N VAL C 658 -7.14 37.06 4.12
CA VAL C 658 -6.10 36.01 4.12
C VAL C 658 -5.22 36.09 2.90
N LEU C 659 -5.83 36.42 1.77
CA LEU C 659 -5.22 36.37 0.41
C LEU C 659 -5.19 37.81 -0.12
N TYR C 660 -4.00 38.35 -0.27
CA TYR C 660 -3.86 39.82 -0.45
C TYR C 660 -2.53 40.21 -1.13
N ALA C 661 -2.50 41.41 -1.74
CA ALA C 661 -1.27 42.00 -2.22
C ALA C 661 -1.12 43.35 -1.60
N THR C 662 0.05 43.63 -0.99
CA THR C 662 0.23 44.92 -0.41
C THR C 662 0.83 45.91 -1.44
N ARG C 663 0.21 47.09 -1.54
CA ARG C 663 0.72 48.17 -2.37
C ARG C 663 0.46 49.47 -1.60
N GLY C 664 1.47 50.34 -1.53
CA GLY C 664 1.35 51.63 -0.80
C GLY C 664 0.92 51.40 0.65
N GLY C 665 1.35 50.29 1.23
CA GLY C 665 1.02 50.07 2.65
C GLY C 665 -0.39 49.53 2.88
N THR C 666 -1.12 49.22 1.83
CA THR C 666 -2.50 48.76 1.97
C THR C 666 -2.57 47.33 1.50
N ARG C 667 -3.16 46.46 2.30
CA ARG C 667 -3.40 45.08 1.82
C ARG C 667 -4.62 44.97 0.94
N LEU C 668 -4.41 44.99 -0.36
CA LEU C 668 -5.50 44.86 -1.33
C LEU C 668 -6.05 43.44 -1.30
N PRO C 669 -7.38 43.31 -1.09
CA PRO C 669 -7.91 41.99 -0.94
C PRO C 669 -7.92 41.22 -2.27
N LEU C 670 -7.61 39.92 -2.23
CA LEU C 670 -7.69 39.18 -3.49
C LEU C 670 -8.64 38.01 -3.42
N TYR C 671 -8.78 37.34 -4.56
CA TYR C 671 -9.69 36.21 -4.74
C TYR C 671 -8.92 35.19 -5.60
N GLY C 672 -9.48 33.98 -5.73
CA GLY C 672 -8.76 32.94 -6.45
C GLY C 672 -7.92 32.09 -5.54
N GLY C 673 -7.22 31.12 -6.14
CA GLY C 673 -6.56 30.13 -5.31
C GLY C 673 -5.59 29.27 -6.09
N CYS C 674 -5.26 28.14 -5.53
CA CYS C 674 -4.29 27.21 -6.14
C CYS C 674 -4.99 26.20 -7.02
N GLY C 675 -4.35 25.81 -8.13
CA GLY C 675 -4.96 24.80 -9.03
C GLY C 675 -5.14 23.43 -8.38
N ALA C 676 -4.30 23.12 -7.41
CA ALA C 676 -4.38 21.85 -6.71
C ALA C 676 -5.76 21.71 -6.01
N MET C 677 -6.39 22.84 -5.60
CA MET C 677 -7.74 22.80 -5.02
C MET C 677 -8.82 22.74 -6.09
N GLY C 678 -8.41 22.86 -7.37
CA GLY C 678 -9.40 22.92 -8.45
C GLY C 678 -9.95 24.31 -8.66
N TYR C 679 -9.20 25.36 -8.26
CA TYR C 679 -9.50 26.72 -8.81
C TYR C 679 -9.12 26.76 -10.27
N PHE C 680 -9.88 27.56 -11.01
CA PHE C 680 -9.53 28.05 -12.34
C PHE C 680 -8.95 29.48 -12.22
N THR C 681 -9.48 30.30 -11.31
CA THR C 681 -8.96 31.64 -11.10
C THR C 681 -7.76 31.52 -10.17
N ILE C 682 -6.54 31.72 -10.68
CA ILE C 682 -5.35 31.30 -9.91
C ILE C 682 -4.67 32.49 -9.22
N THR C 683 -4.57 32.41 -7.86
CA THR C 683 -3.86 33.38 -7.04
C THR C 683 -3.23 32.52 -5.97
N CYS C 684 -2.03 32.03 -6.25
CA CYS C 684 -1.53 30.86 -5.50
C CYS C 684 -0.25 31.29 -4.76
N SER C 685 -0.39 31.61 -3.48
CA SER C 685 0.71 32.07 -2.66
C SER C 685 1.68 30.94 -2.32
N GLU C 686 2.97 31.27 -2.26
CA GLU C 686 4.01 30.30 -1.80
C GLU C 686 4.16 30.38 -0.27
N ASN C 687 3.47 31.34 0.35
CA ASN C 687 3.66 31.64 1.77
C ASN C 687 2.73 30.75 2.63
N ASP C 688 3.28 30.15 3.70
CA ASP C 688 2.46 29.33 4.57
C ASP C 688 1.48 30.22 5.30
N ILE C 689 0.26 29.73 5.47
CA ILE C 689 -0.77 30.54 6.18
C ILE C 689 -0.29 31.03 7.58
N THR C 690 0.54 30.25 8.25
CA THR C 690 0.98 30.60 9.61
C THR C 690 2.02 31.71 9.59
N GLN C 691 2.45 32.15 8.40
CA GLN C 691 3.47 33.21 8.33
C GLN C 691 2.92 34.48 7.71
N GLY C 692 1.75 34.91 8.22
CA GLY C 692 1.08 36.10 7.76
C GLY C 692 0.03 35.89 6.68
N GLY C 693 -0.52 34.68 6.55
CA GLY C 693 -1.54 34.45 5.50
C GLY C 693 -1.02 34.13 4.13
N TYR C 694 -1.90 34.21 3.14
CA TYR C 694 -1.51 33.90 1.79
C TYR C 694 -1.06 35.18 1.07
N SER C 695 0.01 35.79 1.59
CA SER C 695 0.51 37.03 1.00
C SER C 695 0.98 36.77 -0.43
N MET C 696 0.65 37.67 -1.37
CA MET C 696 1.16 37.60 -2.76
C MET C 696 2.41 38.49 -2.94
N ASP C 697 3.01 38.94 -1.82
CA ASP C 697 4.09 39.95 -1.91
C ASP C 697 5.49 39.42 -2.15
N GLY C 698 5.69 38.11 -2.03
CA GLY C 698 7.06 37.61 -2.19
C GLY C 698 7.21 37.11 -3.61
N GLN C 699 7.44 35.82 -3.77
CA GLN C 699 7.52 35.25 -5.09
C GLN C 699 6.50 34.10 -5.19
N PRO C 700 5.24 34.45 -5.44
CA PRO C 700 4.23 33.41 -5.48
C PRO C 700 4.37 32.36 -6.52
N ASN C 701 3.65 31.24 -6.30
CA ASN C 701 3.58 30.24 -7.35
C ASN C 701 2.92 30.84 -8.60
N ALA C 702 3.16 30.20 -9.74
CA ALA C 702 2.57 30.57 -11.05
C ALA C 702 1.06 30.96 -10.83
N SER C 703 0.72 32.25 -11.15
CA SER C 703 -0.58 32.86 -10.84
C SER C 703 -1.06 33.75 -11.97
N ASN C 704 -2.35 34.05 -11.95
CA ASN C 704 -2.92 35.02 -12.93
C ASN C 704 -1.93 36.20 -13.01
N SER C 705 -1.61 36.63 -14.24
CA SER C 705 -0.46 37.57 -14.47
C SER C 705 -0.92 38.57 -15.53
N TYR C 706 -0.59 38.32 -16.80
CA TYR C 706 -1.30 39.03 -17.89
C TYR C 706 -2.59 38.31 -18.19
N MET C 707 -3.72 39.01 -18.18
CA MET C 707 -4.98 38.39 -18.59
C MET C 707 -5.54 39.19 -19.76
N GLN C 708 -6.17 38.52 -20.75
CA GLN C 708 -6.78 39.34 -21.79
C GLN C 708 -8.08 38.65 -22.23
N VAL C 709 -9.09 39.47 -22.47
CA VAL C 709 -10.31 38.99 -23.17
C VAL C 709 -10.41 39.82 -24.45
N VAL C 710 -10.26 39.17 -25.59
CA VAL C 710 -10.18 39.91 -26.84
C VAL C 710 -11.32 39.51 -27.78
N SER C 711 -11.88 40.47 -28.54
CA SER C 711 -12.90 40.07 -29.54
C SER C 711 -12.77 41.04 -30.71
N PHE C 712 -13.58 40.85 -31.74
CA PHE C 712 -13.42 41.61 -32.97
C PHE C 712 -14.79 42.10 -33.41
N PRO C 713 -15.38 42.99 -32.61
CA PRO C 713 -16.73 43.44 -32.98
C PRO C 713 -16.65 44.42 -34.19
N ALA C 714 -17.78 45.01 -34.60
CA ALA C 714 -17.82 45.81 -35.82
C ALA C 714 -16.87 47.00 -35.73
N SER C 715 -16.64 47.53 -34.52
CA SER C 715 -15.83 48.77 -34.39
C SER C 715 -14.29 48.52 -34.49
N GLY C 716 -13.89 47.25 -34.42
CA GLY C 716 -12.49 46.81 -34.50
C GLY C 716 -12.16 46.02 -33.23
N VAL C 717 -10.95 45.44 -33.21
CA VAL C 717 -10.50 44.67 -32.04
C VAL C 717 -10.73 45.41 -30.70
N GLN C 718 -11.20 44.67 -29.70
CA GLN C 718 -11.48 45.23 -28.37
C GLN C 718 -10.77 44.29 -27.42
N ALA C 719 -9.91 44.78 -26.53
CA ALA C 719 -9.25 43.95 -25.57
C ALA C 719 -9.36 44.53 -24.15
N HIS C 720 -9.64 43.64 -23.18
CA HIS C 720 -9.75 44.01 -21.77
C HIS C 720 -8.66 43.24 -21.07
N THR C 721 -7.87 43.89 -20.22
CA THR C 721 -6.67 43.22 -19.75
C THR C 721 -6.44 43.50 -18.29
N PHE C 722 -5.69 42.59 -17.67
CA PHE C 722 -4.95 42.88 -16.41
C PHE C 722 -3.48 42.54 -16.56
N LEU C 723 -2.65 43.25 -15.79
CA LEU C 723 -1.28 42.78 -15.47
C LEU C 723 -1.31 42.90 -13.91
N THR C 724 -1.64 41.76 -13.31
CA THR C 724 -2.07 41.70 -11.87
C THR C 724 -1.07 42.35 -10.91
N PHE C 725 0.23 42.13 -11.15
CA PHE C 725 1.30 42.66 -10.22
C PHE C 725 1.79 44.06 -10.59
N SER C 726 1.21 44.61 -11.68
CA SER C 726 1.41 46.00 -12.16
C SER C 726 2.68 46.12 -13.03
N LEU C 727 2.79 47.19 -13.81
CA LEU C 727 3.87 47.21 -14.81
C LEU C 727 5.27 47.30 -14.27
N SER C 728 5.48 47.98 -13.13
CA SER C 728 6.84 48.35 -12.73
C SER C 728 7.21 47.71 -11.40
N ASP C 729 8.44 47.21 -11.31
CA ASP C 729 8.95 46.55 -10.06
C ASP C 729 9.52 47.55 -9.09
N ASP C 730 9.40 48.85 -9.38
CA ASP C 730 10.05 49.88 -8.53
C ASP C 730 9.00 50.38 -7.53
N PRO C 731 9.23 50.18 -6.21
CA PRO C 731 8.18 50.69 -5.28
C PRO C 731 7.87 52.19 -5.41
N ALA C 732 8.79 53.01 -5.91
CA ALA C 732 8.53 54.44 -6.06
C ALA C 732 7.65 54.77 -7.29
N SER C 733 7.46 53.80 -8.19
CA SER C 733 6.75 54.11 -9.45
C SER C 733 5.23 54.19 -9.28
N PRO C 734 4.55 55.12 -10.00
CA PRO C 734 3.07 55.20 -9.92
C PRO C 734 2.49 53.99 -10.61
N HIS C 735 3.30 53.20 -11.31
CA HIS C 735 2.79 51.97 -11.91
C HIS C 735 3.32 50.72 -11.22
N HIS C 736 3.65 50.85 -9.91
CA HIS C 736 3.97 49.67 -9.06
C HIS C 736 2.74 48.98 -8.49
N GLY C 737 1.65 49.72 -8.31
CA GLY C 737 0.47 49.10 -7.68
C GLY C 737 -0.89 49.57 -8.20
N ASP C 738 -0.90 50.38 -9.24
CA ASP C 738 -2.17 50.83 -9.82
C ASP C 738 -3.00 49.72 -10.48
N TYR C 739 -2.32 48.87 -11.26
CA TYR C 739 -2.99 47.76 -11.91
C TYR C 739 -3.41 46.73 -10.92
N THR C 740 -2.60 46.54 -9.89
CA THR C 740 -2.95 45.62 -8.80
C THR C 740 -4.24 46.04 -8.03
N LYS C 741 -4.36 47.33 -7.78
CA LYS C 741 -5.58 47.85 -7.19
C LYS C 741 -6.79 47.58 -8.09
N ALA C 742 -6.64 47.80 -9.40
CA ALA C 742 -7.74 47.43 -10.35
C ALA C 742 -8.09 45.94 -10.32
N TYR C 743 -7.07 45.06 -10.31
CA TYR C 743 -7.31 43.65 -10.27
C TYR C 743 -8.06 43.22 -8.96
N SER C 744 -7.62 43.76 -7.82
CA SER C 744 -8.31 43.55 -6.52
C SER C 744 -9.79 43.92 -6.63
N ALA C 745 -10.07 45.04 -7.33
CA ALA C 745 -11.45 45.53 -7.50
C ALA C 745 -12.22 44.72 -8.58
N GLY C 746 -11.58 43.82 -9.36
CA GLY C 746 -12.27 43.18 -10.46
C GLY C 746 -12.52 44.09 -11.65
N GLN C 747 -11.77 45.20 -11.77
CA GLN C 747 -12.07 46.19 -12.81
C GLN C 747 -11.10 46.01 -13.99
N TRP C 748 -11.59 45.31 -15.03
CA TRP C 748 -10.76 45.07 -16.24
C TRP C 748 -10.38 46.36 -16.88
N LEU C 749 -9.15 46.45 -17.39
CA LEU C 749 -8.74 47.63 -18.13
C LEU C 749 -9.11 47.48 -19.60
N ARG C 750 -9.86 48.46 -20.14
CA ARG C 750 -10.07 48.54 -21.64
C ARG C 750 -8.83 49.23 -22.19
N VAL C 751 -7.95 48.43 -22.75
CA VAL C 751 -6.67 48.97 -23.20
C VAL C 751 -6.86 49.67 -24.57
N PRO C 752 -6.44 50.94 -24.67
CA PRO C 752 -6.60 51.65 -25.94
C PRO C 752 -5.74 50.98 -26.99
N PHE C 753 -6.23 50.94 -28.25
CA PHE C 753 -5.49 50.31 -29.34
C PHE C 753 -5.36 51.16 -30.62
N THR C 754 -6.47 51.71 -31.11
CA THR C 754 -6.40 52.64 -32.26
C THR C 754 -5.68 53.95 -31.86
N GLU C 755 -5.23 54.71 -32.84
CA GLU C 755 -4.56 55.94 -32.56
C GLU C 755 -5.51 56.88 -31.76
N ALA C 756 -6.80 56.88 -32.13
CA ALA C 756 -7.76 57.81 -31.48
C ALA C 756 -8.00 57.37 -30.06
N GLU C 757 -8.02 56.05 -29.84
CA GLU C 757 -8.18 55.55 -28.49
C GLU C 757 -6.97 55.94 -27.62
N ILE C 758 -5.75 55.80 -28.16
CA ILE C 758 -4.54 56.13 -27.43
C ILE C 758 -4.51 57.63 -27.05
N THR C 759 -4.70 58.50 -28.04
CA THR C 759 -4.54 59.93 -27.77
C THR C 759 -5.78 60.47 -26.99
N GLY C 760 -6.91 59.77 -27.01
CA GLY C 760 -8.09 60.22 -26.26
C GLY C 760 -8.14 59.67 -24.85
N ASN C 761 -7.19 58.79 -24.48
CA ASN C 761 -7.16 58.19 -23.14
C ASN C 761 -6.98 59.22 -22.03
N ALA C 762 -7.74 59.09 -20.96
CA ALA C 762 -7.74 60.08 -19.87
C ALA C 762 -6.33 60.37 -19.32
N ASP C 763 -5.41 59.43 -19.45
CA ASP C 763 -4.09 59.56 -18.85
C ASP C 763 -3.00 59.64 -19.89
N TYR C 764 -3.35 59.98 -21.11
CA TYR C 764 -2.43 59.96 -22.22
C TYR C 764 -1.28 60.93 -21.97
N ARG C 765 -0.05 60.46 -22.20
CA ARG C 765 1.12 61.36 -22.27
C ARG C 765 2.00 60.87 -23.40
N THR C 766 2.72 61.77 -24.07
CA THR C 766 3.59 61.29 -25.17
C THR C 766 4.98 61.91 -24.99
N ALA C 767 6.04 61.13 -25.15
CA ALA C 767 7.41 61.69 -25.24
C ALA C 767 8.10 60.96 -26.39
N THR C 768 9.13 61.57 -26.97
CA THR C 768 9.90 60.96 -28.04
C THR C 768 11.33 60.75 -27.61
N VAL C 769 11.88 59.58 -27.92
CA VAL C 769 13.32 59.33 -27.59
C VAL C 769 14.07 59.11 -28.89
N LYS C 770 15.26 59.71 -29.01
CA LYS C 770 16.01 59.52 -30.21
C LYS C 770 17.50 59.54 -29.93
N GLU C 771 18.24 58.80 -30.74
CA GLU C 771 19.69 58.91 -30.75
C GLU C 771 20.28 58.31 -32.03
N LEU C 772 21.52 58.67 -32.35
CA LEU C 772 22.24 58.07 -33.51
C LEU C 772 22.45 56.57 -33.34
N GLU C 773 22.24 55.77 -34.40
CA GLU C 773 22.57 54.33 -34.36
C GLU C 773 24.04 54.06 -34.15
N THR D 8 4.44 7.77 45.27
CA THR D 8 3.62 8.67 44.40
C THR D 8 4.38 9.98 44.15
N TYR D 9 4.45 10.43 42.90
CA TYR D 9 4.99 11.78 42.65
C TYR D 9 4.02 12.81 43.20
N SER D 10 4.56 13.83 43.87
CA SER D 10 3.77 14.96 44.30
C SER D 10 4.62 16.22 44.19
N ALA D 11 4.20 17.22 43.40
CA ALA D 11 4.98 18.48 43.34
C ALA D 11 3.99 19.66 43.51
N GLU D 12 4.38 20.67 44.29
CA GLU D 12 3.63 21.91 44.37
C GLU D 12 4.21 22.90 43.37
N ILE D 13 3.39 23.38 42.47
CA ILE D 13 3.84 24.32 41.46
C ILE D 13 3.37 25.69 41.93
N ARG D 14 4.28 26.60 42.27
CA ARG D 14 3.89 28.00 42.55
C ARG D 14 4.38 28.84 41.37
N ARG D 15 3.47 29.53 40.73
CA ARG D 15 3.91 30.48 39.68
C ARG D 15 3.82 31.92 40.16
N THR D 16 4.81 32.70 39.73
CA THR D 16 4.82 34.11 40.05
C THR D 16 4.76 34.98 38.79
N THR D 17 5.06 36.28 38.92
CA THR D 17 5.00 37.24 37.78
C THR D 17 5.75 36.66 36.57
N MET D 18 5.17 36.89 35.37
CA MET D 18 5.66 36.26 34.12
C MET D 18 5.45 34.77 34.02
N GLY D 19 4.76 34.14 35.00
CA GLY D 19 4.48 32.73 34.95
C GLY D 19 5.64 31.84 35.47
N VAL D 20 6.72 32.48 35.97
CA VAL D 20 7.88 31.70 36.45
C VAL D 20 7.44 30.66 37.48
N PRO D 21 7.62 29.35 37.18
CA PRO D 21 7.24 28.32 38.15
C PRO D 21 8.32 28.05 39.18
N HIS D 22 7.91 27.82 40.40
CA HIS D 22 8.82 27.49 41.50
C HIS D 22 8.27 26.17 42.00
N ILE D 23 8.94 25.08 41.61
CA ILE D 23 8.53 23.73 41.91
C ILE D 23 9.07 23.38 43.30
N LYS D 24 8.18 22.90 44.17
CA LYS D 24 8.55 22.44 45.53
C LYS D 24 8.15 20.99 45.70
N ALA D 25 9.14 20.20 46.07
CA ALA D 25 8.94 18.75 46.17
C ALA D 25 9.79 18.16 47.29
N GLY D 26 9.37 16.96 47.77
CA GLY D 26 10.09 16.27 48.84
C GLY D 26 11.28 15.39 48.40
N ASN D 27 11.42 15.13 47.10
CA ASN D 27 12.51 14.27 46.63
C ASN D 27 12.79 14.59 45.17
N TRP D 28 13.88 14.04 44.59
CA TRP D 28 14.27 14.39 43.23
C TRP D 28 13.28 13.91 42.20
N GLY D 29 12.67 12.72 42.42
CA GLY D 29 11.68 12.20 41.46
C GLY D 29 10.54 13.18 41.33
N SER D 30 10.00 13.61 42.46
CA SER D 30 8.85 14.54 42.42
C SER D 30 9.21 15.93 41.86
N ALA D 31 10.44 16.40 42.15
CA ALA D 31 10.87 17.66 41.56
C ALA D 31 10.89 17.51 40.01
N GLY D 32 11.36 16.36 39.52
CA GLY D 32 11.44 16.10 38.06
C GLY D 32 10.00 16.11 37.53
N TYR D 33 9.09 15.46 38.24
CA TYR D 33 7.66 15.42 37.84
C TYR D 33 7.04 16.83 37.68
N GLY D 34 7.22 17.66 38.72
CA GLY D 34 6.78 19.04 38.60
C GLY D 34 7.42 19.78 37.45
N PHE D 35 8.71 19.54 37.20
CA PHE D 35 9.40 20.36 36.20
C PHE D 35 9.00 19.95 34.79
N GLY D 36 8.94 18.65 34.56
CA GLY D 36 8.43 18.08 33.29
C GLY D 36 7.02 18.56 32.98
N TYR D 37 6.18 18.62 34.00
CA TYR D 37 4.81 19.06 33.81
C TYR D 37 4.77 20.55 33.37
N VAL D 38 5.48 21.46 34.08
CA VAL D 38 5.39 22.87 33.72
C VAL D 38 6.02 23.14 32.38
N GLN D 39 7.13 22.46 32.04
CA GLN D 39 7.76 22.75 30.74
C GLN D 39 6.79 22.39 29.62
N ALA D 40 6.18 21.21 29.73
CA ALA D 40 5.17 20.80 28.72
C ALA D 40 3.93 21.73 28.75
N GLN D 41 3.53 22.15 29.94
CA GLN D 41 2.33 22.99 30.05
C GLN D 41 2.54 24.27 29.32
N ASP D 42 3.78 24.76 29.28
CA ASP D 42 4.08 26.00 28.57
C ASP D 42 4.56 25.83 27.15
N ASN D 43 5.15 24.68 26.83
CA ASN D 43 5.90 24.47 25.56
C ASN D 43 5.66 23.17 24.86
N LEU D 44 4.46 22.60 25.06
CA LEU D 44 4.21 21.26 24.54
C LEU D 44 4.63 21.12 23.03
N CYS D 45 4.22 22.04 22.17
CA CYS D 45 4.41 21.85 20.74
C CYS D 45 5.88 21.80 20.35
N THR D 46 6.70 22.69 20.95
CA THR D 46 8.15 22.65 20.72
C THR D 46 8.70 21.35 21.26
N MET D 47 8.30 20.98 22.48
CA MET D 47 8.87 19.78 23.08
C MET D 47 8.47 18.48 22.33
N ALA D 48 7.22 18.39 21.92
CA ALA D 48 6.76 17.16 21.32
C ALA D 48 7.49 16.96 20.01
N ASP D 49 7.64 18.08 19.30
CA ASP D 49 8.35 18.07 18.01
C ASP D 49 9.81 17.61 18.26
N SER D 50 10.42 18.09 19.36
CA SER D 50 11.79 17.69 19.71
C SER D 50 11.97 16.21 20.02
N PHE D 51 10.99 15.61 20.71
CA PHE D 51 11.15 14.18 20.95
C PHE D 51 11.13 13.33 19.70
N LEU D 52 10.47 13.82 18.64
CA LEU D 52 10.69 13.13 17.34
C LEU D 52 12.14 13.19 16.92
N THR D 53 12.76 14.36 17.08
CA THR D 53 14.12 14.54 16.68
C THR D 53 15.05 13.53 17.38
N TYR D 54 15.03 13.54 18.72
CA TYR D 54 15.98 12.66 19.44
C TYR D 54 15.74 11.15 19.26
N ARG D 55 14.49 10.79 19.01
CA ARG D 55 14.16 9.35 18.79
C ARG D 55 14.40 8.96 17.32
N GLY D 56 14.62 9.94 16.45
CA GLY D 56 14.75 9.65 14.99
C GLY D 56 13.41 9.28 14.35
N GLU D 57 12.34 9.94 14.78
CA GLU D 57 11.01 9.61 14.28
C GLU D 57 10.36 10.82 13.57
N ARG D 58 11.17 11.80 13.15
CA ARG D 58 10.61 12.94 12.38
C ARG D 58 10.02 12.56 11.02
N SER D 59 10.74 11.78 10.19
CA SER D 59 10.27 11.51 8.83
C SER D 59 8.92 10.78 8.78
N ARG D 60 8.70 9.87 9.73
CA ARG D 60 7.42 9.08 9.83
C ARG D 60 6.18 9.98 9.90
N HIS D 61 6.33 11.12 10.56
CA HIS D 61 5.21 12.03 10.81
C HIS D 61 5.21 13.18 9.90
N LEU D 62 6.41 13.69 9.55
CA LEU D 62 6.54 14.97 8.84
C LEU D 62 7.18 14.94 7.42
N GLY D 63 7.62 13.78 6.98
CA GLY D 63 8.19 13.56 5.63
C GLY D 63 9.70 13.64 5.74
N GLY D 64 10.40 12.70 5.10
CA GLY D 64 11.86 12.64 5.16
C GLY D 64 12.53 13.85 4.54
N SER D 65 11.86 14.46 3.56
CA SER D 65 12.35 15.61 2.82
C SER D 65 12.27 16.94 3.50
N ALA D 66 11.32 17.11 4.40
CA ALA D 66 11.18 18.37 5.11
C ALA D 66 12.41 18.55 6.04
N GLN D 67 12.82 19.80 6.19
CA GLN D 67 13.84 20.13 7.19
C GLN D 67 13.27 20.16 8.61
N LEU D 68 14.16 20.11 9.61
CA LEU D 68 13.71 20.31 10.97
C LEU D 68 12.90 21.60 11.06
N VAL D 69 11.87 21.59 11.89
CA VAL D 69 11.01 22.79 12.02
C VAL D 69 11.79 23.96 12.71
N TYR D 70 12.53 23.59 13.76
CA TYR D 70 13.21 24.58 14.58
C TYR D 70 14.72 24.53 14.43
N ASN D 71 15.32 25.71 14.34
CA ASN D 71 16.76 25.79 14.54
C ASN D 71 17.16 25.34 15.98
N SER D 72 18.40 24.89 16.11
CA SER D 72 18.95 24.49 17.43
C SER D 72 20.43 24.15 17.13
N THR D 73 21.14 23.58 18.12
CA THR D 73 22.54 23.10 17.99
C THR D 73 22.74 22.10 16.82
N LEU D 74 21.60 21.50 16.41
CA LEU D 74 21.61 20.54 15.27
C LEU D 74 21.59 21.24 13.88
N GLY D 75 21.24 22.54 13.87
CA GLY D 75 21.00 23.28 12.62
C GLY D 75 19.72 22.70 12.00
N ARG D 76 19.54 22.83 10.69
CA ARG D 76 18.25 22.40 10.10
C ARG D 76 18.41 21.46 8.92
N PRO D 77 18.93 20.24 9.16
CA PRO D 77 19.13 19.22 8.11
C PRO D 77 17.74 18.68 7.72
N ARG D 78 17.70 17.87 6.66
CA ARG D 78 16.45 17.19 6.29
C ARG D 78 16.12 16.19 7.38
N ASN D 79 14.82 16.01 7.65
CA ASN D 79 14.34 14.99 8.61
C ASN D 79 14.98 13.60 8.45
N ILE D 80 15.14 13.10 7.21
CA ILE D 80 15.68 11.74 7.04
C ILE D 80 17.11 11.63 7.58
N ASP D 81 17.91 12.67 7.34
CA ASP D 81 19.30 12.69 7.81
C ASP D 81 19.36 12.84 9.31
N SER D 82 18.51 13.71 9.86
CA SER D 82 18.46 13.86 11.30
C SER D 82 18.08 12.48 11.96
N ASP D 83 17.11 11.77 11.37
CA ASP D 83 16.61 10.55 11.96
C ASP D 83 17.73 9.52 11.96
N PHE D 84 18.46 9.38 10.83
CA PHE D 84 19.62 8.51 10.80
C PHE D 84 20.69 8.89 11.80
N PHE D 85 21.03 10.20 11.89
CA PHE D 85 22.07 10.61 12.87
C PHE D 85 21.69 10.21 14.31
N HIS D 86 20.45 10.53 14.70
CA HIS D 86 19.98 10.22 16.07
C HIS D 86 19.94 8.75 16.37
N ARG D 87 19.46 7.95 15.43
CA ARG D 87 19.39 6.54 15.66
C ARG D 87 20.79 5.89 15.74
N HIS D 88 21.72 6.41 14.94
CA HIS D 88 23.06 5.84 14.85
C HIS D 88 23.95 6.26 16.02
N VAL D 89 23.90 7.56 16.37
CA VAL D 89 24.83 8.11 17.39
C VAL D 89 24.20 8.04 18.75
N ILE D 90 22.92 8.36 18.81
CA ILE D 90 22.25 8.18 20.09
C ILE D 90 21.54 6.79 20.11
N SER D 91 22.35 5.75 20.05
CA SER D 91 21.87 4.34 19.96
C SER D 91 21.33 3.91 21.32
N ASP D 92 20.65 2.76 21.34
CA ASP D 92 20.26 2.15 22.61
C ASP D 92 21.47 1.90 23.50
N GLU D 93 22.59 1.53 22.89
CA GLU D 93 23.80 1.35 23.69
C GLU D 93 24.30 2.67 24.36
N ALA D 94 24.29 3.76 23.60
CA ALA D 94 24.72 5.06 24.07
C ALA D 94 23.82 5.48 25.25
N VAL D 95 22.53 5.18 25.08
CA VAL D 95 21.57 5.52 26.16
C VAL D 95 21.87 4.65 27.41
N ASP D 96 22.06 3.34 27.19
CA ASP D 96 22.39 2.44 28.33
C ASP D 96 23.60 2.92 29.05
N ARG D 97 24.66 3.27 28.30
CA ARG D 97 25.89 3.68 28.91
C ARG D 97 25.75 4.97 29.71
N THR D 98 25.06 5.91 29.12
CA THR D 98 24.75 7.19 29.80
C THR D 98 24.05 6.93 31.15
N MET D 99 22.98 6.11 31.10
CA MET D 99 22.18 5.86 32.30
C MET D 99 22.96 5.10 33.36
N ALA D 100 23.85 4.20 32.93
CA ALA D 100 24.57 3.37 33.91
C ALA D 100 25.55 4.20 34.77
N ALA D 101 25.96 5.35 34.25
CA ALA D 101 26.90 6.25 34.97
C ALA D 101 26.17 7.22 35.91
N GLN D 102 24.83 7.18 35.96
CA GLN D 102 24.10 8.25 36.68
C GLN D 102 23.85 7.95 38.17
N PRO D 103 23.94 8.98 39.05
CA PRO D 103 23.48 8.74 40.43
C PRO D 103 21.95 8.40 40.42
N ALA D 104 21.51 7.53 41.31
CA ALA D 104 20.09 7.14 41.50
C ALA D 104 19.17 8.35 41.56
N LYS D 105 19.57 9.40 42.27
CA LYS D 105 18.60 10.51 42.41
C LYS D 105 18.33 11.23 41.08
N LEU D 106 19.30 11.23 40.15
CA LEU D 106 19.08 11.82 38.82
C LEU D 106 18.30 10.89 37.90
N LEU D 107 18.57 9.58 37.96
CA LEU D 107 17.71 8.59 37.27
C LEU D 107 16.24 8.76 37.72
N GLN D 108 16.03 8.88 39.05
CA GLN D 108 14.70 9.22 39.62
C GLN D 108 14.11 10.47 39.07
N MET D 109 14.90 11.56 39.03
CA MET D 109 14.43 12.83 38.55
C MET D 109 14.00 12.75 37.07
N VAL D 110 14.74 11.99 36.24
CA VAL D 110 14.40 11.92 34.83
C VAL D 110 13.17 11.03 34.67
N GLU D 111 13.06 10.00 35.48
CA GLU D 111 11.80 9.22 35.45
C GLU D 111 10.57 10.12 35.79
N GLY D 112 10.70 10.93 36.82
CA GLY D 112 9.65 11.87 37.24
C GLY D 112 9.35 12.88 36.10
N PHE D 113 10.41 13.37 35.44
CA PHE D 113 10.24 14.38 34.38
C PHE D 113 9.41 13.75 33.24
N ALA D 114 9.79 12.55 32.81
CA ALA D 114 8.98 11.85 31.78
C ALA D 114 7.50 11.71 32.24
N ALA D 115 7.26 11.26 33.49
CA ALA D 115 5.92 11.06 34.02
C ALA D 115 5.17 12.41 34.07
N GLY D 116 5.83 13.51 34.44
CA GLY D 116 5.13 14.82 34.51
C GLY D 116 4.80 15.42 33.11
N TYR D 117 5.72 15.27 32.20
CA TYR D 117 5.46 15.59 30.79
C TYR D 117 4.26 14.77 30.31
N ASN D 118 4.27 13.46 30.57
CA ASN D 118 3.18 12.61 30.10
C ASN D 118 1.82 13.01 30.74
N ARG D 119 1.87 13.39 32.01
CA ARG D 119 0.66 13.92 32.63
C ARG D 119 0.07 15.14 31.89
N TYR D 120 0.89 16.11 31.55
CA TYR D 120 0.42 17.24 30.72
C TYR D 120 -0.08 16.76 29.36
N VAL D 121 0.65 15.85 28.68
CA VAL D 121 0.13 15.25 27.42
C VAL D 121 -1.31 14.71 27.60
N ARG D 122 -1.58 13.94 28.67
CA ARG D 122 -2.94 13.46 28.94
C ARG D 122 -3.91 14.61 29.06
N GLU D 123 -3.48 15.69 29.72
CA GLU D 123 -4.44 16.78 29.93
C GLU D 123 -4.68 17.51 28.59
N ALA D 124 -3.61 17.73 27.82
CA ALA D 124 -3.77 18.40 26.48
C ALA D 124 -4.69 17.56 25.57
N LYS D 125 -4.55 16.23 25.60
CA LYS D 125 -5.37 15.41 24.70
C LYS D 125 -6.82 15.48 25.16
N ALA D 126 -7.03 15.55 26.50
CA ALA D 126 -8.44 15.47 27.03
C ALA D 126 -9.31 16.66 26.63
N GLY D 127 -8.72 17.81 26.37
CA GLY D 127 -9.52 19.01 25.99
C GLY D 127 -8.68 20.29 26.12
N GLY D 128 -9.37 21.44 26.16
CA GLY D 128 -8.67 22.69 26.38
C GLY D 128 -8.37 23.36 25.07
N SER D 129 -7.96 24.63 25.15
CA SER D 129 -7.54 25.28 23.90
C SER D 129 -6.06 25.69 23.98
N ALA D 130 -5.36 25.21 24.99
CA ALA D 130 -3.92 25.43 25.04
C ALA D 130 -3.26 24.54 24.01
N HIS D 131 -2.24 25.08 23.32
CA HIS D 131 -1.44 24.29 22.35
C HIS D 131 -2.31 23.77 21.26
N ALA D 132 -3.25 24.61 20.87
CA ALA D 132 -4.14 24.35 19.75
C ALA D 132 -3.35 23.98 18.50
N ALA D 133 -2.14 24.53 18.37
CA ALA D 133 -1.36 24.31 17.15
C ALA D 133 -0.99 22.82 16.96
N CYS D 134 -1.00 22.02 18.02
CA CYS D 134 -0.51 20.64 17.86
C CYS D 134 -1.18 19.57 18.74
N ARG D 135 -2.06 20.00 19.66
CA ARG D 135 -2.60 19.05 20.67
C ARG D 135 -3.28 17.80 20.05
N SER D 136 -3.76 17.86 18.80
CA SER D 136 -4.49 16.74 18.25
C SER D 136 -3.61 15.96 17.26
N GLU D 137 -2.32 16.30 17.14
CA GLU D 137 -1.43 15.57 16.20
C GLU D 137 -0.94 14.24 16.80
N ALA D 138 -0.61 13.25 15.96
CA ALA D 138 -0.17 11.93 16.45
C ALA D 138 1.15 12.02 17.26
N TRP D 139 1.99 12.97 16.91
CA TRP D 139 3.30 13.12 17.53
C TRP D 139 3.26 13.85 18.85
N VAL D 140 2.08 14.32 19.24
CA VAL D 140 1.90 14.66 20.66
C VAL D 140 1.58 13.32 21.36
N GLN D 141 2.51 12.83 22.19
CA GLN D 141 2.36 11.44 22.68
C GLN D 141 3.26 11.20 23.87
N PRO D 142 2.92 10.20 24.68
CA PRO D 142 3.76 10.01 25.88
C PRO D 142 5.22 9.65 25.52
N ILE D 143 6.19 9.99 26.40
CA ILE D 143 7.60 9.66 26.19
C ILE D 143 8.14 8.77 27.32
N THR D 144 9.39 8.27 27.21
CA THR D 144 9.92 7.40 28.29
C THR D 144 11.10 8.13 28.93
N ALA D 145 11.53 7.66 30.10
CA ALA D 145 12.75 8.24 30.70
C ALA D 145 13.92 8.12 29.70
N ARG D 146 14.01 7.01 28.96
CA ARG D 146 15.08 6.85 27.95
C ARG D 146 15.06 7.92 26.92
N ASP D 147 13.88 8.35 26.49
CA ASP D 147 13.75 9.49 25.55
C ASP D 147 14.29 10.79 26.15
N VAL D 148 14.00 11.02 27.45
CA VAL D 148 14.62 12.18 28.08
C VAL D 148 16.17 12.07 28.10
N TRP D 149 16.73 10.88 28.45
CA TRP D 149 18.17 10.64 28.32
C TRP D 149 18.70 10.86 26.90
N ARG D 150 17.92 10.50 25.91
CA ARG D 150 18.30 10.79 24.48
C ARG D 150 18.48 12.29 24.33
N ARG D 151 17.55 13.05 24.87
CA ARG D 151 17.59 14.54 24.76
C ARG D 151 18.82 15.12 25.47
N ILE D 152 19.06 14.60 26.65
CA ILE D 152 20.20 15.00 27.48
C ILE D 152 21.54 14.70 26.81
N TYR D 153 21.67 13.49 26.26
CA TYR D 153 22.86 13.13 25.57
C TYR D 153 23.00 14.08 24.36
N ALA D 154 21.88 14.33 23.65
CA ALA D 154 22.01 15.15 22.42
C ALA D 154 22.64 16.53 22.74
N ALA D 155 22.29 17.09 23.88
CA ALA D 155 22.73 18.49 24.20
C ALA D 155 24.23 18.49 24.36
N ASN D 156 24.78 17.33 24.72
CA ASN D 156 26.22 17.28 24.95
C ASN D 156 27.11 17.37 23.69
N LEU D 157 26.49 17.15 22.53
CA LEU D 157 27.20 16.86 21.24
C LEU D 157 27.28 18.15 20.40
N ALA D 158 26.93 19.28 20.98
CA ALA D 158 26.86 20.53 20.23
C ALA D 158 28.20 20.96 19.66
N GLY D 159 29.30 20.60 20.32
CA GLY D 159 30.62 20.99 19.89
C GLY D 159 31.24 20.04 18.89
N GLY D 160 30.60 18.93 18.60
CA GLY D 160 31.28 17.91 17.73
C GLY D 160 30.24 17.25 16.86
N TYR D 161 29.62 16.16 17.37
CA TYR D 161 28.76 15.35 16.45
C TYR D 161 27.61 16.13 15.80
N SER D 162 26.96 16.96 16.61
CA SER D 162 25.74 17.63 16.15
C SER D 162 26.06 18.48 14.91
N ASN D 163 27.26 19.09 14.85
CA ASN D 163 27.66 19.92 13.68
C ASN D 163 27.87 19.12 12.43
N PHE D 164 27.91 17.80 12.54
CA PHE D 164 28.20 16.97 11.39
C PHE D 164 27.11 15.90 11.25
N ALA D 165 25.90 16.22 11.64
CA ALA D 165 24.82 15.23 11.66
C ALA D 165 24.57 14.64 10.25
N GLU D 166 24.46 15.52 9.25
CA GLU D 166 24.25 15.03 7.89
C GLU D 166 25.42 14.21 7.36
N ALA D 167 26.63 14.73 7.58
CA ALA D 167 27.85 14.03 7.20
C ALA D 167 27.95 12.68 7.89
N ILE D 168 27.46 12.58 9.13
CA ILE D 168 27.52 11.27 9.79
C ILE D 168 26.44 10.30 9.23
N ALA D 169 25.25 10.84 8.96
CA ALA D 169 24.11 10.07 8.37
C ALA D 169 24.31 9.55 6.95
N ASN D 170 25.35 10.05 6.28
CA ASN D 170 25.64 9.75 4.85
C ASN D 170 27.06 9.22 4.59
N ALA D 171 27.68 8.68 5.63
CA ALA D 171 29.03 8.15 5.54
C ALA D 171 28.88 6.71 5.09
N GLN D 172 29.21 6.47 3.82
CA GLN D 172 29.05 5.16 3.15
C GLN D 172 30.31 4.69 2.46
N PRO D 173 30.63 3.38 2.55
CA PRO D 173 31.73 2.89 1.69
C PRO D 173 31.36 3.01 0.18
N PRO D 174 32.36 2.94 -0.73
CA PRO D 174 32.16 3.26 -2.17
C PRO D 174 31.03 2.49 -2.87
N SER D 195 30.49 27.53 13.97
CA SER D 195 29.06 27.67 13.80
C SER D 195 28.36 27.81 15.18
N LEU D 196 28.87 27.10 16.19
CA LEU D 196 28.37 27.32 17.56
C LEU D 196 29.12 28.55 18.11
N GLN D 197 28.36 29.54 18.56
CA GLN D 197 28.95 30.85 18.76
C GLN D 197 28.12 31.65 19.77
N GLY D 198 28.69 32.76 20.23
CA GLY D 198 27.88 33.72 21.03
C GLY D 198 28.02 33.67 22.57
N SER D 199 27.46 34.71 23.20
CA SER D 199 27.17 34.81 24.65
C SER D 199 28.20 35.71 25.36
N ASN D 200 27.72 36.46 26.33
CA ASN D 200 28.63 37.29 27.16
C ASN D 200 28.44 36.86 28.60
N MET D 201 29.44 37.11 29.44
CA MET D 201 29.21 37.01 30.92
C MET D 201 30.27 37.82 31.63
N TYR D 202 29.91 38.38 32.80
CA TYR D 202 30.93 38.98 33.65
C TYR D 202 30.83 38.38 35.03
N GLY D 203 31.99 38.30 35.69
CA GLY D 203 31.98 38.04 37.10
C GLY D 203 32.70 39.20 37.78
N PHE D 204 32.02 39.98 38.61
CA PHE D 204 32.69 41.10 39.29
C PHE D 204 32.97 40.77 40.75
N GLY D 205 34.21 40.98 41.19
CA GLY D 205 34.58 40.66 42.58
C GLY D 205 34.23 41.77 43.54
N THR D 206 34.55 41.58 44.82
CA THR D 206 34.20 42.63 45.77
C THR D 206 34.99 43.93 45.62
N ALA D 207 36.18 43.88 45.01
CA ALA D 207 36.92 45.18 44.78
C ALA D 207 36.12 46.03 43.73
N ALA D 208 35.46 45.33 42.81
CA ALA D 208 34.64 45.98 41.77
C ALA D 208 33.25 46.42 42.23
N THR D 209 32.63 45.68 43.16
CA THR D 209 31.27 46.04 43.52
C THR D 209 31.30 47.05 44.66
N GLY D 210 32.40 47.09 45.41
CA GLY D 210 32.50 48.02 46.60
C GLY D 210 31.65 47.47 47.73
N GLU D 211 31.20 46.22 47.58
CA GLU D 211 30.24 45.60 48.51
C GLU D 211 30.70 44.26 49.12
N GLY D 212 29.79 43.67 49.88
CA GLY D 212 30.07 42.44 50.61
C GLY D 212 29.97 41.22 49.69
N SER D 213 29.52 41.40 48.45
CA SER D 213 29.53 40.30 47.51
C SER D 213 29.94 40.74 46.12
N GLY D 214 30.25 39.78 45.27
CA GLY D 214 30.43 40.08 43.87
C GLY D 214 29.07 40.18 43.18
N VAL D 215 29.14 40.38 41.88
CA VAL D 215 27.97 40.46 40.99
C VAL D 215 28.22 39.58 39.77
N LEU D 216 27.25 38.72 39.45
CA LEU D 216 27.40 37.77 38.32
C LEU D 216 26.42 38.26 37.27
N PHE D 217 26.93 38.43 36.05
CA PHE D 217 26.10 38.82 34.89
C PHE D 217 26.12 37.68 33.86
N GLY D 218 24.96 37.04 33.65
CA GLY D 218 24.83 35.89 32.75
C GLY D 218 24.04 36.35 31.53
N ASN D 219 24.58 36.11 30.33
CA ASN D 219 23.97 36.62 29.12
C ASN D 219 24.18 35.66 27.98
N PRO D 220 23.54 34.49 28.06
CA PRO D 220 23.79 33.57 26.89
C PRO D 220 23.06 34.10 25.64
N HIS D 221 23.68 34.07 24.48
CA HIS D 221 22.98 34.51 23.26
C HIS D 221 22.56 33.22 22.65
N TRP D 222 21.26 33.06 22.51
CA TRP D 222 20.78 31.71 22.22
C TRP D 222 19.46 31.81 21.43
N TYR D 223 18.87 30.62 21.18
CA TYR D 223 17.66 30.49 20.35
C TYR D 223 16.45 31.11 20.98
N TRP D 224 15.59 31.70 20.14
CA TRP D 224 14.30 32.25 20.60
C TRP D 224 13.21 31.26 20.38
N LYS D 225 13.43 30.21 19.58
CA LYS D 225 12.44 29.14 19.37
C LYS D 225 13.21 27.80 19.34
N GLY D 226 12.47 26.71 19.49
CA GLY D 226 13.04 25.34 19.35
C GLY D 226 13.47 24.75 20.69
N PRO D 227 13.83 23.49 20.69
CA PRO D 227 13.97 22.77 21.96
C PRO D 227 15.24 23.15 22.76
N ASP D 228 16.20 23.81 22.11
CA ASP D 228 17.37 24.25 22.90
C ASP D 228 17.07 25.61 23.60
N ARG D 229 15.90 26.21 23.38
CA ARG D 229 15.64 27.49 24.05
C ARG D 229 15.47 27.30 25.56
N PHE D 230 15.78 28.36 26.30
CA PHE D 230 15.70 28.30 27.75
C PHE D 230 14.30 28.43 28.34
N TYR D 231 14.16 27.83 29.52
CA TYR D 231 12.92 27.86 30.26
C TYR D 231 13.34 28.18 31.67
N GLN D 232 12.80 29.27 32.24
CA GLN D 232 13.19 29.72 33.58
C GLN D 232 12.33 29.09 34.69
N ALA D 233 12.98 28.58 35.77
CA ALA D 233 12.22 27.97 36.86
C ALA D 233 13.10 27.94 38.12
N GLN D 234 12.46 27.69 39.23
CA GLN D 234 13.15 27.36 40.51
C GLN D 234 12.75 25.90 40.88
N LEU D 235 13.72 25.18 41.44
CA LEU D 235 13.48 23.86 42.05
C LEU D 235 13.92 23.88 43.51
N THR D 236 12.97 23.48 44.37
CA THR D 236 13.14 23.49 45.82
C THR D 236 12.86 22.04 46.24
N ILE D 237 13.94 21.32 46.56
CA ILE D 237 13.89 19.87 46.84
C ILE D 237 14.28 19.71 48.29
N ASP D 238 13.29 19.44 49.13
CA ASP D 238 13.42 19.36 50.63
C ASP D 238 14.76 18.89 51.19
N GLY D 239 15.46 19.79 51.87
CA GLY D 239 16.82 19.59 52.31
C GLY D 239 17.92 19.21 51.28
N GLU D 240 17.69 19.33 49.98
CA GLU D 240 18.70 18.88 49.00
C GLU D 240 19.16 20.03 48.16
N ALA D 241 18.24 20.88 47.69
CA ALA D 241 18.60 21.87 46.71
C ALA D 241 17.59 22.99 46.69
N ASN D 242 18.07 24.19 46.42
CA ASN D 242 17.08 25.27 46.15
C ASN D 242 17.76 26.16 45.14
N VAL D 243 17.36 26.02 43.88
CA VAL D 243 18.13 26.55 42.80
C VAL D 243 17.14 27.23 41.82
N SER D 244 17.62 28.25 41.11
CA SER D 244 16.76 28.98 40.17
C SER D 244 17.55 29.36 38.94
N GLY D 245 16.95 29.33 37.75
CA GLY D 245 17.70 29.76 36.60
C GLY D 245 17.01 29.17 35.39
N VAL D 246 17.80 28.69 34.41
CA VAL D 246 17.20 28.11 33.24
C VAL D 246 17.80 26.73 32.90
N SER D 247 16.97 25.97 32.17
CA SER D 247 17.31 24.74 31.46
C SER D 247 16.92 24.89 29.98
N PHE D 248 17.63 24.18 29.06
CA PHE D 248 17.04 23.96 27.76
C PHE D 248 15.70 23.26 28.03
N LEU D 249 14.74 23.42 27.14
CA LEU D 249 13.53 22.58 27.23
C LEU D 249 13.88 21.06 27.09
N GLY D 250 13.38 20.24 28.00
CA GLY D 250 13.67 18.78 28.01
C GLY D 250 14.75 18.48 29.04
N LEU D 251 15.48 19.47 29.52
CA LEU D 251 16.52 19.20 30.56
C LEU D 251 15.95 19.41 31.96
N PRO D 252 16.30 18.53 32.93
CA PRO D 252 15.65 18.63 34.23
C PRO D 252 16.43 19.33 35.34
N VAL D 253 17.64 19.77 35.11
CA VAL D 253 18.40 20.49 36.19
C VAL D 253 18.75 21.87 35.61
N ILE D 254 19.11 22.82 36.48
CA ILE D 254 19.39 24.17 36.08
C ILE D 254 20.80 24.25 35.51
N GLN D 255 20.89 24.74 34.29
CA GLN D 255 22.18 24.85 33.61
C GLN D 255 22.95 26.18 33.82
N ILE D 256 22.17 27.26 33.93
CA ILE D 256 22.66 28.65 34.15
C ILE D 256 21.73 29.22 35.20
N GLY D 257 22.28 29.70 36.32
CA GLY D 257 21.36 30.06 37.43
C GLY D 257 22.10 30.46 38.68
N PHE D 258 21.47 30.16 39.81
CA PHE D 258 22.04 30.51 41.12
C PHE D 258 21.33 29.78 42.20
N ASN D 259 21.96 29.75 43.37
CA ASN D 259 21.25 29.28 44.56
C ASN D 259 21.56 30.27 45.69
N ASP D 260 21.33 29.87 46.95
CA ASP D 260 21.57 30.78 48.04
C ASP D 260 23.07 31.12 48.19
N SER D 261 23.97 30.41 47.47
CA SER D 261 25.42 30.56 47.80
C SER D 261 26.31 30.89 46.60
N VAL D 262 25.91 30.46 45.39
CA VAL D 262 26.76 30.63 44.20
C VAL D 262 25.84 30.97 42.98
N ALA D 263 26.34 31.80 42.07
CA ALA D 263 25.66 32.09 40.82
C ALA D 263 26.68 31.85 39.68
N TRP D 264 26.24 31.43 38.48
CA TRP D 264 27.21 31.21 37.43
C TRP D 264 26.52 31.33 36.10
N SER D 265 27.35 31.41 35.07
CA SER D 265 26.81 31.40 33.72
C SER D 265 27.84 30.74 32.80
N HIS D 266 27.46 30.62 31.52
CA HIS D 266 28.32 29.96 30.50
C HIS D 266 28.29 30.80 29.24
N THR D 267 29.37 30.73 28.46
CA THR D 267 29.36 31.25 27.09
C THR D 267 30.04 30.18 26.23
N VAL D 268 29.80 30.19 24.93
CA VAL D 268 30.49 29.21 24.05
C VAL D 268 32.01 29.38 24.14
N SER D 269 32.72 28.25 24.31
CA SER D 269 34.20 28.20 24.37
C SER D 269 34.78 28.02 22.98
N THR D 270 35.94 28.64 22.69
CA THR D 270 36.64 28.42 21.44
C THR D 270 37.35 27.04 21.40
N ALA D 271 37.41 26.31 22.52
CA ALA D 271 38.22 25.09 22.53
C ALA D 271 37.56 24.05 21.63
N ARG D 272 38.34 23.34 20.81
CA ARG D 272 37.77 22.24 19.96
C ARG D 272 37.38 21.08 20.87
N ARG D 273 36.28 20.38 20.51
CA ARG D 273 35.78 19.31 21.34
C ARG D 273 35.78 17.98 20.59
N PHE D 274 36.33 18.00 19.36
CA PHE D 274 36.29 16.85 18.47
C PHE D 274 37.59 16.82 17.67
N GLY D 275 37.79 15.69 17.00
CA GLY D 275 38.86 15.59 16.02
C GLY D 275 38.50 14.52 15.02
N PHE D 276 39.40 14.32 14.04
CA PHE D 276 39.09 13.32 13.06
C PHE D 276 40.21 12.32 13.06
N PHE D 277 39.86 11.08 12.73
CA PHE D 277 40.87 10.05 12.51
C PHE D 277 40.70 9.56 11.09
N GLN D 278 41.81 9.72 10.35
CA GLN D 278 41.87 9.29 8.98
C GLN D 278 42.21 7.79 9.05
N LEU D 279 41.43 7.01 8.31
CA LEU D 279 41.50 5.58 8.40
C LEU D 279 42.16 4.95 7.18
N SER D 280 43.05 4.02 7.45
CA SER D 280 43.71 3.31 6.36
C SER D 280 42.98 1.99 6.17
N LEU D 281 42.24 1.93 5.06
CA LEU D 281 41.35 0.81 4.79
C LEU D 281 42.11 -0.43 4.38
N VAL D 282 41.48 -1.56 4.66
CA VAL D 282 42.06 -2.87 4.48
C VAL D 282 41.70 -3.22 3.07
N GLN D 283 42.65 -3.86 2.36
CA GLN D 283 42.47 -4.02 0.95
C GLN D 283 41.22 -4.81 0.68
N GLY D 284 40.49 -4.39 -0.32
CA GLY D 284 39.26 -5.08 -0.82
C GLY D 284 38.13 -5.02 0.21
N GLU D 285 38.34 -4.23 1.26
CA GLU D 285 37.46 -4.29 2.43
C GLU D 285 37.17 -2.90 2.96
N PRO D 286 36.34 -2.15 2.23
CA PRO D 286 36.34 -0.75 2.55
C PRO D 286 35.61 -0.42 3.85
N THR D 287 35.24 -1.45 4.62
CA THR D 287 34.63 -1.31 5.94
C THR D 287 35.49 -1.95 7.04
N SER D 288 36.76 -2.21 6.71
CA SER D 288 37.75 -2.52 7.74
C SER D 288 38.92 -1.51 7.63
N TYR D 289 39.65 -1.33 8.73
CA TYR D 289 40.82 -0.41 8.74
C TYR D 289 42.01 -1.00 9.53
N LEU D 290 43.23 -0.55 9.20
CA LEU D 290 44.44 -1.04 9.85
C LEU D 290 44.73 -0.38 11.22
N ARG D 291 45.16 -1.18 12.20
CA ARG D 291 45.64 -0.64 13.50
C ARG D 291 47.01 -1.19 13.83
N ASP D 292 48.03 -0.37 13.58
CA ASP D 292 49.42 -0.87 13.60
C ASP D 292 49.57 -2.15 12.77
N GLY D 293 48.92 -2.17 11.59
CA GLY D 293 49.11 -3.27 10.62
C GLY D 293 48.06 -4.37 10.66
N VAL D 294 47.31 -4.44 11.76
CA VAL D 294 46.24 -5.42 11.89
C VAL D 294 44.87 -4.82 11.50
N PRO D 295 44.13 -5.52 10.62
CA PRO D 295 42.75 -5.18 10.26
C PRO D 295 41.80 -5.19 11.46
N VAL D 296 40.94 -4.17 11.50
CA VAL D 296 39.85 -4.02 12.42
C VAL D 296 38.63 -3.76 11.54
N LYS D 297 37.55 -4.44 11.88
CA LYS D 297 36.26 -4.34 11.20
C LYS D 297 35.54 -3.15 11.83
N MET D 298 34.97 -2.27 11.00
CA MET D 298 34.09 -1.24 11.53
C MET D 298 32.81 -1.91 12.03
N LYS D 299 32.12 -1.32 13.00
CA LYS D 299 30.91 -1.95 13.49
C LYS D 299 29.69 -1.47 12.69
N PRO D 300 28.95 -2.40 12.04
CA PRO D 300 27.84 -1.95 11.23
C PRO D 300 26.57 -1.78 12.07
N ALA D 301 25.67 -0.89 11.64
CA ALA D 301 24.31 -0.78 12.19
C ALA D 301 23.39 -0.66 10.98
N THR D 302 22.54 -1.66 10.70
CA THR D 302 21.57 -1.51 9.59
C THR D 302 20.33 -0.84 10.17
N ILE D 303 20.04 0.38 9.71
CA ILE D 303 19.00 1.23 10.34
C ILE D 303 17.85 1.44 9.35
N THR D 304 16.60 1.16 9.75
CA THR D 304 15.47 1.46 8.90
C THR D 304 14.57 2.57 9.50
N VAL D 305 14.34 3.62 8.72
CA VAL D 305 13.58 4.81 9.17
C VAL D 305 12.32 4.92 8.27
N PRO D 306 11.12 4.81 8.88
CA PRO D 306 9.94 5.04 8.07
C PRO D 306 9.82 6.54 7.77
N SER D 307 9.44 6.82 6.54
CA SER D 307 9.36 8.19 6.07
C SER D 307 8.03 8.39 5.36
N ARG D 308 7.34 9.47 5.72
CA ARG D 308 6.08 9.84 5.08
C ARG D 308 6.24 10.51 3.70
N ASN D 309 5.49 10.03 2.71
CA ASN D 309 5.52 10.60 1.35
C ASN D 309 4.56 11.72 1.13
N ALA D 310 4.78 12.47 0.03
CA ALA D 310 4.02 13.71 -0.21
C ALA D 310 2.51 13.45 -0.41
N ASP D 311 2.14 12.22 -0.75
CA ASP D 311 0.74 11.94 -1.00
C ASP D 311 0.13 11.32 0.24
N GLY D 312 0.94 11.20 1.29
CA GLY D 312 0.44 10.72 2.58
C GLY D 312 0.70 9.27 2.94
N SER D 313 1.13 8.47 1.98
CA SER D 313 1.64 7.12 2.30
C SER D 313 2.97 7.23 3.08
N VAL D 314 3.42 6.10 3.65
CA VAL D 314 4.66 6.00 4.44
C VAL D 314 5.55 4.89 3.90
N SER D 315 6.80 5.19 3.56
CA SER D 315 7.66 4.11 3.03
C SER D 315 9.01 4.04 3.73
N ASP D 316 9.59 2.84 3.79
CA ASP D 316 10.80 2.63 4.59
C ASP D 316 12.10 3.03 3.88
N VAL D 317 12.96 3.81 4.54
CA VAL D 317 14.32 4.04 4.07
C VAL D 317 15.39 3.29 4.92
N THR D 318 16.27 2.54 4.27
CA THR D 318 17.34 1.80 4.99
C THR D 318 18.81 2.19 4.61
N ARG D 319 19.63 2.48 5.60
CA ARG D 319 21.10 2.65 5.40
C ARG D 319 21.84 1.78 6.40
N THR D 320 22.94 1.21 5.99
CA THR D 320 23.90 0.67 6.93
C THR D 320 24.97 1.73 7.15
N LEU D 321 25.15 2.07 8.42
CA LEU D 321 26.12 3.08 8.86
C LEU D 321 27.10 2.41 9.80
N TYR D 322 28.22 3.08 10.12
CA TYR D 322 29.36 2.43 10.75
C TYR D 322 29.98 3.18 11.93
N HIS D 323 30.53 2.43 12.88
CA HIS D 323 31.38 3.03 13.93
C HIS D 323 32.79 2.52 13.81
N SER D 324 33.77 3.36 14.08
CA SER D 324 35.17 2.93 14.29
C SER D 324 35.33 2.94 15.81
N GLU D 325 36.43 2.41 16.37
CA GLU D 325 36.72 2.57 17.81
C GLU D 325 36.88 4.04 18.26
N PHE D 326 37.03 4.98 17.31
CA PHE D 326 37.13 6.43 17.60
C PHE D 326 35.80 7.15 17.74
N GLY D 327 34.78 6.56 17.12
CA GLY D 327 33.49 7.20 16.95
C GLY D 327 33.00 6.93 15.54
N PRO D 328 31.92 7.60 15.17
CA PRO D 328 31.18 7.27 13.91
C PRO D 328 31.96 7.65 12.66
N LEU D 329 31.75 6.89 11.59
CA LEU D 329 32.36 7.22 10.32
C LEU D 329 31.70 8.52 9.91
N VAL D 330 32.43 9.38 9.20
CA VAL D 330 31.85 10.66 8.78
C VAL D 330 32.22 10.99 7.32
N ASN D 331 31.25 11.53 6.58
CA ASN D 331 31.40 11.87 5.15
C ASN D 331 32.02 13.25 5.01
N LEU D 332 33.31 13.28 4.63
CA LEU D 332 34.00 14.55 4.52
C LEU D 332 34.10 15.06 3.09
N ALA D 333 33.38 14.44 2.17
CA ALA D 333 33.41 14.87 0.76
C ALA D 333 32.95 16.31 0.59
N GLY D 334 32.03 16.75 1.42
CA GLY D 334 31.59 18.12 1.40
C GLY D 334 32.62 19.15 1.90
N LEU D 335 33.48 18.75 2.82
CA LEU D 335 34.51 19.65 3.26
C LEU D 335 35.50 19.82 2.11
N ASN D 336 35.79 18.73 1.43
CA ASN D 336 36.70 18.74 0.31
C ASN D 336 36.55 17.41 -0.41
N PRO D 337 36.20 17.46 -1.71
CA PRO D 337 35.93 16.27 -2.54
C PRO D 337 37.01 15.18 -2.41
N ALA D 338 38.25 15.62 -2.19
CA ALA D 338 39.37 14.70 -2.05
C ALA D 338 39.26 13.77 -0.84
N LEU D 339 38.44 14.14 0.14
CA LEU D 339 38.27 13.38 1.38
C LEU D 339 37.09 12.37 1.37
N ALA D 340 36.76 11.90 0.18
CA ALA D 340 35.71 10.92 -0.02
C ALA D 340 36.16 9.63 0.66
N TRP D 341 35.21 8.90 1.22
CA TRP D 341 35.47 7.54 1.68
C TRP D 341 35.72 6.75 0.43
N SER D 342 36.98 6.43 0.21
CA SER D 342 37.36 5.75 -0.97
C SER D 342 37.77 4.32 -0.59
N GLN D 343 38.42 3.66 -1.54
CA GLN D 343 39.00 2.31 -1.35
C GLN D 343 39.98 2.26 -0.17
N GLY D 344 40.74 3.37 -0.05
CA GLY D 344 42.00 3.30 0.64
C GLY D 344 41.89 4.05 1.91
N THR D 345 41.04 5.05 1.87
CA THR D 345 40.92 6.00 2.98
C THR D 345 39.45 6.17 3.37
N ALA D 346 39.21 6.24 4.68
CA ALA D 346 37.98 6.82 5.23
C ALA D 346 38.25 7.72 6.42
N PHE D 347 37.20 8.39 6.91
CA PHE D 347 37.33 9.28 8.06
C PHE D 347 36.30 9.02 9.15
N ALA D 348 36.76 9.06 10.41
CA ALA D 348 35.88 8.97 11.56
C ALA D 348 36.00 10.26 12.34
N ILE D 349 34.95 10.58 13.07
CA ILE D 349 34.94 11.69 13.99
C ILE D 349 34.78 11.22 15.45
N ARG D 350 35.65 11.75 16.32
CA ARG D 350 35.57 11.51 17.73
C ARG D 350 35.18 12.86 18.39
N ASP D 351 34.06 12.85 19.10
CA ASP D 351 33.67 13.96 19.96
C ASP D 351 33.94 13.49 21.41
N ILE D 352 34.78 14.24 22.13
CA ILE D 352 35.14 13.85 23.53
C ILE D 352 33.89 13.67 24.39
N ASN D 353 32.84 14.41 24.05
CA ASN D 353 31.60 14.36 24.84
C ASN D 353 30.74 13.15 24.51
N GLY D 354 31.15 12.40 23.50
CA GLY D 354 30.44 11.15 23.16
C GLY D 354 30.60 10.11 24.28
N GLU D 355 31.69 10.21 25.02
CA GLU D 355 31.94 9.35 26.20
C GLU D 355 31.91 10.07 27.54
N ASN D 356 31.38 11.29 27.53
CA ASN D 356 31.29 12.08 28.74
C ASN D 356 29.87 11.94 29.30
N PHE D 357 29.71 11.18 30.38
CA PHE D 357 28.38 10.93 30.93
C PHE D 357 28.15 11.77 32.18
N ARG D 358 28.95 12.82 32.35
CA ARG D 358 29.09 13.46 33.65
C ARG D 358 28.39 14.82 33.72
N THR D 359 27.85 15.31 32.63
CA THR D 359 27.57 16.75 32.61
C THR D 359 26.36 17.03 33.45
N LEU D 360 25.31 16.22 33.30
CA LEU D 360 24.08 16.48 34.06
C LEU D 360 24.33 16.40 35.56
N ARG D 361 25.10 15.42 36.03
CA ARG D 361 25.49 15.27 37.45
C ARG D 361 26.28 16.52 37.90
N THR D 362 27.04 17.09 36.99
CA THR D 362 27.85 18.30 37.30
C THR D 362 26.91 19.53 37.62
N TRP D 363 25.97 19.78 36.69
CA TRP D 363 24.98 20.84 36.97
C TRP D 363 24.18 20.51 38.24
N MET D 364 23.78 19.25 38.44
CA MET D 364 23.04 18.85 39.66
C MET D 364 23.87 19.27 40.89
N ARG D 365 25.15 18.90 40.87
CA ARG D 365 26.00 19.19 42.04
C ARG D 365 26.17 20.71 42.19
N TRP D 366 26.28 21.46 41.11
CA TRP D 366 26.37 22.97 41.28
C TRP D 366 25.08 23.50 41.80
N ASN D 367 23.94 22.88 41.37
CA ASN D 367 22.64 23.37 41.85
C ASN D 367 22.56 23.27 43.38
N GLN D 368 23.26 22.29 43.96
CA GLN D 368 23.29 22.09 45.39
C GLN D 368 24.48 22.72 46.10
N ALA D 369 25.43 23.30 45.38
CA ALA D 369 26.69 23.73 46.05
C ALA D 369 26.51 24.88 47.02
N LYS D 370 27.31 24.88 48.11
CA LYS D 370 27.10 25.79 49.23
C LYS D 370 28.15 26.91 49.29
N SER D 371 29.04 26.94 48.30
CA SER D 371 30.05 27.99 48.25
C SER D 371 30.72 27.95 46.91
N LEU D 372 31.39 29.07 46.54
CA LEU D 372 32.16 29.09 45.30
C LEU D 372 33.27 28.06 45.40
N ASP D 373 33.88 27.90 46.58
CA ASP D 373 35.00 26.91 46.63
C ASP D 373 34.50 25.54 46.26
N GLU D 374 33.30 25.23 46.74
CA GLU D 374 32.73 23.93 46.41
C GLU D 374 32.39 23.86 44.90
N PHE D 375 31.79 24.92 44.37
CA PHE D 375 31.50 24.99 42.91
C PHE D 375 32.76 24.68 42.07
N ILE D 376 33.89 25.30 42.46
CA ILE D 376 35.15 25.10 41.73
C ILE D 376 35.64 23.66 41.88
N ALA D 377 35.58 23.13 43.12
CA ALA D 377 36.00 21.77 43.39
C ALA D 377 35.15 20.81 42.53
N ILE D 378 33.84 21.08 42.42
CA ILE D 378 32.98 20.24 41.57
C ILE D 378 33.43 20.31 40.11
N GLN D 379 33.71 21.52 39.61
CA GLN D 379 34.14 21.69 38.21
C GLN D 379 35.38 20.89 37.89
N LYS D 380 36.33 20.93 38.83
CA LYS D 380 37.60 20.21 38.61
C LYS D 380 37.40 18.72 38.77
N GLU D 381 36.62 18.31 39.77
CA GLU D 381 36.36 16.87 39.97
C GLU D 381 35.74 16.20 38.78
N GLU D 382 34.79 16.90 38.18
CA GLU D 382 34.02 16.32 37.08
C GLU D 382 34.68 16.54 35.75
N ALA D 383 35.27 17.72 35.55
CA ALA D 383 35.98 18.10 34.30
C ALA D 383 35.08 17.71 33.09
N SER D 384 33.80 18.10 33.16
CA SER D 384 32.76 17.55 32.32
C SER D 384 32.11 18.59 31.41
N ILE D 385 32.39 19.87 31.68
CA ILE D 385 31.60 20.93 31.01
C ILE D 385 31.90 20.85 29.51
N PRO D 386 30.84 20.70 28.65
CA PRO D 386 31.16 20.06 27.36
C PRO D 386 31.62 21.00 26.22
N TRP D 387 31.18 22.28 26.20
CA TRP D 387 31.51 23.17 25.06
C TRP D 387 31.38 24.64 25.44
N VAL D 388 31.39 24.90 26.75
CA VAL D 388 31.28 26.31 27.24
C VAL D 388 32.33 26.66 28.30
N ASN D 389 32.66 27.96 28.38
CA ASN D 389 33.32 28.59 29.53
C ASN D 389 32.34 28.73 30.66
N THR D 390 32.89 28.96 31.89
CA THR D 390 32.02 29.14 33.08
C THR D 390 32.58 30.38 33.81
N VAL D 391 31.66 31.22 34.28
CA VAL D 391 32.10 32.23 35.23
C VAL D 391 31.20 32.13 36.48
N ALA D 392 31.74 32.28 37.70
CA ALA D 392 30.85 32.19 38.88
C ALA D 392 31.27 33.23 39.91
N VAL D 393 30.29 33.57 40.79
CA VAL D 393 30.55 34.39 41.96
C VAL D 393 29.91 33.67 43.13
N GLY D 394 30.59 33.70 44.27
CA GLY D 394 29.96 33.07 45.43
C GLY D 394 29.71 34.01 46.63
N ARG D 395 28.75 33.65 47.46
CA ARG D 395 28.44 34.41 48.69
C ARG D 395 29.69 34.33 49.58
N GLY D 396 30.18 35.52 49.95
CA GLY D 396 31.24 35.69 50.95
C GLY D 396 32.58 35.68 50.26
N SER D 397 32.61 35.55 48.93
CA SER D 397 33.89 35.26 48.26
C SER D 397 34.41 36.51 47.64
N ALA D 398 35.65 36.85 47.91
CA ALA D 398 36.15 38.16 47.40
C ALA D 398 36.26 38.11 45.84
N LYS D 399 36.74 36.99 45.34
CA LYS D 399 37.15 36.87 43.93
C LYS D 399 36.09 36.14 43.07
N ALA D 400 35.90 36.63 41.85
CA ALA D 400 35.07 35.96 40.83
C ALA D 400 35.92 34.93 40.12
N TRP D 401 35.26 33.93 39.53
CA TRP D 401 35.91 32.73 38.93
C TRP D 401 35.61 32.65 37.45
N TYR D 402 36.66 32.44 36.66
CA TYR D 402 36.53 32.10 35.24
C TYR D 402 37.26 30.76 34.99
N ALA D 403 36.69 29.88 34.18
CA ALA D 403 37.38 28.65 33.74
C ALA D 403 36.88 28.16 32.43
N ASP D 404 37.80 27.64 31.63
CA ASP D 404 37.40 26.73 30.56
C ASP D 404 37.92 25.36 31.01
N ILE D 405 37.37 24.90 32.16
CA ILE D 405 37.63 23.55 32.66
C ILE D 405 36.46 22.63 32.31
N GLY D 406 36.73 21.64 31.49
CA GLY D 406 35.62 20.77 31.08
C GLY D 406 36.25 19.68 30.23
N ALA D 407 35.43 19.03 29.38
CA ALA D 407 35.94 17.87 28.60
C ALA D 407 36.53 18.34 27.27
N VAL D 408 37.81 18.01 27.01
CA VAL D 408 38.57 18.57 25.86
C VAL D 408 39.53 17.49 25.41
N PRO D 409 39.64 17.24 24.10
CA PRO D 409 40.59 16.26 23.56
C PRO D 409 42.01 16.63 23.94
N ASN D 410 42.81 15.60 24.29
CA ASN D 410 44.15 15.77 24.84
C ASN D 410 45.11 15.23 23.78
N VAL D 411 45.77 16.14 23.06
CA VAL D 411 46.84 15.72 22.11
C VAL D 411 48.08 16.54 22.50
N SER D 412 49.28 15.98 22.39
CA SER D 412 50.49 16.75 22.68
C SER D 412 51.07 17.43 21.44
N PRO D 413 51.93 18.45 21.66
CA PRO D 413 52.59 19.07 20.46
C PRO D 413 53.37 18.08 19.61
N ALA D 414 54.16 17.20 20.25
CA ALA D 414 54.94 16.16 19.57
C ALA D 414 53.99 15.34 18.70
N GLN D 415 52.89 14.92 19.31
CA GLN D 415 51.93 14.04 18.69
C GLN D 415 51.27 14.79 17.52
N THR D 416 50.91 16.06 17.68
CA THR D 416 50.26 16.77 16.57
C THR D 416 51.23 16.82 15.37
N ALA D 417 52.50 17.14 15.64
CA ALA D 417 53.50 17.08 14.55
C ALA D 417 53.64 15.68 13.92
N ALA D 418 53.71 14.63 14.75
CA ALA D 418 53.96 13.27 14.26
C ALA D 418 52.74 12.61 13.64
N CYS D 419 51.53 13.07 13.99
CA CYS D 419 50.29 12.37 13.65
C CYS D 419 49.40 13.04 12.59
N THR D 420 49.57 14.34 12.33
CA THR D 420 48.70 15.01 11.38
C THR D 420 49.01 14.53 9.98
N THR D 421 48.03 13.95 9.31
CA THR D 421 48.27 13.29 7.98
C THR D 421 48.36 14.40 6.93
N PRO D 422 48.83 14.08 5.68
CA PRO D 422 48.85 15.16 4.65
C PRO D 422 47.48 15.83 4.40
N PHE D 423 46.39 15.05 4.25
CA PHE D 423 45.02 15.64 4.34
C PHE D 423 44.76 16.48 5.57
N GLY D 424 45.22 16.00 6.73
CA GLY D 424 44.99 16.73 7.98
C GLY D 424 45.63 18.12 7.94
N MET D 425 46.79 18.20 7.30
CA MET D 425 47.48 19.51 7.13
C MET D 425 46.65 20.52 6.29
N ALA D 426 46.06 20.03 5.20
CA ALA D 426 45.26 20.87 4.31
C ALA D 426 44.02 21.36 5.01
N VAL D 427 43.38 20.51 5.80
CA VAL D 427 42.16 20.95 6.48
C VAL D 427 42.47 21.87 7.67
N GLY D 428 43.72 21.80 8.17
CA GLY D 428 44.17 22.67 9.27
C GLY D 428 44.01 24.15 9.02
N GLN D 429 44.05 24.53 7.75
CA GLN D 429 43.89 25.92 7.39
C GLN D 429 42.47 26.42 7.74
N ALA D 430 41.41 25.68 7.38
CA ALA D 430 40.05 26.03 7.73
C ALA D 430 39.69 25.71 9.19
N LEU D 431 40.21 24.60 9.71
CA LEU D 431 39.89 24.11 11.06
C LEU D 431 41.13 24.03 11.95
N PRO D 432 41.65 25.21 12.38
CA PRO D 432 42.94 25.10 13.10
C PRO D 432 42.72 24.42 14.48
N ASN D 433 43.69 23.62 14.89
CA ASN D 433 43.63 22.99 16.24
C ASN D 433 42.67 21.84 16.43
N VAL D 434 41.88 21.50 15.41
CA VAL D 434 41.14 20.24 15.41
C VAL D 434 42.16 19.10 15.07
N PRO D 435 42.44 18.15 16.02
CA PRO D 435 43.45 17.15 15.67
C PRO D 435 42.93 16.27 14.53
N PHE D 436 43.68 16.25 13.42
CA PHE D 436 43.30 15.41 12.29
C PHE D 436 44.41 14.36 12.10
N PHE D 437 44.21 13.18 12.68
CA PHE D 437 45.31 12.29 12.97
C PHE D 437 45.24 10.96 12.22
N ASP D 438 46.41 10.33 12.09
CA ASP D 438 46.56 9.01 11.49
C ASP D 438 46.07 7.91 12.44
N GLY D 439 44.85 7.42 12.19
CA GLY D 439 44.14 6.51 13.12
C GLY D 439 44.59 5.04 12.94
N SER D 440 45.50 4.84 11.99
CA SER D 440 46.15 3.53 11.83
C SER D 440 47.31 3.32 12.83
N ARG D 441 47.64 4.35 13.60
CA ARG D 441 48.76 4.29 14.54
C ARG D 441 48.25 4.52 15.96
N SER D 442 48.41 3.52 16.84
CA SER D 442 47.91 3.64 18.23
C SER D 442 48.58 4.76 19.00
N GLU D 443 49.85 5.09 18.67
CA GLU D 443 50.51 6.24 19.29
C GLU D 443 49.85 7.60 18.97
N CYS D 444 48.93 7.65 17.99
CA CYS D 444 48.14 8.88 17.72
C CYS D 444 46.79 8.94 18.45
N ASP D 445 46.42 7.91 19.20
CA ASP D 445 45.22 8.03 20.07
C ASP D 445 45.40 9.18 21.02
N TRP D 446 44.29 9.82 21.36
CA TRP D 446 44.36 10.93 22.31
C TRP D 446 44.90 10.44 23.63
N LEU D 447 45.64 11.29 24.31
CA LEU D 447 46.39 11.00 25.53
C LEU D 447 45.57 11.15 26.82
N THR D 448 46.05 10.52 27.89
CA THR D 448 45.44 10.69 29.18
C THR D 448 46.54 11.09 30.13
N ASP D 449 46.35 12.20 30.87
CA ASP D 449 47.34 12.67 31.87
C ASP D 449 47.00 12.05 33.28
N ALA D 450 47.97 12.14 34.19
CA ALA D 450 47.81 11.74 35.60
C ALA D 450 46.55 12.34 36.25
N ASP D 451 46.20 13.57 35.86
CA ASP D 451 44.97 14.22 36.41
C ASP D 451 43.79 14.41 35.42
N SER D 452 43.76 13.58 34.37
CA SER D 452 42.64 13.46 33.49
C SER D 452 41.57 12.67 34.23
N VAL D 453 40.36 13.15 34.11
CA VAL D 453 39.22 12.51 34.73
C VAL D 453 38.63 11.52 33.71
N GLN D 454 38.82 11.79 32.41
CA GLN D 454 38.27 10.93 31.35
C GLN D 454 39.41 10.55 30.38
N LYS D 455 39.41 9.33 29.85
CA LYS D 455 40.46 8.89 28.95
C LYS D 455 40.45 9.72 27.65
N GLY D 456 41.63 10.17 27.21
CA GLY D 456 41.79 10.94 25.99
C GLY D 456 41.47 12.44 26.21
N ALA D 457 41.26 12.86 27.47
CA ALA D 457 40.89 14.26 27.74
C ALA D 457 41.98 15.02 28.50
N VAL D 458 42.00 16.34 28.33
CA VAL D 458 43.03 17.15 28.99
C VAL D 458 42.95 17.08 30.52
N GLY D 459 44.09 16.91 31.18
CA GLY D 459 44.10 16.87 32.67
C GLY D 459 43.76 18.23 33.29
N VAL D 460 43.21 18.21 34.50
CA VAL D 460 42.67 19.39 35.12
C VAL D 460 43.69 20.53 35.27
N SER D 461 44.94 20.22 35.57
CA SER D 461 45.87 21.27 35.83
C SER D 461 46.30 22.00 34.54
N ARG D 462 45.92 21.47 33.39
CA ARG D 462 46.33 22.05 32.10
C ARG D 462 45.17 22.76 31.36
N MET D 463 44.08 23.07 32.08
CA MET D 463 42.95 23.79 31.48
C MET D 463 42.89 25.17 32.15
N PRO D 464 42.54 26.22 31.39
CA PRO D 464 42.69 27.60 31.92
C PRO D 464 41.62 28.01 32.99
N SER D 465 42.04 28.77 34.00
CA SER D 465 41.10 29.37 34.95
C SER D 465 41.82 30.59 35.52
N LEU D 466 41.05 31.42 36.23
CA LEU D 466 41.50 32.65 36.81
C LEU D 466 40.53 33.13 37.83
N GLN D 467 41.06 33.62 38.98
CA GLN D 467 40.24 34.33 39.96
C GLN D 467 40.71 35.74 40.02
N ARG D 468 39.79 36.69 40.12
CA ARG D 468 40.13 38.12 40.17
C ARG D 468 39.19 38.84 41.17
N ASP D 469 39.70 39.76 41.96
CA ASP D 469 38.71 40.48 42.81
C ASP D 469 38.15 41.73 42.10
N ASP D 470 38.63 42.01 40.88
CA ASP D 470 37.99 43.06 40.04
C ASP D 470 36.95 42.42 39.10
N TYR D 471 37.36 41.81 37.99
CA TYR D 471 36.38 41.15 37.10
C TYR D 471 37.03 40.06 36.30
N VAL D 472 36.17 39.13 35.85
CA VAL D 472 36.50 38.25 34.75
C VAL D 472 35.37 38.34 33.77
N GLY D 473 35.68 38.14 32.49
CA GLY D 473 34.61 38.31 31.46
C GLY D 473 34.92 37.48 30.28
N ASN D 474 33.88 37.04 29.56
CA ASN D 474 34.18 36.38 28.29
C ASN D 474 33.03 36.64 27.33
N MET D 475 33.36 36.84 26.04
CA MET D 475 32.37 37.16 24.97
C MET D 475 32.64 36.21 23.77
N ASN D 476 33.12 35.00 24.07
CA ASN D 476 33.34 33.98 23.02
CA ASN D 476 33.35 33.88 23.13
C ASN D 476 34.62 34.07 22.30
N ASP D 477 35.55 34.91 22.77
CA ASP D 477 36.95 34.68 22.30
C ASP D 477 37.59 33.68 23.27
N SER D 478 38.88 33.35 23.07
CA SER D 478 39.46 32.31 23.90
C SER D 478 39.62 32.79 25.36
N TYR D 479 40.14 31.90 26.20
CA TYR D 479 40.40 32.17 27.61
C TYR D 479 41.42 33.33 27.81
N TRP D 480 42.17 33.71 26.76
CA TRP D 480 43.34 34.62 26.88
C TRP D 480 43.02 35.87 27.72
N LEU D 481 41.95 36.56 27.34
CA LEU D 481 41.64 37.82 28.06
C LEU D 481 40.47 37.67 29.05
N ALA D 482 40.37 36.57 29.81
CA ALA D 482 39.40 36.54 30.91
C ALA D 482 39.47 37.86 31.72
N ASN D 483 40.67 38.43 31.92
CA ASN D 483 40.82 39.79 32.45
C ASN D 483 41.98 40.44 31.75
N VAL D 484 41.75 41.62 31.15
CA VAL D 484 42.74 42.21 30.26
C VAL D 484 44.01 42.66 30.99
N HIS D 485 43.92 42.87 32.29
CA HIS D 485 45.09 43.25 33.07
C HIS D 485 45.95 42.02 33.41
N ALA D 486 45.43 40.80 33.28
CA ALA D 486 46.17 39.60 33.67
C ALA D 486 45.91 38.53 32.62
N PRO D 487 46.51 38.67 31.41
CA PRO D 487 46.12 37.66 30.43
C PRO D 487 46.68 36.29 30.81
N LEU D 488 45.97 35.26 30.30
CA LEU D 488 46.30 33.86 30.49
C LEU D 488 47.02 33.34 29.23
N THR D 489 48.17 32.70 29.42
CA THR D 489 48.94 32.16 28.26
C THR D 489 49.45 30.75 28.53
N GLY D 490 49.76 30.00 27.46
CA GLY D 490 50.56 28.78 27.64
C GLY D 490 49.75 27.49 27.78
N TYR D 491 48.45 27.60 27.64
CA TYR D 491 47.53 26.45 27.74
C TYR D 491 47.52 25.73 26.39
N PRO D 492 47.01 24.48 26.35
CA PRO D 492 47.10 23.72 25.10
C PRO D 492 46.47 24.48 23.94
N ALA D 493 47.05 24.31 22.75
CA ALA D 493 46.64 24.98 21.50
C ALA D 493 45.14 24.79 21.22
N ILE D 494 44.64 23.63 21.60
CA ILE D 494 43.24 23.24 21.35
C ILE D 494 42.25 24.24 21.98
N PHE D 495 42.68 24.97 23.02
CA PHE D 495 41.79 25.94 23.68
C PHE D 495 41.53 27.23 22.87
N GLY D 496 42.36 27.46 21.88
CA GLY D 496 42.18 28.59 20.90
C GLY D 496 43.41 29.48 20.99
N PRO D 497 43.50 30.50 20.12
CA PRO D 497 44.66 31.36 20.08
C PRO D 497 44.74 32.27 21.30
N ALA D 498 45.94 32.65 21.71
CA ALA D 498 46.03 33.55 22.88
C ALA D 498 47.08 34.60 22.62
N GLY D 499 46.79 35.50 21.68
CA GLY D 499 47.70 36.59 21.42
C GLY D 499 47.99 36.67 19.94
N THR D 500 47.65 35.62 19.18
CA THR D 500 47.95 35.60 17.74
C THR D 500 46.79 36.07 16.86
N SER D 501 45.56 36.06 17.39
CA SER D 501 44.41 36.52 16.65
C SER D 501 43.82 37.77 17.33
N ALA D 502 43.38 38.69 16.49
CA ALA D 502 42.55 39.82 16.93
C ALA D 502 41.27 39.33 17.60
N GLN D 503 40.82 40.13 18.56
CA GLN D 503 39.59 39.79 19.29
C GLN D 503 38.39 40.26 18.46
N THR D 504 37.25 39.69 18.70
CA THR D 504 36.08 40.15 17.95
C THR D 504 35.73 41.64 18.39
N LEU D 505 34.92 42.34 17.59
CA LEU D 505 34.46 43.67 18.03
C LEU D 505 33.61 43.53 19.31
N ARG D 506 32.86 42.43 19.44
CA ARG D 506 32.05 42.25 20.66
C ARG D 506 32.93 42.05 21.92
N THR D 507 34.02 41.26 21.78
CA THR D 507 34.96 41.06 22.90
C THR D 507 35.63 42.41 23.19
N ARG D 508 36.00 43.19 22.16
CA ARG D 508 36.63 44.50 22.40
C ARG D 508 35.57 45.39 23.14
N MET D 509 34.30 45.33 22.76
CA MET D 509 33.26 46.18 23.41
C MET D 509 33.05 45.70 24.84
N GLY D 510 33.04 44.37 25.03
CA GLY D 510 32.74 43.86 26.40
C GLY D 510 33.80 44.20 27.44
N HIS D 511 35.05 44.05 27.08
CA HIS D 511 36.11 44.55 27.99
C HIS D 511 36.17 46.03 28.19
N THR D 512 35.96 46.75 27.10
CA THR D 512 35.92 48.22 27.18
C THR D 512 34.89 48.62 28.23
N MET D 513 33.71 48.00 28.14
CA MET D 513 32.60 48.35 29.04
C MET D 513 32.98 48.07 30.47
N ALA D 514 33.63 46.94 30.72
CA ALA D 514 34.04 46.58 32.13
C ALA D 514 35.06 47.62 32.64
N LEU D 515 36.07 47.94 31.83
CA LEU D 515 37.13 48.93 32.22
C LEU D 515 36.49 50.30 32.49
N GLU D 516 35.60 50.73 31.62
CA GLU D 516 35.05 52.08 31.72
C GLU D 516 34.11 52.13 32.88
N ARG D 517 33.44 51.02 33.21
CA ARG D 517 32.64 50.99 34.44
C ARG D 517 33.50 51.22 35.69
N LEU D 518 34.59 50.44 35.82
CA LEU D 518 35.43 50.56 37.01
C LEU D 518 36.23 51.88 37.05
N ALA D 519 36.48 52.52 35.88
CA ALA D 519 37.14 53.85 35.80
C ALA D 519 36.11 54.97 36.09
N GLY D 520 34.83 54.61 36.05
CA GLY D 520 33.72 55.59 36.15
C GLY D 520 33.64 56.52 34.95
N THR D 521 33.93 56.03 33.75
CA THR D 521 33.94 56.89 32.60
C THR D 521 32.95 56.45 31.52
N ASP D 522 32.01 55.60 31.88
CA ASP D 522 30.98 55.12 30.93
C ASP D 522 29.69 55.90 31.05
N GLY D 523 29.69 56.96 31.82
CA GLY D 523 28.43 57.68 32.02
C GLY D 523 27.45 57.21 33.09
N TYR D 524 27.65 56.01 33.67
CA TYR D 524 26.70 55.51 34.67
C TYR D 524 27.13 55.99 36.05
N ALA D 525 26.29 55.74 37.09
CA ALA D 525 26.58 56.17 38.49
C ALA D 525 27.83 55.55 39.10
N GLY D 526 28.64 56.40 39.75
CA GLY D 526 29.78 55.94 40.59
C GLY D 526 30.80 55.20 39.69
N ASN D 527 31.59 54.31 40.28
CA ASN D 527 32.66 53.62 39.53
C ASN D 527 32.65 52.12 39.97
N LYS D 528 31.52 51.64 40.51
CA LYS D 528 31.44 50.29 40.98
C LYS D 528 30.44 49.51 40.11
N ALA D 529 30.64 48.20 39.97
CA ALA D 529 29.74 47.32 39.23
C ALA D 529 28.68 46.77 40.21
N THR D 530 27.83 47.66 40.73
CA THR D 530 26.72 47.25 41.57
C THR D 530 25.70 46.51 40.73
N SER D 531 24.85 45.71 41.38
CA SER D 531 23.78 45.09 40.63
C SER D 531 22.96 46.14 39.79
N ALA D 532 22.66 47.27 40.40
CA ALA D 532 21.75 48.22 39.72
C ALA D 532 22.45 48.79 38.47
N VAL D 533 23.71 49.16 38.60
CA VAL D 533 24.44 49.71 37.46
C VAL D 533 24.69 48.69 36.38
N VAL D 534 25.02 47.46 36.77
CA VAL D 534 25.31 46.44 35.77
C VAL D 534 23.99 46.21 34.99
N ARG D 535 22.85 46.25 35.70
CA ARG D 535 21.55 46.04 35.00
C ARG D 535 21.38 47.09 33.87
N GLU D 536 21.81 48.31 34.11
CA GLU D 536 21.71 49.35 33.05
C GLU D 536 22.77 49.13 31.97
N MET D 537 24.03 48.98 32.40
CA MET D 537 25.15 48.94 31.41
C MET D 537 24.97 47.83 30.36
N VAL D 538 24.42 46.67 30.77
CA VAL D 538 24.45 45.51 29.85
C VAL D 538 23.40 45.69 28.72
N LEU D 539 22.47 46.66 28.89
CA LEU D 539 21.42 46.95 27.90
C LEU D 539 21.75 48.22 27.11
N GLY D 540 22.94 48.82 27.39
CA GLY D 540 23.31 50.13 26.85
C GLY D 540 23.35 50.23 25.32
N SER D 541 23.56 49.09 24.65
CA SER D 541 23.50 48.98 23.16
C SER D 541 24.50 49.89 22.45
N ARG D 542 25.67 50.11 23.06
CA ARG D 542 26.77 50.83 22.36
C ARG D 542 27.20 50.05 21.15
N VAL D 543 27.72 50.71 20.12
CA VAL D 543 28.09 49.99 18.92
C VAL D 543 29.55 50.23 18.64
N PHE D 544 30.39 49.21 18.90
CA PHE D 544 31.84 49.46 18.93
C PHE D 544 32.30 49.94 17.53
N SER D 545 31.79 49.32 16.45
CA SER D 545 32.28 49.69 15.08
C SER D 545 32.03 51.18 14.80
N ALA D 546 30.89 51.68 15.27
CA ALA D 546 30.58 53.13 15.06
C ALA D 546 31.40 54.01 16.01
N GLU D 547 31.44 53.65 17.29
CA GLU D 547 32.22 54.45 18.25
C GLU D 547 33.68 54.61 17.80
N ARG D 548 34.24 53.56 17.23
CA ARG D 548 35.65 53.60 16.87
C ARG D 548 35.94 54.10 15.45
N PHE D 549 35.03 53.85 14.50
CA PHE D 549 35.32 54.05 13.09
C PHE D 549 34.40 54.96 12.34
N LYS D 550 33.24 55.33 12.90
CA LYS D 550 32.27 56.14 12.08
C LYS D 550 32.88 57.51 11.72
N ASP D 551 33.49 58.17 12.67
CA ASP D 551 34.07 59.51 12.39
C ASP D 551 35.07 59.46 11.25
N GLU D 552 35.97 58.49 11.24
CA GLU D 552 36.99 58.39 10.18
C GLU D 552 36.34 58.07 8.83
N VAL D 553 35.28 57.24 8.86
CA VAL D 553 34.50 56.97 7.65
C VAL D 553 33.86 58.25 7.09
N LEU D 554 33.09 58.99 7.89
CA LEU D 554 32.47 60.17 7.39
C LEU D 554 33.47 61.25 7.00
N ASP D 555 34.56 61.40 7.75
CA ASP D 555 35.64 62.33 7.30
C ASP D 555 36.17 61.97 5.94
N LEU D 556 36.31 60.69 5.68
CA LEU D 556 36.81 60.26 4.38
C LEU D 556 35.83 60.41 3.20
N ILE D 557 34.53 60.14 3.42
CA ILE D 557 33.58 60.06 2.32
C ILE D 557 32.50 61.14 2.29
N CYS D 558 32.32 61.91 3.36
CA CYS D 558 31.21 62.84 3.40
C CYS D 558 31.44 64.23 2.86
N THR D 559 32.66 64.56 2.48
CA THR D 559 32.89 65.84 1.85
C THR D 559 33.67 65.64 0.55
N PRO D 560 33.01 65.83 -0.59
CA PRO D 560 31.62 66.28 -0.67
C PRO D 560 30.63 65.08 -0.47
N ALA D 561 29.34 65.37 -0.28
CA ALA D 561 28.37 64.34 -0.05
C ALA D 561 27.63 64.02 -1.34
N GLN D 562 28.00 64.69 -2.45
CA GLN D 562 27.50 64.29 -3.78
C GLN D 562 28.57 63.46 -4.46
N TRP D 563 28.26 62.21 -4.76
CA TRP D 563 29.25 61.24 -5.21
C TRP D 563 29.01 60.74 -6.61
N THR D 564 30.05 60.16 -7.21
CA THR D 564 29.89 59.26 -8.36
C THR D 564 30.31 57.87 -7.91
N VAL D 565 29.38 56.92 -7.97
CA VAL D 565 29.60 55.55 -7.48
C VAL D 565 29.23 54.65 -8.61
N ASN D 566 30.18 53.84 -9.10
CA ASN D 566 29.93 53.02 -10.33
C ASN D 566 29.28 53.81 -11.43
N GLY D 567 29.78 55.04 -11.66
CA GLY D 567 29.31 55.89 -12.74
C GLY D 567 27.96 56.59 -12.51
N ALA D 568 27.40 56.47 -11.31
CA ALA D 568 26.05 57.02 -11.02
C ALA D 568 26.22 58.14 -10.02
N ALA D 569 25.47 59.19 -10.23
CA ALA D 569 25.37 60.25 -9.20
C ALA D 569 24.59 59.78 -7.99
N VAL D 570 25.23 59.88 -6.82
CA VAL D 570 24.63 59.51 -5.55
C VAL D 570 24.63 60.71 -4.63
N ASP D 571 23.42 61.06 -4.18
CA ASP D 571 23.21 62.11 -3.18
C ASP D 571 23.28 61.51 -1.76
N ALA D 572 24.46 61.64 -1.10
CA ALA D 572 24.64 61.02 0.21
C ALA D 572 24.48 62.05 1.32
N ALA D 573 23.96 63.21 1.00
CA ALA D 573 23.92 64.27 2.03
C ALA D 573 23.07 63.89 3.25
N GLN D 574 21.90 63.29 2.99
CA GLN D 574 21.05 62.87 4.12
C GLN D 574 21.70 61.76 4.88
N ALA D 575 22.31 60.79 4.15
CA ALA D 575 22.96 59.72 4.90
C ALA D 575 24.09 60.25 5.76
N CYS D 576 24.93 61.14 5.19
CA CYS D 576 26.02 61.75 5.98
C CYS D 576 25.51 62.52 7.22
N ALA D 577 24.45 63.30 7.03
CA ALA D 577 23.90 64.07 8.15
C ALA D 577 23.30 63.21 9.25
N VAL D 578 22.52 62.21 8.87
CA VAL D 578 21.89 61.31 9.83
C VAL D 578 22.93 60.54 10.60
N LEU D 579 23.97 60.05 9.89
CA LEU D 579 25.03 59.32 10.65
C LEU D 579 25.87 60.24 11.57
N ALA D 580 26.09 61.48 11.11
CA ALA D 580 26.87 62.41 11.98
C ALA D 580 26.07 62.74 13.27
N ALA D 581 24.75 62.85 13.16
CA ALA D 581 23.84 63.14 14.32
C ALA D 581 23.53 61.94 15.23
N TRP D 582 23.85 60.75 14.74
CA TRP D 582 23.61 59.54 15.53
C TRP D 582 24.72 59.35 16.54
N ASP D 583 24.38 58.97 17.78
CA ASP D 583 25.42 58.87 18.85
C ASP D 583 25.98 57.50 19.06
N ASN D 584 25.88 56.64 18.04
CA ASN D 584 26.61 55.34 18.03
C ASN D 584 26.06 54.32 19.05
N ARG D 585 24.76 54.44 19.34
CA ARG D 585 24.01 53.49 20.15
C ARG D 585 22.79 52.95 19.40
N GLY D 586 22.40 51.71 19.70
CA GLY D 586 21.25 51.08 19.08
C GLY D 586 20.13 51.00 20.11
N ARG D 587 19.74 52.16 20.65
CA ARG D 587 18.64 52.20 21.63
C ARG D 587 17.32 52.35 20.88
N LYS D 588 16.17 52.27 21.58
CA LYS D 588 14.90 52.25 20.83
C LYS D 588 14.67 53.55 20.07
N ASP D 589 15.18 54.66 20.61
CA ASP D 589 14.93 55.94 19.97
C ASP D 589 16.03 56.41 19.02
N SER D 590 17.07 55.60 18.82
CA SER D 590 18.29 56.08 18.11
C SER D 590 17.97 56.12 16.62
N ARG D 591 18.31 57.22 15.97
CA ARG D 591 17.82 57.44 14.61
C ARG D 591 18.96 57.16 13.67
N GLY D 592 18.79 56.27 12.68
CA GLY D 592 19.86 55.99 11.71
C GLY D 592 20.75 54.80 12.02
N SER D 593 20.57 54.18 13.17
CA SER D 593 21.44 53.06 13.58
C SER D 593 21.33 51.89 12.57
N HIS D 594 20.14 51.67 12.00
CA HIS D 594 20.01 50.65 10.97
C HIS D 594 20.72 50.93 9.66
N LEU D 595 20.87 52.21 9.30
CA LEU D 595 21.73 52.52 8.14
C LEU D 595 23.19 52.11 8.41
N TRP D 596 23.68 52.35 9.64
CA TRP D 596 25.04 51.89 9.99
C TRP D 596 25.14 50.36 9.90
N ASP D 597 24.12 49.61 10.40
CA ASP D 597 24.14 48.11 10.22
C ASP D 597 24.26 47.70 8.76
N GLU D 598 23.42 48.31 7.92
CA GLU D 598 23.44 47.97 6.45
C GLU D 598 24.75 48.31 5.75
N PHE D 599 25.41 49.35 6.28
CA PHE D 599 26.69 49.81 5.75
C PHE D 599 27.85 48.95 6.25
N TRP D 600 28.05 48.92 7.60
CA TRP D 600 29.20 48.24 8.19
C TRP D 600 29.28 46.77 7.76
N SER D 601 28.13 46.09 7.74
CA SER D 601 28.09 44.69 7.33
C SER D 601 28.56 44.49 5.85
N ARG D 602 28.65 45.58 5.08
CA ARG D 602 29.02 45.53 3.67
C ARG D 602 30.44 46.02 3.38
N VAL D 603 31.14 46.45 4.40
CA VAL D 603 32.46 47.00 4.14
C VAL D 603 33.44 45.87 3.84
N PRO D 604 34.11 45.91 2.66
CA PRO D 604 35.12 44.84 2.40
C PRO D 604 36.24 44.95 3.43
N THR D 605 36.55 43.81 4.04
CA THR D 605 37.46 43.83 5.21
C THR D 605 38.96 43.74 4.85
N ALA D 606 39.31 43.24 3.65
CA ALA D 606 40.73 43.10 3.24
C ALA D 606 41.31 44.51 3.29
N SER D 607 42.41 44.78 3.99
CA SER D 607 43.02 46.13 3.87
C SER D 607 42.23 47.31 4.43
N LEU D 608 41.17 47.07 5.18
CA LEU D 608 40.44 48.17 5.82
C LEU D 608 41.25 48.97 6.87
N PHE D 609 42.10 48.28 7.61
CA PHE D 609 42.73 48.89 8.78
C PHE D 609 44.22 49.15 8.53
N THR D 610 44.70 50.30 8.95
CA THR D 610 46.11 50.63 8.78
C THR D 610 46.96 50.33 10.00
N VAL D 611 46.33 50.18 11.15
CA VAL D 611 47.00 49.85 12.41
C VAL D 611 46.71 48.36 12.72
N PRO D 612 47.73 47.50 12.57
CA PRO D 612 47.42 46.09 12.69
C PRO D 612 47.12 45.67 14.13
N PHE D 613 46.46 44.54 14.27
CA PHE D 613 46.38 43.86 15.55
C PHE D 613 47.69 43.84 16.35
N SER D 614 47.61 44.23 17.61
CA SER D 614 48.75 44.14 18.48
C SER D 614 48.38 43.52 19.80
N ALA D 615 49.05 42.41 20.16
CA ALA D 615 48.73 41.70 21.43
C ALA D 615 48.90 42.58 22.69
N ALA D 616 49.78 43.57 22.60
CA ALA D 616 50.00 44.56 23.66
C ALA D 616 48.75 45.52 23.80
N ASP D 617 47.91 45.63 22.77
CA ASP D 617 46.79 46.60 22.87
C ASP D 617 45.53 45.96 22.21
N PRO D 618 45.03 44.84 22.78
CA PRO D 618 44.00 44.09 22.03
C PRO D 618 42.64 44.70 22.01
N LEU D 619 42.40 45.74 22.83
CA LEU D 619 41.09 46.38 22.78
C LEU D 619 41.03 47.44 21.69
N ASN D 620 42.20 48.02 21.36
CA ASN D 620 42.22 49.24 20.50
C ASN D 620 42.86 48.94 19.12
N THR D 621 43.11 47.65 18.83
CA THR D 621 43.68 47.30 17.50
C THR D 621 42.95 46.02 17.02
N PRO D 622 42.81 45.84 15.70
CA PRO D 622 43.29 46.73 14.62
C PRO D 622 42.42 47.93 14.59
N ARG D 623 42.92 49.02 13.99
CA ARG D 623 42.13 50.25 13.84
C ARG D 623 42.72 51.07 12.66
N GLY D 624 42.19 52.27 12.44
CA GLY D 624 42.75 53.24 11.47
C GLY D 624 42.21 52.97 10.06
N ILE D 625 41.12 53.64 9.67
CA ILE D 625 40.40 53.30 8.41
C ILE D 625 41.30 53.78 7.29
N ASN D 626 41.49 52.89 6.31
CA ASN D 626 42.49 53.10 5.30
C ASN D 626 41.94 54.11 4.32
N ALA D 627 42.59 55.24 4.13
CA ALA D 627 42.09 56.24 3.14
C ALA D 627 41.89 55.64 1.77
N ALA D 628 42.68 54.62 1.42
CA ALA D 628 42.55 53.98 0.10
C ALA D 628 41.13 53.30 -0.06
N ALA D 629 40.42 53.09 1.05
CA ALA D 629 39.14 52.33 0.99
C ALA D 629 37.98 53.22 0.60
N ALA D 630 38.26 54.49 0.37
CA ALA D 630 37.23 55.49 0.18
C ALA D 630 36.21 55.11 -0.90
N ASP D 631 36.66 54.75 -2.11
CA ASP D 631 35.69 54.28 -3.13
C ASP D 631 34.85 53.11 -2.64
N ALA D 632 35.46 52.14 -1.96
CA ALA D 632 34.75 50.96 -1.51
C ALA D 632 33.77 51.35 -0.40
N LEU D 633 34.17 52.31 0.42
CA LEU D 633 33.27 52.76 1.51
C LEU D 633 32.08 53.45 0.88
N ARG D 634 32.30 54.28 -0.16
CA ARG D 634 31.17 54.91 -0.86
C ARG D 634 30.24 53.86 -1.49
N GLN D 635 30.82 52.83 -2.11
CA GLN D 635 29.99 51.76 -2.70
C GLN D 635 29.14 51.11 -1.65
N ALA D 636 29.74 50.82 -0.48
CA ALA D 636 29.01 50.12 0.57
C ALA D 636 27.92 51.03 1.13
N MET D 637 28.26 52.30 1.33
CA MET D 637 27.22 53.26 1.83
C MET D 637 26.07 53.45 0.82
N ALA D 638 26.38 53.62 -0.46
CA ALA D 638 25.36 53.73 -1.55
C ALA D 638 24.39 52.52 -1.49
N THR D 639 24.97 51.31 -1.37
CA THR D 639 24.18 50.06 -1.28
C THR D 639 23.34 50.04 0.03
N ALA D 640 23.95 50.41 1.15
CA ALA D 640 23.18 50.59 2.39
C ALA D 640 21.98 51.60 2.25
N ILE D 641 22.23 52.78 1.65
CA ILE D 641 21.14 53.75 1.43
C ILE D 641 20.01 53.09 0.59
N ALA D 642 20.41 52.41 -0.49
CA ALA D 642 19.51 51.63 -1.39
C ALA D 642 18.65 50.58 -0.62
N ARG D 643 19.29 49.76 0.20
CA ARG D 643 18.64 48.73 0.97
C ARG D 643 17.61 49.36 1.98
N VAL D 644 18.03 50.40 2.69
CA VAL D 644 17.10 51.08 3.59
C VAL D 644 15.91 51.63 2.81
N GLY D 645 16.15 52.24 1.64
CA GLY D 645 15.05 52.82 0.84
C GLY D 645 14.10 51.74 0.40
N GLN D 646 14.67 50.60 -0.01
CA GLN D 646 13.84 49.47 -0.46
C GLN D 646 12.96 48.90 0.68
N SER D 647 13.46 48.96 1.90
CA SER D 647 12.71 48.49 3.06
C SER D 647 11.49 49.33 3.41
N GLY D 648 11.45 50.60 2.97
CA GLY D 648 10.32 51.45 3.33
C GLY D 648 10.57 52.33 4.57
N TYR D 649 11.60 52.02 5.35
CA TYR D 649 11.98 52.84 6.48
C TYR D 649 12.79 54.07 6.01
N ALA D 650 12.68 55.14 6.78
CA ALA D 650 13.46 56.34 6.51
C ALA D 650 14.89 56.12 6.94
N LEU D 651 15.81 56.89 6.38
CA LEU D 651 17.20 56.80 6.85
C LEU D 651 17.33 57.10 8.35
N ASP D 652 16.55 58.08 8.82
CA ASP D 652 16.64 58.42 10.25
C ASP D 652 15.53 57.77 11.11
N ALA D 653 14.98 56.62 10.67
CA ALA D 653 13.94 55.91 11.48
C ALA D 653 14.52 55.62 12.86
N PRO D 654 13.69 55.72 13.91
CA PRO D 654 14.19 55.22 15.18
C PRO D 654 14.30 53.68 15.20
N ARG D 655 15.32 53.18 15.88
CA ARG D 655 15.62 51.75 15.81
C ARG D 655 14.44 50.86 16.26
N GLY D 656 13.64 51.34 17.22
CA GLY D 656 12.54 50.49 17.82
C GLY D 656 11.45 50.19 16.81
N GLU D 657 11.38 51.02 15.75
CA GLU D 657 10.44 50.78 14.62
C GLU D 657 10.96 49.80 13.63
N VAL D 658 12.30 49.71 13.57
CA VAL D 658 12.96 48.78 12.65
C VAL D 658 13.16 47.38 13.30
N LEU D 659 13.42 47.37 14.59
CA LEU D 659 13.85 46.21 15.37
C LEU D 659 12.78 45.97 16.45
N TYR D 660 12.10 44.81 16.37
CA TYR D 660 10.88 44.69 17.16
C TYR D 660 10.48 43.24 17.38
N ALA D 661 9.66 42.99 18.39
CA ALA D 661 9.04 41.67 18.62
C ALA D 661 7.54 41.89 18.64
N THR D 662 6.77 41.17 17.82
CA THR D 662 5.32 41.29 17.85
C THR D 662 4.72 40.36 18.89
N ARG D 663 3.89 40.90 19.78
CA ARG D 663 3.15 40.10 20.76
C ARG D 663 1.74 40.70 20.87
N GLY D 664 0.76 39.80 20.77
CA GLY D 664 -0.64 40.16 20.81
C GLY D 664 -0.94 41.20 19.75
N GLY D 665 -0.25 41.14 18.62
CA GLY D 665 -0.54 42.04 17.51
C GLY D 665 0.11 43.42 17.60
N THR D 666 0.89 43.68 18.65
CA THR D 666 1.64 44.92 18.79
C THR D 666 3.14 44.68 18.55
N ARG D 667 3.80 45.56 17.78
CA ARG D 667 5.24 45.44 17.55
C ARG D 667 5.95 46.09 18.71
N LEU D 668 6.41 45.33 19.68
CA LEU D 668 7.17 45.95 20.77
C LEU D 668 8.56 46.40 20.30
N PRO D 669 8.93 47.66 20.58
CA PRO D 669 10.20 48.19 20.09
C PRO D 669 11.35 47.53 20.87
N LEU D 670 12.43 47.27 20.16
CA LEU D 670 13.60 46.67 20.80
C LEU D 670 14.83 47.55 20.55
N TYR D 671 15.93 47.16 21.19
CA TYR D 671 17.18 47.83 21.14
C TYR D 671 18.26 46.70 21.09
N GLY D 672 19.51 47.11 20.85
CA GLY D 672 20.57 46.15 20.67
C GLY D 672 20.74 45.72 19.23
N GLY D 673 21.60 44.74 19.01
CA GLY D 673 21.99 44.50 17.61
C GLY D 673 22.87 43.29 17.48
N CYS D 674 23.63 43.24 16.37
CA CYS D 674 24.40 42.05 16.04
C CYS D 674 25.83 42.19 16.49
N GLY D 675 26.44 41.10 16.93
CA GLY D 675 27.85 41.13 17.35
C GLY D 675 28.78 41.65 16.29
N ALA D 676 28.46 41.34 15.04
CA ALA D 676 29.32 41.75 13.86
C ALA D 676 29.52 43.27 13.81
N MET D 677 28.56 44.03 14.33
CA MET D 677 28.73 45.46 14.39
C MET D 677 29.45 45.91 15.68
N GLY D 678 29.73 44.98 16.59
CA GLY D 678 30.36 45.39 17.86
C GLY D 678 29.33 45.82 18.91
N TYR D 679 28.08 45.34 18.77
CA TYR D 679 27.15 45.37 19.91
C TYR D 679 27.59 44.38 20.97
N PHE D 680 27.31 44.72 22.23
CA PHE D 680 27.33 43.80 23.37
C PHE D 680 25.92 43.36 23.67
N THR D 681 24.96 44.29 23.52
CA THR D 681 23.55 43.98 23.82
C THR D 681 23.02 43.37 22.52
N ILE D 682 22.70 42.07 22.57
CA ILE D 682 22.51 41.33 21.31
C ILE D 682 21.03 41.08 21.02
N THR D 683 20.57 41.68 19.90
CA THR D 683 19.21 41.46 19.41
C THR D 683 19.40 41.34 17.88
N CYS D 684 19.66 40.12 17.38
CA CYS D 684 20.23 39.98 16.06
C CYS D 684 19.26 39.22 15.18
N SER D 685 18.46 39.96 14.44
CA SER D 685 17.47 39.37 13.53
C SER D 685 18.11 38.60 12.37
N GLU D 686 17.46 37.56 11.91
CA GLU D 686 17.91 36.88 10.71
C GLU D 686 17.16 37.46 9.48
N ASN D 687 16.24 38.39 9.72
CA ASN D 687 15.33 38.87 8.64
C ASN D 687 16.04 40.00 7.89
N ASP D 688 16.01 39.97 6.56
CA ASP D 688 16.67 41.04 5.83
C ASP D 688 15.83 42.31 6.03
N ILE D 689 16.46 43.46 6.13
CA ILE D 689 15.65 44.69 6.42
C ILE D 689 14.56 44.95 5.33
N THR D 690 14.80 44.55 4.09
CA THR D 690 13.80 44.78 3.01
C THR D 690 12.58 43.90 3.13
N GLN D 691 12.57 42.98 4.10
CA GLN D 691 11.45 42.06 4.33
C GLN D 691 10.66 42.41 5.60
N GLY D 692 10.36 43.68 5.79
CA GLY D 692 9.65 44.08 6.97
C GLY D 692 10.54 44.46 8.13
N GLY D 693 11.83 44.71 7.89
CA GLY D 693 12.70 45.23 8.97
C GLY D 693 13.42 44.15 9.74
N TYR D 694 13.95 44.50 10.92
CA TYR D 694 14.68 43.50 11.72
C TYR D 694 13.71 42.81 12.71
N SER D 695 12.70 42.11 12.16
CA SER D 695 11.70 41.43 12.99
C SER D 695 12.40 40.39 13.84
N MET D 696 12.03 40.28 15.13
CA MET D 696 12.51 39.15 15.96
C MET D 696 11.53 37.99 16.03
N ASP D 697 10.55 37.96 15.10
CA ASP D 697 9.41 37.01 15.20
C ASP D 697 9.66 35.64 14.62
N GLY D 698 10.75 35.47 13.91
CA GLY D 698 10.92 34.17 13.23
C GLY D 698 11.85 33.32 14.05
N GLN D 699 13.05 33.13 13.50
CA GLN D 699 14.09 32.37 14.20
C GLN D 699 15.37 33.22 14.18
N PRO D 700 15.44 34.20 15.10
CA PRO D 700 16.55 35.15 15.12
C PRO D 700 17.89 34.45 15.33
N ASN D 701 18.95 35.13 14.92
CA ASN D 701 20.30 34.66 15.25
C ASN D 701 20.48 34.69 16.78
N ALA D 702 21.46 33.96 17.27
CA ALA D 702 21.74 33.90 18.75
C ALA D 702 21.62 35.28 19.36
N SER D 703 20.65 35.44 20.27
CA SER D 703 20.35 36.77 20.83
C SER D 703 20.13 36.72 22.36
N ASN D 704 20.20 37.90 23.01
CA ASN D 704 19.80 37.97 24.44
C ASN D 704 18.57 37.06 24.65
N SER D 705 18.59 36.21 25.69
CA SER D 705 17.56 35.16 25.86
C SER D 705 17.24 35.10 27.39
N TYR D 706 17.91 34.24 28.14
CA TYR D 706 17.84 34.37 29.63
C TYR D 706 18.92 35.31 30.02
N MET D 707 18.59 36.34 30.79
CA MET D 707 19.69 37.22 31.34
C MET D 707 19.51 37.26 32.85
N GLN D 708 20.61 37.31 33.56
CA GLN D 708 20.52 37.37 35.02
C GLN D 708 21.63 38.26 35.57
N VAL D 709 21.27 39.09 36.53
CA VAL D 709 22.27 39.86 37.31
C VAL D 709 22.03 39.46 38.77
N VAL D 710 23.03 38.77 39.35
CA VAL D 710 22.79 38.08 40.66
C VAL D 710 23.85 38.57 41.64
N SER D 711 23.44 38.81 42.88
CA SER D 711 24.44 39.22 43.89
C SER D 711 23.96 38.60 45.24
N PHE D 712 24.73 38.80 46.31
CA PHE D 712 24.51 38.12 47.57
C PHE D 712 24.58 39.19 48.69
N PRO D 713 23.56 40.06 48.73
CA PRO D 713 23.51 41.04 49.84
C PRO D 713 23.16 40.35 51.19
N ALA D 714 23.10 41.09 52.27
CA ALA D 714 22.95 40.49 53.58
C ALA D 714 21.58 39.82 53.75
N SER D 715 20.61 40.18 52.92
CA SER D 715 19.32 39.51 53.01
C SER D 715 19.28 38.14 52.28
N GLY D 716 20.29 37.84 51.48
CA GLY D 716 20.36 36.54 50.76
C GLY D 716 20.46 36.83 49.28
N VAL D 717 20.56 35.79 48.49
CA VAL D 717 20.73 35.95 47.04
C VAL D 717 19.61 36.83 46.43
N GLN D 718 19.98 37.74 45.54
CA GLN D 718 19.04 38.59 44.85
C GLN D 718 19.32 38.44 43.34
N ALA D 719 18.27 38.14 42.55
CA ALA D 719 18.47 38.00 41.12
C ALA D 719 17.44 38.85 40.36
N HIS D 720 17.92 39.55 39.32
CA HIS D 720 17.05 40.22 38.36
C HIS D 720 17.23 39.55 37.04
N THR D 721 16.09 39.29 36.36
CA THR D 721 16.17 38.46 35.22
C THR D 721 15.30 38.93 34.07
N PHE D 722 15.63 38.40 32.87
CA PHE D 722 14.73 38.44 31.67
C PHE D 722 14.71 37.06 31.02
N LEU D 723 13.56 36.69 30.47
CA LEU D 723 13.53 35.63 29.45
C LEU D 723 12.89 36.37 28.25
N THR D 724 13.74 36.86 27.35
CA THR D 724 13.33 37.90 26.40
C THR D 724 12.12 37.47 25.54
N PHE D 725 12.06 36.19 25.16
CA PHE D 725 10.97 35.72 24.26
C PHE D 725 9.70 35.22 24.97
N SER D 726 9.74 35.27 26.29
CA SER D 726 8.69 34.82 27.19
C SER D 726 8.68 33.29 27.40
N LEU D 727 7.95 32.84 28.41
CA LEU D 727 8.10 31.47 28.88
C LEU D 727 7.44 30.46 27.98
N SER D 728 6.33 30.82 27.34
CA SER D 728 5.52 29.83 26.61
C SER D 728 5.59 30.06 25.10
N ASP D 729 5.69 28.97 24.33
CA ASP D 729 5.64 29.05 22.83
C ASP D 729 4.20 29.11 22.26
N ASP D 730 3.22 29.12 23.14
CA ASP D 730 1.78 29.04 22.71
C ASP D 730 1.19 30.47 22.58
N PRO D 731 0.82 30.91 21.34
CA PRO D 731 0.23 32.26 21.21
C PRO D 731 -0.96 32.53 22.15
N ALA D 732 -1.64 31.48 22.65
CA ALA D 732 -2.82 31.69 23.50
C ALA D 732 -2.40 31.96 24.94
N SER D 733 -1.15 31.75 25.31
CA SER D 733 -0.79 31.69 26.73
C SER D 733 -0.58 33.13 27.18
N PRO D 734 -0.98 33.43 28.43
CA PRO D 734 -0.65 34.77 29.01
C PRO D 734 0.81 34.91 29.23
N HIS D 735 1.56 33.81 29.08
CA HIS D 735 2.99 33.92 29.18
C HIS D 735 3.72 33.80 27.88
N HIS D 736 3.04 34.11 26.79
CA HIS D 736 3.73 34.11 25.49
C HIS D 736 4.43 35.41 25.18
N GLY D 737 3.92 36.53 25.74
CA GLY D 737 4.43 37.88 25.45
C GLY D 737 4.66 38.82 26.60
N ASP D 738 4.31 38.40 27.81
CA ASP D 738 4.44 39.29 28.97
C ASP D 738 5.89 39.65 29.26
N TYR D 739 6.79 38.65 29.29
CA TYR D 739 8.17 38.95 29.65
C TYR D 739 8.81 39.82 28.52
N THR D 740 8.31 39.67 27.29
CA THR D 740 8.86 40.30 26.11
C THR D 740 8.51 41.80 26.21
N LYS D 741 7.29 42.06 26.66
CA LYS D 741 6.81 43.43 26.89
C LYS D 741 7.72 44.06 27.95
N ALA D 742 8.05 43.30 29.01
CA ALA D 742 9.00 43.81 30.04
C ALA D 742 10.40 44.13 29.47
N TYR D 743 10.94 43.21 28.65
CA TYR D 743 12.26 43.34 28.08
C TYR D 743 12.24 44.59 27.18
N SER D 744 11.18 44.74 26.38
CA SER D 744 11.05 45.96 25.49
C SER D 744 11.12 47.25 26.35
N ALA D 745 10.48 47.23 27.52
CA ALA D 745 10.44 48.40 28.36
C ALA D 745 11.76 48.56 29.16
N GLY D 746 12.62 47.57 29.11
CA GLY D 746 13.90 47.57 29.88
C GLY D 746 13.67 47.36 31.38
N GLN D 747 12.54 46.73 31.76
CA GLN D 747 12.16 46.53 33.16
C GLN D 747 12.53 45.11 33.64
N TRP D 748 13.68 45.04 34.30
CA TRP D 748 14.20 43.73 34.79
C TRP D 748 13.22 43.16 35.75
N LEU D 749 13.07 41.83 35.74
CA LEU D 749 12.18 41.17 36.72
C LEU D 749 12.93 40.80 37.98
N ARG D 750 12.50 41.29 39.15
CA ARG D 750 13.14 40.79 40.41
C ARG D 750 12.46 39.45 40.70
N VAL D 751 13.15 38.36 40.50
CA VAL D 751 12.51 37.02 40.56
C VAL D 751 12.49 36.62 42.04
N PRO D 752 11.29 36.32 42.57
CA PRO D 752 11.32 35.89 44.00
C PRO D 752 12.04 34.57 44.22
N PHE D 753 12.67 34.41 45.39
CA PHE D 753 13.49 33.21 45.63
C PHE D 753 13.16 32.56 46.99
N THR D 754 13.09 33.37 48.05
CA THR D 754 12.73 32.76 49.33
C THR D 754 11.26 32.34 49.33
N GLU D 755 10.90 31.45 50.29
CA GLU D 755 9.49 31.05 50.43
C GLU D 755 8.60 32.30 50.63
N ALA D 756 9.07 33.25 51.45
CA ALA D 756 8.27 34.42 51.73
C ALA D 756 8.09 35.32 50.51
N GLU D 757 9.16 35.52 49.71
CA GLU D 757 9.09 36.30 48.46
C GLU D 757 8.12 35.66 47.49
N ILE D 758 8.22 34.32 47.41
CA ILE D 758 7.38 33.57 46.45
C ILE D 758 5.85 33.74 46.85
N THR D 759 5.48 33.37 48.05
CA THR D 759 4.10 33.40 48.48
C THR D 759 3.61 34.85 48.61
N GLY D 760 4.51 35.83 48.72
CA GLY D 760 4.10 37.27 48.80
C GLY D 760 4.09 37.97 47.48
N ASN D 761 4.48 37.28 46.40
CA ASN D 761 4.46 37.89 45.07
C ASN D 761 3.04 38.27 44.58
N ALA D 762 2.94 39.41 43.89
CA ALA D 762 1.61 39.96 43.49
C ALA D 762 0.80 39.01 42.59
N ASP D 763 1.51 38.13 41.88
CA ASP D 763 0.91 37.20 40.92
C ASP D 763 1.01 35.75 41.41
N TYR D 764 1.18 35.54 42.72
CA TYR D 764 1.36 34.18 43.21
C TYR D 764 0.10 33.33 42.98
N ARG D 765 0.28 32.13 42.39
CA ARG D 765 -0.78 31.10 42.39
C ARG D 765 -0.11 29.77 42.67
N THR D 766 -0.84 28.83 43.22
CA THR D 766 -0.22 27.51 43.57
C THR D 766 -1.15 26.39 43.13
N ALA D 767 -0.59 25.28 42.71
CA ALA D 767 -1.37 24.11 42.40
C ALA D 767 -0.50 22.88 42.67
N THR D 768 -1.11 21.74 43.04
CA THR D 768 -0.30 20.54 43.36
C THR D 768 -0.66 19.51 42.33
N VAL D 769 0.36 18.86 41.76
CA VAL D 769 0.12 17.77 40.81
C VAL D 769 0.68 16.49 41.45
N LYS D 770 -0.12 15.41 41.43
CA LYS D 770 0.36 14.16 41.96
C LYS D 770 -0.18 12.97 41.20
N GLU D 771 0.57 11.88 41.25
CA GLU D 771 0.11 10.64 40.66
C GLU D 771 0.99 9.54 41.22
N LEU D 772 0.42 8.34 41.29
CA LEU D 772 1.20 7.12 41.53
C LEU D 772 2.43 6.99 40.60
N GLU D 773 3.56 6.54 41.14
CA GLU D 773 4.76 6.34 40.31
C GLU D 773 4.62 5.32 39.17
C1 GOL E . -18.67 5.85 -29.37
O1 GOL E . -19.82 6.36 -28.72
C2 GOL E . -17.59 6.73 -28.76
O2 GOL E . -17.56 7.89 -29.59
C3 GOL E . -16.19 6.14 -28.87
O3 GOL E . -15.33 7.11 -28.26
#